data_9DMU
#
_entry.id   9DMU
#
_cell.length_a   1.00
_cell.length_b   1.00
_cell.length_c   1.00
_cell.angle_alpha   90.00
_cell.angle_beta   90.00
_cell.angle_gamma   90.00
#
_symmetry.space_group_name_H-M   'P 1'
#
loop_
_entity.id
_entity.type
_entity.pdbx_description
1 polymer "Inosine-5'-monophosphate dehydrogenase 2"
2 non-polymer 'INOSINIC ACID'
3 non-polymer '[[(2~{R},3~{S},4~{R},5~{R})-5-(6-aminopurin-9-yl)-3,4-bis(oxidanyl)oxolan-2-yl]methoxy-oxidanyl-phosphoryl] [(2~{R},3~{S},4~{R},5~{R})-3,4-bis(oxidanyl)-5-[3-(thiophen-2-ylcarbonylamino)pyridin-1-yl]oxolan-2-yl]methyl hydrogen phosphate'
4 non-polymer 'POTASSIUM ION'
5 water water
#
_entity_poly.entity_id   1
_entity_poly.type   'polypeptide(L)'
_entity_poly.pdbx_seq_one_letter_code
;GSGRMADYLISGGTSYVPDDGLTAQQLFNCGDGLTYNDFLILPGYIDFTADQVDLTSALTKKITLKTPLVSSPMDTVTEA
GMAIAMALTGGIGFIHHNCTPEFQANEVRKVKKYEQGFITDPVVLSPKDRVRDVFEAKARHGFCGIPITDTGRMGSRLVG
IISSRDIDFLKEEEHDCFLEEIMTKREDLVVAPAGITLKEANEILQRSKKGKLPIVNEDDELVAIIARTDLKKNRDYPLA
SKDAKKQLLCGAAIGTHEDDKYRLDLLAQAGVDVVVLDSSQGNSIFQINMIKYIKDKYPNLQVIGGNVVTAAQAKNLIDA
GVDALRVGMGSGSICITQEVLACGRPQATAVYKVSEYARRFGVPVIADGGIQNVGHIAKALALGASTVMMGSLLAATTEA
PGEYFFSDGIRLKKYRGMGSLDAMDKHLSSQNRYFSEADKIKVAQGVSGAVQDKGSIHKFVPYLIAGIQHSCQDIGAKSL
TQVRAMMYSGELKFEKRTSSAQVEGGVHSLHSYEKRLF
;
_entity_poly.pdbx_strand_id   A,B,C,D,E,F,G,H
#
loop_
_chem_comp.id
_chem_comp.type
_chem_comp.name
_chem_comp.formula
A1A7T non-polymer '[[(2~{R},3~{S},4~{R},5~{R})-5-(6-aminopurin-9-yl)-3,4-bis(oxidanyl)oxolan-2-yl]methoxy-oxidanyl-phosphoryl] [(2~{R},3~{S},4~{R},5~{R})-3,4-bis(oxidanyl)-5-[3-(thiophen-2-ylcarbonylamino)pyridin-1-yl]oxolan-2-yl]methyl hydrogen phosphate' 'C25 H30 N7 O14 P2 S 1'
IMP non-polymer 'INOSINIC ACID' 'C10 H13 N4 O8 P'
K non-polymer 'POTASSIUM ION' 'K 1'
#
# COMPACT_ATOMS: atom_id res chain seq x y z
N MET A 5 39.08 14.64 -11.07
CA MET A 5 38.19 14.54 -12.27
C MET A 5 36.82 14.01 -11.88
N ALA A 6 35.92 13.92 -12.86
CA ALA A 6 34.55 13.52 -12.58
C ALA A 6 34.47 12.12 -12.01
N ASP A 7 35.41 11.24 -12.37
CA ASP A 7 35.35 9.85 -11.91
C ASP A 7 35.31 9.77 -10.39
N TYR A 8 35.97 10.70 -9.70
CA TYR A 8 35.98 10.73 -8.25
C TYR A 8 35.08 11.82 -7.66
N LEU A 9 34.92 12.93 -8.37
CA LEU A 9 34.24 14.09 -7.78
C LEU A 9 32.73 13.88 -7.70
N ILE A 10 32.16 13.05 -8.58
CA ILE A 10 30.70 12.92 -8.62
C ILE A 10 30.18 12.36 -7.30
N SER A 11 30.77 11.26 -6.84
CA SER A 11 30.30 10.63 -5.61
C SER A 11 31.43 10.10 -4.74
N GLY A 12 32.66 10.55 -4.96
CA GLY A 12 33.79 10.13 -4.16
C GLY A 12 34.59 8.97 -4.70
N GLY A 13 34.37 8.57 -5.95
CA GLY A 13 35.10 7.49 -6.56
C GLY A 13 34.59 6.10 -6.24
N THR A 14 33.52 5.98 -5.45
CA THR A 14 32.95 4.69 -5.11
C THR A 14 31.98 4.28 -6.20
N SER A 15 32.31 3.24 -6.95
CA SER A 15 31.43 2.77 -8.01
C SER A 15 30.06 2.42 -7.44
N TYR A 16 29.02 2.84 -8.16
CA TYR A 16 27.67 2.63 -7.66
C TYR A 16 27.33 1.15 -7.61
N VAL A 17 26.42 0.80 -6.71
CA VAL A 17 26.01 -0.58 -6.49
C VAL A 17 24.53 -0.70 -6.89
N PRO A 18 24.19 -1.53 -7.87
CA PRO A 18 22.77 -1.71 -8.21
C PRO A 18 21.97 -2.16 -7.01
N ASP A 19 20.76 -1.63 -6.88
CA ASP A 19 19.89 -1.94 -5.74
C ASP A 19 19.18 -3.26 -6.03
N ASP A 20 19.53 -4.30 -5.28
CA ASP A 20 18.92 -5.62 -5.44
C ASP A 20 18.84 -6.27 -4.07
N GLY A 21 17.63 -6.70 -3.69
CA GLY A 21 17.41 -7.32 -2.40
C GLY A 21 16.84 -6.36 -1.39
N LEU A 22 16.59 -6.89 -0.20
CA LEU A 22 16.01 -6.14 0.91
C LEU A 22 17.00 -6.03 2.06
N THR A 23 16.94 -4.91 2.76
CA THR A 23 17.67 -4.77 4.02
C THR A 23 16.93 -5.50 5.13
N ALA A 24 17.65 -5.73 6.23
CA ALA A 24 17.03 -6.39 7.37
C ALA A 24 15.85 -5.59 7.90
N GLN A 25 16.00 -4.26 7.96
CA GLN A 25 14.88 -3.42 8.40
C GLN A 25 13.67 -3.60 7.51
N GLN A 26 13.88 -3.61 6.19
CA GLN A 26 12.76 -3.83 5.27
C GLN A 26 12.19 -5.23 5.44
N LEU A 27 13.05 -6.23 5.59
CA LEU A 27 12.58 -7.61 5.68
C LEU A 27 11.71 -7.83 6.90
N PHE A 28 12.11 -7.28 8.04
CA PHE A 28 11.40 -7.51 9.30
C PHE A 28 10.37 -6.43 9.60
N ASN A 29 10.14 -5.49 8.68
CA ASN A 29 9.07 -4.52 8.83
C ASN A 29 7.76 -5.00 8.23
N CYS A 30 7.76 -6.14 7.53
CA CYS A 30 6.54 -6.67 6.93
C CYS A 30 5.61 -7.34 7.94
N GLY A 31 6.10 -7.62 9.14
CA GLY A 31 5.27 -8.27 10.14
C GLY A 31 4.79 -9.65 9.75
N ASP A 32 5.63 -10.40 9.04
CA ASP A 32 5.29 -11.74 8.60
C ASP A 32 5.61 -12.81 9.62
N GLY A 33 6.35 -12.48 10.69
CA GLY A 33 6.74 -13.46 11.67
C GLY A 33 7.67 -14.52 11.09
N LEU A 34 8.87 -14.10 10.71
CA LEU A 34 9.82 -14.96 10.02
C LEU A 34 10.72 -15.71 10.99
N THR A 35 11.18 -16.88 10.56
CA THR A 35 12.20 -17.65 11.25
C THR A 35 13.42 -17.80 10.35
N TYR A 36 14.39 -18.60 10.81
CA TYR A 36 15.65 -18.72 10.09
C TYR A 36 15.44 -19.25 8.68
N ASN A 37 14.61 -20.29 8.53
CA ASN A 37 14.44 -20.95 7.24
C ASN A 37 13.65 -20.12 6.23
N ASP A 38 13.08 -18.99 6.65
CA ASP A 38 12.21 -18.20 5.79
C ASP A 38 12.96 -17.18 4.93
N PHE A 39 14.29 -17.11 5.03
CA PHE A 39 15.03 -16.09 4.30
C PHE A 39 16.46 -16.55 4.07
N LEU A 40 17.13 -15.86 3.15
CA LEU A 40 18.52 -16.10 2.80
C LEU A 40 19.26 -14.78 2.75
N ILE A 41 20.58 -14.85 2.94
CA ILE A 41 21.48 -13.72 2.81
C ILE A 41 22.09 -13.72 1.42
N LEU A 42 22.03 -12.58 0.74
CA LEU A 42 22.55 -12.52 -0.61
C LEU A 42 24.07 -12.39 -0.60
N PRO A 43 24.77 -12.97 -1.58
CA PRO A 43 26.24 -12.89 -1.59
C PRO A 43 26.73 -11.49 -1.92
N GLY A 44 27.99 -11.24 -1.54
CA GLY A 44 28.61 -9.95 -1.79
C GLY A 44 29.86 -10.04 -2.63
N TYR A 45 30.93 -9.38 -2.20
CA TYR A 45 32.19 -9.32 -2.93
C TYR A 45 33.30 -9.92 -2.08
N ILE A 46 34.13 -10.75 -2.70
CA ILE A 46 35.20 -11.47 -2.02
C ILE A 46 36.54 -10.89 -2.45
N ASP A 47 37.33 -10.44 -1.47
CA ASP A 47 38.70 -10.02 -1.72
C ASP A 47 39.63 -10.50 -0.61
N PHE A 48 39.28 -11.63 0.02
CA PHE A 48 40.08 -12.19 1.11
C PHE A 48 39.77 -13.67 1.20
N THR A 49 40.65 -14.39 1.91
CA THR A 49 40.46 -15.82 2.13
C THR A 49 39.65 -16.05 3.40
N ALA A 50 39.02 -17.23 3.47
CA ALA A 50 38.14 -17.53 4.59
C ALA A 50 38.89 -17.58 5.91
N ASP A 51 40.13 -18.08 5.90
CA ASP A 51 40.88 -18.24 7.13
C ASP A 51 41.25 -16.91 7.79
N GLN A 52 41.12 -15.80 7.09
CA GLN A 52 41.37 -14.48 7.67
C GLN A 52 40.16 -13.92 8.41
N VAL A 53 39.03 -14.61 8.38
CA VAL A 53 37.82 -14.10 9.04
C VAL A 53 37.99 -14.19 10.55
N ASP A 54 37.70 -13.09 11.23
CA ASP A 54 37.81 -13.01 12.68
C ASP A 54 36.44 -13.21 13.30
N LEU A 55 36.34 -14.17 14.22
CA LEU A 55 35.08 -14.51 14.88
C LEU A 55 35.02 -14.01 16.32
N THR A 56 35.87 -13.06 16.68
CA THR A 56 35.84 -12.52 18.03
C THR A 56 34.45 -11.95 18.33
N SER A 57 33.92 -12.30 19.50
CA SER A 57 32.56 -11.96 19.87
C SER A 57 32.51 -11.52 21.32
N ALA A 58 31.55 -10.67 21.63
CA ALA A 58 31.33 -10.15 22.99
C ALA A 58 30.20 -10.95 23.63
N LEU A 59 30.54 -11.73 24.67
CA LEU A 59 29.51 -12.43 25.43
C LEU A 59 28.72 -11.45 26.30
N THR A 60 29.41 -10.55 26.97
CA THR A 60 28.78 -9.54 27.81
C THR A 60 29.48 -8.21 27.55
N LYS A 61 29.14 -7.19 28.36
CA LYS A 61 29.75 -5.89 28.21
C LYS A 61 31.26 -5.95 28.38
N LYS A 62 31.75 -6.81 29.28
CA LYS A 62 33.17 -6.87 29.61
C LYS A 62 33.84 -8.18 29.25
N ILE A 63 33.10 -9.21 28.83
CA ILE A 63 33.66 -10.50 28.50
C ILE A 63 33.64 -10.67 26.98
N THR A 64 34.78 -11.00 26.41
CA THR A 64 34.95 -11.20 24.98
C THR A 64 35.47 -12.59 24.70
N LEU A 65 34.87 -13.26 23.72
CA LEU A 65 35.26 -14.61 23.33
C LEU A 65 35.81 -14.59 21.91
N LYS A 66 36.67 -15.57 21.60
CA LYS A 66 37.22 -15.72 20.26
C LYS A 66 36.26 -16.44 19.32
N THR A 67 35.21 -17.05 19.82
CA THR A 67 34.17 -17.66 19.01
C THR A 67 32.81 -17.31 19.59
N PRO A 68 31.76 -17.30 18.77
CA PRO A 68 30.43 -16.90 19.26
C PRO A 68 29.62 -18.05 19.82
N LEU A 69 30.26 -19.18 20.11
CA LEU A 69 29.55 -20.41 20.46
C LEU A 69 29.42 -20.54 21.98
N VAL A 70 28.21 -20.86 22.43
CA VAL A 70 27.89 -21.02 23.84
C VAL A 70 27.06 -22.29 24.01
N SER A 71 27.28 -23.00 25.11
CA SER A 71 26.53 -24.21 25.43
C SER A 71 25.43 -23.89 26.43
N SER A 72 24.25 -24.43 26.18
CA SER A 72 23.09 -24.11 27.00
C SER A 72 23.23 -24.70 28.40
N PRO A 73 22.69 -24.02 29.42
CA PRO A 73 22.69 -24.58 30.79
C PRO A 73 21.59 -25.62 30.99
N MET A 74 21.83 -26.82 30.47
CA MET A 74 20.87 -27.92 30.54
C MET A 74 21.54 -29.14 31.16
N ASP A 75 20.75 -29.92 31.89
CA ASP A 75 21.27 -31.10 32.58
C ASP A 75 21.74 -32.18 31.64
N THR A 76 21.36 -32.14 30.37
CA THR A 76 21.80 -33.09 29.36
C THR A 76 22.78 -32.48 28.36
N VAL A 77 23.28 -31.27 28.63
CA VAL A 77 24.15 -30.58 27.67
C VAL A 77 25.46 -30.18 28.33
N THR A 78 25.40 -29.37 29.39
CA THR A 78 26.57 -28.67 29.92
C THR A 78 26.86 -29.12 31.34
N GLU A 79 28.02 -29.76 31.53
CA GLU A 79 28.59 -29.95 32.85
C GLU A 79 30.06 -29.53 32.78
N ALA A 80 30.84 -29.85 33.81
CA ALA A 80 32.24 -29.41 33.85
C ALA A 80 32.98 -29.77 32.57
N GLY A 81 32.80 -31.00 32.07
CA GLY A 81 33.52 -31.41 30.87
C GLY A 81 33.13 -30.59 29.65
N MET A 82 31.83 -30.40 29.46
CA MET A 82 31.37 -29.60 28.32
C MET A 82 31.89 -28.17 28.41
N ALA A 83 31.85 -27.58 29.62
CA ALA A 83 32.35 -26.23 29.79
C ALA A 83 33.83 -26.13 29.48
N ILE A 84 34.61 -27.11 29.95
CA ILE A 84 36.04 -27.11 29.69
C ILE A 84 36.31 -27.20 28.20
N ALA A 85 35.60 -28.11 27.51
CA ALA A 85 35.81 -28.27 26.08
C ALA A 85 35.43 -26.99 25.32
N MET A 86 34.30 -26.39 25.68
CA MET A 86 33.86 -25.17 25.00
C MET A 86 34.85 -24.04 25.22
N ALA A 87 35.35 -23.88 26.45
CA ALA A 87 36.33 -22.85 26.73
C ALA A 87 37.61 -23.09 25.95
N LEU A 88 38.06 -24.34 25.87
CA LEU A 88 39.28 -24.64 25.12
C LEU A 88 39.11 -24.35 23.64
N THR A 89 37.95 -24.66 23.08
CA THR A 89 37.70 -24.45 21.66
C THR A 89 37.41 -23.00 21.30
N GLY A 90 37.30 -22.11 22.29
CA GLY A 90 37.09 -20.71 22.04
C GLY A 90 35.74 -20.16 22.45
N GLY A 91 34.86 -21.01 22.98
CA GLY A 91 33.57 -20.54 23.44
C GLY A 91 33.46 -20.50 24.94
N ILE A 92 32.28 -20.85 25.47
CA ILE A 92 32.06 -20.88 26.92
C ILE A 92 30.83 -21.74 27.19
N GLY A 93 30.74 -22.26 28.40
CA GLY A 93 29.60 -23.06 28.79
C GLY A 93 29.04 -22.61 30.12
N PHE A 94 27.73 -22.76 30.26
CA PHE A 94 27.01 -22.39 31.47
C PHE A 94 26.56 -23.66 32.19
N ILE A 95 26.99 -23.82 33.43
CA ILE A 95 26.63 -25.00 34.21
C ILE A 95 25.16 -24.92 34.60
N HIS A 96 24.43 -26.02 34.39
CA HIS A 96 23.03 -26.07 34.74
C HIS A 96 22.85 -26.08 36.26
N HIS A 97 21.64 -25.75 36.69
CA HIS A 97 21.33 -25.63 38.12
C HIS A 97 20.23 -26.59 38.56
N ASN A 98 19.95 -27.63 37.78
CA ASN A 98 19.04 -28.70 38.21
C ASN A 98 19.80 -29.71 39.05
N CYS A 99 20.32 -29.22 40.18
CA CYS A 99 21.19 -30.00 41.06
C CYS A 99 21.33 -29.21 42.35
N THR A 100 22.04 -29.81 43.31
CA THR A 100 22.32 -29.10 44.55
C THR A 100 23.31 -27.98 44.30
N PRO A 101 23.24 -26.88 45.08
CA PRO A 101 24.22 -25.81 44.89
C PRO A 101 25.65 -26.27 45.04
N GLU A 102 25.90 -27.21 45.95
CA GLU A 102 27.27 -27.70 46.16
C GLU A 102 27.79 -28.41 44.92
N PHE A 103 26.95 -29.21 44.27
CA PHE A 103 27.37 -29.91 43.06
C PHE A 103 27.72 -28.93 41.95
N GLN A 104 26.89 -27.90 41.77
CA GLN A 104 27.17 -26.89 40.75
C GLN A 104 28.46 -26.15 41.06
N ALA A 105 28.67 -25.79 42.32
CA ALA A 105 29.90 -25.11 42.71
C ALA A 105 31.11 -25.99 42.47
N ASN A 106 30.98 -27.29 42.75
CA ASN A 106 32.09 -28.21 42.50
C ASN A 106 32.40 -28.30 41.01
N GLU A 107 31.37 -28.34 40.16
CA GLU A 107 31.62 -28.34 38.72
C GLU A 107 32.33 -27.06 38.29
N VAL A 108 31.89 -25.92 38.81
CA VAL A 108 32.54 -24.66 38.49
C VAL A 108 34.00 -24.69 38.91
N ARG A 109 34.27 -25.20 40.12
CA ARG A 109 35.65 -25.31 40.59
C ARG A 109 36.47 -26.20 39.66
N LYS A 110 35.90 -27.34 39.25
CA LYS A 110 36.60 -28.22 38.32
C LYS A 110 36.97 -27.47 37.04
N VAL A 111 36.04 -26.66 36.52
CA VAL A 111 36.34 -25.89 35.32
C VAL A 111 37.47 -24.90 35.59
N LYS A 112 37.41 -24.21 36.74
CA LYS A 112 38.38 -23.15 37.01
C LYS A 112 39.78 -23.69 37.27
N LYS A 113 39.90 -24.86 37.88
CA LYS A 113 41.19 -25.44 38.23
C LYS A 113 41.75 -26.36 37.16
N TYR A 114 41.11 -26.44 35.99
CA TYR A 114 41.63 -27.27 34.92
C TYR A 114 42.97 -26.75 34.44
N GLU A 115 43.90 -27.67 34.19
CA GLU A 115 45.23 -27.32 33.71
C GLU A 115 45.71 -28.34 32.68
N ASP A 236 47.73 -27.92 21.54
CA ASP A 236 47.65 -26.49 21.79
C ASP A 236 46.24 -25.97 21.54
N TYR A 237 45.84 -24.97 22.32
CA TYR A 237 44.50 -24.37 22.24
C TYR A 237 44.66 -22.86 22.15
N PRO A 238 45.08 -22.33 20.99
CA PRO A 238 45.31 -20.89 20.88
C PRO A 238 44.07 -20.05 21.15
N LEU A 239 42.87 -20.56 20.85
CA LEU A 239 41.64 -19.82 21.00
C LEU A 239 41.04 -19.95 22.41
N ALA A 240 41.74 -20.60 23.33
CA ALA A 240 41.16 -20.89 24.64
C ALA A 240 40.68 -19.61 25.32
N SER A 241 39.49 -19.69 25.91
CA SER A 241 38.90 -18.56 26.63
C SER A 241 39.36 -18.61 28.08
N LYS A 242 40.10 -17.58 28.50
CA LYS A 242 40.70 -17.54 29.82
C LYS A 242 40.47 -16.18 30.45
N ASP A 243 40.52 -16.14 31.77
CA ASP A 243 40.38 -14.91 32.54
C ASP A 243 41.75 -14.26 32.70
N ALA A 244 41.82 -13.21 33.54
CA ALA A 244 43.06 -12.51 33.74
C ALA A 244 44.13 -13.38 34.39
N LYS A 245 43.73 -14.44 35.10
CA LYS A 245 44.67 -15.34 35.75
C LYS A 245 44.97 -16.57 34.90
N LYS A 246 44.66 -16.53 33.62
CA LYS A 246 44.91 -17.66 32.71
C LYS A 246 44.11 -18.89 33.12
N GLN A 247 42.98 -18.68 33.78
CA GLN A 247 42.07 -19.76 34.14
C GLN A 247 40.88 -19.76 33.18
N LEU A 248 40.44 -20.97 32.82
CA LEU A 248 39.36 -21.10 31.85
C LEU A 248 38.10 -20.39 32.35
N LEU A 249 37.45 -19.66 31.45
CA LEU A 249 36.20 -19.00 31.79
C LEU A 249 35.10 -20.02 32.00
N CYS A 250 34.21 -19.72 32.95
CA CYS A 250 33.08 -20.59 33.25
C CYS A 250 31.86 -19.75 33.60
N GLY A 251 30.69 -20.19 33.13
CA GLY A 251 29.43 -19.57 33.46
C GLY A 251 28.54 -20.54 34.22
N ALA A 252 27.49 -19.98 34.82
CA ALA A 252 26.54 -20.78 35.57
C ALA A 252 25.16 -20.12 35.51
N ALA A 253 24.13 -20.91 35.76
CA ALA A 253 22.75 -20.46 35.74
C ALA A 253 22.16 -20.51 37.15
N ILE A 254 21.32 -19.53 37.46
CA ILE A 254 20.58 -19.50 38.72
C ILE A 254 19.14 -19.07 38.43
N GLY A 255 18.26 -19.38 39.38
CA GLY A 255 16.87 -18.98 39.29
C GLY A 255 16.62 -17.63 39.93
N THR A 256 15.34 -17.26 39.96
CA THR A 256 14.90 -15.99 40.52
C THR A 256 14.22 -16.16 41.87
N HIS A 257 14.42 -17.29 42.54
CA HIS A 257 13.81 -17.58 43.82
C HIS A 257 14.76 -17.24 44.97
N GLU A 258 14.21 -17.26 46.18
CA GLU A 258 14.99 -16.84 47.35
C GLU A 258 16.18 -17.77 47.57
N ASP A 259 15.98 -19.07 47.41
CA ASP A 259 17.07 -20.02 47.66
C ASP A 259 18.24 -19.77 46.72
N ASP A 260 17.97 -19.37 45.48
CA ASP A 260 19.03 -19.20 44.50
C ASP A 260 20.12 -18.27 45.01
N LYS A 261 19.75 -17.29 45.85
CA LYS A 261 20.77 -16.39 46.41
C LYS A 261 21.89 -17.19 47.05
N TYR A 262 21.56 -18.12 47.94
CA TYR A 262 22.58 -18.97 48.54
C TYR A 262 23.39 -19.65 47.45
N ARG A 263 22.71 -20.26 46.48
CA ARG A 263 23.42 -20.88 45.36
C ARG A 263 24.41 -19.91 44.76
N LEU A 264 23.95 -18.69 44.45
CA LEU A 264 24.82 -17.69 43.85
C LEU A 264 26.09 -17.53 44.68
N ASP A 265 25.93 -17.40 46.00
CA ASP A 265 27.08 -17.21 46.86
C ASP A 265 28.12 -18.29 46.60
N LEU A 266 27.70 -19.55 46.61
CA LEU A 266 28.64 -20.64 46.37
C LEU A 266 29.29 -20.49 45.01
N LEU A 267 28.50 -20.18 43.98
CA LEU A 267 29.06 -19.98 42.65
C LEU A 267 30.07 -18.83 42.66
N ALA A 268 29.79 -17.80 43.46
CA ALA A 268 30.75 -16.70 43.58
C ALA A 268 32.03 -17.18 44.25
N GLN A 269 31.92 -18.06 45.25
CA GLN A 269 33.10 -18.55 45.95
C GLN A 269 33.91 -19.51 45.08
N ALA A 270 33.28 -20.13 44.08
CA ALA A 270 33.99 -21.05 43.20
C ALA A 270 34.68 -20.34 42.04
N GLY A 271 34.51 -19.03 41.89
CA GLY A 271 35.19 -18.29 40.86
C GLY A 271 34.45 -18.15 39.55
N VAL A 272 33.12 -18.31 39.56
CA VAL A 272 32.35 -18.17 38.32
C VAL A 272 32.53 -16.76 37.78
N ASP A 273 32.65 -16.66 36.46
CA ASP A 273 32.91 -15.38 35.81
C ASP A 273 31.64 -14.67 35.36
N VAL A 274 30.56 -15.42 35.10
CA VAL A 274 29.32 -14.83 34.62
C VAL A 274 28.17 -15.74 35.03
N VAL A 275 27.03 -15.13 35.34
CA VAL A 275 25.83 -15.85 35.76
C VAL A 275 24.67 -15.42 34.88
N VAL A 276 23.85 -16.40 34.48
CA VAL A 276 22.67 -16.16 33.67
C VAL A 276 21.44 -16.51 34.50
N LEU A 277 20.46 -15.60 34.52
CA LEU A 277 19.21 -15.84 35.22
C LEU A 277 18.29 -16.65 34.31
N ASP A 278 18.03 -17.90 34.69
CA ASP A 278 17.32 -18.84 33.84
C ASP A 278 15.82 -18.72 34.07
N SER A 279 15.08 -18.39 33.03
CA SER A 279 13.63 -18.30 33.10
C SER A 279 13.06 -18.24 31.69
N SER A 280 11.92 -18.88 31.49
CA SER A 280 11.25 -18.83 30.19
C SER A 280 10.73 -17.42 29.89
N GLN A 281 10.40 -16.66 30.92
CA GLN A 281 9.88 -15.30 30.79
C GLN A 281 10.62 -14.43 31.79
N GLY A 282 11.66 -13.73 31.32
CA GLY A 282 12.54 -13.00 32.20
C GLY A 282 12.09 -11.61 32.58
N ASN A 283 11.01 -11.11 31.98
CA ASN A 283 10.51 -9.77 32.29
C ASN A 283 9.56 -9.88 33.48
N SER A 284 10.16 -10.06 34.66
CA SER A 284 9.41 -10.22 35.89
C SER A 284 10.04 -9.37 36.99
N ILE A 285 9.22 -9.01 37.97
CA ILE A 285 9.72 -8.25 39.11
C ILE A 285 10.76 -9.07 39.86
N PHE A 286 10.59 -10.39 39.92
CA PHE A 286 11.54 -11.23 40.63
C PHE A 286 12.92 -11.15 39.98
N GLN A 287 12.97 -11.23 38.64
CA GLN A 287 14.26 -11.17 37.96
C GLN A 287 14.91 -9.81 38.12
N ILE A 288 14.13 -8.73 38.06
CA ILE A 288 14.69 -7.39 38.24
C ILE A 288 15.25 -7.24 39.65
N ASN A 289 14.51 -7.74 40.66
CA ASN A 289 15.01 -7.68 42.02
C ASN A 289 16.30 -8.47 42.17
N MET A 290 16.36 -9.65 41.57
CA MET A 290 17.58 -10.45 41.65
C MET A 290 18.74 -9.76 40.96
N ILE A 291 18.49 -9.12 39.82
CA ILE A 291 19.55 -8.39 39.12
C ILE A 291 20.09 -7.28 40.00
N LYS A 292 19.19 -6.51 40.62
CA LYS A 292 19.63 -5.43 41.50
C LYS A 292 20.41 -5.97 42.70
N TYR A 293 19.94 -7.08 43.27
CA TYR A 293 20.64 -7.68 44.40
C TYR A 293 22.04 -8.13 44.01
N ILE A 294 22.18 -8.77 42.85
CA ILE A 294 23.48 -9.23 42.39
C ILE A 294 24.40 -8.04 42.17
N LYS A 295 23.90 -7.00 41.50
CA LYS A 295 24.73 -5.84 41.21
C LYS A 295 25.16 -5.14 42.49
N ASP A 296 24.31 -5.14 43.52
CA ASP A 296 24.68 -4.51 44.78
C ASP A 296 25.71 -5.35 45.54
N LYS A 297 25.50 -6.68 45.59
CA LYS A 297 26.39 -7.53 46.37
C LYS A 297 27.64 -7.94 45.59
N TYR A 298 27.53 -8.09 44.27
CA TYR A 298 28.63 -8.53 43.42
C TYR A 298 28.76 -7.57 42.25
N PRO A 299 29.28 -6.36 42.50
CA PRO A 299 29.36 -5.35 41.43
C PRO A 299 30.17 -5.80 40.23
N ASN A 300 31.19 -6.63 40.43
CA ASN A 300 32.09 -7.03 39.35
C ASN A 300 31.65 -8.32 38.66
N LEU A 301 30.51 -8.89 39.04
CA LEU A 301 30.02 -10.12 38.44
C LEU A 301 29.10 -9.78 37.28
N GLN A 302 29.43 -10.27 36.09
CA GLN A 302 28.59 -10.05 34.92
C GLN A 302 27.32 -10.88 35.02
N VAL A 303 26.19 -10.26 34.66
CA VAL A 303 24.88 -10.87 34.80
C VAL A 303 24.18 -10.84 33.44
N ILE A 304 23.61 -11.98 33.05
CA ILE A 304 22.87 -12.11 31.80
C ILE A 304 21.39 -12.30 32.14
N GLY A 305 20.54 -11.49 31.51
CA GLY A 305 19.11 -11.56 31.73
C GLY A 305 18.38 -12.22 30.58
N GLY A 306 17.21 -12.75 30.88
CA GLY A 306 16.39 -13.41 29.88
C GLY A 306 15.47 -14.43 30.53
N ASN A 307 14.68 -15.10 29.70
CA ASN A 307 14.66 -14.91 28.25
C ASN A 307 13.64 -13.83 27.86
N VAL A 308 13.92 -13.12 26.77
CA VAL A 308 13.05 -12.06 26.26
C VAL A 308 12.98 -12.17 24.74
N VAL A 309 11.87 -11.69 24.17
CA VAL A 309 11.68 -11.72 22.73
C VAL A 309 11.17 -10.38 22.20
N THR A 310 10.89 -9.43 23.09
CA THR A 310 10.36 -8.13 22.70
C THR A 310 11.26 -7.01 23.22
N ALA A 311 11.08 -5.83 22.64
CA ALA A 311 11.90 -4.68 23.01
C ALA A 311 11.51 -4.12 24.37
N ALA A 312 10.25 -4.28 24.78
CA ALA A 312 9.85 -3.79 26.11
C ALA A 312 10.52 -4.57 27.22
N GLN A 313 10.54 -5.90 27.10
CA GLN A 313 11.25 -6.72 28.08
C GLN A 313 12.72 -6.35 28.12
N ALA A 314 13.33 -6.15 26.94
CA ALA A 314 14.74 -5.76 26.87
C ALA A 314 14.96 -4.42 27.55
N LYS A 315 14.04 -3.47 27.35
CA LYS A 315 14.17 -2.18 28.01
C LYS A 315 14.14 -2.33 29.53
N ASN A 316 13.19 -3.12 30.02
CA ASN A 316 13.09 -3.31 31.46
C ASN A 316 14.37 -3.92 32.03
N LEU A 317 14.87 -4.98 31.39
CA LEU A 317 16.04 -5.64 31.92
C LEU A 317 17.30 -4.80 31.78
N ILE A 318 17.42 -4.01 30.70
CA ILE A 318 18.57 -3.13 30.55
C ILE A 318 18.54 -2.03 31.59
N ASP A 319 17.36 -1.47 31.84
CA ASP A 319 17.23 -0.48 32.92
C ASP A 319 17.59 -1.10 34.26
N ALA A 320 17.27 -2.38 34.45
CA ALA A 320 17.66 -3.05 35.68
C ALA A 320 19.18 -3.11 35.82
N GLY A 321 19.90 -3.21 34.71
CA GLY A 321 21.35 -3.17 34.74
C GLY A 321 22.04 -4.44 34.29
N VAL A 322 21.40 -5.19 33.37
CA VAL A 322 22.02 -6.41 32.88
C VAL A 322 23.18 -6.07 31.94
N ASP A 323 24.10 -7.03 31.81
CA ASP A 323 25.26 -6.89 30.94
C ASP A 323 25.09 -7.60 29.60
N ALA A 324 24.05 -8.40 29.43
CA ALA A 324 23.74 -9.05 28.18
C ALA A 324 22.33 -9.60 28.27
N LEU A 325 21.76 -9.92 27.11
CA LEU A 325 20.41 -10.46 27.03
C LEU A 325 20.42 -11.82 26.37
N ARG A 326 19.49 -12.68 26.81
CA ARG A 326 19.29 -14.02 26.26
C ARG A 326 17.93 -14.02 25.56
N VAL A 327 17.95 -14.24 24.24
CA VAL A 327 16.78 -14.01 23.40
C VAL A 327 16.29 -15.35 22.86
N GLY A 328 15.02 -15.65 23.14
CA GLY A 328 14.38 -16.85 22.63
C GLY A 328 13.26 -17.35 23.52
N MET A 329 12.13 -17.72 22.92
CA MET A 329 11.01 -18.29 23.66
C MET A 329 10.12 -19.03 22.68
N GLY A 330 10.00 -20.34 22.86
CA GLY A 330 9.18 -21.17 22.01
C GLY A 330 9.92 -21.83 20.86
N SER A 331 11.18 -21.45 20.61
CA SER A 331 11.93 -21.97 19.49
C SER A 331 12.78 -23.18 19.82
N GLY A 332 12.84 -23.58 21.10
CA GLY A 332 13.69 -24.70 21.47
C GLY A 332 13.21 -26.00 20.85
N SER A 333 14.18 -26.87 20.56
CA SER A 333 13.85 -28.16 19.97
C SER A 333 12.97 -28.99 20.88
N ILE A 334 13.14 -28.85 22.19
CA ILE A 334 12.39 -29.62 23.18
C ILE A 334 11.34 -28.75 23.87
N CYS A 335 10.90 -27.68 23.23
CA CYS A 335 10.00 -26.70 23.83
C CYS A 335 8.60 -26.82 23.23
N ILE A 336 7.60 -26.81 24.10
CA ILE A 336 6.20 -26.85 23.67
C ILE A 336 5.45 -25.70 24.31
N THR A 337 6.16 -24.64 24.68
CA THR A 337 5.53 -23.50 25.34
C THR A 337 4.50 -22.84 24.42
N GLN A 338 4.78 -22.78 23.13
CA GLN A 338 3.88 -22.08 22.21
C GLN A 338 2.52 -22.74 22.17
N GLU A 339 2.47 -24.07 22.11
CA GLU A 339 1.18 -24.77 22.02
C GLU A 339 0.48 -24.92 23.35
N VAL A 340 1.18 -24.71 24.46
CA VAL A 340 0.58 -24.88 25.78
C VAL A 340 0.09 -23.55 26.34
N LEU A 341 0.89 -22.48 26.20
CA LEU A 341 0.56 -21.18 26.75
C LEU A 341 0.27 -20.12 25.69
N ALA A 342 0.45 -20.44 24.41
CA ALA A 342 0.17 -19.52 23.30
C ALA A 342 1.07 -18.30 23.33
N CYS A 343 2.22 -18.39 23.98
CA CYS A 343 3.14 -17.26 24.14
C CYS A 343 4.49 -17.61 23.53
N GLY A 344 5.02 -16.68 22.73
CA GLY A 344 6.31 -16.88 22.11
C GLY A 344 6.52 -15.90 20.97
N ARG A 345 7.52 -16.18 20.15
CA ARG A 345 7.82 -15.35 18.98
C ARG A 345 8.73 -16.13 18.05
N PRO A 346 8.61 -15.94 16.74
CA PRO A 346 9.59 -16.53 15.82
C PRO A 346 11.00 -16.05 16.15
N GLN A 347 11.96 -16.96 16.04
CA GLN A 347 13.29 -16.72 16.59
C GLN A 347 14.01 -15.60 15.86
N ALA A 348 14.00 -15.62 14.51
CA ALA A 348 14.76 -14.64 13.76
C ALA A 348 14.26 -13.22 14.03
N THR A 349 12.95 -13.03 14.02
CA THR A 349 12.38 -11.70 14.27
C THR A 349 12.70 -11.22 15.68
N ALA A 350 12.59 -12.12 16.66
CA ALA A 350 12.91 -11.74 18.04
C ALA A 350 14.37 -11.34 18.15
N VAL A 351 15.26 -12.11 17.55
CA VAL A 351 16.68 -11.77 17.59
C VAL A 351 16.91 -10.40 16.99
N TYR A 352 16.35 -10.15 15.79
CA TYR A 352 16.56 -8.87 15.14
C TYR A 352 16.07 -7.72 16.00
N LYS A 353 14.83 -7.81 16.49
CA LYS A 353 14.24 -6.69 17.23
C LYS A 353 15.00 -6.43 18.52
N VAL A 354 15.25 -7.49 19.30
CA VAL A 354 15.92 -7.31 20.59
C VAL A 354 17.33 -6.80 20.39
N SER A 355 18.04 -7.32 19.38
CA SER A 355 19.40 -6.85 19.12
C SER A 355 19.39 -5.38 18.70
N GLU A 356 18.43 -4.99 17.86
CA GLU A 356 18.36 -3.60 17.42
C GLU A 356 18.13 -2.67 18.60
N TYR A 357 17.25 -3.05 19.53
CA TYR A 357 17.04 -2.21 20.70
C TYR A 357 18.28 -2.20 21.60
N ALA A 358 18.86 -3.37 21.85
CA ALA A 358 19.97 -3.46 22.80
C ALA A 358 21.22 -2.75 22.29
N ARG A 359 21.42 -2.71 20.98
CA ARG A 359 22.59 -2.06 20.42
C ARG A 359 22.63 -0.58 20.79
N ARG A 360 21.46 0.02 21.03
CA ARG A 360 21.42 1.42 21.43
C ARG A 360 22.12 1.66 22.76
N PHE A 361 22.24 0.64 23.60
CA PHE A 361 22.87 0.77 24.91
C PHE A 361 24.10 -0.11 25.08
N GLY A 362 24.63 -0.65 23.98
CA GLY A 362 25.82 -1.47 24.06
C GLY A 362 25.64 -2.76 24.83
N VAL A 363 24.50 -3.42 24.69
CA VAL A 363 24.19 -4.66 25.40
C VAL A 363 24.17 -5.79 24.37
N PRO A 364 25.03 -6.80 24.49
CA PRO A 364 25.05 -7.89 23.52
C PRO A 364 23.90 -8.87 23.73
N VAL A 365 23.68 -9.68 22.70
CA VAL A 365 22.56 -10.62 22.64
C VAL A 365 23.06 -12.03 22.39
N ILE A 366 22.45 -12.99 23.06
CA ILE A 366 22.70 -14.41 22.89
C ILE A 366 21.43 -15.01 22.28
N ALA A 367 21.49 -15.39 21.01
CA ALA A 367 20.38 -16.07 20.36
C ALA A 367 20.33 -17.50 20.86
N ASP A 368 19.22 -17.85 21.52
CA ASP A 368 19.08 -19.15 22.17
C ASP A 368 17.85 -19.86 21.59
N GLY A 369 18.07 -21.05 21.05
CA GLY A 369 16.99 -21.88 20.58
C GLY A 369 16.83 -21.82 19.06
N GLY A 370 16.41 -22.94 18.48
CA GLY A 370 16.13 -23.01 17.07
C GLY A 370 17.32 -23.21 16.17
N ILE A 371 18.50 -23.44 16.72
CA ILE A 371 19.70 -23.64 15.91
C ILE A 371 19.79 -25.11 15.53
N GLN A 372 19.85 -25.38 14.22
CA GLN A 372 19.98 -26.74 13.71
C GLN A 372 21.20 -26.95 12.82
N ASN A 373 21.80 -25.88 12.31
CA ASN A 373 22.94 -26.02 11.41
C ASN A 373 23.74 -24.72 11.44
N VAL A 374 24.89 -24.74 10.74
CA VAL A 374 25.76 -23.59 10.71
C VAL A 374 25.06 -22.39 10.09
N GLY A 375 24.23 -22.64 9.08
CA GLY A 375 23.51 -21.54 8.43
C GLY A 375 22.66 -20.77 9.42
N HIS A 376 22.01 -21.46 10.35
CA HIS A 376 21.23 -20.78 11.37
C HIS A 376 22.12 -19.90 12.25
N ILE A 377 23.31 -20.39 12.61
CA ILE A 377 24.23 -19.58 13.41
C ILE A 377 24.61 -18.32 12.66
N ALA A 378 24.95 -18.47 11.37
CA ALA A 378 25.34 -17.32 10.57
C ALA A 378 24.19 -16.32 10.46
N LYS A 379 22.97 -16.81 10.23
CA LYS A 379 21.82 -15.93 10.13
C LYS A 379 21.58 -15.19 11.45
N ALA A 380 21.67 -15.90 12.57
CA ALA A 380 21.46 -15.26 13.86
C ALA A 380 22.50 -14.17 14.10
N LEU A 381 23.76 -14.45 13.78
CA LEU A 381 24.80 -13.43 13.96
C LEU A 381 24.57 -12.25 13.03
N ALA A 382 24.13 -12.50 11.81
CA ALA A 382 23.94 -11.42 10.85
C ALA A 382 22.77 -10.51 11.24
N LEU A 383 21.79 -11.04 11.98
CA LEU A 383 20.62 -10.26 12.36
C LEU A 383 20.84 -9.40 13.59
N GLY A 384 22.00 -9.49 14.23
CA GLY A 384 22.31 -8.62 15.35
C GLY A 384 22.86 -9.34 16.57
N ALA A 385 22.69 -10.65 16.63
CA ALA A 385 23.15 -11.42 17.79
C ALA A 385 24.67 -11.39 17.87
N SER A 386 25.18 -11.26 19.09
CA SER A 386 26.62 -11.32 19.32
C SER A 386 27.10 -12.73 19.62
N THR A 387 26.24 -13.57 20.18
CA THR A 387 26.59 -14.96 20.44
C THR A 387 25.37 -15.86 20.19
N VAL A 388 25.63 -17.15 20.05
CA VAL A 388 24.61 -18.15 19.78
C VAL A 388 24.78 -19.29 20.77
N MET A 389 23.67 -19.71 21.39
CA MET A 389 23.69 -20.78 22.37
C MET A 389 22.86 -21.95 21.83
N MET A 390 23.43 -23.15 21.91
CA MET A 390 22.84 -24.33 21.32
C MET A 390 22.72 -25.43 22.37
N GLY A 391 21.53 -26.03 22.47
CA GLY A 391 21.33 -27.19 23.32
C GLY A 391 21.34 -28.50 22.56
N SER A 392 20.55 -28.59 21.49
CA SER A 392 20.40 -29.84 20.75
C SER A 392 21.62 -30.12 19.89
N LEU A 393 22.18 -29.09 19.24
CA LEU A 393 23.30 -29.31 18.35
C LEU A 393 24.51 -29.88 19.08
N LEU A 394 24.72 -29.45 20.33
CA LEU A 394 25.79 -29.99 21.15
C LEU A 394 25.36 -31.22 21.95
N ALA A 395 24.08 -31.57 21.91
CA ALA A 395 23.61 -32.77 22.59
C ALA A 395 24.15 -34.02 21.91
N ALA A 396 24.29 -35.08 22.68
CA ALA A 396 24.80 -36.38 22.24
C ALA A 396 26.29 -36.34 21.92
N THR A 397 26.97 -35.25 22.24
CA THR A 397 28.42 -35.21 22.10
C THR A 397 29.07 -35.99 23.24
N THR A 398 30.34 -36.33 23.06
CA THR A 398 31.05 -37.13 24.06
C THR A 398 31.11 -36.41 25.39
N GLU A 399 31.38 -35.10 25.36
CA GLU A 399 31.51 -34.33 26.60
C GLU A 399 30.17 -34.04 27.26
N ALA A 400 29.06 -34.30 26.59
CA ALA A 400 27.75 -34.04 27.18
C ALA A 400 27.49 -35.02 28.33
N PRO A 401 26.69 -34.61 29.32
CA PRO A 401 26.37 -35.53 30.42
C PRO A 401 25.57 -36.73 29.94
N GLY A 402 25.70 -37.81 30.70
CA GLY A 402 24.97 -39.04 30.41
C GLY A 402 25.81 -40.02 29.62
N GLU A 403 25.26 -41.22 29.45
CA GLU A 403 25.91 -42.31 28.76
C GLU A 403 25.14 -42.67 27.50
N TYR A 404 25.88 -43.09 26.48
CA TYR A 404 25.27 -43.51 25.23
C TYR A 404 24.49 -44.81 25.42
N PHE A 405 23.45 -44.98 24.61
CA PHE A 405 22.70 -46.23 24.54
C PHE A 405 22.39 -46.52 23.08
N PHE A 406 21.82 -47.69 22.82
CA PHE A 406 21.55 -48.16 21.47
C PHE A 406 20.06 -48.44 21.30
N SER A 407 19.53 -48.03 20.15
CA SER A 407 18.14 -48.31 19.80
C SER A 407 18.07 -48.58 18.31
N ASP A 408 17.69 -49.80 17.94
CA ASP A 408 17.57 -50.19 16.54
C ASP A 408 18.87 -49.94 15.79
N GLY A 409 19.99 -50.19 16.46
CA GLY A 409 21.29 -50.01 15.86
C GLY A 409 21.78 -48.59 15.80
N ILE A 410 21.07 -47.64 16.39
CA ILE A 410 21.44 -46.24 16.39
C ILE A 410 21.93 -45.86 17.78
N ARG A 411 23.09 -45.20 17.82
CA ARG A 411 23.67 -44.74 19.08
C ARG A 411 23.07 -43.39 19.43
N LEU A 412 22.47 -43.30 20.62
CA LEU A 412 21.74 -42.10 21.02
C LEU A 412 22.10 -41.73 22.46
N LYS A 413 21.86 -40.46 22.78
CA LYS A 413 22.01 -39.95 24.14
C LYS A 413 20.78 -39.13 24.50
N LYS A 414 20.42 -39.15 25.78
CA LYS A 414 19.21 -38.48 26.22
C LYS A 414 19.35 -36.96 26.11
N TYR A 415 18.23 -36.31 25.81
CA TYR A 415 18.15 -34.86 25.73
C TYR A 415 16.73 -34.44 26.07
N ARG A 416 16.58 -33.59 27.08
CA ARG A 416 15.27 -33.22 27.58
C ARG A 416 15.25 -31.75 27.96
N GLY A 417 14.07 -31.15 27.83
CA GLY A 417 13.88 -29.79 28.29
C GLY A 417 13.84 -29.71 29.80
N MET A 418 14.37 -28.61 30.33
CA MET A 418 14.40 -28.42 31.77
C MET A 418 13.00 -28.27 32.36
N GLY A 419 12.01 -27.96 31.54
CA GLY A 419 10.62 -27.88 31.96
C GLY A 419 9.82 -29.14 31.77
N SER A 420 10.45 -30.22 31.30
CA SER A 420 9.76 -31.49 31.11
C SER A 420 9.55 -32.17 32.45
N LEU A 421 8.49 -32.99 32.53
CA LEU A 421 8.15 -33.64 33.79
C LEU A 421 9.32 -34.43 34.34
N ASP A 422 10.08 -35.11 33.47
CA ASP A 422 11.23 -35.87 33.92
C ASP A 422 12.26 -34.97 34.59
N ALA A 423 12.51 -33.79 34.01
CA ALA A 423 13.51 -32.89 34.57
C ALA A 423 13.10 -32.40 35.95
N MET A 424 11.83 -32.06 36.14
CA MET A 424 11.36 -31.56 37.43
C MET A 424 11.02 -32.66 38.41
N ASP A 425 11.08 -33.92 38.00
CA ASP A 425 10.82 -35.03 38.90
C ASP A 425 12.13 -35.65 39.38
N ILE A 441 -0.74 -28.91 40.61
CA ILE A 441 -0.63 -29.40 39.24
C ILE A 441 0.62 -28.81 38.59
N LYS A 442 1.29 -29.61 37.77
CA LYS A 442 2.50 -29.20 37.08
C LYS A 442 2.19 -29.08 35.58
N VAL A 443 2.44 -27.91 35.02
CA VAL A 443 2.21 -27.65 33.61
C VAL A 443 3.55 -27.81 32.89
N ALA A 444 3.70 -28.92 32.17
CA ALA A 444 4.94 -29.18 31.46
C ALA A 444 5.10 -28.21 30.31
N GLN A 445 6.33 -27.70 30.14
CA GLN A 445 6.66 -26.80 29.06
C GLN A 445 7.71 -27.37 28.12
N GLY A 446 8.08 -28.64 28.28
CA GLY A 446 9.09 -29.25 27.43
C GLY A 446 8.88 -30.75 27.36
N VAL A 447 9.67 -31.38 26.48
CA VAL A 447 9.60 -32.82 26.24
C VAL A 447 10.98 -33.42 26.48
N SER A 448 11.02 -34.75 26.51
CA SER A 448 12.25 -35.51 26.69
C SER A 448 12.36 -36.54 25.58
N GLY A 449 13.57 -36.75 25.10
CA GLY A 449 13.81 -37.68 24.01
C GLY A 449 15.28 -38.01 23.89
N ALA A 450 15.70 -38.35 22.68
CA ALA A 450 17.08 -38.76 22.43
C ALA A 450 17.59 -38.10 21.16
N VAL A 451 18.92 -37.96 21.10
CA VAL A 451 19.61 -37.34 19.97
C VAL A 451 20.75 -38.25 19.55
N GLN A 452 20.98 -38.34 18.25
CA GLN A 452 22.01 -39.22 17.72
C GLN A 452 23.41 -38.70 18.04
N ASP A 453 24.36 -39.61 18.14
CA ASP A 453 25.73 -39.26 18.47
C ASP A 453 26.33 -38.35 17.40
N LYS A 454 27.12 -37.37 17.85
CA LYS A 454 27.79 -36.44 16.95
C LYS A 454 29.31 -36.45 17.07
N GLY A 455 29.86 -37.17 18.04
CA GLY A 455 31.29 -37.20 18.25
C GLY A 455 31.74 -36.28 19.36
N SER A 456 33.00 -35.87 19.27
CA SER A 456 33.61 -35.02 20.28
C SER A 456 33.45 -33.55 19.91
N ILE A 457 33.39 -32.70 20.94
CA ILE A 457 33.30 -31.26 20.73
C ILE A 457 34.53 -30.76 20.00
N HIS A 458 35.71 -31.31 20.32
CA HIS A 458 36.96 -30.82 19.76
C HIS A 458 37.02 -30.97 18.24
N LYS A 459 36.18 -31.83 17.67
CA LYS A 459 36.08 -31.95 16.22
C LYS A 459 34.87 -31.25 15.64
N PHE A 460 33.76 -31.20 16.38
CA PHE A 460 32.55 -30.57 15.86
C PHE A 460 32.68 -29.06 15.83
N VAL A 461 33.20 -28.46 16.91
CA VAL A 461 33.29 -27.00 16.97
C VAL A 461 34.16 -26.44 15.85
N PRO A 462 35.33 -27.01 15.54
CA PRO A 462 36.10 -26.49 14.40
C PRO A 462 35.32 -26.48 13.10
N TYR A 463 34.47 -27.48 12.87
CA TYR A 463 33.64 -27.47 11.67
C TYR A 463 32.68 -26.29 11.66
N LEU A 464 32.06 -26.00 12.81
CA LEU A 464 31.18 -24.84 12.89
C LEU A 464 31.96 -23.56 12.64
N ILE A 465 33.17 -23.46 13.19
CA ILE A 465 34.00 -22.27 12.97
C ILE A 465 34.29 -22.08 11.49
N ALA A 466 34.69 -23.18 10.83
CA ALA A 466 35.00 -23.10 9.40
C ALA A 466 33.77 -22.71 8.59
N GLY A 467 32.61 -23.28 8.92
CA GLY A 467 31.40 -22.92 8.20
C GLY A 467 31.03 -21.46 8.38
N ILE A 468 31.16 -20.94 9.60
CA ILE A 468 30.87 -19.54 9.85
C ILE A 468 31.83 -18.66 9.07
N GLN A 469 33.12 -19.02 9.05
CA GLN A 469 34.09 -18.25 8.28
C GLN A 469 33.75 -18.25 6.80
N HIS A 470 33.36 -19.40 6.26
CA HIS A 470 33.02 -19.47 4.84
C HIS A 470 31.77 -18.65 4.53
N SER A 471 30.78 -18.68 5.43
CA SER A 471 29.59 -17.84 5.23
C SER A 471 29.97 -16.36 5.23
N CYS A 472 30.83 -15.95 6.17
CA CYS A 472 31.27 -14.56 6.22
C CYS A 472 31.99 -14.18 4.93
N GLN A 473 32.86 -15.07 4.43
CA GLN A 473 33.54 -14.79 3.17
C GLN A 473 32.55 -14.65 2.03
N ASP A 474 31.56 -15.54 1.97
CA ASP A 474 30.58 -15.49 0.89
C ASP A 474 29.81 -14.18 0.91
N ILE A 475 29.42 -13.70 2.09
CA ILE A 475 28.72 -12.43 2.19
C ILE A 475 29.65 -11.23 2.17
N GLY A 476 30.97 -11.46 2.06
CA GLY A 476 31.90 -10.37 1.87
C GLY A 476 32.29 -9.61 3.12
N ALA A 477 32.35 -10.29 4.27
CA ALA A 477 32.73 -9.67 5.53
C ALA A 477 33.94 -10.39 6.11
N LYS A 478 34.92 -9.61 6.58
CA LYS A 478 36.11 -10.16 7.20
C LYS A 478 35.94 -10.40 8.69
N SER A 479 34.81 -10.00 9.27
CA SER A 479 34.56 -10.22 10.70
C SER A 479 33.07 -10.14 10.94
N LEU A 480 32.65 -10.74 12.06
CA LEU A 480 31.24 -10.69 12.45
C LEU A 480 30.81 -9.26 12.76
N THR A 481 31.70 -8.49 13.38
CA THR A 481 31.43 -7.07 13.61
C THR A 481 31.13 -6.37 12.29
N GLN A 482 31.92 -6.66 11.26
CA GLN A 482 31.67 -6.08 9.95
C GLN A 482 30.33 -6.56 9.39
N VAL A 483 29.98 -7.83 9.63
CA VAL A 483 28.69 -8.33 9.16
C VAL A 483 27.55 -7.50 9.75
N ARG A 484 27.59 -7.29 11.07
CA ARG A 484 26.52 -6.54 11.72
C ARG A 484 26.52 -5.08 11.31
N ALA A 485 27.72 -4.50 11.13
CA ALA A 485 27.79 -3.12 10.65
C ALA A 485 27.16 -2.99 9.27
N MET A 486 27.46 -3.93 8.37
CA MET A 486 26.88 -3.91 7.03
C MET A 486 25.37 -4.07 7.10
N MET A 487 24.88 -4.97 7.96
CA MET A 487 23.45 -5.18 8.06
C MET A 487 22.73 -3.93 8.58
N TYR A 488 23.31 -3.27 9.58
CA TYR A 488 22.68 -2.07 10.12
C TYR A 488 22.79 -0.90 9.15
N SER A 489 23.82 -0.89 8.31
CA SER A 489 24.00 0.18 7.34
C SER A 489 23.21 -0.05 6.06
N GLY A 490 22.60 -1.22 5.89
CA GLY A 490 21.84 -1.53 4.69
C GLY A 490 22.66 -2.13 3.56
N GLU A 491 23.97 -2.21 3.70
CA GLU A 491 24.79 -2.82 2.66
C GLU A 491 24.45 -4.29 2.47
N LEU A 492 24.29 -5.02 3.58
CA LEU A 492 23.93 -6.43 3.50
C LEU A 492 22.48 -6.57 3.08
N LYS A 493 22.22 -7.47 2.13
CA LYS A 493 20.90 -7.64 1.56
C LYS A 493 20.37 -9.04 1.85
N PHE A 494 19.05 -9.15 1.94
CA PHE A 494 18.38 -10.41 2.25
C PHE A 494 17.26 -10.65 1.24
N GLU A 495 16.81 -11.89 1.18
CA GLU A 495 15.68 -12.25 0.32
C GLU A 495 14.82 -13.30 1.00
N LYS A 496 13.50 -13.16 0.86
CA LYS A 496 12.58 -14.13 1.43
C LYS A 496 12.64 -15.45 0.68
N ARG A 497 12.11 -16.49 1.31
CA ARG A 497 12.04 -17.82 0.72
C ARG A 497 10.61 -18.32 0.79
N THR A 498 10.04 -18.68 -0.35
CA THR A 498 8.78 -19.39 -0.38
C THR A 498 9.00 -20.87 -0.04
N SER A 499 7.90 -21.57 0.22
CA SER A 499 8.01 -23.01 0.51
C SER A 499 8.67 -23.75 -0.64
N SER A 500 8.29 -23.43 -1.88
CA SER A 500 8.97 -24.01 -3.03
C SER A 500 10.43 -23.62 -3.04
N ALA A 501 10.75 -22.38 -2.63
CA ALA A 501 12.14 -21.97 -2.55
C ALA A 501 12.89 -22.80 -1.51
N GLN A 502 12.26 -23.09 -0.37
CA GLN A 502 12.89 -23.95 0.62
C GLN A 502 13.13 -25.35 0.07
N VAL A 503 12.16 -25.89 -0.66
CA VAL A 503 12.34 -27.21 -1.26
C VAL A 503 13.49 -27.20 -2.24
N GLU A 504 13.57 -26.16 -3.07
CA GLU A 504 14.66 -26.06 -4.04
C GLU A 504 16.01 -25.94 -3.34
N GLY A 505 16.06 -25.19 -2.24
CA GLY A 505 17.31 -25.01 -1.53
C GLY A 505 17.86 -26.30 -0.96
N GLY A 506 16.98 -27.19 -0.49
CA GLY A 506 17.41 -28.46 0.03
C GLY A 506 17.68 -29.48 -1.06
N VAL A 507 18.08 -30.67 -0.63
CA VAL A 507 18.35 -31.76 -1.56
C VAL A 507 17.05 -32.22 -2.18
N HIS A 508 17.05 -32.42 -3.49
CA HIS A 508 15.85 -32.81 -4.21
C HIS A 508 16.24 -33.54 -5.49
N SER A 509 15.26 -34.22 -6.09
CA SER A 509 15.41 -34.87 -7.38
C SER A 509 16.50 -35.95 -7.36
N LEU A 510 16.63 -36.66 -6.24
CA LEU A 510 17.57 -37.76 -6.12
C LEU A 510 16.85 -39.00 -5.62
N HIS A 511 17.16 -40.14 -6.23
CA HIS A 511 16.61 -41.41 -5.77
C HIS A 511 17.11 -41.73 -4.35
N SER A 512 18.39 -41.49 -4.10
CA SER A 512 18.98 -41.69 -2.78
C SER A 512 20.25 -40.85 -2.70
N TYR A 513 20.69 -40.60 -1.48
CA TYR A 513 21.90 -39.81 -1.27
C TYR A 513 22.36 -39.95 0.16
N GLU A 514 23.62 -39.58 0.40
CA GLU A 514 24.21 -39.52 1.73
C GLU A 514 24.79 -38.13 1.95
N LYS A 515 24.54 -37.57 3.13
CA LYS A 515 24.99 -36.23 3.48
C LYS A 515 26.14 -36.34 4.48
N ARG A 516 27.32 -35.88 4.07
CA ARG A 516 28.50 -35.85 4.92
C ARG A 516 28.96 -34.41 5.04
N LEU A 517 28.69 -33.79 6.20
CA LEU A 517 29.05 -32.39 6.39
C LEU A 517 30.56 -32.18 6.34
N PHE A 518 31.31 -33.06 6.98
CA PHE A 518 32.76 -32.94 7.03
C PHE A 518 33.41 -34.26 7.37
N MET B 5 -10.52 5.46 -41.47
CA MET B 5 -11.72 5.58 -40.61
C MET B 5 -11.35 5.36 -39.15
N ALA B 6 -12.34 5.49 -38.26
CA ALA B 6 -12.08 5.41 -36.83
C ALA B 6 -11.53 4.05 -36.43
N ASP B 7 -11.90 2.99 -37.15
CA ASP B 7 -11.45 1.65 -36.79
C ASP B 7 -9.94 1.57 -36.70
N TYR B 8 -9.23 2.31 -37.55
CA TYR B 8 -7.77 2.33 -37.53
C TYR B 8 -7.19 3.59 -36.90
N LEU B 9 -7.88 4.72 -37.01
CA LEU B 9 -7.29 5.99 -36.59
C LEU B 9 -7.22 6.13 -35.07
N ILE B 10 -8.12 5.46 -34.34
CA ILE B 10 -8.18 5.66 -32.90
C ILE B 10 -6.88 5.22 -32.24
N SER B 11 -6.41 4.01 -32.55
CA SER B 11 -5.20 3.49 -31.93
C SER B 11 -4.32 2.71 -32.92
N GLY B 12 -4.53 2.86 -34.22
CA GLY B 12 -3.72 2.20 -35.21
C GLY B 12 -4.28 0.89 -35.73
N GLY B 13 -5.53 0.57 -35.44
CA GLY B 13 -6.14 -0.65 -35.93
C GLY B 13 -5.83 -1.88 -35.11
N THR B 14 -5.06 -1.76 -34.04
CA THR B 14 -4.74 -2.91 -33.18
C THR B 14 -5.85 -3.07 -32.15
N SER B 15 -6.61 -4.16 -32.26
CA SER B 15 -7.69 -4.40 -31.31
C SER B 15 -7.14 -4.43 -29.89
N TYR B 16 -7.86 -3.79 -28.97
CA TYR B 16 -7.38 -3.69 -27.60
C TYR B 16 -7.36 -5.06 -26.95
N VAL B 17 -6.47 -5.21 -25.96
CA VAL B 17 -6.27 -6.46 -25.25
C VAL B 17 -6.69 -6.24 -23.80
N PRO B 18 -7.69 -6.97 -23.29
CA PRO B 18 -8.04 -6.82 -21.87
C PRO B 18 -6.86 -7.09 -20.97
N ASP B 19 -6.74 -6.30 -19.91
CA ASP B 19 -5.62 -6.42 -18.97
C ASP B 19 -5.92 -7.54 -17.98
N ASP B 20 -5.18 -8.64 -18.09
CA ASP B 20 -5.36 -9.77 -17.20
C ASP B 20 -4.01 -10.40 -16.94
N GLY B 21 -3.65 -10.56 -15.67
CA GLY B 21 -2.38 -11.13 -15.29
C GLY B 21 -1.35 -10.06 -14.94
N LEU B 22 -0.17 -10.54 -14.57
CA LEU B 22 0.93 -9.69 -14.15
C LEU B 22 2.10 -9.82 -15.12
N THR B 23 2.82 -8.71 -15.31
CA THR B 23 4.08 -8.75 -16.03
C THR B 23 5.18 -9.31 -15.13
N ALA B 24 6.28 -9.72 -15.76
CA ALA B 24 7.42 -10.23 -15.00
C ALA B 24 7.92 -9.18 -14.01
N GLN B 25 8.00 -7.92 -14.45
CA GLN B 25 8.45 -6.86 -13.56
C GLN B 25 7.53 -6.74 -12.35
N GLN B 26 6.22 -6.79 -12.56
CA GLN B 26 5.29 -6.74 -11.44
C GLN B 26 5.43 -7.98 -10.56
N LEU B 27 5.58 -9.15 -11.18
CA LEU B 27 5.64 -10.40 -10.41
C LEU B 27 6.85 -10.42 -9.49
N PHE B 28 8.01 -9.99 -9.99
CA PHE B 28 9.25 -10.05 -9.23
C PHE B 28 9.55 -8.77 -8.47
N ASN B 29 8.64 -7.81 -8.46
CA ASN B 29 8.79 -6.62 -7.64
C ASN B 29 8.16 -6.78 -6.26
N CYS B 30 7.46 -7.88 -6.01
CA CYS B 30 6.84 -8.12 -4.71
C CYS B 30 7.82 -8.58 -3.66
N GLY B 31 9.03 -8.97 -4.05
CA GLY B 31 10.01 -9.42 -3.07
C GLY B 31 9.60 -10.66 -2.31
N ASP B 32 8.88 -11.58 -2.97
CA ASP B 32 8.43 -12.80 -2.33
C ASP B 32 9.44 -13.93 -2.40
N GLY B 33 10.52 -13.78 -3.17
CA GLY B 33 11.49 -14.84 -3.32
C GLY B 33 10.91 -16.07 -3.99
N LEU B 34 10.56 -15.92 -5.26
CA LEU B 34 9.85 -16.97 -5.99
C LEU B 34 10.84 -17.91 -6.69
N THR B 35 10.40 -19.15 -6.89
CA THR B 35 11.10 -20.14 -7.69
C THR B 35 10.21 -20.55 -8.87
N TYR B 36 10.66 -21.55 -9.63
CA TYR B 36 9.95 -21.94 -10.84
C TYR B 36 8.54 -22.41 -10.53
N ASN B 37 8.36 -23.22 -9.49
CA ASN B 37 7.06 -23.82 -9.20
C ASN B 37 6.06 -22.82 -8.62
N ASP B 38 6.48 -21.60 -8.32
CA ASP B 38 5.63 -20.62 -7.66
C ASP B 38 4.79 -19.80 -8.64
N PHE B 39 4.91 -20.02 -9.94
CA PHE B 39 4.19 -19.19 -10.90
C PHE B 39 3.97 -19.97 -12.21
N LEU B 40 3.07 -19.43 -13.03
CA LEU B 40 2.74 -19.98 -14.32
C LEU B 40 2.71 -18.85 -15.35
N ILE B 41 2.90 -19.23 -16.61
CA ILE B 41 2.81 -18.32 -17.75
C ILE B 41 1.43 -18.45 -18.35
N LEU B 42 0.76 -17.33 -18.56
CA LEU B 42 -0.59 -17.37 -19.11
C LEU B 42 -0.55 -17.58 -20.62
N PRO B 43 -1.52 -18.29 -21.19
CA PRO B 43 -1.51 -18.55 -22.63
C PRO B 43 -1.82 -17.29 -23.43
N GLY B 44 -1.43 -17.33 -24.71
CA GLY B 44 -1.65 -16.22 -25.60
C GLY B 44 -2.49 -16.58 -26.83
N TYR B 45 -2.03 -16.18 -28.00
CA TYR B 45 -2.74 -16.39 -29.26
C TYR B 45 -1.89 -17.24 -30.19
N ILE B 46 -2.51 -18.24 -30.82
CA ILE B 46 -1.82 -19.19 -31.69
C ILE B 46 -2.23 -18.91 -33.13
N ASP B 47 -1.24 -18.66 -33.99
CA ASP B 47 -1.46 -18.56 -35.43
C ASP B 47 -0.35 -19.25 -36.19
N PHE B 48 0.27 -20.27 -35.60
CA PHE B 48 1.35 -21.01 -36.24
C PHE B 48 1.42 -22.39 -35.60
N THR B 49 2.13 -23.29 -36.27
CA THR B 49 2.34 -24.63 -35.76
C THR B 49 3.60 -24.70 -34.91
N ALA B 50 3.64 -25.70 -34.03
CA ALA B 50 4.75 -25.81 -33.08
C ALA B 50 6.08 -26.03 -33.79
N ASP B 51 6.07 -26.80 -34.88
CA ASP B 51 7.31 -27.14 -35.56
C ASP B 51 7.99 -25.93 -36.21
N GLN B 52 7.31 -24.81 -36.34
CA GLN B 52 7.90 -23.60 -36.88
C GLN B 52 8.63 -22.78 -35.82
N VAL B 53 8.59 -23.20 -34.56
CA VAL B 53 9.22 -22.43 -33.49
C VAL B 53 10.74 -22.57 -33.61
N ASP B 54 11.44 -21.44 -33.56
CA ASP B 54 12.89 -21.40 -33.67
C ASP B 54 13.49 -21.29 -32.28
N LEU B 55 14.40 -22.21 -31.95
CA LEU B 55 15.03 -22.27 -30.64
C LEU B 55 16.48 -21.78 -30.67
N THR B 56 16.86 -21.04 -31.71
CA THR B 56 18.22 -20.52 -31.78
C THR B 56 18.51 -19.66 -30.56
N SER B 57 19.67 -19.89 -29.94
CA SER B 57 20.02 -19.26 -28.68
C SER B 57 21.49 -18.84 -28.72
N ALA B 58 21.79 -17.78 -27.96
CA ALA B 58 23.15 -17.25 -27.85
C ALA B 58 23.77 -17.77 -26.56
N LEU B 59 24.80 -18.62 -26.70
CA LEU B 59 25.53 -19.07 -25.53
C LEU B 59 26.41 -17.96 -24.97
N THR B 60 27.10 -17.24 -25.84
CA THR B 60 27.94 -16.11 -25.44
C THR B 60 27.71 -14.98 -26.42
N LYS B 61 28.53 -13.92 -26.30
CA LYS B 61 28.40 -12.78 -27.20
C LYS B 61 28.59 -13.18 -28.65
N LYS B 62 29.48 -14.14 -28.92
CA LYS B 62 29.83 -14.52 -30.28
C LYS B 62 29.46 -15.95 -30.65
N ILE B 63 29.02 -16.78 -29.71
CA ILE B 63 28.68 -18.17 -29.96
C ILE B 63 27.17 -18.31 -29.92
N THR B 64 26.61 -18.89 -30.98
CA THR B 64 25.17 -19.09 -31.10
C THR B 64 24.88 -20.58 -31.31
N LEU B 65 23.89 -21.08 -30.59
CA LEU B 65 23.48 -22.48 -30.67
C LEU B 65 22.07 -22.58 -31.22
N LYS B 66 21.77 -23.72 -31.85
CA LYS B 66 20.43 -23.98 -32.37
C LYS B 66 19.46 -24.45 -31.29
N THR B 67 19.95 -24.81 -30.11
CA THR B 67 19.12 -25.17 -28.98
C THR B 67 19.68 -24.52 -27.74
N PRO B 68 18.84 -24.26 -26.72
CA PRO B 68 19.33 -23.59 -25.51
C PRO B 68 19.86 -24.53 -24.45
N LEU B 69 20.15 -25.78 -24.81
CA LEU B 69 20.48 -26.81 -23.85
C LEU B 69 21.99 -26.92 -23.66
N VAL B 70 22.42 -26.97 -22.41
CA VAL B 70 23.83 -27.07 -22.05
C VAL B 70 23.97 -28.12 -20.95
N SER B 71 25.07 -28.87 -20.99
CA SER B 71 25.36 -29.88 -19.97
C SER B 71 26.35 -29.34 -18.96
N SER B 72 26.08 -29.60 -17.69
CA SER B 72 26.89 -29.02 -16.61
C SER B 72 28.28 -29.65 -16.60
N PRO B 73 29.31 -28.87 -16.22
CA PRO B 73 30.67 -29.44 -16.07
C PRO B 73 30.85 -30.20 -14.76
N MET B 74 30.31 -31.42 -14.73
CA MET B 74 30.36 -32.26 -13.56
C MET B 74 30.97 -33.62 -13.92
N ASP B 75 31.68 -34.21 -12.96
CA ASP B 75 32.37 -35.47 -13.20
C ASP B 75 31.41 -36.63 -13.42
N THR B 76 30.14 -36.48 -13.07
CA THR B 76 29.13 -37.51 -13.31
C THR B 76 28.15 -37.12 -14.41
N VAL B 77 28.44 -36.05 -15.17
CA VAL B 77 27.51 -35.57 -16.18
C VAL B 77 28.17 -35.47 -17.55
N THR B 78 29.25 -34.69 -17.65
CA THR B 78 29.79 -34.29 -18.94
C THR B 78 31.22 -34.79 -19.11
N GLU B 79 31.42 -35.68 -20.08
CA GLU B 79 32.74 -36.01 -20.59
C GLU B 79 32.70 -35.92 -22.11
N ALA B 80 33.73 -36.43 -22.78
CA ALA B 80 33.78 -36.31 -24.24
C ALA B 80 32.51 -36.82 -24.91
N GLY B 81 32.00 -37.96 -24.45
CA GLY B 81 30.80 -38.51 -25.08
C GLY B 81 29.59 -37.62 -24.91
N MET B 82 29.37 -37.14 -23.69
CA MET B 82 28.24 -36.25 -23.43
C MET B 82 28.36 -34.97 -24.25
N ALA B 83 29.57 -34.40 -24.33
CA ALA B 83 29.77 -33.19 -25.12
C ALA B 83 29.48 -33.44 -26.59
N ILE B 84 29.95 -34.57 -27.12
CA ILE B 84 29.71 -34.90 -28.52
C ILE B 84 28.21 -35.02 -28.78
N ALA B 85 27.51 -35.75 -27.91
CA ALA B 85 26.07 -35.93 -28.09
C ALA B 85 25.33 -34.60 -28.02
N MET B 86 25.69 -33.76 -27.04
CA MET B 86 25.01 -32.47 -26.90
C MET B 86 25.26 -31.59 -28.12
N ALA B 87 26.50 -31.56 -28.61
CA ALA B 87 26.80 -30.77 -29.80
C ALA B 87 26.03 -31.29 -31.02
N LEU B 88 25.94 -32.61 -31.16
CA LEU B 88 25.21 -33.18 -32.30
C LEU B 88 23.72 -32.84 -32.22
N THR B 89 23.15 -32.87 -31.02
CA THR B 89 21.73 -32.61 -30.86
C THR B 89 21.38 -31.12 -30.91
N GLY B 90 22.37 -30.24 -30.98
CA GLY B 90 22.14 -28.82 -31.10
C GLY B 90 22.55 -28.00 -29.90
N GLY B 91 23.06 -28.61 -28.84
CA GLY B 91 23.50 -27.88 -27.67
C GLY B 91 25.01 -27.84 -27.56
N ILE B 92 25.52 -27.92 -26.34
CA ILE B 92 26.96 -27.90 -26.08
C ILE B 92 27.19 -28.47 -24.69
N GLY B 93 28.40 -28.97 -24.47
CA GLY B 93 28.78 -29.48 -23.17
C GLY B 93 30.10 -28.93 -22.71
N PHE B 94 30.23 -28.79 -21.39
CA PHE B 94 31.44 -28.27 -20.76
C PHE B 94 32.12 -29.42 -20.03
N ILE B 95 33.38 -29.68 -20.39
CA ILE B 95 34.13 -30.76 -19.77
C ILE B 95 34.50 -30.35 -18.34
N HIS B 96 34.27 -31.25 -17.40
CA HIS B 96 34.60 -31.00 -16.01
C HIS B 96 36.12 -30.97 -15.82
N HIS B 97 36.55 -30.39 -14.69
CA HIS B 97 37.97 -30.21 -14.40
C HIS B 97 38.39 -30.91 -13.11
N ASN B 98 37.59 -31.85 -12.60
CA ASN B 98 38.00 -32.68 -11.47
C ASN B 98 38.84 -33.85 -11.98
N CYS B 99 39.97 -33.50 -12.59
CA CYS B 99 40.85 -34.47 -13.24
C CYS B 99 42.16 -33.74 -13.54
N THR B 100 43.12 -34.48 -14.08
CA THR B 100 44.37 -33.87 -14.49
C THR B 100 44.14 -32.99 -15.71
N PRO B 101 44.94 -31.93 -15.87
CA PRO B 101 44.77 -31.09 -17.08
C PRO B 101 44.93 -31.88 -18.36
N GLU B 102 45.84 -32.86 -18.39
CA GLU B 102 46.05 -33.64 -19.60
C GLU B 102 44.81 -34.44 -19.97
N PHE B 103 44.14 -35.03 -18.98
CA PHE B 103 42.93 -35.79 -19.24
C PHE B 103 41.84 -34.90 -19.83
N GLN B 104 41.65 -33.70 -19.25
CA GLN B 104 40.65 -32.78 -19.77
C GLN B 104 40.99 -32.34 -21.19
N ALA B 105 42.26 -32.05 -21.46
CA ALA B 105 42.67 -31.67 -22.80
C ALA B 105 42.44 -32.80 -23.79
N ASN B 106 42.70 -34.05 -23.36
CA ASN B 106 42.44 -35.19 -24.23
C ASN B 106 40.96 -35.34 -24.55
N GLU B 107 40.11 -35.13 -23.55
CA GLU B 107 38.66 -35.17 -23.81
C GLU B 107 38.25 -34.08 -24.79
N VAL B 108 38.79 -32.88 -24.62
CA VAL B 108 38.48 -31.79 -25.54
C VAL B 108 38.93 -32.15 -26.95
N ARG B 109 40.13 -32.73 -27.07
CA ARG B 109 40.61 -33.15 -28.38
C ARG B 109 39.69 -34.19 -28.99
N LYS B 110 39.26 -35.17 -28.19
CA LYS B 110 38.32 -36.17 -28.69
C LYS B 110 37.06 -35.52 -29.23
N VAL B 111 36.54 -34.52 -28.52
CA VAL B 111 35.35 -33.83 -29.01
C VAL B 111 35.65 -33.11 -30.31
N LYS B 112 36.80 -32.44 -30.41
CA LYS B 112 37.09 -31.62 -31.58
C LYS B 112 37.36 -32.47 -32.82
N LYS B 113 37.97 -33.65 -32.66
CA LYS B 113 38.33 -34.50 -33.78
C LYS B 113 37.24 -35.51 -34.14
N TYR B 114 36.08 -35.43 -33.52
CA TYR B 114 35.00 -36.36 -33.85
C TYR B 114 34.54 -36.15 -35.28
N GLU B 115 34.29 -37.25 -35.98
CA GLU B 115 33.83 -37.20 -37.36
C GLU B 115 32.80 -38.30 -37.61
N ASP B 236 21.70 -38.24 -39.85
CA ASP B 236 21.95 -36.82 -40.09
C ASP B 236 21.70 -36.01 -38.83
N TYR B 237 22.48 -34.95 -38.65
CA TYR B 237 22.39 -34.06 -37.49
C TYR B 237 22.32 -32.62 -37.98
N PRO B 238 21.17 -32.20 -38.52
CA PRO B 238 21.08 -30.84 -39.07
C PRO B 238 21.35 -29.75 -38.05
N LEU B 239 21.02 -29.97 -36.78
CA LEU B 239 21.18 -28.97 -35.74
C LEU B 239 22.57 -28.97 -35.11
N ALA B 240 23.50 -29.78 -35.63
CA ALA B 240 24.79 -29.94 -34.99
C ALA B 240 25.47 -28.60 -34.80
N SER B 241 26.06 -28.40 -33.61
CA SER B 241 26.77 -27.18 -33.28
C SER B 241 28.24 -27.34 -33.69
N LYS B 242 28.67 -26.52 -34.64
CA LYS B 242 30.01 -26.62 -35.21
C LYS B 242 30.65 -25.25 -35.28
N ASP B 243 31.97 -25.24 -35.33
CA ASP B 243 32.75 -24.01 -35.45
C ASP B 243 32.94 -23.68 -36.93
N ALA B 244 33.79 -22.69 -37.22
CA ALA B 244 34.02 -22.28 -38.59
C ALA B 244 34.66 -23.38 -39.42
N LYS B 245 35.36 -24.33 -38.79
CA LYS B 245 36.01 -25.43 -39.49
C LYS B 245 35.16 -26.69 -39.52
N LYS B 246 33.86 -26.56 -39.24
CA LYS B 246 32.95 -27.71 -39.25
C LYS B 246 33.32 -28.73 -38.18
N GLN B 247 33.97 -28.29 -37.11
CA GLN B 247 34.32 -29.13 -35.99
C GLN B 247 33.34 -28.86 -34.84
N LEU B 248 32.95 -29.93 -34.15
CA LEU B 248 31.97 -29.80 -33.08
C LEU B 248 32.47 -28.83 -32.01
N LEU B 249 31.57 -27.96 -31.55
CA LEU B 249 31.90 -27.05 -30.47
C LEU B 249 32.09 -27.80 -29.16
N CYS B 250 33.03 -27.30 -28.35
CA CYS B 250 33.31 -27.89 -27.05
C CYS B 250 33.64 -26.80 -26.05
N GLY B 251 33.16 -26.98 -24.82
CA GLY B 251 33.48 -26.09 -23.72
C GLY B 251 34.22 -26.84 -22.62
N ALA B 252 34.81 -26.07 -21.72
CA ALA B 252 35.55 -26.63 -20.60
C ALA B 252 35.47 -25.68 -19.42
N ALA B 253 35.71 -26.23 -18.22
CA ALA B 253 35.68 -25.47 -16.99
C ALA B 253 37.06 -25.40 -16.38
N ILE B 254 37.39 -24.26 -15.77
CA ILE B 254 38.64 -24.07 -15.04
C ILE B 254 38.34 -23.33 -13.75
N GLY B 255 39.27 -23.44 -12.79
CA GLY B 255 39.17 -22.74 -11.53
C GLY B 255 39.82 -21.37 -11.59
N THR B 256 39.84 -20.72 -10.43
CA THR B 256 40.42 -19.39 -10.28
C THR B 256 41.76 -19.42 -9.55
N HIS B 257 42.40 -20.58 -9.49
CA HIS B 257 43.67 -20.73 -8.80
C HIS B 257 44.83 -20.62 -9.79
N GLU B 258 46.05 -20.52 -9.24
CA GLU B 258 47.22 -20.30 -10.06
C GLU B 258 47.46 -21.48 -11.01
N ASP B 259 47.28 -22.70 -10.53
CA ASP B 259 47.52 -23.87 -11.38
C ASP B 259 46.60 -23.89 -12.58
N ASP B 260 45.36 -23.42 -12.42
CA ASP B 260 44.40 -23.48 -13.52
C ASP B 260 44.94 -22.83 -14.78
N LYS B 261 45.78 -21.81 -14.64
CA LYS B 261 46.35 -21.16 -15.81
C LYS B 261 47.00 -22.19 -16.73
N TYR B 262 47.88 -23.03 -16.17
CA TYR B 262 48.48 -24.09 -16.97
C TYR B 262 47.40 -24.93 -17.62
N ARG B 263 46.41 -25.36 -16.84
CA ARG B 263 45.29 -26.12 -17.40
C ARG B 263 44.71 -25.39 -18.59
N LEU B 264 44.41 -24.10 -18.42
CA LEU B 264 43.84 -23.32 -19.51
C LEU B 264 44.69 -23.45 -20.76
N ASP B 265 46.01 -23.30 -20.62
CA ASP B 265 46.88 -23.39 -21.77
C ASP B 265 46.63 -24.67 -22.55
N LEU B 266 46.61 -25.81 -21.84
CA LEU B 266 46.36 -27.07 -22.53
C LEU B 266 45.01 -27.05 -23.22
N LEU B 267 43.99 -26.57 -22.52
CA LEU B 267 42.66 -26.49 -23.14
C LEU B 267 42.69 -25.59 -24.37
N ALA B 268 43.50 -24.52 -24.33
CA ALA B 268 43.65 -23.68 -25.51
C ALA B 268 44.33 -24.44 -26.64
N GLN B 269 45.32 -25.28 -26.31
CA GLN B 269 46.03 -26.03 -27.34
C GLN B 269 45.16 -27.14 -27.94
N ALA B 270 44.15 -27.60 -27.20
CA ALA B 270 43.26 -28.64 -27.69
C ALA B 270 42.12 -28.11 -28.54
N GLY B 271 41.98 -26.79 -28.67
CA GLY B 271 40.96 -26.21 -29.52
C GLY B 271 39.66 -25.90 -28.84
N VAL B 272 39.64 -25.75 -27.52
CA VAL B 272 38.40 -25.43 -26.81
C VAL B 272 37.87 -24.09 -27.30
N ASP B 273 36.55 -24.00 -27.48
CA ASP B 273 35.93 -22.81 -28.02
C ASP B 273 35.47 -21.83 -26.95
N VAL B 274 35.20 -22.31 -25.74
CA VAL B 274 34.70 -21.46 -24.66
C VAL B 274 35.09 -22.09 -23.34
N VAL B 275 35.39 -21.24 -22.36
CA VAL B 275 35.79 -21.68 -21.02
C VAL B 275 34.90 -20.99 -20.00
N VAL B 276 34.47 -21.75 -18.99
CA VAL B 276 33.65 -21.24 -17.91
C VAL B 276 34.46 -21.32 -16.62
N LEU B 277 34.49 -20.21 -15.87
CA LEU B 277 35.16 -20.17 -14.57
C LEU B 277 34.23 -20.74 -13.53
N ASP B 278 34.59 -21.90 -12.98
CA ASP B 278 33.72 -22.66 -12.09
C ASP B 278 33.94 -22.21 -10.65
N SER B 279 32.89 -21.71 -10.01
CA SER B 279 32.94 -21.28 -8.62
C SER B 279 31.53 -21.09 -8.11
N SER B 280 31.31 -21.46 -6.84
CA SER B 280 30.01 -21.25 -6.23
C SER B 280 29.71 -19.76 -6.04
N GLN B 281 30.76 -18.94 -5.88
CA GLN B 281 30.62 -17.50 -5.67
C GLN B 281 31.65 -16.82 -6.58
N GLY B 282 31.20 -16.38 -7.75
CA GLY B 282 32.10 -15.88 -8.76
C GLY B 282 32.49 -14.42 -8.64
N ASN B 283 31.88 -13.68 -7.71
CA ASN B 283 32.20 -12.27 -7.52
C ASN B 283 33.38 -12.17 -6.55
N SER B 284 34.56 -12.49 -7.08
CA SER B 284 35.79 -12.50 -6.29
C SER B 284 36.89 -11.81 -7.07
N ILE B 285 37.87 -11.28 -6.34
CA ILE B 285 39.03 -10.68 -6.99
C ILE B 285 39.78 -11.71 -7.81
N PHE B 286 39.83 -12.95 -7.34
CA PHE B 286 40.53 -14.01 -8.07
C PHE B 286 39.90 -14.23 -9.44
N GLN B 287 38.57 -14.30 -9.49
CA GLN B 287 37.90 -14.53 -10.77
C GLN B 287 38.08 -13.34 -11.72
N ILE B 288 38.02 -12.12 -11.19
CA ILE B 288 38.23 -10.94 -12.03
C ILE B 288 39.65 -10.94 -12.60
N ASN B 289 40.63 -11.26 -11.76
CA ASN B 289 42.01 -11.33 -12.22
C ASN B 289 42.17 -12.39 -13.30
N MET B 290 41.55 -13.56 -13.11
CA MET B 290 41.64 -14.62 -14.11
C MET B 290 40.97 -14.20 -15.41
N ILE B 291 39.84 -13.50 -15.32
CA ILE B 291 39.16 -13.02 -16.53
C ILE B 291 40.07 -12.08 -17.30
N LYS B 292 40.67 -11.12 -16.59
CA LYS B 292 41.57 -10.17 -17.25
C LYS B 292 42.77 -10.90 -17.87
N TYR B 293 43.32 -11.86 -17.15
CA TYR B 293 44.46 -12.63 -17.68
C TYR B 293 44.08 -13.38 -18.95
N ILE B 294 42.91 -14.01 -18.95
CA ILE B 294 42.47 -14.75 -20.13
C ILE B 294 42.26 -13.80 -21.30
N LYS B 295 41.59 -12.67 -21.05
CA LYS B 295 41.34 -11.72 -22.13
C LYS B 295 42.64 -11.16 -22.69
N ASP B 296 43.65 -10.97 -21.84
CA ASP B 296 44.93 -10.45 -22.32
C ASP B 296 45.68 -11.51 -23.12
N LYS B 297 45.72 -12.75 -22.63
CA LYS B 297 46.49 -13.80 -23.29
C LYS B 297 45.73 -14.46 -24.42
N TYR B 298 44.41 -14.58 -24.29
CA TYR B 298 43.57 -15.25 -25.29
C TYR B 298 42.41 -14.33 -25.65
N PRO B 299 42.68 -13.27 -26.42
CA PRO B 299 41.62 -12.30 -26.74
C PRO B 299 40.43 -12.90 -27.45
N ASN B 300 40.63 -13.95 -28.25
CA ASN B 300 39.56 -14.53 -29.05
C ASN B 300 38.85 -15.67 -28.34
N LEU B 301 39.21 -15.98 -27.10
CA LEU B 301 38.59 -17.06 -26.36
C LEU B 301 37.42 -16.51 -25.55
N GLN B 302 36.23 -17.05 -25.78
CA GLN B 302 35.05 -16.64 -25.03
C GLN B 302 35.13 -17.15 -23.60
N VAL B 303 34.76 -16.31 -22.66
CA VAL B 303 34.87 -16.60 -21.22
C VAL B 303 33.50 -16.40 -20.58
N ILE B 304 33.10 -17.37 -19.76
CA ILE B 304 31.84 -17.33 -19.03
C ILE B 304 32.16 -17.18 -17.55
N GLY B 305 31.52 -16.20 -16.91
CA GLY B 305 31.72 -15.95 -15.50
C GLY B 305 30.55 -16.42 -14.65
N GLY B 306 30.84 -16.67 -13.39
CA GLY B 306 29.83 -17.12 -12.46
C GLY B 306 30.45 -17.91 -11.33
N ASN B 307 29.60 -18.39 -10.42
CA ASN B 307 28.15 -18.16 -10.45
C ASN B 307 27.76 -16.89 -9.71
N VAL B 308 26.68 -16.25 -10.16
CA VAL B 308 26.17 -15.03 -9.56
C VAL B 308 24.65 -15.10 -9.49
N VAL B 309 24.08 -14.37 -8.53
CA VAL B 309 22.63 -14.35 -8.35
C VAL B 309 22.11 -12.92 -8.18
N THR B 310 23.01 -11.94 -8.09
CA THR B 310 22.62 -10.55 -7.88
C THR B 310 23.17 -9.67 -9.00
N ALA B 311 22.60 -8.47 -9.10
CA ALA B 311 22.99 -7.54 -10.15
C ALA B 311 24.36 -6.92 -9.89
N ALA B 312 24.76 -6.80 -8.62
CA ALA B 312 26.08 -6.23 -8.31
C ALA B 312 27.20 -7.16 -8.77
N GLN B 313 27.06 -8.46 -8.50
CA GLN B 313 28.04 -9.43 -8.99
C GLN B 313 28.09 -9.40 -10.51
N ALA B 314 26.93 -9.33 -11.15
CA ALA B 314 26.89 -9.27 -12.61
C ALA B 314 27.59 -8.02 -13.12
N LYS B 315 27.39 -6.89 -12.46
CA LYS B 315 28.05 -5.66 -12.86
C LYS B 315 29.57 -5.82 -12.78
N ASN B 316 30.04 -6.37 -11.66
CA ASN B 316 31.49 -6.55 -11.50
C ASN B 316 32.06 -7.43 -12.59
N LEU B 317 31.40 -8.57 -12.86
CA LEU B 317 31.94 -9.50 -13.85
C LEU B 317 31.83 -8.95 -15.27
N ILE B 318 30.76 -8.21 -15.57
CA ILE B 318 30.63 -7.60 -16.89
C ILE B 318 31.69 -6.53 -17.09
N ASP B 319 31.94 -5.72 -16.06
CA ASP B 319 33.02 -4.74 -16.14
C ASP B 319 34.37 -5.44 -16.34
N ALA B 320 34.53 -6.61 -15.73
CA ALA B 320 35.77 -7.37 -15.95
C ALA B 320 35.93 -7.77 -17.41
N GLY B 321 34.82 -8.02 -18.11
CA GLY B 321 34.87 -8.30 -19.53
C GLY B 321 34.40 -9.69 -19.92
N VAL B 322 33.48 -10.26 -19.15
CA VAL B 322 32.96 -11.60 -19.48
C VAL B 322 32.06 -11.52 -20.70
N ASP B 323 31.92 -12.65 -21.38
CA ASP B 323 31.07 -12.77 -22.56
C ASP B 323 29.71 -13.41 -22.25
N ALA B 324 29.52 -13.96 -21.05
CA ALA B 324 28.26 -14.52 -20.63
C ALA B 324 28.32 -14.73 -19.13
N LEU B 325 27.15 -14.91 -18.52
CA LEU B 325 27.06 -15.12 -17.08
C LEU B 325 26.38 -16.45 -16.79
N ARG B 326 26.79 -17.08 -15.69
CA ARG B 326 26.22 -18.33 -15.20
C ARG B 326 25.50 -18.02 -13.90
N VAL B 327 24.19 -18.23 -13.87
CA VAL B 327 23.34 -17.73 -12.79
C VAL B 327 22.77 -18.91 -12.02
N GLY B 328 23.04 -18.94 -10.72
CA GLY B 328 22.50 -19.95 -9.83
C GLY B 328 23.37 -20.19 -8.62
N MET B 329 22.75 -20.29 -7.44
CA MET B 329 23.48 -20.60 -6.22
C MET B 329 22.48 -21.11 -5.19
N GLY B 330 22.64 -22.37 -4.78
CA GLY B 330 21.76 -22.99 -3.81
C GLY B 330 20.62 -23.78 -4.39
N SER B 331 20.39 -23.69 -5.70
CA SER B 331 19.26 -24.36 -6.34
C SER B 331 19.61 -25.73 -6.88
N GLY B 332 20.87 -26.15 -6.84
CA GLY B 332 21.24 -27.42 -7.40
C GLY B 332 20.59 -28.58 -6.66
N SER B 333 20.31 -29.65 -7.40
CA SER B 333 19.70 -30.83 -6.81
C SER B 333 20.59 -31.45 -5.75
N ILE B 334 21.91 -31.35 -5.93
CA ILE B 334 22.88 -31.95 -5.01
C ILE B 334 23.57 -30.88 -4.17
N CYS B 335 22.94 -29.72 -3.99
CA CYS B 335 23.54 -28.58 -3.33
C CYS B 335 22.92 -28.37 -1.96
N ILE B 336 23.77 -28.13 -0.96
CA ILE B 336 23.32 -27.86 0.40
C ILE B 336 23.97 -26.58 0.89
N THR B 337 24.37 -25.71 -0.04
CA THR B 337 25.02 -24.47 0.33
C THR B 337 24.11 -23.58 1.17
N GLN B 338 22.81 -23.57 0.85
CA GLN B 338 21.90 -22.68 1.56
C GLN B 338 21.83 -23.00 3.05
N GLU B 339 21.76 -24.30 3.39
CA GLU B 339 21.63 -24.68 4.79
C GLU B 339 22.96 -24.68 5.54
N VAL B 340 24.08 -24.66 4.83
CA VAL B 340 25.39 -24.69 5.46
C VAL B 340 25.96 -23.29 5.65
N LEU B 341 25.84 -22.43 4.63
CA LEU B 341 26.40 -21.09 4.66
C LEU B 341 25.36 -19.99 4.69
N ALA B 342 24.07 -20.32 4.58
CA ALA B 342 22.97 -19.36 4.62
C ALA B 342 23.02 -18.37 3.47
N CYS B 343 23.69 -18.73 2.37
CA CYS B 343 23.88 -17.83 1.23
C CYS B 343 23.27 -18.47 -0.01
N GLY B 344 22.50 -17.68 -0.75
CA GLY B 344 21.88 -18.17 -1.96
C GLY B 344 20.77 -17.24 -2.41
N ARG B 345 19.95 -17.74 -3.34
CA ARG B 345 18.80 -16.99 -3.83
C ARG B 345 17.86 -17.94 -4.56
N PRO B 346 16.55 -17.71 -4.51
CA PRO B 346 15.64 -18.50 -5.34
C PRO B 346 15.99 -18.35 -6.81
N GLN B 347 15.88 -19.46 -7.54
CA GLN B 347 16.45 -19.52 -8.89
C GLN B 347 15.74 -18.58 -9.85
N ALA B 348 14.40 -18.59 -9.86
CA ALA B 348 13.66 -17.79 -10.83
C ALA B 348 13.95 -16.31 -10.67
N THR B 349 13.93 -15.82 -9.43
CA THR B 349 14.18 -14.41 -9.17
C THR B 349 15.60 -14.02 -9.57
N ALA B 350 16.58 -14.88 -9.23
CA ALA B 350 17.96 -14.60 -9.61
C ALA B 350 18.10 -14.53 -11.13
N VAL B 351 17.50 -15.48 -11.84
CA VAL B 351 17.55 -15.48 -13.29
C VAL B 351 16.97 -14.18 -13.83
N TYR B 352 15.77 -13.81 -13.36
CA TYR B 352 15.14 -12.60 -13.87
C TYR B 352 16.00 -11.38 -13.63
N LYS B 353 16.48 -11.18 -12.39
CA LYS B 353 17.22 -9.98 -12.07
C LYS B 353 18.54 -9.90 -12.84
N VAL B 354 19.30 -11.00 -12.84
CA VAL B 354 20.60 -10.99 -13.50
C VAL B 354 20.41 -10.81 -15.01
N SER B 355 19.42 -11.47 -15.60
CA SER B 355 19.17 -11.31 -17.02
C SER B 355 18.77 -9.88 -17.36
N GLU B 356 17.93 -9.27 -16.52
CA GLU B 356 17.50 -7.90 -16.77
C GLU B 356 18.69 -6.95 -16.74
N TYR B 357 19.60 -7.13 -15.77
CA TYR B 357 20.78 -6.28 -15.75
C TYR B 357 21.70 -6.55 -16.94
N ALA B 358 21.93 -7.83 -17.25
CA ALA B 358 22.90 -8.17 -18.28
C ALA B 358 22.42 -7.75 -19.67
N ARG B 359 21.10 -7.75 -19.90
CA ARG B 359 20.58 -7.37 -21.21
C ARG B 359 20.96 -5.94 -21.56
N ARG B 360 21.20 -5.10 -20.56
CA ARG B 360 21.61 -3.73 -20.81
C ARG B 360 22.95 -3.66 -21.54
N PHE B 361 23.78 -4.69 -21.42
CA PHE B 361 25.10 -4.71 -22.03
C PHE B 361 25.27 -5.85 -23.03
N GLY B 362 24.18 -6.49 -23.45
CA GLY B 362 24.25 -7.56 -24.42
C GLY B 362 25.02 -8.78 -23.95
N VAL B 363 24.85 -9.16 -22.70
CA VAL B 363 25.53 -10.31 -22.10
C VAL B 363 24.50 -11.40 -21.83
N PRO B 364 24.62 -12.57 -22.45
CA PRO B 364 23.63 -13.63 -22.23
C PRO B 364 23.81 -14.33 -20.88
N VAL B 365 22.77 -15.07 -20.51
CA VAL B 365 22.68 -15.71 -19.20
C VAL B 365 22.42 -17.20 -19.39
N ILE B 366 23.09 -18.01 -18.56
CA ILE B 366 22.89 -19.45 -18.48
C ILE B 366 22.26 -19.74 -17.12
N ALA B 367 20.99 -20.11 -17.13
CA ALA B 367 20.32 -20.51 -15.90
C ALA B 367 20.80 -21.91 -15.50
N ASP B 368 21.45 -22.01 -14.34
CA ASP B 368 22.07 -23.25 -13.89
C ASP B 368 21.48 -23.66 -12.56
N GLY B 369 20.91 -24.86 -12.50
CA GLY B 369 20.42 -25.42 -11.27
C GLY B 369 18.91 -25.31 -11.16
N GLY B 370 18.31 -26.31 -10.50
CA GLY B 370 16.89 -26.30 -10.23
C GLY B 370 16.00 -26.75 -11.35
N ILE B 371 16.57 -27.25 -12.45
CA ILE B 371 15.77 -27.71 -13.58
C ILE B 371 15.37 -29.15 -13.35
N GLN B 372 14.07 -29.42 -13.36
CA GLN B 372 13.53 -30.76 -13.19
C GLN B 372 12.67 -31.24 -14.34
N ASN B 373 12.16 -30.33 -15.18
CA ASN B 373 11.28 -30.70 -16.27
C ASN B 373 11.33 -29.63 -17.34
N VAL B 374 10.66 -29.90 -18.46
CA VAL B 374 10.65 -28.97 -19.58
C VAL B 374 10.02 -27.64 -19.17
N GLY B 375 9.00 -27.69 -18.32
CA GLY B 375 8.37 -26.46 -17.87
C GLY B 375 9.34 -25.52 -17.20
N HIS B 376 10.26 -26.06 -16.41
CA HIS B 376 11.29 -25.22 -15.79
C HIS B 376 12.18 -24.57 -16.83
N ILE B 377 12.55 -25.32 -17.87
CA ILE B 377 13.37 -24.75 -18.95
C ILE B 377 12.64 -23.60 -19.62
N ALA B 378 11.36 -23.81 -19.94
CA ALA B 378 10.58 -22.76 -20.58
C ALA B 378 10.45 -21.53 -19.69
N LYS B 379 10.21 -21.75 -18.39
CA LYS B 379 10.11 -20.62 -17.47
C LYS B 379 11.42 -19.86 -17.38
N ALA B 380 12.54 -20.58 -17.30
CA ALA B 380 13.85 -19.92 -17.22
C ALA B 380 14.12 -19.09 -18.47
N LEU B 381 13.81 -19.64 -19.64
CA LEU B 381 14.01 -18.89 -20.88
C LEU B 381 13.09 -17.67 -20.93
N ALA B 382 11.85 -17.81 -20.47
CA ALA B 382 10.90 -16.70 -20.53
C ALA B 382 11.30 -15.56 -19.60
N LEU B 383 12.02 -15.86 -18.52
CA LEU B 383 12.38 -14.84 -17.54
C LEU B 383 13.64 -14.07 -17.93
N GLY B 384 14.29 -14.42 -19.04
CA GLY B 384 15.43 -13.65 -19.51
C GLY B 384 16.63 -14.49 -19.88
N ALA B 385 16.68 -15.73 -19.40
CA ALA B 385 17.84 -16.58 -19.67
C ALA B 385 17.93 -16.90 -21.15
N SER B 386 19.16 -16.90 -21.67
CA SER B 386 19.41 -17.29 -23.05
C SER B 386 19.70 -18.77 -23.19
N THR B 387 20.23 -19.41 -22.15
CA THR B 387 20.48 -20.85 -22.18
C THR B 387 20.21 -21.44 -20.80
N VAL B 388 20.05 -22.76 -20.77
CA VAL B 388 19.76 -23.49 -19.54
C VAL B 388 20.74 -24.65 -19.45
N MET B 389 21.34 -24.81 -18.26
CA MET B 389 22.31 -25.87 -18.02
C MET B 389 21.75 -26.82 -16.96
N MET B 390 21.83 -28.12 -17.24
CA MET B 390 21.21 -29.14 -16.40
C MET B 390 22.24 -30.19 -16.03
N GLY B 391 22.32 -30.51 -14.73
CA GLY B 391 23.15 -31.60 -14.27
C GLY B 391 22.38 -32.87 -13.99
N SER B 392 21.30 -32.76 -13.21
CA SER B 392 20.55 -33.94 -12.80
C SER B 392 19.68 -34.49 -13.95
N LEU B 393 19.06 -33.61 -14.72
CA LEU B 393 18.17 -34.06 -15.79
C LEU B 393 18.92 -34.89 -16.82
N LEU B 394 20.18 -34.54 -17.11
CA LEU B 394 21.02 -35.32 -18.01
C LEU B 394 21.78 -36.42 -17.30
N ALA B 395 21.73 -36.48 -15.98
CA ALA B 395 22.39 -37.54 -15.24
C ALA B 395 21.69 -38.88 -15.50
N ALA B 396 22.47 -39.95 -15.38
CA ALA B 396 22.00 -41.32 -15.59
C ALA B 396 21.71 -41.62 -17.05
N THR B 397 22.04 -40.71 -17.96
CA THR B 397 21.93 -41.00 -19.38
C THR B 397 23.07 -41.92 -19.82
N THR B 398 22.89 -42.54 -20.99
CA THR B 398 23.89 -43.48 -21.48
C THR B 398 25.23 -42.80 -21.69
N GLU B 399 25.23 -41.58 -22.24
CA GLU B 399 26.46 -40.88 -22.52
C GLU B 399 27.11 -40.30 -21.28
N ALA B 400 26.43 -40.29 -20.14
CA ALA B 400 27.01 -39.75 -18.93
C ALA B 400 28.14 -40.65 -18.43
N PRO B 401 29.12 -40.09 -17.73
CA PRO B 401 30.21 -40.92 -17.20
C PRO B 401 29.71 -41.90 -16.15
N GLY B 402 30.45 -42.99 -16.02
CA GLY B 402 30.15 -44.03 -15.05
C GLY B 402 29.35 -45.16 -15.65
N GLU B 403 29.17 -46.20 -14.84
CA GLU B 403 28.46 -47.41 -15.24
C GLU B 403 27.20 -47.58 -14.42
N TYR B 404 26.18 -48.14 -15.07
CA TYR B 404 24.92 -48.40 -14.39
C TYR B 404 25.07 -49.49 -13.35
N PHE B 405 24.25 -49.42 -12.31
CA PHE B 405 24.16 -50.47 -11.30
C PHE B 405 22.69 -50.67 -10.95
N PHE B 406 22.41 -51.68 -10.13
CA PHE B 406 21.05 -52.05 -9.79
C PHE B 406 20.87 -52.00 -8.28
N SER B 407 19.72 -51.48 -7.86
CA SER B 407 19.34 -51.43 -6.46
C SER B 407 17.84 -51.66 -6.34
N ASP B 408 17.45 -52.76 -5.70
CA ASP B 408 16.04 -53.09 -5.52
C ASP B 408 15.32 -53.14 -6.86
N GLY B 409 16.00 -53.65 -7.88
CA GLY B 409 15.41 -53.76 -9.20
C GLY B 409 15.38 -52.48 -10.00
N ILE B 410 15.98 -51.41 -9.50
CA ILE B 410 15.98 -50.11 -10.18
C ILE B 410 17.39 -49.87 -10.72
N ARG B 411 17.46 -49.49 -11.99
CA ARG B 411 18.72 -49.19 -12.65
C ARG B 411 19.09 -47.74 -12.36
N LEU B 412 20.27 -47.52 -11.78
CA LEU B 412 20.68 -46.19 -11.34
C LEU B 412 22.13 -45.93 -11.75
N LYS B 413 22.46 -44.65 -11.81
CA LYS B 413 23.82 -44.19 -12.04
C LYS B 413 24.18 -43.11 -11.03
N LYS B 414 25.45 -43.07 -10.65
CA LYS B 414 25.89 -42.14 -9.62
C LYS B 414 25.79 -40.70 -10.10
N TYR B 415 25.50 -39.81 -9.16
CA TYR B 415 25.43 -38.38 -9.41
C TYR B 415 25.76 -37.65 -8.11
N ARG B 416 26.79 -36.80 -8.15
CA ARG B 416 27.26 -36.15 -6.94
C ARG B 416 27.66 -34.72 -7.24
N GLY B 417 27.52 -33.86 -6.23
CA GLY B 417 28.00 -32.49 -6.35
C GLY B 417 29.51 -32.43 -6.31
N MET B 418 30.06 -31.47 -7.06
CA MET B 418 31.51 -31.30 -7.11
C MET B 418 32.08 -30.85 -5.77
N GLY B 419 31.25 -30.31 -4.89
CA GLY B 419 31.65 -29.93 -3.55
C GLY B 419 31.43 -30.98 -2.49
N SER B 420 30.96 -32.17 -2.87
CA SER B 420 30.76 -33.24 -1.91
C SER B 420 32.09 -33.87 -1.53
N LEU B 421 32.13 -34.44 -0.31
CA LEU B 421 33.39 -35.00 0.19
C LEU B 421 33.94 -36.05 -0.78
N ASP B 422 33.07 -36.87 -1.37
CA ASP B 422 33.53 -37.87 -2.32
C ASP B 422 34.21 -37.23 -3.51
N ALA B 423 33.65 -36.13 -4.03
CA ALA B 423 34.24 -35.48 -5.20
C ALA B 423 35.62 -34.93 -4.89
N MET B 424 35.80 -34.31 -3.73
CA MET B 424 37.08 -33.72 -3.36
C MET B 424 38.05 -34.74 -2.77
N ASP B 425 37.62 -35.98 -2.55
CA ASP B 425 38.51 -37.01 -2.03
C ASP B 425 39.00 -37.92 -3.16
N ILE B 441 40.15 -28.45 7.87
CA ILE B 441 38.78 -28.95 7.85
C ILE B 441 38.15 -28.64 6.50
N LYS B 442 37.34 -29.57 6.01
CA LYS B 442 36.64 -29.43 4.73
C LYS B 442 35.17 -29.24 4.99
N VAL B 443 34.61 -28.14 4.47
CA VAL B 443 33.20 -27.82 4.61
C VAL B 443 32.50 -28.28 3.34
N ALA B 444 31.77 -29.39 3.43
CA ALA B 444 31.07 -29.92 2.27
C ALA B 444 29.92 -29.00 1.87
N GLN B 445 29.79 -28.78 0.57
CA GLN B 445 28.71 -27.95 0.02
C GLN B 445 27.79 -28.75 -0.89
N GLY B 446 27.93 -30.07 -0.97
CA GLY B 446 27.09 -30.88 -1.81
C GLY B 446 26.99 -32.30 -1.27
N VAL B 447 26.12 -33.08 -1.92
CA VAL B 447 25.86 -34.46 -1.53
C VAL B 447 26.12 -35.36 -2.74
N SER B 448 26.13 -36.67 -2.46
CA SER B 448 26.32 -37.69 -3.49
C SER B 448 25.20 -38.70 -3.39
N GLY B 449 24.73 -39.18 -4.53
CA GLY B 449 23.63 -40.12 -4.57
C GLY B 449 23.52 -40.77 -5.93
N ALA B 450 22.31 -41.20 -6.28
CA ALA B 450 22.06 -41.91 -7.53
C ALA B 450 20.82 -41.36 -8.20
N VAL B 451 20.77 -41.52 -9.52
CA VAL B 451 19.66 -41.07 -10.34
C VAL B 451 19.25 -42.21 -11.27
N GLN B 452 17.95 -42.33 -11.49
CA GLN B 452 17.42 -43.42 -12.30
C GLN B 452 17.76 -43.22 -13.78
N ASP B 453 17.87 -44.34 -14.49
CA ASP B 453 18.21 -44.30 -15.90
C ASP B 453 17.15 -43.54 -16.71
N LYS B 454 17.63 -42.77 -17.69
CA LYS B 454 16.75 -42.01 -18.57
C LYS B 454 16.89 -42.36 -20.04
N GLY B 455 17.86 -43.19 -20.40
CA GLY B 455 18.08 -43.55 -21.79
C GLY B 455 19.21 -42.76 -22.42
N SER B 456 19.14 -42.64 -23.74
CA SER B 456 20.17 -41.97 -24.52
C SER B 456 19.81 -40.49 -24.69
N ILE B 457 20.86 -39.67 -24.82
CA ILE B 457 20.66 -38.24 -25.05
C ILE B 457 19.95 -38.02 -26.37
N HIS B 458 20.27 -38.83 -27.39
CA HIS B 458 19.73 -38.62 -28.73
C HIS B 458 18.22 -38.78 -28.78
N LYS B 459 17.62 -39.41 -27.77
CA LYS B 459 16.17 -39.50 -27.67
C LYS B 459 15.59 -38.53 -26.65
N PHE B 460 16.31 -38.24 -25.57
CA PHE B 460 15.78 -37.35 -24.54
C PHE B 460 15.78 -35.90 -25.02
N VAL B 461 16.87 -35.45 -25.64
CA VAL B 461 16.95 -34.04 -26.05
C VAL B 461 15.85 -33.69 -27.04
N PRO B 462 15.55 -34.50 -28.06
CA PRO B 462 14.42 -34.16 -28.94
C PRO B 462 13.11 -33.96 -28.20
N TYR B 463 12.86 -34.75 -27.15
CA TYR B 463 11.65 -34.54 -26.36
C TYR B 463 11.65 -33.17 -25.70
N LEU B 464 12.79 -32.76 -25.14
CA LEU B 464 12.88 -31.44 -24.54
C LEU B 464 12.65 -30.35 -25.59
N ILE B 465 13.21 -30.54 -26.78
CA ILE B 465 13.02 -29.56 -27.86
C ILE B 465 11.55 -29.45 -28.21
N ALA B 466 10.87 -30.58 -28.36
CA ALA B 466 9.45 -30.57 -28.71
C ALA B 466 8.63 -29.90 -27.61
N GLY B 467 8.94 -30.19 -26.35
CA GLY B 467 8.22 -29.57 -25.25
C GLY B 467 8.40 -28.07 -25.22
N ILE B 468 9.64 -27.60 -25.45
CA ILE B 468 9.89 -26.16 -25.48
C ILE B 468 9.13 -25.52 -26.63
N GLN B 469 9.12 -26.16 -27.80
CA GLN B 469 8.38 -25.63 -28.93
C GLN B 469 6.89 -25.53 -28.62
N HIS B 470 6.34 -26.56 -27.98
CA HIS B 470 4.92 -26.54 -27.65
C HIS B 470 4.60 -25.46 -26.63
N SER B 471 5.47 -25.27 -25.64
CA SER B 471 5.28 -24.19 -24.69
C SER B 471 5.30 -22.83 -25.39
N CYS B 472 6.26 -22.63 -26.29
CA CYS B 472 6.33 -21.38 -27.05
C CYS B 472 5.05 -21.16 -27.85
N GLN B 473 4.55 -22.21 -28.49
CA GLN B 473 3.30 -22.08 -29.25
C GLN B 473 2.15 -21.72 -28.33
N ASP B 474 2.07 -22.37 -27.15
CA ASP B 474 0.98 -22.08 -26.24
C ASP B 474 1.01 -20.63 -25.78
N ILE B 475 2.19 -20.09 -25.50
CA ILE B 475 2.29 -18.69 -25.09
C ILE B 475 2.31 -17.73 -26.28
N GLY B 476 2.21 -18.25 -27.50
CA GLY B 476 2.04 -17.40 -28.67
C GLY B 476 3.30 -16.77 -29.20
N ALA B 477 4.44 -17.44 -29.09
CA ALA B 477 5.72 -16.93 -29.57
C ALA B 477 6.30 -17.92 -30.58
N LYS B 478 6.78 -17.38 -31.71
CA LYS B 478 7.42 -18.19 -32.73
C LYS B 478 8.91 -18.40 -32.49
N SER B 479 9.48 -17.76 -31.47
CA SER B 479 10.90 -17.92 -31.16
C SER B 479 11.13 -17.52 -29.72
N LEU B 480 12.23 -18.02 -29.15
CA LEU B 480 12.60 -17.66 -27.79
C LEU B 480 12.93 -16.17 -27.70
N THR B 481 13.58 -15.62 -28.72
CA THR B 481 13.81 -14.19 -28.78
C THR B 481 12.50 -13.42 -28.66
N GLN B 482 11.47 -13.88 -29.38
CA GLN B 482 10.16 -13.24 -29.29
C GLN B 482 9.58 -13.40 -27.89
N VAL B 483 9.80 -14.55 -27.24
CA VAL B 483 9.32 -14.75 -25.88
C VAL B 483 9.91 -13.69 -24.96
N ARG B 484 11.23 -13.51 -25.02
CA ARG B 484 11.87 -12.55 -24.14
C ARG B 484 11.47 -11.11 -24.48
N ALA B 485 11.31 -10.81 -25.77
CA ALA B 485 10.86 -9.48 -26.16
C ALA B 485 9.47 -9.20 -25.60
N MET B 486 8.56 -10.18 -25.70
CA MET B 486 7.22 -10.03 -25.15
C MET B 486 7.27 -9.84 -23.64
N MET B 487 8.11 -10.61 -22.96
CA MET B 487 8.19 -10.49 -21.50
C MET B 487 8.71 -9.13 -21.08
N TYR B 488 9.74 -8.61 -21.78
CA TYR B 488 10.27 -7.31 -21.43
C TYR B 488 9.32 -6.18 -21.82
N SER B 489 8.50 -6.40 -22.84
CA SER B 489 7.53 -5.39 -23.26
C SER B 489 6.23 -5.42 -22.45
N GLY B 490 6.05 -6.43 -21.60
CA GLY B 490 4.85 -6.55 -20.81
C GLY B 490 3.71 -7.30 -21.48
N GLU B 491 3.87 -7.68 -22.76
CA GLU B 491 2.82 -8.44 -23.43
C GLU B 491 2.62 -9.80 -22.77
N LEU B 492 3.71 -10.49 -22.44
CA LEU B 492 3.62 -11.78 -21.77
C LEU B 492 3.19 -11.58 -20.32
N LYS B 493 2.22 -12.38 -19.88
CA LYS B 493 1.62 -12.26 -18.56
C LYS B 493 1.89 -13.51 -17.73
N PHE B 494 1.97 -13.32 -16.42
CA PHE B 494 2.25 -14.39 -15.48
C PHE B 494 1.22 -14.37 -14.35
N GLU B 495 1.14 -15.48 -13.63
CA GLU B 495 0.27 -15.56 -12.46
C GLU B 495 0.93 -16.39 -11.38
N LYS B 496 0.77 -15.96 -10.13
CA LYS B 496 1.32 -16.70 -9.00
C LYS B 496 0.55 -17.99 -8.78
N ARG B 497 1.16 -18.89 -8.01
CA ARG B 497 0.56 -20.17 -7.65
C ARG B 497 0.61 -20.34 -6.14
N THR B 498 -0.56 -20.55 -5.53
CA THR B 498 -0.60 -20.97 -4.14
C THR B 498 -0.27 -22.45 -4.02
N SER B 499 -0.04 -22.90 -2.78
CA SER B 499 0.24 -24.31 -2.55
C SER B 499 -0.91 -25.17 -3.06
N SER B 500 -2.15 -24.77 -2.77
CA SER B 500 -3.30 -25.48 -3.32
C SER B 500 -3.30 -25.43 -4.84
N ALA B 501 -2.87 -24.30 -5.41
CA ALA B 501 -2.75 -24.21 -6.86
C ALA B 501 -1.73 -25.19 -7.39
N GLN B 502 -0.60 -25.35 -6.69
CA GLN B 502 0.39 -26.34 -7.10
C GLN B 502 -0.18 -27.75 -7.04
N VAL B 503 -0.92 -28.05 -5.97
CA VAL B 503 -1.53 -29.37 -5.85
C VAL B 503 -2.50 -29.61 -7.01
N GLU B 504 -3.32 -28.61 -7.32
CA GLU B 504 -4.27 -28.75 -8.42
C GLU B 504 -3.55 -28.94 -9.75
N GLY B 505 -2.44 -28.23 -9.95
CA GLY B 505 -1.71 -28.34 -11.21
C GLY B 505 -1.15 -29.73 -11.44
N GLY B 506 -0.71 -30.40 -10.39
CA GLY B 506 -0.20 -31.75 -10.50
C GLY B 506 -1.30 -32.79 -10.54
N VAL B 507 -0.87 -34.04 -10.67
CA VAL B 507 -1.81 -35.15 -10.70
C VAL B 507 -2.46 -35.31 -9.33
N HIS B 508 -3.77 -35.48 -9.31
CA HIS B 508 -4.51 -35.59 -8.05
C HIS B 508 -5.79 -36.38 -8.29
N SER B 509 -6.40 -36.82 -7.19
CA SER B 509 -7.71 -37.48 -7.21
C SER B 509 -7.69 -38.77 -8.03
N LEU B 510 -6.58 -39.50 -7.99
CA LEU B 510 -6.46 -40.78 -8.66
C LEU B 510 -5.98 -41.83 -7.67
N HIS B 511 -6.60 -43.01 -7.72
CA HIS B 511 -6.15 -44.13 -6.90
C HIS B 511 -4.74 -44.56 -7.28
N SER B 512 -4.47 -44.62 -8.58
CA SER B 512 -3.15 -44.96 -9.09
C SER B 512 -3.05 -44.42 -10.51
N TYR B 513 -1.81 -44.30 -10.99
CA TYR B 513 -1.59 -43.79 -12.34
C TYR B 513 -0.14 -44.05 -12.73
N GLU B 514 0.11 -43.98 -14.04
CA GLU B 514 1.45 -44.07 -14.61
C GLU B 514 1.70 -42.84 -15.48
N LYS B 515 2.88 -42.26 -15.35
CA LYS B 515 3.25 -41.05 -16.08
C LYS B 515 4.26 -41.43 -17.16
N ARG B 516 3.88 -41.24 -18.42
CA ARG B 516 4.75 -41.49 -19.57
C ARG B 516 4.89 -40.18 -20.34
N LEU B 517 6.05 -39.54 -20.19
CA LEU B 517 6.26 -38.25 -20.86
C LEU B 517 6.23 -38.39 -22.38
N PHE B 518 6.87 -39.42 -22.91
CA PHE B 518 6.94 -39.62 -24.35
C PHE B 518 7.27 -41.08 -24.69
N MET C 5 -41.52 8.14 8.36
CA MET C 5 -40.67 8.51 9.52
C MET C 5 -39.20 8.21 9.23
N ALA C 6 -38.33 8.55 10.19
CA ALA C 6 -36.89 8.40 9.97
C ALA C 6 -36.51 6.95 9.74
N ASP C 7 -37.26 6.00 10.33
CA ASP C 7 -36.90 4.59 10.21
C ASP C 7 -36.80 4.17 8.75
N TYR C 8 -37.63 4.74 7.88
CA TYR C 8 -37.59 4.42 6.45
C TYR C 8 -36.94 5.51 5.61
N LEU C 9 -37.03 6.77 6.04
CA LEU C 9 -36.59 7.87 5.17
C LEU C 9 -35.07 7.98 5.10
N ILE C 10 -34.36 7.52 6.13
CA ILE C 10 -32.91 7.71 6.17
C ILE C 10 -32.25 6.97 5.01
N SER C 11 -32.57 5.69 4.83
CA SER C 11 -31.94 4.90 3.78
C SER C 11 -32.93 3.96 3.09
N GLY C 12 -34.23 4.18 3.23
CA GLY C 12 -35.23 3.35 2.57
C GLY C 12 -35.78 2.22 3.40
N GLY C 13 -35.50 2.18 4.70
CA GLY C 13 -36.00 1.14 5.56
C GLY C 13 -35.20 -0.14 5.56
N THR C 14 -34.12 -0.22 4.80
CA THR C 14 -33.28 -1.41 4.76
C THR C 14 -32.27 -1.32 5.89
N SER C 15 -32.40 -2.22 6.87
CA SER C 15 -31.46 -2.22 7.99
C SER C 15 -30.03 -2.39 7.49
N TYR C 16 -29.12 -1.61 8.06
CA TYR C 16 -27.74 -1.63 7.59
C TYR C 16 -27.11 -2.99 7.89
N VAL C 17 -26.12 -3.33 7.08
CA VAL C 17 -25.41 -4.60 7.16
C VAL C 17 -23.97 -4.32 7.55
N PRO C 18 -23.48 -4.80 8.69
CA PRO C 18 -22.06 -4.60 9.02
C PRO C 18 -21.15 -5.15 7.94
N ASP C 19 -20.08 -4.41 7.66
CA ASP C 19 -19.13 -4.78 6.62
C ASP C 19 -18.17 -5.82 7.18
N ASP C 20 -18.27 -7.06 6.71
CA ASP C 20 -17.41 -8.14 7.15
C ASP C 20 -17.15 -9.06 5.98
N GLY C 21 -15.86 -9.30 5.68
CA GLY C 21 -15.48 -10.15 4.58
C GLY C 21 -15.11 -9.34 3.35
N LEU C 22 -14.72 -10.09 2.30
CA LEU C 22 -14.28 -9.51 1.04
C LEU C 22 -15.25 -9.89 -0.07
N THR C 23 -15.40 -8.98 -1.03
CA THR C 23 -16.11 -9.29 -2.26
C THR C 23 -15.21 -10.10 -3.18
N ALA C 24 -15.83 -10.73 -4.19
CA ALA C 24 -15.06 -11.49 -5.16
C ALA C 24 -14.05 -10.61 -5.88
N GLN C 25 -14.47 -9.39 -6.24
CA GLN C 25 -13.57 -8.46 -6.91
C GLN C 25 -12.36 -8.16 -6.03
N GLN C 26 -12.59 -7.90 -4.74
CA GLN C 26 -11.49 -7.67 -3.82
C GLN C 26 -10.62 -8.91 -3.67
N LEU C 27 -11.26 -10.08 -3.56
CA LEU C 27 -10.50 -11.31 -3.33
C LEU C 27 -9.56 -11.62 -4.49
N PHE C 28 -10.04 -11.46 -5.72
CA PHE C 28 -9.28 -11.81 -6.90
C PHE C 28 -8.49 -10.64 -7.48
N ASN C 29 -8.48 -9.49 -6.81
CA ASN C 29 -7.64 -8.38 -7.20
C ASN C 29 -6.27 -8.41 -6.54
N CYS C 30 -6.05 -9.32 -5.60
CA CYS C 30 -4.75 -9.43 -4.92
C CYS C 30 -3.69 -10.11 -5.76
N GLY C 31 -4.07 -10.77 -6.85
CA GLY C 31 -3.10 -11.44 -7.70
C GLY C 31 -2.35 -12.56 -6.99
N ASP C 32 -3.03 -13.28 -6.11
CA ASP C 32 -2.43 -14.37 -5.38
C ASP C 32 -2.49 -15.71 -6.11
N GLY C 33 -3.25 -15.79 -7.20
CA GLY C 33 -3.40 -17.04 -7.92
C GLY C 33 -4.09 -18.10 -7.08
N LEU C 34 -5.37 -17.87 -6.78
CA LEU C 34 -6.12 -18.72 -5.88
C LEU C 34 -6.82 -19.85 -6.64
N THR C 35 -7.05 -20.95 -5.92
CA THR C 35 -7.85 -22.07 -6.39
C THR C 35 -9.04 -22.25 -5.44
N TYR C 36 -9.80 -23.32 -5.67
CA TYR C 36 -11.04 -23.53 -4.92
C TYR C 36 -10.76 -23.67 -3.42
N ASN C 37 -9.73 -24.43 -3.05
CA ASN C 37 -9.46 -24.72 -1.65
C ASN C 37 -8.89 -23.53 -0.89
N ASP C 38 -8.55 -22.43 -1.58
CA ASP C 38 -7.90 -21.30 -0.95
C ASP C 38 -8.87 -20.29 -0.34
N PHE C 39 -10.18 -20.52 -0.42
CA PHE C 39 -11.14 -19.55 0.07
C PHE C 39 -12.45 -20.24 0.44
N LEU C 40 -13.27 -19.50 1.18
CA LEU C 40 -14.59 -19.95 1.61
C LEU C 40 -15.60 -18.83 1.37
N ILE C 41 -16.86 -19.23 1.24
CA ILE C 41 -17.98 -18.30 1.11
C ILE C 41 -18.60 -18.11 2.48
N LEU C 42 -18.80 -16.86 2.88
CA LEU C 42 -19.37 -16.60 4.19
C LEU C 42 -20.89 -16.79 4.18
N PRO C 43 -21.47 -17.26 5.28
CA PRO C 43 -22.92 -17.50 5.31
C PRO C 43 -23.70 -16.19 5.32
N GLY C 44 -24.97 -16.30 4.92
CA GLY C 44 -25.86 -15.15 4.88
C GLY C 44 -27.09 -15.31 5.75
N TYR C 45 -28.26 -15.00 5.19
CA TYR C 45 -29.53 -15.04 5.92
C TYR C 45 -30.45 -16.05 5.27
N ILE C 46 -31.12 -16.87 6.09
CA ILE C 46 -31.98 -17.94 5.62
C ILE C 46 -33.42 -17.57 5.93
N ASP C 47 -34.27 -17.54 4.90
CA ASP C 47 -35.71 -17.37 5.08
C ASP C 47 -36.48 -18.29 4.13
N PHE C 48 -35.89 -19.42 3.78
CA PHE C 48 -36.52 -20.38 2.88
C PHE C 48 -35.91 -21.75 3.12
N THR C 49 -36.58 -22.78 2.63
CA THR C 49 -36.09 -24.15 2.74
C THR C 49 -35.22 -24.50 1.54
N ALA C 50 -34.37 -25.50 1.74
CA ALA C 50 -33.40 -25.87 0.70
C ALA C 50 -34.09 -26.37 -0.56
N ASP C 51 -35.20 -27.11 -0.39
CA ASP C 51 -35.87 -27.72 -1.54
C ASP C 51 -36.49 -26.69 -2.48
N GLN C 52 -36.61 -25.43 -2.06
CA GLN C 52 -37.13 -24.38 -2.93
C GLN C 52 -36.05 -23.76 -3.81
N VAL C 53 -34.79 -24.18 -3.65
CA VAL C 53 -33.71 -23.59 -4.43
C VAL C 53 -33.80 -24.06 -5.87
N ASP C 54 -33.73 -23.12 -6.81
CA ASP C 54 -33.82 -23.41 -8.24
C ASP C 54 -32.43 -23.45 -8.83
N LEU C 55 -32.10 -24.56 -9.50
CA LEU C 55 -30.78 -24.78 -10.08
C LEU C 55 -30.78 -24.62 -11.60
N THR C 56 -31.81 -23.99 -12.16
CA THR C 56 -31.86 -23.78 -13.60
C THR C 56 -30.62 -23.03 -14.06
N SER C 57 -29.99 -23.52 -15.12
CA SER C 57 -28.73 -23.00 -15.59
C SER C 57 -28.73 -22.92 -17.11
N ALA C 58 -27.96 -21.97 -17.64
CA ALA C 58 -27.83 -21.76 -19.08
C ALA C 58 -26.54 -22.42 -19.56
N LEU C 59 -26.67 -23.48 -20.36
CA LEU C 59 -25.51 -24.10 -20.96
C LEU C 59 -24.92 -23.22 -22.05
N THR C 60 -25.77 -22.65 -22.90
CA THR C 60 -25.35 -21.77 -23.97
C THR C 60 -26.31 -20.59 -24.02
N LYS C 61 -26.17 -19.76 -25.05
CA LYS C 61 -27.05 -18.61 -25.20
C LYS C 61 -28.51 -19.02 -25.31
N LYS C 62 -28.78 -20.15 -25.96
CA LYS C 62 -30.13 -20.59 -26.24
C LYS C 62 -30.54 -21.89 -25.56
N ILE C 63 -29.61 -22.60 -24.94
CA ILE C 63 -29.89 -23.88 -24.30
C ILE C 63 -29.86 -23.69 -22.79
N THR C 64 -30.94 -24.11 -22.12
CA THR C 64 -31.08 -23.98 -20.68
C THR C 64 -31.31 -25.36 -20.07
N LEU C 65 -30.61 -25.63 -18.97
CA LEU C 65 -30.71 -26.89 -18.26
C LEU C 65 -31.29 -26.67 -16.87
N LYS C 66 -31.94 -27.69 -16.33
CA LYS C 66 -32.47 -27.64 -14.98
C LYS C 66 -31.42 -27.89 -13.91
N THR C 67 -30.24 -28.37 -14.28
CA THR C 67 -29.12 -28.55 -13.37
C THR C 67 -27.85 -28.06 -14.06
N PRO C 68 -26.85 -27.63 -13.29
CA PRO C 68 -25.62 -27.09 -13.89
C PRO C 68 -24.57 -28.14 -14.19
N LEU C 69 -24.94 -29.42 -14.18
CA LEU C 69 -23.99 -30.52 -14.26
C LEU C 69 -23.79 -30.96 -15.70
N VAL C 70 -22.53 -31.13 -16.09
CA VAL C 70 -22.15 -31.54 -17.44
C VAL C 70 -21.07 -32.61 -17.32
N SER C 71 -21.10 -33.59 -18.22
CA SER C 71 -20.11 -34.65 -18.25
C SER C 71 -19.07 -34.36 -19.33
N SER C 72 -17.81 -34.55 -19.00
CA SER C 72 -16.72 -34.20 -19.89
C SER C 72 -16.70 -35.12 -21.11
N PRO C 73 -16.29 -34.61 -22.28
CA PRO C 73 -16.14 -35.46 -23.47
C PRO C 73 -14.83 -36.26 -23.46
N MET C 74 -14.83 -37.33 -22.66
CA MET C 74 -13.66 -38.18 -22.50
C MET C 74 -14.04 -39.63 -22.78
N ASP C 75 -13.08 -40.37 -23.33
CA ASP C 75 -13.33 -41.75 -23.72
C ASP C 75 -13.58 -42.67 -22.53
N THR C 76 -13.25 -42.24 -21.31
CA THR C 76 -13.51 -43.01 -20.11
C THR C 76 -14.61 -42.39 -19.26
N VAL C 77 -15.36 -41.42 -19.79
CA VAL C 77 -16.37 -40.72 -19.00
C VAL C 77 -17.72 -40.76 -19.69
N THR C 78 -17.81 -40.24 -20.92
CA THR C 78 -19.08 -39.95 -21.56
C THR C 78 -19.24 -40.77 -22.84
N GLU C 79 -20.22 -41.67 -22.85
CA GLU C 79 -20.72 -42.29 -24.07
C GLU C 79 -22.24 -42.17 -24.07
N ALA C 80 -22.92 -42.89 -24.96
CA ALA C 80 -24.37 -42.77 -25.07
C ALA C 80 -25.05 -42.97 -23.72
N GLY C 81 -24.63 -43.98 -22.95
CA GLY C 81 -25.27 -44.24 -21.68
C GLY C 81 -25.10 -43.10 -20.69
N MET C 82 -23.88 -42.58 -20.58
CA MET C 82 -23.63 -41.46 -19.68
C MET C 82 -24.43 -40.24 -20.09
N ALA C 83 -24.48 -39.96 -21.40
CA ALA C 83 -25.24 -38.82 -21.88
C ALA C 83 -26.72 -38.98 -21.56
N ILE C 84 -27.27 -40.18 -21.76
CA ILE C 84 -28.68 -40.42 -21.48
C ILE C 84 -28.95 -40.21 -19.99
N ALA C 85 -28.10 -40.76 -19.14
CA ALA C 85 -28.30 -40.61 -17.70
C ALA C 85 -28.22 -39.15 -17.28
N MET C 86 -27.23 -38.42 -17.80
CA MET C 86 -27.07 -37.02 -17.43
C MET C 86 -28.27 -36.20 -17.90
N ALA C 87 -28.76 -36.45 -19.11
CA ALA C 87 -29.94 -35.74 -19.60
C ALA C 87 -31.16 -36.05 -18.75
N LEU C 88 -31.33 -37.32 -18.36
CA LEU C 88 -32.47 -37.69 -17.55
C LEU C 88 -32.42 -37.02 -16.18
N THR C 89 -31.22 -36.94 -15.59
CA THR C 89 -31.07 -36.37 -14.26
C THR C 89 -31.11 -34.84 -14.26
N GLY C 90 -31.15 -34.20 -15.43
CA GLY C 90 -31.25 -32.76 -15.53
C GLY C 90 -30.04 -32.06 -16.09
N GLY C 91 -28.99 -32.80 -16.43
CA GLY C 91 -27.79 -32.20 -17.01
C GLY C 91 -27.66 -32.50 -18.50
N ILE C 92 -26.44 -32.69 -18.95
CA ILE C 92 -26.18 -33.02 -20.35
C ILE C 92 -24.78 -33.64 -20.43
N GLY C 93 -24.55 -34.40 -21.50
CA GLY C 93 -23.26 -35.00 -21.72
C GLY C 93 -22.78 -34.76 -23.13
N PHE C 94 -21.45 -34.67 -23.27
CA PHE C 94 -20.80 -34.45 -24.56
C PHE C 94 -20.07 -35.72 -24.95
N ILE C 95 -20.43 -36.27 -26.12
CA ILE C 95 -19.81 -37.49 -26.60
C ILE C 95 -18.37 -37.20 -27.03
N HIS C 96 -17.44 -38.03 -26.59
CA HIS C 96 -16.05 -37.87 -26.95
C HIS C 96 -15.84 -38.19 -28.43
N HIS C 97 -14.70 -37.74 -28.96
CA HIS C 97 -14.39 -37.89 -30.38
C HIS C 97 -13.10 -38.68 -30.62
N ASN C 98 -12.62 -39.42 -29.62
CA ASN C 98 -11.50 -40.33 -29.81
C ASN C 98 -12.02 -41.66 -30.37
N CYS C 99 -12.60 -41.57 -31.55
CA CYS C 99 -13.25 -42.70 -32.22
C CYS C 99 -13.53 -42.29 -33.65
N THR C 100 -14.07 -43.22 -34.43
CA THR C 100 -14.46 -42.90 -35.79
C THR C 100 -15.67 -41.98 -35.78
N PRO C 101 -15.81 -41.13 -36.80
CA PRO C 101 -17.00 -40.26 -36.85
C PRO C 101 -18.30 -41.05 -36.84
N GLU C 102 -18.33 -42.21 -37.51
CA GLU C 102 -19.54 -43.00 -37.56
C GLU C 102 -19.94 -43.50 -36.18
N PHE C 103 -18.96 -43.93 -35.37
CA PHE C 103 -19.25 -44.40 -34.02
C PHE C 103 -19.84 -43.27 -33.17
N GLN C 104 -19.25 -42.07 -33.24
CA GLN C 104 -19.78 -40.94 -32.49
C GLN C 104 -21.18 -40.57 -32.94
N ALA C 105 -21.42 -40.58 -34.25
CA ALA C 105 -22.75 -40.29 -34.76
C ALA C 105 -23.76 -41.32 -34.29
N ASN C 106 -23.35 -42.59 -34.25
CA ASN C 106 -24.24 -43.64 -33.76
C ASN C 106 -24.57 -43.45 -32.28
N GLU C 107 -23.58 -43.06 -31.49
CA GLU C 107 -23.86 -42.78 -30.08
C GLU C 107 -24.83 -41.61 -29.94
N VAL C 108 -24.63 -40.56 -30.73
CA VAL C 108 -25.55 -39.42 -30.68
C VAL C 108 -26.95 -39.86 -31.07
N ARG C 109 -27.07 -40.69 -32.11
CA ARG C 109 -28.38 -41.19 -32.49
C ARG C 109 -29.02 -42.00 -31.37
N LYS C 110 -28.24 -42.86 -30.71
CA LYS C 110 -28.76 -43.62 -29.59
C LYS C 110 -29.31 -42.68 -28.52
N VAL C 111 -28.59 -41.61 -28.22
CA VAL C 111 -29.08 -40.65 -27.23
C VAL C 111 -30.38 -40.01 -27.70
N LYS C 112 -30.44 -39.62 -28.98
CA LYS C 112 -31.61 -38.88 -29.47
C LYS C 112 -32.85 -39.75 -29.55
N LYS C 113 -32.69 -41.03 -29.87
CA LYS C 113 -33.83 -41.93 -30.05
C LYS C 113 -34.21 -42.67 -28.76
N TYR C 114 -33.60 -42.34 -27.64
CA TYR C 114 -33.96 -42.99 -26.39
C TYR C 114 -35.40 -42.67 -26.00
N GLU C 115 -36.12 -43.67 -25.53
CA GLU C 115 -37.50 -43.51 -25.10
C GLU C 115 -37.78 -44.33 -23.85
N ASP C 236 -40.14 -41.74 -13.09
CA ASP C 236 -40.36 -40.42 -13.65
C ASP C 236 -39.09 -39.57 -13.58
N TYR C 237 -38.89 -38.72 -14.59
CA TYR C 237 -37.71 -37.85 -14.67
C TYR C 237 -38.19 -36.42 -14.94
N PRO C 238 -38.74 -35.75 -13.93
CA PRO C 238 -39.27 -34.40 -14.16
C PRO C 238 -38.23 -33.40 -14.65
N LEU C 239 -36.97 -33.57 -14.26
CA LEU C 239 -35.91 -32.64 -14.63
C LEU C 239 -35.27 -32.96 -15.96
N ALA C 240 -35.78 -33.95 -16.69
CA ALA C 240 -35.13 -34.41 -17.91
C ALA C 240 -34.91 -33.25 -18.89
N SER C 241 -33.72 -33.22 -19.47
CA SER C 241 -33.36 -32.19 -20.45
C SER C 241 -33.75 -32.67 -21.84
N LYS C 242 -34.69 -31.96 -22.46
CA LYS C 242 -35.24 -32.35 -23.75
C LYS C 242 -35.29 -31.16 -24.69
N ASP C 243 -35.32 -31.46 -25.98
CA ASP C 243 -35.41 -30.44 -27.01
C ASP C 243 -36.88 -30.14 -27.30
N ALA C 244 -37.15 -29.36 -28.35
CA ALA C 244 -38.52 -29.00 -28.69
C ALA C 244 -39.36 -30.21 -29.08
N LYS C 245 -38.72 -31.29 -29.53
CA LYS C 245 -39.43 -32.50 -29.93
C LYS C 245 -39.49 -33.54 -28.81
N LYS C 246 -39.22 -33.13 -27.57
CA LYS C 246 -39.26 -34.03 -26.42
C LYS C 246 -38.20 -35.14 -26.55
N GLN C 247 -37.12 -34.85 -27.26
CA GLN C 247 -36.00 -35.77 -27.39
C GLN C 247 -34.86 -35.30 -26.48
N LEU C 248 -34.19 -36.25 -25.85
CA LEU C 248 -33.13 -35.92 -24.91
C LEU C 248 -32.04 -35.11 -25.59
N LEU C 249 -31.58 -34.06 -24.91
CA LEU C 249 -30.48 -33.24 -25.42
C LEU C 249 -29.18 -34.04 -25.42
N CYS C 250 -28.35 -33.78 -26.43
CA CYS C 250 -27.06 -34.44 -26.55
C CYS C 250 -26.04 -33.46 -27.11
N GLY C 251 -24.82 -33.54 -26.58
CA GLY C 251 -23.70 -32.76 -27.08
C GLY C 251 -22.61 -33.67 -27.61
N ALA C 252 -21.68 -33.06 -28.35
CA ALA C 252 -20.56 -33.79 -28.93
C ALA C 252 -19.37 -32.86 -29.05
N ALA C 253 -18.19 -33.46 -29.13
CA ALA C 253 -16.93 -32.72 -29.26
C ALA C 253 -16.31 -32.98 -30.62
N ILE C 254 -15.68 -31.95 -31.19
CA ILE C 254 -14.94 -32.06 -32.42
C ILE C 254 -13.63 -31.28 -32.29
N GLY C 255 -12.67 -31.62 -33.16
CA GLY C 255 -11.41 -30.92 -33.20
C GLY C 255 -11.43 -29.74 -34.15
N THR C 256 -10.26 -29.11 -34.30
CA THR C 256 -10.08 -27.95 -35.15
C THR C 256 -9.34 -28.29 -36.44
N HIS C 257 -9.29 -29.56 -36.81
CA HIS C 257 -8.59 -30.01 -38.00
C HIS C 257 -9.57 -30.16 -39.17
N GLU C 258 -8.99 -30.34 -40.36
CA GLU C 258 -9.81 -30.38 -41.58
C GLU C 258 -10.77 -31.57 -41.55
N ASP C 259 -10.30 -32.73 -41.09
CA ASP C 259 -11.17 -33.92 -41.08
C ASP C 259 -12.38 -33.71 -40.20
N ASP C 260 -12.23 -32.97 -39.10
CA ASP C 260 -13.34 -32.81 -38.16
C ASP C 260 -14.59 -32.28 -38.85
N LYS C 261 -14.42 -31.47 -39.90
CA LYS C 261 -15.57 -30.96 -40.62
C LYS C 261 -16.50 -32.10 -41.03
N TYR C 262 -15.94 -33.12 -41.69
CA TYR C 262 -16.75 -34.28 -42.05
C TYR C 262 -17.43 -34.85 -40.81
N ARG C 263 -16.66 -35.05 -39.74
CA ARG C 263 -17.24 -35.53 -38.49
C ARG C 263 -18.44 -34.67 -38.10
N LEU C 264 -18.24 -33.35 -38.10
CA LEU C 264 -19.34 -32.46 -37.73
C LEU C 264 -20.58 -32.76 -38.55
N ASP C 265 -20.42 -32.91 -39.87
CA ASP C 265 -21.56 -33.18 -40.72
C ASP C 265 -22.36 -34.36 -40.19
N LEU C 266 -21.68 -35.48 -39.90
CA LEU C 266 -22.38 -36.65 -39.39
C LEU C 266 -23.08 -36.31 -38.09
N LEU C 267 -22.39 -35.62 -37.19
CA LEU C 267 -23.02 -35.23 -35.92
C LEU C 267 -24.25 -34.35 -36.19
N ALA C 268 -24.17 -33.50 -37.21
CA ALA C 268 -25.34 -32.69 -37.56
C ALA C 268 -26.47 -33.58 -38.06
N GLN C 269 -26.14 -34.62 -38.84
CA GLN C 269 -27.18 -35.50 -39.37
C GLN C 269 -27.80 -36.38 -38.28
N ALA C 270 -27.08 -36.61 -37.18
CA ALA C 270 -27.59 -37.41 -36.08
C ALA C 270 -28.46 -36.63 -35.11
N GLY C 271 -28.56 -35.31 -35.27
CA GLY C 271 -29.41 -34.51 -34.42
C GLY C 271 -28.75 -33.90 -33.21
N VAL C 272 -27.42 -33.78 -33.21
CA VAL C 272 -26.73 -33.19 -32.07
C VAL C 272 -27.21 -31.76 -31.86
N ASP C 273 -27.40 -31.38 -30.60
CA ASP C 273 -27.93 -30.06 -30.27
C ASP C 273 -26.85 -29.02 -30.03
N VAL C 274 -25.65 -29.44 -29.64
CA VAL C 274 -24.56 -28.52 -29.33
C VAL C 274 -23.24 -29.23 -29.55
N VAL C 275 -22.25 -28.48 -30.02
CA VAL C 275 -20.92 -29.01 -30.28
C VAL C 275 -19.89 -28.15 -29.56
N VAL C 276 -18.90 -28.81 -28.96
CA VAL C 276 -17.82 -28.14 -28.26
C VAL C 276 -16.52 -28.40 -29.01
N LEU C 277 -15.76 -27.35 -29.28
CA LEU C 277 -14.46 -27.48 -29.92
C LEU C 277 -13.42 -27.84 -28.87
N ASP C 278 -12.89 -29.05 -28.96
CA ASP C 278 -12.02 -29.60 -27.92
C ASP C 278 -10.57 -29.22 -28.22
N SER C 279 -9.95 -28.51 -27.29
CA SER C 279 -8.55 -28.12 -27.43
C SER C 279 -8.04 -27.61 -26.09
N SER C 280 -6.79 -27.95 -25.77
CA SER C 280 -6.18 -27.45 -24.53
C SER C 280 -5.98 -25.93 -24.59
N GLN C 281 -5.79 -25.38 -25.78
CA GLN C 281 -5.56 -23.95 -25.98
C GLN C 281 -6.45 -23.51 -27.14
N GLY C 282 -7.63 -22.97 -26.82
CA GLY C 282 -8.63 -22.66 -27.82
C GLY C 282 -8.47 -21.33 -28.54
N ASN C 283 -7.54 -20.49 -28.10
CA ASN C 283 -7.33 -19.19 -28.73
C ASN C 283 -6.34 -19.37 -29.89
N SER C 284 -6.85 -19.94 -30.97
CA SER C 284 -6.05 -20.23 -32.14
C SER C 284 -6.82 -19.82 -33.40
N ILE C 285 -6.07 -19.52 -34.46
CA ILE C 285 -6.69 -19.19 -35.73
C ILE C 285 -7.51 -20.36 -36.25
N PHE C 286 -7.06 -21.58 -36.00
CA PHE C 286 -7.80 -22.76 -36.45
C PHE C 286 -9.18 -22.83 -35.81
N GLN C 287 -9.25 -22.59 -34.50
CA GLN C 287 -10.54 -22.64 -33.81
C GLN C 287 -11.47 -21.52 -34.27
N ILE C 288 -10.92 -20.32 -34.49
CA ILE C 288 -11.74 -19.21 -34.97
C ILE C 288 -12.30 -19.52 -36.35
N ASN C 289 -11.45 -20.06 -37.23
CA ASN C 289 -11.90 -20.44 -38.56
C ASN C 289 -12.99 -21.50 -38.50
N MET C 290 -12.82 -22.50 -37.62
CA MET C 290 -13.84 -23.54 -37.49
C MET C 290 -15.14 -22.96 -36.94
N ILE C 291 -15.06 -22.03 -36.00
CA ILE C 291 -16.26 -21.40 -35.47
C ILE C 291 -17.01 -20.67 -36.58
N LYS C 292 -16.28 -19.89 -37.37
CA LYS C 292 -16.92 -19.17 -38.47
C LYS C 292 -17.53 -20.13 -39.48
N TYR C 293 -16.81 -21.21 -39.80
CA TYR C 293 -17.33 -22.20 -40.73
C TYR C 293 -18.63 -22.83 -40.21
N ILE C 294 -18.65 -23.18 -38.93
CA ILE C 294 -19.84 -23.79 -38.34
C ILE C 294 -21.01 -22.81 -38.38
N LYS C 295 -20.75 -21.55 -37.98
CA LYS C 295 -21.82 -20.57 -37.97
C LYS C 295 -22.35 -20.30 -39.37
N ASP C 296 -21.48 -20.36 -40.38
CA ASP C 296 -21.95 -20.14 -41.75
C ASP C 296 -22.76 -21.33 -42.25
N LYS C 297 -22.28 -22.56 -42.00
CA LYS C 297 -22.94 -23.74 -42.54
C LYS C 297 -24.10 -24.20 -41.65
N TYR C 298 -23.99 -24.02 -40.34
CA TYR C 298 -25.00 -24.46 -39.38
C TYR C 298 -25.36 -23.29 -38.47
N PRO C 299 -26.12 -22.32 -38.98
CA PRO C 299 -26.43 -21.13 -38.18
C PRO C 299 -27.16 -21.44 -36.89
N ASN C 300 -27.98 -22.49 -36.86
CA ASN C 300 -28.80 -22.81 -35.70
C ASN C 300 -28.12 -23.78 -34.73
N LEU C 301 -26.87 -24.17 -35.00
CA LEU C 301 -26.15 -25.09 -34.14
C LEU C 301 -25.35 -24.30 -33.11
N GLN C 302 -25.60 -24.56 -31.83
CA GLN C 302 -24.86 -23.89 -30.77
C GLN C 302 -23.44 -24.43 -30.70
N VAL C 303 -22.48 -23.52 -30.53
CA VAL C 303 -21.05 -23.85 -30.55
C VAL C 303 -20.42 -23.36 -29.25
N ILE C 304 -19.63 -24.22 -28.63
CA ILE C 304 -18.91 -23.90 -27.40
C ILE C 304 -17.43 -23.85 -27.71
N GLY C 305 -16.77 -22.76 -27.32
CA GLY C 305 -15.36 -22.57 -27.55
C GLY C 305 -14.53 -22.77 -26.29
N GLY C 306 -13.27 -23.10 -26.49
CA GLY C 306 -12.36 -23.32 -25.38
C GLY C 306 -11.23 -24.24 -25.80
N ASN C 307 -10.34 -24.52 -24.85
CA ASN C 307 -10.39 -23.98 -23.49
C ASN C 307 -9.63 -22.66 -23.39
N VAL C 308 -10.09 -21.79 -22.48
CA VAL C 308 -9.48 -20.48 -22.26
C VAL C 308 -9.42 -20.21 -20.76
N VAL C 309 -8.46 -19.38 -20.35
CA VAL C 309 -8.30 -19.03 -18.95
C VAL C 309 -8.11 -17.53 -18.76
N THR C 310 -8.01 -16.78 -19.85
CA THR C 310 -7.77 -15.35 -19.79
C THR C 310 -8.87 -14.60 -20.55
N ALA C 311 -8.96 -13.29 -20.26
CA ALA C 311 -9.99 -12.47 -20.87
C ALA C 311 -9.70 -12.17 -22.34
N ALA C 312 -8.43 -12.16 -22.73
CA ALA C 312 -8.09 -11.91 -24.14
C ALA C 312 -8.56 -13.06 -25.03
N GLN C 313 -8.31 -14.30 -24.60
CA GLN C 313 -8.80 -15.46 -25.34
C GLN C 313 -10.32 -15.43 -25.42
N ALA C 314 -10.98 -15.09 -24.32
CA ALA C 314 -12.43 -15.01 -24.31
C ALA C 314 -12.92 -13.94 -25.28
N LYS C 315 -12.24 -12.80 -25.32
CA LYS C 315 -12.61 -11.75 -26.27
C LYS C 315 -12.51 -12.25 -27.69
N ASN C 316 -11.40 -12.92 -28.03
CA ASN C 316 -11.22 -13.41 -29.38
C ASN C 316 -12.33 -14.38 -29.76
N LEU C 317 -12.62 -15.34 -28.87
CA LEU C 317 -13.62 -16.36 -29.20
C LEU C 317 -15.02 -15.78 -29.24
N ILE C 318 -15.33 -14.82 -28.37
CA ILE C 318 -16.64 -14.18 -28.40
C ILE C 318 -16.82 -13.37 -29.67
N ASP C 319 -15.78 -12.65 -30.08
CA ASP C 319 -15.83 -11.94 -31.35
C ASP C 319 -16.02 -12.92 -32.51
N ALA C 320 -15.43 -14.11 -32.40
CA ALA C 320 -15.64 -15.12 -33.43
C ALA C 320 -17.11 -15.54 -33.52
N GLY C 321 -17.83 -15.52 -32.39
CA GLY C 321 -19.25 -15.80 -32.40
C GLY C 321 -19.66 -17.03 -31.64
N VAL C 322 -18.90 -17.39 -30.59
CA VAL C 322 -19.26 -18.57 -29.80
C VAL C 322 -20.49 -18.28 -28.95
N ASP C 323 -21.19 -19.34 -28.57
CA ASP C 323 -22.38 -19.25 -27.73
C ASP C 323 -22.10 -19.57 -26.26
N ALA C 324 -20.92 -20.07 -25.94
CA ALA C 324 -20.51 -20.34 -24.57
C ALA C 324 -19.01 -20.58 -24.56
N LEU C 325 -18.41 -20.49 -23.38
CA LEU C 325 -16.99 -20.69 -23.21
C LEU C 325 -16.72 -21.84 -22.25
N ARG C 326 -15.63 -22.55 -22.49
CA ARG C 326 -15.16 -23.65 -21.65
C ARG C 326 -13.86 -23.20 -21.00
N VAL C 327 -13.85 -23.10 -19.67
CA VAL C 327 -12.78 -22.44 -18.94
C VAL C 327 -12.03 -23.47 -18.11
N GLY C 328 -10.73 -23.57 -18.34
CA GLY C 328 -9.86 -24.44 -17.57
C GLY C 328 -8.63 -24.89 -18.35
N MET C 329 -7.47 -24.86 -17.70
CA MET C 329 -6.24 -25.34 -18.33
C MET C 329 -5.24 -25.62 -17.22
N GLY C 330 -4.84 -26.89 -17.08
CA GLY C 330 -3.88 -27.30 -16.08
C GLY C 330 -4.50 -27.81 -14.79
N SER C 331 -5.81 -27.65 -14.61
CA SER C 331 -6.47 -28.04 -13.37
C SER C 331 -7.03 -29.45 -13.39
N GLY C 332 -6.97 -30.14 -14.54
CA GLY C 332 -7.56 -31.46 -14.61
C GLY C 332 -6.83 -32.45 -13.71
N SER C 333 -7.60 -33.42 -13.20
CA SER C 333 -7.02 -34.44 -12.34
C SER C 333 -5.96 -35.25 -13.06
N ILE C 334 -6.12 -35.46 -14.35
CA ILE C 334 -5.20 -36.27 -15.15
C ILE C 334 -4.35 -35.39 -16.06
N CYS C 335 -4.16 -34.12 -15.70
CA CYS C 335 -3.47 -33.16 -16.54
C CYS C 335 -2.10 -32.83 -15.96
N ILE C 336 -1.09 -32.81 -16.83
CA ILE C 336 0.27 -32.46 -16.43
C ILE C 336 0.79 -31.35 -17.34
N THR C 337 -0.13 -30.58 -17.94
CA THR C 337 0.27 -29.53 -18.86
C THR C 337 1.10 -28.47 -18.15
N GLN C 338 0.79 -28.16 -16.90
CA GLN C 338 1.49 -27.09 -16.21
C GLN C 338 2.97 -27.42 -16.03
N GLU C 339 3.29 -28.65 -15.67
CA GLU C 339 4.68 -29.02 -15.44
C GLU C 339 5.45 -29.34 -16.72
N VAL C 340 4.74 -29.55 -17.83
CA VAL C 340 5.40 -29.89 -19.09
C VAL C 340 5.62 -28.65 -19.96
N LEU C 341 4.61 -27.78 -20.05
CA LEU C 341 4.66 -26.60 -20.91
C LEU C 341 4.70 -25.29 -20.13
N ALA C 342 4.56 -25.33 -18.80
CA ALA C 342 4.61 -24.14 -17.96
C ALA C 342 3.47 -23.17 -18.25
N CYS C 343 2.38 -23.66 -18.83
CA CYS C 343 1.25 -22.82 -19.23
C CYS C 343 0.00 -23.28 -18.51
N GLY C 344 -0.74 -22.33 -17.95
CA GLY C 344 -1.97 -22.65 -17.26
C GLY C 344 -2.42 -21.49 -16.39
N ARG C 345 -3.37 -21.78 -15.50
CA ARG C 345 -3.86 -20.79 -14.55
C ARG C 345 -4.61 -21.49 -13.44
N PRO C 346 -4.56 -20.97 -12.21
CA PRO C 346 -5.42 -21.53 -11.15
C PRO C 346 -6.89 -21.44 -11.56
N GLN C 347 -7.65 -22.49 -11.20
CA GLN C 347 -8.98 -22.67 -11.76
C GLN C 347 -9.94 -21.58 -11.29
N ALA C 348 -9.96 -21.28 -9.99
CA ALA C 348 -10.93 -20.33 -9.47
C ALA C 348 -10.74 -18.96 -10.09
N THR C 349 -9.49 -18.48 -10.15
CA THR C 349 -9.21 -17.17 -10.72
C THR C 349 -9.59 -17.12 -12.20
N ALA C 350 -9.26 -18.17 -12.94
CA ALA C 350 -9.62 -18.21 -14.35
C ALA C 350 -11.12 -18.15 -14.53
N VAL C 351 -11.86 -18.94 -13.74
CA VAL C 351 -13.31 -18.93 -13.82
C VAL C 351 -13.84 -17.53 -13.55
N TYR C 352 -13.37 -16.90 -12.47
CA TYR C 352 -13.87 -15.58 -12.13
C TYR C 352 -13.61 -14.58 -13.24
N LYS C 353 -12.37 -14.51 -13.73
CA LYS C 353 -12.01 -13.51 -14.72
C LYS C 353 -12.77 -13.73 -16.03
N VAL C 354 -12.77 -14.97 -16.53
CA VAL C 354 -13.43 -15.24 -17.80
C VAL C 354 -14.93 -15.01 -17.69
N SER C 355 -15.54 -15.42 -16.58
CA SER C 355 -16.96 -15.19 -16.40
C SER C 355 -17.28 -13.70 -16.33
N GLU C 356 -16.45 -12.93 -15.64
CA GLU C 356 -16.68 -11.49 -15.54
C GLU C 356 -16.62 -10.84 -16.91
N TYR C 357 -15.65 -11.23 -17.74
CA TYR C 357 -15.60 -10.67 -19.08
C TYR C 357 -16.78 -11.13 -19.93
N ALA C 358 -17.11 -12.42 -19.88
CA ALA C 358 -18.14 -12.97 -20.75
C ALA C 358 -19.52 -12.44 -20.40
N ARG C 359 -19.77 -12.14 -19.12
CA ARG C 359 -21.07 -11.63 -18.71
C ARG C 359 -21.40 -10.32 -19.41
N ARG C 360 -20.38 -9.56 -19.83
CA ARG C 360 -20.62 -8.32 -20.54
C ARG C 360 -21.33 -8.55 -21.87
N PHE C 361 -21.21 -9.74 -22.45
CA PHE C 361 -21.81 -10.05 -23.73
C PHE C 361 -22.83 -11.19 -23.66
N GLY C 362 -23.26 -11.57 -22.45
CA GLY C 362 -24.24 -12.62 -22.30
C GLY C 362 -23.78 -13.98 -22.76
N VAL C 363 -22.54 -14.33 -22.49
CA VAL C 363 -21.95 -15.60 -22.89
C VAL C 363 -21.71 -16.43 -21.64
N PRO C 364 -22.34 -17.60 -21.49
CA PRO C 364 -22.15 -18.41 -20.29
C PRO C 364 -20.82 -19.14 -20.28
N VAL C 365 -20.46 -19.64 -19.10
CA VAL C 365 -19.16 -20.25 -18.85
C VAL C 365 -19.37 -21.64 -18.26
N ILE C 366 -18.55 -22.59 -18.72
CA ILE C 366 -18.49 -23.95 -18.20
C ILE C 366 -17.14 -24.11 -17.50
N ALA C 367 -17.17 -24.18 -16.17
CA ALA C 367 -15.95 -24.43 -15.41
C ALA C 367 -15.57 -25.90 -15.56
N ASP C 368 -14.41 -26.17 -16.14
CA ASP C 368 -13.97 -27.51 -16.47
C ASP C 368 -12.65 -27.79 -15.77
N GLY C 369 -12.62 -28.83 -14.95
CA GLY C 369 -11.40 -29.28 -14.32
C GLY C 369 -11.31 -28.83 -12.88
N GLY C 370 -10.67 -29.68 -12.06
CA GLY C 370 -10.41 -29.35 -10.67
C GLY C 370 -11.56 -29.58 -9.72
N ILE C 371 -12.66 -30.18 -10.18
CA ILE C 371 -13.80 -30.43 -9.32
C ILE C 371 -13.59 -31.75 -8.60
N GLN C 372 -13.63 -31.71 -7.26
CA GLN C 372 -13.48 -32.91 -6.44
C GLN C 372 -14.65 -33.15 -5.51
N ASN C 373 -15.47 -32.16 -5.24
CA ASN C 373 -16.58 -32.30 -4.30
C ASN C 373 -17.64 -31.26 -4.61
N VAL C 374 -18.77 -31.36 -3.91
CA VAL C 374 -19.87 -30.43 -4.13
C VAL C 374 -19.45 -29.00 -3.82
N GLY C 375 -18.61 -28.83 -2.80
CA GLY C 375 -18.16 -27.49 -2.45
C GLY C 375 -17.47 -26.79 -3.61
N HIS C 376 -16.67 -27.55 -4.37
CA HIS C 376 -16.02 -26.97 -5.55
C HIS C 376 -17.05 -26.53 -6.58
N ILE C 377 -18.10 -27.33 -6.78
CA ILE C 377 -19.15 -26.95 -7.73
C ILE C 377 -19.81 -25.65 -7.29
N ALA C 378 -20.14 -25.56 -6.00
CA ALA C 378 -20.79 -24.36 -5.49
C ALA C 378 -19.87 -23.15 -5.63
N LYS C 379 -18.59 -23.31 -5.33
CA LYS C 379 -17.65 -22.20 -5.47
C LYS C 379 -17.53 -21.75 -6.92
N ALA C 380 -17.44 -22.72 -7.84
CA ALA C 380 -17.34 -22.36 -9.26
C ALA C 380 -18.58 -21.61 -9.73
N LEU C 381 -19.77 -22.07 -9.32
CA LEU C 381 -20.98 -21.36 -9.70
C LEU C 381 -21.04 -19.97 -9.08
N ALA C 382 -20.59 -19.83 -7.84
CA ALA C 382 -20.66 -18.54 -7.17
C ALA C 382 -19.70 -17.53 -7.79
N LEU C 383 -18.61 -17.99 -8.42
CA LEU C 383 -17.61 -17.09 -8.99
C LEU C 383 -17.97 -16.62 -10.40
N GLY C 384 -19.08 -17.10 -10.97
CA GLY C 384 -19.54 -16.60 -12.25
C GLY C 384 -19.89 -17.68 -13.24
N ALA C 385 -19.43 -18.91 -13.00
CA ALA C 385 -19.70 -20.00 -13.94
C ALA C 385 -21.19 -20.32 -13.98
N SER C 386 -21.69 -20.59 -15.18
CA SER C 386 -23.07 -21.01 -15.36
C SER C 386 -23.23 -22.52 -15.31
N THR C 387 -22.19 -23.27 -15.67
CA THR C 387 -22.24 -24.72 -15.59
C THR C 387 -20.88 -25.24 -15.16
N VAL C 388 -20.87 -26.50 -14.72
CA VAL C 388 -19.66 -27.17 -14.25
C VAL C 388 -19.56 -28.51 -14.94
N MET C 389 -18.37 -28.82 -15.47
CA MET C 389 -18.13 -30.08 -16.17
C MET C 389 -17.10 -30.89 -15.39
N MET C 390 -17.39 -32.16 -15.18
CA MET C 390 -16.57 -33.03 -14.33
C MET C 390 -16.20 -34.29 -15.10
N GLY C 391 -14.92 -34.63 -15.08
CA GLY C 391 -14.45 -35.89 -15.63
C GLY C 391 -14.20 -36.96 -14.59
N SER C 392 -13.43 -36.61 -13.55
CA SER C 392 -13.06 -37.60 -12.54
C SER C 392 -14.21 -37.92 -11.61
N LEU C 393 -14.98 -36.90 -11.21
CA LEU C 393 -16.07 -37.14 -10.25
C LEU C 393 -17.10 -38.11 -10.82
N LEU C 394 -17.36 -38.04 -12.12
CA LEU C 394 -18.27 -38.98 -12.77
C LEU C 394 -17.57 -40.24 -13.25
N ALA C 395 -16.25 -40.29 -13.17
CA ALA C 395 -15.52 -41.49 -13.56
C ALA C 395 -15.80 -42.62 -12.59
N ALA C 396 -15.69 -43.86 -13.09
CA ALA C 396 -15.92 -45.08 -12.34
C ALA C 396 -17.40 -45.29 -12.00
N THR C 397 -18.29 -44.47 -12.54
CA THR C 397 -19.72 -44.71 -12.39
C THR C 397 -20.15 -45.86 -13.30
N THR C 398 -21.33 -46.40 -13.00
CA THR C 398 -21.82 -47.55 -13.76
C THR C 398 -22.01 -47.18 -15.23
N GLU C 399 -22.55 -45.99 -15.51
CA GLU C 399 -22.80 -45.57 -16.88
C GLU C 399 -21.53 -45.17 -17.63
N ALA C 400 -20.41 -45.02 -16.94
CA ALA C 400 -19.18 -44.65 -17.62
C ALA C 400 -18.68 -45.79 -18.51
N PRO C 401 -17.96 -45.47 -19.58
CA PRO C 401 -17.43 -46.54 -20.45
C PRO C 401 -16.40 -47.39 -19.72
N GLY C 402 -16.27 -48.62 -20.20
CA GLY C 402 -15.32 -49.56 -19.65
C GLY C 402 -15.96 -50.49 -18.62
N GLU C 403 -15.16 -51.46 -18.19
CA GLU C 403 -15.60 -52.48 -17.25
C GLU C 403 -14.79 -52.37 -15.96
N TYR C 404 -15.45 -52.68 -14.84
CA TYR C 404 -14.80 -52.65 -13.55
C TYR C 404 -13.76 -53.76 -13.44
N PHE C 405 -12.74 -53.51 -12.64
CA PHE C 405 -11.73 -54.53 -12.30
C PHE C 405 -11.42 -54.39 -10.82
N PHE C 406 -10.61 -55.32 -10.31
CA PHE C 406 -10.29 -55.38 -8.90
C PHE C 406 -8.78 -55.31 -8.70
N SER C 407 -8.37 -54.53 -7.70
CA SER C 407 -6.97 -54.41 -7.32
C SER C 407 -6.88 -54.30 -5.81
N ASP C 408 -6.26 -55.29 -5.17
CA ASP C 408 -6.09 -55.31 -3.72
C ASP C 408 -7.44 -55.18 -3.02
N GLY C 409 -8.47 -55.81 -3.58
CA GLY C 409 -9.79 -55.78 -3.01
C GLY C 409 -10.57 -54.51 -3.27
N ILE C 410 -10.06 -53.61 -4.09
CA ILE C 410 -10.71 -52.34 -4.40
C ILE C 410 -11.23 -52.42 -5.83
N ARG C 411 -12.50 -52.05 -6.01
CA ARG C 411 -13.14 -52.03 -7.32
C ARG C 411 -12.82 -50.71 -8.00
N LEU C 412 -12.23 -50.77 -9.19
CA LEU C 412 -11.76 -49.57 -9.88
C LEU C 412 -12.15 -49.63 -11.36
N LYS C 413 -12.19 -48.47 -11.97
CA LYS C 413 -12.40 -48.33 -13.41
C LYS C 413 -11.37 -47.37 -13.98
N LYS C 414 -10.97 -47.63 -15.22
CA LYS C 414 -9.92 -46.83 -15.85
C LYS C 414 -10.37 -45.40 -16.09
N TYR C 415 -9.43 -44.47 -15.98
CA TYR C 415 -9.67 -43.06 -16.25
C TYR C 415 -8.36 -42.45 -16.72
N ARG C 416 -8.37 -41.84 -17.91
CA ARG C 416 -7.14 -41.34 -18.51
C ARG C 416 -7.42 -40.02 -19.22
N GLY C 417 -6.40 -39.17 -19.26
CA GLY C 417 -6.49 -37.96 -20.04
C GLY C 417 -6.43 -38.22 -21.53
N MET C 418 -7.16 -37.41 -22.29
CA MET C 418 -7.19 -37.57 -23.74
C MET C 418 -5.85 -37.28 -24.37
N GLY C 419 -4.96 -36.57 -23.66
CA GLY C 419 -3.62 -36.31 -24.13
C GLY C 419 -2.58 -37.30 -23.67
N SER C 420 -2.97 -38.34 -22.94
CA SER C 420 -2.02 -39.35 -22.49
C SER C 420 -1.64 -40.28 -23.64
N LEU C 421 -0.43 -40.84 -23.54
CA LEU C 421 0.07 -41.69 -24.62
C LEU C 421 -0.90 -42.82 -24.94
N ASP C 422 -1.51 -43.41 -23.91
CA ASP C 422 -2.47 -44.48 -24.14
C ASP C 422 -3.65 -44.00 -24.98
N ALA C 423 -4.16 -42.80 -24.68
CA ALA C 423 -5.31 -42.28 -25.42
C ALA C 423 -4.98 -42.07 -26.89
N MET C 424 -3.80 -41.51 -27.18
CA MET C 424 -3.41 -41.23 -28.56
C MET C 424 -2.82 -42.45 -29.27
N ASP C 425 -2.63 -43.56 -28.57
CA ASP C 425 -2.11 -44.77 -29.19
C ASP C 425 -3.25 -45.76 -29.48
N ILE C 441 7.92 -36.93 -32.58
CA ILE C 441 7.89 -37.09 -31.13
C ILE C 441 6.54 -36.64 -30.60
N LYS C 442 6.02 -37.35 -29.61
CA LYS C 442 4.73 -37.05 -28.99
C LYS C 442 4.97 -36.52 -27.59
N VAL C 443 4.47 -35.33 -27.31
CA VAL C 443 4.60 -34.70 -26.00
C VAL C 443 3.31 -34.97 -25.24
N ALA C 444 3.38 -35.89 -24.27
CA ALA C 444 2.20 -36.23 -23.49
C ALA C 444 1.80 -35.07 -22.58
N GLN C 445 0.49 -34.81 -22.52
CA GLN C 445 -0.05 -33.76 -21.67
C GLN C 445 -0.98 -34.31 -20.59
N GLY C 446 -1.07 -35.63 -20.45
CA GLY C 446 -1.94 -36.23 -19.46
C GLY C 446 -1.43 -37.58 -19.03
N VAL C 447 -2.09 -38.14 -18.01
CA VAL C 447 -1.72 -39.43 -17.45
C VAL C 447 -2.94 -40.35 -17.49
N SER C 448 -2.69 -41.64 -17.22
CA SER C 448 -3.72 -42.66 -17.18
C SER C 448 -3.65 -43.40 -15.85
N GLY C 449 -4.81 -43.74 -15.31
CA GLY C 449 -4.87 -44.40 -14.03
C GLY C 449 -6.24 -45.00 -13.79
N ALA C 450 -6.61 -45.13 -12.52
CA ALA C 450 -7.86 -45.76 -12.15
C ALA C 450 -8.55 -44.93 -11.07
N VAL C 451 -9.87 -45.07 -11.00
CA VAL C 451 -10.70 -44.36 -10.03
C VAL C 451 -11.65 -45.37 -9.38
N GLN C 452 -11.89 -45.19 -8.09
CA GLN C 452 -12.72 -46.13 -7.34
C GLN C 452 -14.19 -45.99 -7.74
N ASP C 453 -14.92 -47.10 -7.60
CA ASP C 453 -16.33 -47.12 -7.98
C ASP C 453 -17.13 -46.13 -7.13
N LYS C 454 -18.10 -45.48 -7.77
CA LYS C 454 -18.98 -44.52 -7.11
C LYS C 454 -20.45 -44.88 -7.19
N GLY C 455 -20.81 -45.91 -7.94
CA GLY C 455 -22.20 -46.29 -8.10
C GLY C 455 -22.81 -45.77 -9.39
N SER C 456 -24.13 -45.63 -9.37
CA SER C 456 -24.88 -45.19 -10.53
C SER C 456 -25.04 -43.67 -10.53
N ILE C 457 -25.14 -43.11 -11.73
CA ILE C 457 -25.36 -41.67 -11.86
C ILE C 457 -26.70 -41.28 -11.24
N HIS C 458 -27.70 -42.13 -11.39
CA HIS C 458 -29.05 -41.79 -10.94
C HIS C 458 -29.12 -41.59 -9.42
N LYS C 459 -28.13 -42.09 -8.67
CA LYS C 459 -28.05 -41.85 -7.24
C LYS C 459 -27.02 -40.79 -6.87
N PHE C 460 -25.92 -40.68 -7.64
CA PHE C 460 -24.89 -39.71 -7.32
C PHE C 460 -25.34 -38.29 -7.64
N VAL C 461 -25.96 -38.08 -8.81
CA VAL C 461 -26.35 -36.74 -9.22
C VAL C 461 -27.34 -36.13 -8.24
N PRO C 462 -28.37 -36.84 -7.77
CA PRO C 462 -29.27 -36.23 -6.76
C PRO C 462 -28.53 -35.75 -5.53
N TYR C 463 -27.50 -36.47 -5.08
CA TYR C 463 -26.72 -36.01 -3.94
C TYR C 463 -26.04 -34.69 -4.24
N LEU C 464 -25.46 -34.55 -5.43
CA LEU C 464 -24.85 -33.28 -5.82
C LEU C 464 -25.88 -32.16 -5.86
N ILE C 465 -27.07 -32.45 -6.37
CA ILE C 465 -28.13 -31.45 -6.43
C ILE C 465 -28.50 -31.00 -5.02
N ALA C 466 -28.67 -31.96 -4.11
CA ALA C 466 -29.03 -31.62 -2.73
C ALA C 466 -27.94 -30.79 -2.07
N GLY C 467 -26.67 -31.16 -2.29
CA GLY C 467 -25.58 -30.40 -1.70
C GLY C 467 -25.53 -28.98 -2.24
N ILE C 468 -25.73 -28.80 -3.55
CA ILE C 468 -25.74 -27.47 -4.13
C ILE C 468 -26.89 -26.65 -3.54
N GLN C 469 -28.07 -27.27 -3.40
CA GLN C 469 -29.20 -26.56 -2.82
C GLN C 469 -28.90 -26.13 -1.38
N HIS C 470 -28.29 -27.02 -0.60
CA HIS C 470 -27.99 -26.68 0.78
C HIS C 470 -26.94 -25.56 0.86
N SER C 471 -25.94 -25.59 -0.02
CA SER C 471 -24.97 -24.49 -0.06
C SER C 471 -25.65 -23.17 -0.40
N CYS C 472 -26.55 -23.19 -1.39
CA CYS C 472 -27.28 -21.98 -1.75
C CYS C 472 -28.09 -21.46 -0.57
N GLN C 473 -28.77 -22.37 0.14
CA GLN C 473 -29.53 -21.96 1.32
C GLN C 473 -28.61 -21.34 2.37
N ASP C 474 -27.46 -21.97 2.61
CA ASP C 474 -26.54 -21.46 3.62
C ASP C 474 -26.07 -20.05 3.28
N ILE C 475 -25.76 -19.80 2.00
CA ILE C 475 -25.34 -18.46 1.60
C ILE C 475 -26.51 -17.53 1.35
N GLY C 476 -27.74 -17.98 1.55
CA GLY C 476 -28.89 -17.10 1.50
C GLY C 476 -29.40 -16.77 0.12
N ALA C 477 -29.29 -17.69 -0.83
CA ALA C 477 -29.75 -17.48 -2.20
C ALA C 477 -30.76 -18.55 -2.56
N LYS C 478 -31.87 -18.14 -3.17
CA LYS C 478 -32.90 -19.06 -3.62
C LYS C 478 -32.65 -19.59 -5.02
N SER C 479 -31.62 -19.11 -5.71
CA SER C 479 -31.29 -19.60 -7.04
C SER C 479 -29.83 -19.28 -7.34
N LEU C 480 -29.27 -20.02 -8.29
CA LEU C 480 -27.89 -19.76 -8.72
C LEU C 480 -27.78 -18.39 -9.37
N THR C 481 -28.79 -17.99 -10.14
CA THR C 481 -28.82 -16.65 -10.69
C THR C 481 -28.71 -15.61 -9.59
N GLN C 482 -29.44 -15.81 -8.49
CA GLN C 482 -29.36 -14.90 -7.36
C GLN C 482 -27.96 -14.93 -6.74
N VAL C 483 -27.35 -16.12 -6.68
CA VAL C 483 -25.99 -16.21 -6.14
C VAL C 483 -25.04 -15.32 -6.95
N ARG C 484 -25.09 -15.45 -8.27
CA ARG C 484 -24.18 -14.67 -9.11
C ARG C 484 -24.51 -13.18 -9.05
N ALA C 485 -25.80 -12.83 -8.99
CA ALA C 485 -26.17 -11.43 -8.84
C ALA C 485 -25.62 -10.85 -7.54
N MET C 486 -25.75 -11.60 -6.45
CA MET C 486 -25.21 -11.14 -5.17
C MET C 486 -23.70 -10.98 -5.23
N MET C 487 -23.02 -11.94 -5.87
CA MET C 487 -21.56 -11.86 -5.95
C MET C 487 -21.12 -10.64 -6.76
N TYR C 488 -21.79 -10.38 -7.88
CA TYR C 488 -21.42 -9.23 -8.69
C TYR C 488 -21.80 -7.91 -8.03
N SER C 489 -22.84 -7.93 -7.19
CA SER C 489 -23.26 -6.72 -6.49
C SER C 489 -22.46 -6.47 -5.21
N GLY C 490 -21.63 -7.41 -4.79
CA GLY C 490 -20.86 -7.27 -3.57
C GLY C 490 -21.55 -7.73 -2.31
N GLU C 491 -22.83 -8.13 -2.39
CA GLU C 491 -23.52 -8.63 -1.21
C GLU C 491 -22.88 -9.92 -0.71
N LEU C 492 -22.55 -10.83 -1.61
CA LEU C 492 -21.90 -12.07 -1.21
C LEU C 492 -20.46 -11.80 -0.81
N LYS C 493 -20.03 -12.37 0.32
CA LYS C 493 -18.72 -12.13 0.88
C LYS C 493 -17.91 -13.41 0.93
N PHE C 494 -16.59 -13.26 0.83
CA PHE C 494 -15.66 -14.38 0.80
C PHE C 494 -14.55 -14.13 1.82
N GLU C 495 -13.84 -15.21 2.16
CA GLU C 495 -12.69 -15.11 3.04
C GLU C 495 -11.60 -16.08 2.60
N LYS C 496 -10.35 -15.63 2.68
CA LYS C 496 -9.23 -16.49 2.33
C LYS C 496 -9.04 -17.57 3.38
N ARG C 497 -8.28 -18.60 3.00
CA ARG C 497 -7.94 -19.71 3.88
C ARG C 497 -6.43 -19.90 3.89
N THR C 498 -5.83 -19.86 5.08
CA THR C 498 -4.45 -20.26 5.23
C THR C 498 -4.35 -21.78 5.26
N SER C 499 -3.12 -22.29 5.16
CA SER C 499 -2.91 -23.73 5.20
C SER C 499 -3.44 -24.30 6.51
N SER C 500 -3.16 -23.63 7.63
CA SER C 500 -3.73 -24.05 8.90
C SER C 500 -5.25 -23.98 8.87
N ALA C 501 -5.80 -22.98 8.18
CA ALA C 501 -7.25 -22.90 8.03
C ALA C 501 -7.78 -24.09 7.25
N GLN C 502 -7.08 -24.50 6.19
CA GLN C 502 -7.48 -25.69 5.44
C GLN C 502 -7.44 -26.93 6.32
N VAL C 503 -6.39 -27.07 7.13
CA VAL C 503 -6.30 -28.22 8.03
C VAL C 503 -7.46 -28.22 9.00
N GLU C 504 -7.77 -27.06 9.58
CA GLU C 504 -8.89 -26.96 10.52
C GLU C 504 -10.21 -27.30 9.83
N GLY C 505 -10.39 -26.85 8.60
CA GLY C 505 -11.64 -27.12 7.89
C GLY C 505 -11.89 -28.59 7.65
N GLY C 506 -10.83 -29.36 7.39
CA GLY C 506 -10.96 -30.78 7.20
C GLY C 506 -11.04 -31.55 8.50
N VAL C 507 -11.17 -32.86 8.37
CA VAL C 507 -11.23 -33.73 9.54
C VAL C 507 -9.87 -33.74 10.22
N HIS C 508 -9.86 -33.62 11.54
CA HIS C 508 -8.63 -33.58 12.31
C HIS C 508 -8.89 -34.05 13.73
N SER C 509 -7.80 -34.34 14.43
CA SER C 509 -7.85 -34.70 15.85
C SER C 509 -8.68 -35.94 16.12
N LEU C 510 -8.63 -36.91 15.20
CA LEU C 510 -9.33 -38.18 15.36
C LEU C 510 -8.34 -39.33 15.15
N HIS C 511 -8.41 -40.33 16.02
CA HIS C 511 -7.60 -41.52 15.85
C HIS C 511 -7.98 -42.27 14.57
N SER C 512 -9.29 -42.37 14.30
CA SER C 512 -9.78 -43.00 13.09
C SER C 512 -11.18 -42.48 12.84
N TYR C 513 -11.65 -42.64 11.60
CA TYR C 513 -12.99 -42.18 11.25
C TYR C 513 -13.37 -42.76 9.90
N GLU C 514 -14.67 -42.72 9.61
CA GLU C 514 -15.22 -43.10 8.32
C GLU C 514 -16.07 -41.96 7.79
N LYS C 515 -15.92 -41.66 6.51
CA LYS C 515 -16.64 -40.57 5.85
C LYS C 515 -17.71 -41.14 4.94
N ARG C 516 -18.97 -40.86 5.26
CA ARG C 516 -20.11 -41.29 4.46
C ARG C 516 -20.86 -40.04 4.01
N LEU C 517 -20.70 -39.67 2.73
CA LEU C 517 -21.34 -38.46 2.23
C LEU C 517 -22.86 -38.57 2.26
N PHE C 518 -23.39 -39.72 1.86
CA PHE C 518 -24.84 -39.92 1.82
C PHE C 518 -25.18 -41.39 1.83
N MET D 5 8.01 17.24 38.68
CA MET D 5 9.20 17.41 37.79
C MET D 5 8.92 16.78 36.42
N ALA D 6 9.88 16.91 35.50
CA ALA D 6 9.68 16.43 34.14
C ALA D 6 9.44 14.93 34.09
N ASP D 7 10.01 14.17 35.04
CA ASP D 7 9.86 12.72 35.01
C ASP D 7 8.41 12.30 34.98
N TYR D 8 7.53 13.05 35.65
CA TYR D 8 6.10 12.76 35.67
C TYR D 8 5.28 13.67 34.77
N LEU D 9 5.72 14.92 34.59
CA LEU D 9 4.88 15.90 33.90
C LEU D 9 4.83 15.66 32.39
N ILE D 10 5.86 15.05 31.82
CA ILE D 10 5.92 14.90 30.37
C ILE D 10 4.76 14.05 29.87
N SER D 11 4.55 12.88 30.47
CA SER D 11 3.49 11.98 30.02
C SER D 11 2.78 11.29 31.19
N GLY D 12 2.91 11.80 32.41
CA GLY D 12 2.24 11.23 33.54
C GLY D 12 3.03 10.23 34.36
N GLY D 13 4.35 10.12 34.11
CA GLY D 13 5.19 9.21 34.86
C GLY D 13 5.17 7.78 34.37
N THR D 14 4.42 7.47 33.32
CA THR D 14 4.37 6.12 32.76
C THR D 14 5.51 5.96 31.78
N SER D 15 6.49 5.11 32.11
CA SER D 15 7.61 4.88 31.22
C SER D 15 7.12 4.40 29.87
N TYR D 16 7.72 4.94 28.80
CA TYR D 16 7.26 4.62 27.46
C TYR D 16 7.55 3.15 27.15
N VAL D 17 6.74 2.60 26.26
CA VAL D 17 6.82 1.20 25.86
C VAL D 17 7.23 1.15 24.39
N PRO D 18 8.37 0.55 24.04
CA PRO D 18 8.72 0.43 22.62
C PRO D 18 7.64 -0.30 21.85
N ASP D 19 7.39 0.18 20.63
CA ASP D 19 6.34 -0.39 19.78
C ASP D 19 6.90 -1.62 19.07
N ASP D 20 6.41 -2.80 19.45
CA ASP D 20 6.85 -4.05 18.86
C ASP D 20 5.67 -5.00 18.79
N GLY D 21 5.39 -5.52 17.60
CA GLY D 21 4.27 -6.42 17.40
C GLY D 21 3.05 -5.71 16.84
N LEU D 22 2.01 -6.51 16.62
CA LEU D 22 0.76 -6.04 16.04
C LEU D 22 -0.37 -6.17 17.05
N THR D 23 -1.31 -5.24 16.98
CA THR D 23 -2.56 -5.36 17.73
C THR D 23 -3.49 -6.35 17.01
N ALA D 24 -4.50 -6.81 17.75
CA ALA D 24 -5.48 -7.71 17.16
C ALA D 24 -6.18 -7.07 15.97
N GLN D 25 -6.52 -5.79 16.10
CA GLN D 25 -7.16 -5.08 15.00
C GLN D 25 -6.27 -5.07 13.77
N GLN D 26 -4.98 -4.78 13.95
CA GLN D 26 -4.05 -4.81 12.82
C GLN D 26 -3.90 -6.22 12.27
N LEU D 27 -3.81 -7.22 13.15
CA LEU D 27 -3.59 -8.59 12.70
C LEU D 27 -4.75 -9.09 11.85
N PHE D 28 -5.98 -8.81 12.25
CA PHE D 28 -7.16 -9.32 11.56
C PHE D 28 -7.71 -8.35 10.53
N ASN D 29 -7.02 -7.24 10.27
CA ASN D 29 -7.39 -6.34 9.19
C ASN D 29 -6.71 -6.69 7.87
N CYS D 30 -5.78 -7.64 7.87
CA CYS D 30 -5.09 -8.04 6.66
C CYS D 30 -5.93 -8.93 5.76
N GLY D 31 -7.03 -9.48 6.27
CA GLY D 31 -7.89 -10.35 5.46
C GLY D 31 -7.19 -11.60 5.00
N ASP D 32 -6.32 -12.17 5.84
CA ASP D 32 -5.59 -13.38 5.49
C ASP D 32 -6.35 -14.66 5.86
N GLY D 33 -7.45 -14.56 6.59
CA GLY D 33 -8.18 -15.73 7.02
C GLY D 33 -7.37 -16.60 7.95
N LEU D 34 -7.08 -16.10 9.15
CA LEU D 34 -6.19 -16.77 10.08
C LEU D 34 -6.97 -17.71 11.01
N THR D 35 -6.28 -18.74 11.48
CA THR D 35 -6.78 -19.63 12.52
C THR D 35 -5.85 -19.55 13.73
N TYR D 36 -6.10 -20.42 14.72
CA TYR D 36 -5.36 -20.35 15.96
C TYR D 36 -3.87 -20.57 15.75
N ASN D 37 -3.50 -21.54 14.92
CA ASN D 37 -2.09 -21.91 14.74
C ASN D 37 -1.31 -20.89 13.93
N ASP D 38 -1.98 -19.89 13.35
CA ASP D 38 -1.33 -18.93 12.47
C ASP D 38 -0.72 -17.74 13.19
N PHE D 39 -0.82 -17.67 14.51
CA PHE D 39 -0.32 -16.51 15.23
C PHE D 39 0.02 -16.88 16.66
N LEU D 40 0.78 -15.99 17.32
CA LEU D 40 1.19 -16.12 18.70
C LEU D 40 0.94 -14.81 19.43
N ILE D 41 0.80 -14.91 20.75
CA ILE D 41 0.67 -13.75 21.63
C ILE D 41 2.03 -13.44 22.21
N LEU D 42 2.44 -12.18 22.14
CA LEU D 42 3.75 -11.80 22.64
C LEU D 42 3.72 -11.66 24.16
N PRO D 43 4.80 -12.00 24.86
CA PRO D 43 4.81 -11.90 26.32
C PRO D 43 4.83 -10.45 26.79
N GLY D 44 4.42 -10.27 28.05
CA GLY D 44 4.38 -8.96 28.65
C GLY D 44 5.24 -8.83 29.90
N TYR D 45 4.68 -8.27 30.95
CA TYR D 45 5.38 -8.02 32.21
C TYR D 45 4.71 -8.79 33.33
N ILE D 46 5.51 -9.44 34.16
CA ILE D 46 5.01 -10.28 35.25
C ILE D 46 5.32 -9.60 36.57
N ASP D 47 4.28 -9.36 37.38
CA ASP D 47 4.45 -8.88 38.74
C ASP D 47 3.48 -9.58 39.69
N PHE D 48 3.11 -10.83 39.37
CA PHE D 48 2.19 -11.61 40.18
C PHE D 48 2.43 -13.08 39.90
N THR D 49 1.91 -13.93 40.78
CA THR D 49 2.01 -15.37 40.62
C THR D 49 0.81 -15.90 39.83
N ALA D 50 1.00 -17.07 39.22
CA ALA D 50 -0.03 -17.63 38.35
C ALA D 50 -1.29 -17.96 39.12
N ASP D 51 -1.16 -18.43 40.37
CA ASP D 51 -2.32 -18.84 41.14
C ASP D 51 -3.25 -17.70 41.50
N GLN D 52 -2.81 -16.45 41.35
CA GLN D 52 -3.68 -15.30 41.60
C GLN D 52 -4.53 -14.93 40.39
N VAL D 53 -4.37 -15.62 39.26
CA VAL D 53 -5.13 -15.28 38.07
C VAL D 53 -6.58 -15.71 38.25
N ASP D 54 -7.51 -14.79 37.95
CA ASP D 54 -8.93 -15.04 38.09
C ASP D 54 -9.51 -15.40 36.72
N LEU D 55 -10.19 -16.54 36.65
CA LEU D 55 -10.77 -17.04 35.41
C LEU D 55 -12.28 -16.88 35.35
N THR D 56 -12.84 -16.01 36.20
CA THR D 56 -14.28 -15.79 36.19
C THR D 56 -14.71 -15.34 34.80
N SER D 57 -15.77 -15.94 34.29
CA SER D 57 -16.22 -15.71 32.92
C SER D 57 -17.75 -15.62 32.89
N ALA D 58 -18.25 -14.86 31.92
CA ALA D 58 -19.68 -14.67 31.72
C ALA D 58 -20.16 -15.60 30.61
N LEU D 59 -20.97 -16.59 30.97
CA LEU D 59 -21.57 -17.45 29.95
C LEU D 59 -22.65 -16.73 29.17
N THR D 60 -23.50 -15.97 29.86
CA THR D 60 -24.55 -15.19 29.23
C THR D 60 -24.59 -13.83 29.91
N LYS D 61 -25.61 -13.03 29.56
CA LYS D 61 -25.75 -11.71 30.16
C LYS D 61 -25.89 -11.78 31.67
N LYS D 62 -26.55 -12.82 32.19
CA LYS D 62 -26.85 -12.93 33.60
C LYS D 62 -26.20 -14.12 34.29
N ILE D 63 -25.57 -15.03 33.56
CA ILE D 63 -24.95 -16.22 34.12
C ILE D 63 -23.44 -16.04 34.09
N THR D 64 -22.80 -16.22 35.23
CA THR D 64 -21.35 -16.08 35.37
C THR D 64 -20.76 -17.37 35.91
N LEU D 65 -19.66 -17.81 35.30
CA LEU D 65 -18.97 -19.02 35.70
C LEU D 65 -17.58 -18.69 36.24
N LYS D 66 -17.06 -19.56 37.10
CA LYS D 66 -15.72 -19.40 37.63
C LYS D 66 -14.64 -19.89 36.68
N THR D 67 -15.01 -20.62 35.63
CA THR D 67 -14.09 -21.05 34.60
C THR D 67 -14.75 -20.85 33.24
N PRO D 68 -13.96 -20.67 32.17
CA PRO D 68 -14.54 -20.42 30.86
C PRO D 68 -14.84 -21.68 30.06
N LEU D 69 -14.86 -22.84 30.71
CA LEU D 69 -14.93 -24.12 30.02
C LEU D 69 -16.39 -24.59 29.92
N VAL D 70 -16.77 -25.03 28.72
CA VAL D 70 -18.12 -25.50 28.43
C VAL D 70 -18.00 -26.79 27.61
N SER D 71 -18.91 -27.73 27.86
CA SER D 71 -18.96 -28.99 27.12
C SER D 71 -20.01 -28.92 26.03
N SER D 72 -19.66 -29.41 24.85
CA SER D 72 -20.54 -29.29 23.70
C SER D 72 -21.77 -30.19 23.87
N PRO D 73 -22.93 -29.76 23.34
CA PRO D 73 -24.14 -30.62 23.37
C PRO D 73 -24.12 -31.69 22.28
N MET D 74 -23.34 -32.74 22.53
CA MET D 74 -23.17 -33.83 21.59
C MET D 74 -23.49 -35.15 22.27
N ASP D 75 -24.03 -36.09 21.50
CA ASP D 75 -24.44 -37.38 22.05
C ASP D 75 -23.27 -38.22 22.52
N THR D 76 -22.04 -37.90 22.12
CA THR D 76 -20.85 -38.59 22.57
C THR D 76 -20.00 -37.76 23.52
N VAL D 77 -20.53 -36.63 24.01
CA VAL D 77 -19.75 -35.73 24.85
C VAL D 77 -20.45 -35.47 26.17
N THR D 78 -21.67 -34.93 26.12
CA THR D 78 -22.32 -34.35 27.28
C THR D 78 -23.61 -35.09 27.60
N GLU D 79 -23.64 -35.74 28.76
CA GLU D 79 -24.87 -36.22 29.36
C GLU D 79 -24.89 -35.77 30.82
N ALA D 80 -25.81 -36.31 31.63
CA ALA D 80 -25.93 -35.86 33.02
C ALA D 80 -24.59 -35.91 33.75
N GLY D 81 -23.83 -36.99 33.57
CA GLY D 81 -22.57 -37.12 34.28
C GLY D 81 -21.57 -36.06 33.87
N MET D 82 -21.43 -35.84 32.56
CA MET D 82 -20.51 -34.81 32.07
C MET D 82 -20.92 -33.43 32.57
N ALA D 83 -22.21 -33.13 32.54
CA ALA D 83 -22.69 -31.84 33.02
C ALA D 83 -22.40 -31.66 34.50
N ILE D 84 -22.62 -32.70 35.30
CA ILE D 84 -22.35 -32.63 36.74
C ILE D 84 -20.87 -32.37 36.98
N ALA D 85 -20.01 -33.12 36.28
CA ALA D 85 -18.57 -32.94 36.47
C ALA D 85 -18.13 -31.53 36.06
N MET D 86 -18.62 -31.05 34.92
CA MET D 86 -18.24 -29.72 34.46
C MET D 86 -18.71 -28.64 35.43
N ALA D 87 -19.93 -28.77 35.95
CA ALA D 87 -20.42 -27.81 36.93
C ALA D 87 -19.59 -27.85 38.20
N LEU D 88 -19.23 -29.04 38.66
CA LEU D 88 -18.43 -29.15 39.87
C LEU D 88 -17.04 -28.53 39.68
N THR D 89 -16.45 -28.72 38.51
CA THR D 89 -15.11 -28.21 38.25
C THR D 89 -15.09 -26.72 37.93
N GLY D 90 -16.25 -26.08 37.82
CA GLY D 90 -16.33 -24.65 37.60
C GLY D 90 -16.87 -24.24 36.25
N GLY D 91 -17.20 -25.18 35.38
CA GLY D 91 -17.77 -24.87 34.08
C GLY D 91 -19.24 -25.17 34.00
N ILE D 92 -19.69 -25.64 32.84
CA ILE D 92 -21.09 -25.99 32.63
C ILE D 92 -21.17 -26.91 31.42
N GLY D 93 -22.24 -27.69 31.35
CA GLY D 93 -22.45 -28.57 30.22
C GLY D 93 -23.86 -28.44 29.68
N PHE D 94 -23.98 -28.64 28.38
CA PHE D 94 -25.26 -28.56 27.67
C PHE D 94 -25.67 -29.97 27.24
N ILE D 95 -26.84 -30.39 27.70
CA ILE D 95 -27.34 -31.73 27.36
C ILE D 95 -27.74 -31.76 25.89
N HIS D 96 -27.31 -32.79 25.18
CA HIS D 96 -27.65 -32.95 23.78
C HIS D 96 -29.13 -33.29 23.62
N HIS D 97 -29.64 -33.10 22.41
CA HIS D 97 -31.06 -33.30 22.11
C HIS D 97 -31.29 -34.36 21.04
N ASN D 98 -30.30 -35.19 20.75
CA ASN D 98 -30.49 -36.34 19.86
C ASN D 98 -31.07 -37.51 20.66
N CYS D 99 -32.26 -37.27 21.19
CA CYS D 99 -32.94 -38.22 22.07
C CYS D 99 -34.38 -37.74 22.23
N THR D 100 -35.17 -38.52 22.95
CA THR D 100 -36.54 -38.11 23.24
C THR D 100 -36.53 -36.93 24.22
N PRO D 101 -37.54 -36.06 24.14
CA PRO D 101 -37.59 -34.95 25.10
C PRO D 101 -37.60 -35.42 26.55
N GLU D 102 -38.29 -36.53 26.83
CA GLU D 102 -38.36 -37.03 28.19
C GLU D 102 -36.99 -37.45 28.71
N PHE D 103 -36.19 -38.09 27.87
CA PHE D 103 -34.85 -38.49 28.27
C PHE D 103 -33.99 -37.27 28.60
N GLN D 104 -34.03 -36.25 27.76
CA GLN D 104 -33.26 -35.03 28.02
C GLN D 104 -33.73 -34.35 29.30
N ALA D 105 -35.05 -34.29 29.52
CA ALA D 105 -35.56 -33.69 30.74
C ALA D 105 -35.12 -34.48 31.96
N ASN D 106 -35.10 -35.81 31.85
CA ASN D 106 -34.63 -36.64 32.97
C ASN D 106 -33.16 -36.38 33.26
N GLU D 107 -32.33 -36.25 32.22
CA GLU D 107 -30.92 -35.92 32.45
C GLU D 107 -30.78 -34.57 33.13
N VAL D 108 -31.55 -33.57 32.69
CA VAL D 108 -31.51 -32.25 33.32
C VAL D 108 -31.91 -32.36 34.79
N ARG D 109 -32.95 -33.14 35.08
CA ARG D 109 -33.38 -33.33 36.46
C ARG D 109 -32.27 -33.97 37.28
N LYS D 110 -31.62 -34.99 36.72
CA LYS D 110 -30.51 -35.63 37.42
C LYS D 110 -29.42 -34.62 37.77
N VAL D 111 -29.11 -33.72 36.82
CA VAL D 111 -28.10 -32.70 37.09
C VAL D 111 -28.58 -31.77 38.21
N LYS D 112 -29.86 -31.36 38.16
CA LYS D 112 -30.35 -30.38 39.12
C LYS D 112 -30.46 -30.94 40.52
N LYS D 113 -30.80 -32.22 40.67
CA LYS D 113 -31.00 -32.83 41.97
C LYS D 113 -29.74 -33.48 42.53
N TYR D 114 -28.59 -33.30 41.88
CA TYR D 114 -27.35 -33.88 42.38
C TYR D 114 -26.99 -33.24 43.72
N GLU D 115 -26.53 -34.07 44.66
CA GLU D 115 -26.12 -33.60 45.97
C GLU D 115 -24.89 -34.35 46.45
N ASP D 236 -14.11 -31.41 48.31
CA ASP D 236 -14.66 -30.07 48.22
C ASP D 236 -14.56 -29.53 46.79
N TYR D 237 -15.55 -28.74 46.40
CA TYR D 237 -15.61 -28.16 45.05
C TYR D 237 -15.86 -26.66 45.19
N PRO D 238 -14.85 -25.88 45.58
CA PRO D 238 -15.07 -24.44 45.79
C PRO D 238 -15.53 -23.71 44.55
N LEU D 239 -15.14 -24.16 43.36
CA LEU D 239 -15.48 -23.49 42.11
C LEU D 239 -16.81 -23.93 41.54
N ALA D 240 -17.56 -24.77 42.25
CA ALA D 240 -18.77 -25.35 41.70
C ALA D 240 -19.73 -24.27 41.22
N SER D 241 -20.30 -24.49 40.04
CA SER D 241 -21.26 -23.56 39.44
C SER D 241 -22.66 -23.93 39.92
N LYS D 242 -23.29 -23.01 40.66
CA LYS D 242 -24.58 -23.26 41.28
C LYS D 242 -25.51 -22.08 41.04
N ASP D 243 -26.80 -22.35 41.10
CA ASP D 243 -27.82 -21.32 40.95
C ASP D 243 -28.11 -20.68 42.32
N ALA D 244 -29.17 -19.86 42.38
CA ALA D 244 -29.51 -19.20 43.63
C ALA D 244 -29.92 -20.18 44.72
N LYS D 245 -30.39 -21.37 44.34
CA LYS D 245 -30.81 -22.39 45.29
C LYS D 245 -29.71 -23.40 45.60
N LYS D 246 -28.46 -23.08 45.27
CA LYS D 246 -27.32 -23.96 45.51
C LYS D 246 -27.45 -25.27 44.75
N GLN D 247 -28.16 -25.23 43.61
CA GLN D 247 -28.28 -26.37 42.72
C GLN D 247 -27.36 -26.18 41.54
N LEU D 248 -26.72 -27.28 41.10
CA LEU D 248 -25.78 -27.20 40.00
C LEU D 248 -26.44 -26.64 38.74
N LEU D 249 -25.73 -25.74 38.07
CA LEU D 249 -26.22 -25.19 36.82
C LEU D 249 -26.21 -26.26 35.73
N CYS D 250 -27.20 -26.19 34.85
CA CYS D 250 -27.32 -27.12 33.73
C CYS D 250 -27.86 -26.38 32.51
N GLY D 251 -27.31 -26.74 31.34
CA GLY D 251 -27.79 -26.23 30.07
C GLY D 251 -28.32 -27.35 29.21
N ALA D 252 -29.04 -26.96 28.16
CA ALA D 252 -29.61 -27.93 27.23
C ALA D 252 -29.71 -27.28 25.85
N ALA D 253 -29.79 -28.14 24.83
CA ALA D 253 -29.89 -27.70 23.45
C ALA D 253 -31.26 -28.08 22.88
N ILE D 254 -31.79 -27.21 22.03
CA ILE D 254 -33.03 -27.47 21.31
C ILE D 254 -32.87 -27.01 19.86
N GLY D 255 -33.73 -27.54 19.00
CA GLY D 255 -33.74 -27.15 17.60
C GLY D 255 -34.68 -25.99 17.34
N THR D 256 -34.80 -25.64 16.05
CA THR D 256 -35.64 -24.54 15.61
C THR D 256 -36.93 -25.02 14.95
N HIS D 257 -37.31 -26.27 15.18
CA HIS D 257 -38.50 -26.85 14.58
C HIS D 257 -39.68 -26.76 15.55
N GLU D 258 -40.87 -27.06 15.02
CA GLU D 258 -42.09 -26.90 15.80
C GLU D 258 -42.09 -27.84 17.01
N ASP D 259 -41.65 -29.08 16.82
CA ASP D 259 -41.66 -30.04 17.92
C ASP D 259 -40.80 -29.57 19.08
N ASP D 260 -39.67 -28.90 18.78
CA ASP D 260 -38.75 -28.51 19.84
C ASP D 260 -39.45 -27.69 20.91
N LYS D 261 -40.48 -26.94 20.55
CA LYS D 261 -41.22 -26.17 21.56
C LYS D 261 -41.65 -27.06 22.71
N TYR D 262 -42.31 -28.18 22.39
CA TYR D 262 -42.70 -29.13 23.44
C TYR D 262 -41.48 -29.53 24.25
N ARG D 263 -40.40 -29.91 23.56
CA ARG D 263 -39.16 -30.26 24.24
C ARG D 263 -38.78 -29.16 25.22
N LEU D 264 -38.75 -27.92 24.74
CA LEU D 264 -38.39 -26.80 25.60
C LEU D 264 -39.22 -26.81 26.87
N ASP D 265 -40.54 -26.98 26.72
CA ASP D 265 -41.40 -26.97 27.89
C ASP D 265 -40.90 -27.95 28.95
N LEU D 266 -40.63 -29.19 28.53
CA LEU D 266 -40.14 -30.18 29.48
C LEU D 266 -38.83 -29.71 30.12
N LEU D 267 -37.92 -29.20 29.31
CA LEU D 267 -36.66 -28.69 29.84
C LEU D 267 -36.92 -27.56 30.83
N ALA D 268 -37.93 -26.73 30.56
CA ALA D 268 -38.29 -25.69 31.50
C ALA D 268 -38.82 -26.28 32.80
N GLN D 269 -39.60 -27.35 32.71
CA GLN D 269 -40.14 -27.98 33.90
C GLN D 269 -39.08 -28.70 34.71
N ALA D 270 -37.98 -29.10 34.10
CA ALA D 270 -36.90 -29.79 34.78
C ALA D 270 -35.92 -28.84 35.47
N GLY D 271 -36.08 -27.53 35.27
CA GLY D 271 -35.22 -26.55 35.93
C GLY D 271 -34.00 -26.14 35.16
N VAL D 272 -33.98 -26.32 33.84
CA VAL D 272 -32.81 -25.91 33.06
C VAL D 272 -32.60 -24.41 33.19
N ASP D 273 -31.34 -24.01 33.31
CA ASP D 273 -30.99 -22.61 33.54
C ASP D 273 -30.72 -21.84 32.26
N VAL D 274 -30.33 -22.53 31.18
CA VAL D 274 -29.99 -21.87 29.92
C VAL D 274 -30.21 -22.87 28.79
N VAL D 275 -30.65 -22.36 27.65
CA VAL D 275 -30.91 -23.17 26.47
C VAL D 275 -30.17 -22.58 25.29
N VAL D 276 -29.56 -23.44 24.48
CA VAL D 276 -28.84 -23.04 23.28
C VAL D 276 -29.58 -23.60 22.06
N LEU D 277 -29.82 -22.73 21.08
CA LEU D 277 -30.45 -23.14 19.84
C LEU D 277 -29.39 -23.75 18.93
N ASP D 278 -29.49 -25.04 18.68
CA ASP D 278 -28.46 -25.79 17.97
C ASP D 278 -28.73 -25.75 16.47
N SER D 279 -27.78 -25.19 15.71
CA SER D 279 -27.90 -25.14 14.26
C SER D 279 -26.55 -24.78 13.67
N SER D 280 -26.22 -25.39 12.53
CA SER D 280 -24.98 -25.04 11.84
C SER D 280 -25.00 -23.62 11.31
N GLN D 281 -26.19 -23.11 10.98
CA GLN D 281 -26.36 -21.77 10.43
C GLN D 281 -27.53 -21.12 11.18
N GLY D 282 -27.21 -20.34 12.20
CA GLY D 282 -28.23 -19.80 13.10
C GLY D 282 -28.91 -18.53 12.63
N ASN D 283 -28.45 -17.93 11.54
CA ASN D 283 -29.06 -16.70 11.03
C ASN D 283 -30.21 -17.09 10.09
N SER D 284 -31.31 -17.52 10.71
CA SER D 284 -32.48 -17.97 9.98
C SER D 284 -33.73 -17.38 10.61
N ILE D 285 -34.79 -17.25 9.80
CA ILE D 285 -36.07 -16.77 10.31
C ILE D 285 -36.60 -17.71 11.38
N PHE D 286 -36.36 -19.01 11.21
CA PHE D 286 -36.84 -19.99 12.19
C PHE D 286 -36.22 -19.74 13.56
N GLN D 287 -34.90 -19.51 13.60
CA GLN D 287 -34.23 -19.28 14.86
C GLN D 287 -34.69 -17.97 15.51
N ILE D 288 -34.87 -16.93 14.70
CA ILE D 288 -35.35 -15.65 15.25
C ILE D 288 -36.75 -15.82 15.83
N ASN D 289 -37.62 -16.54 15.12
CA ASN D 289 -38.97 -16.78 15.63
C ASN D 289 -38.92 -17.56 16.94
N MET D 290 -38.06 -18.58 17.00
CA MET D 290 -37.95 -19.36 18.24
C MET D 290 -37.42 -18.52 19.38
N ILE D 291 -36.45 -17.63 19.10
CA ILE D 291 -35.93 -16.75 20.14
C ILE D 291 -37.03 -15.86 20.69
N LYS D 292 -37.82 -15.26 19.79
CA LYS D 292 -38.90 -14.40 20.23
C LYS D 292 -39.94 -15.19 21.02
N TYR D 293 -40.27 -16.40 20.58
CA TYR D 293 -41.22 -17.23 21.29
C TYR D 293 -40.72 -17.56 22.69
N ILE D 294 -39.45 -17.92 22.82
CA ILE D 294 -38.88 -18.24 24.13
C ILE D 294 -38.92 -17.02 25.03
N LYS D 295 -38.51 -15.87 24.51
CA LYS D 295 -38.49 -14.66 25.32
C LYS D 295 -39.89 -14.26 25.76
N ASP D 296 -40.89 -14.50 24.92
CA ASP D 296 -42.26 -14.18 25.30
C ASP D 296 -42.79 -15.14 26.35
N LYS D 297 -42.55 -16.45 26.16
CA LYS D 297 -43.11 -17.44 27.08
C LYS D 297 -42.24 -17.64 28.32
N TYR D 298 -40.93 -17.50 28.19
CA TYR D 298 -39.99 -17.72 29.29
C TYR D 298 -39.07 -16.51 29.39
N PRO D 299 -39.58 -15.38 29.89
CA PRO D 299 -38.76 -14.16 29.94
C PRO D 299 -37.48 -14.32 30.75
N ASN D 300 -37.47 -15.16 31.78
CA ASN D 300 -36.33 -15.30 32.66
C ASN D 300 -35.36 -16.39 32.23
N LEU D 301 -35.62 -17.06 31.11
CA LEU D 301 -34.76 -18.13 30.63
C LEU D 301 -33.72 -17.55 29.68
N GLN D 302 -32.44 -17.76 30.00
CA GLN D 302 -31.37 -17.28 29.15
C GLN D 302 -31.29 -18.14 27.89
N VAL D 303 -31.10 -17.48 26.75
CA VAL D 303 -31.10 -18.11 25.43
C VAL D 303 -29.79 -17.79 24.73
N ILE D 304 -29.17 -18.82 24.16
CA ILE D 304 -27.93 -18.68 23.40
C ILE D 304 -28.23 -18.97 21.94
N GLY D 305 -27.81 -18.05 21.06
CA GLY D 305 -28.03 -18.19 19.64
C GLY D 305 -26.76 -18.59 18.89
N GLY D 306 -26.94 -19.19 17.73
CA GLY D 306 -25.83 -19.62 16.92
C GLY D 306 -26.25 -20.77 16.02
N ASN D 307 -25.29 -21.26 15.23
CA ASN D 307 -23.93 -20.73 15.17
C ASN D 307 -23.80 -19.62 14.14
N VAL D 308 -22.89 -18.67 14.40
CA VAL D 308 -22.64 -17.55 13.51
C VAL D 308 -21.14 -17.31 13.42
N VAL D 309 -20.70 -16.73 12.30
CA VAL D 309 -19.29 -16.44 12.08
C VAL D 309 -19.08 -15.02 11.56
N THR D 310 -20.16 -14.30 11.27
CA THR D 310 -20.09 -12.95 10.73
C THR D 310 -20.83 -11.97 11.61
N ALA D 311 -20.53 -10.69 11.41
CA ALA D 311 -21.15 -9.64 12.22
C ALA D 311 -22.61 -9.40 11.85
N ALA D 312 -22.99 -9.66 10.60
CA ALA D 312 -24.38 -9.49 10.20
C ALA D 312 -25.29 -10.50 10.91
N GLN D 313 -24.87 -11.76 10.94
CA GLN D 313 -25.64 -12.77 11.67
C GLN D 313 -25.74 -12.40 13.15
N ALA D 314 -24.63 -11.93 13.73
CA ALA D 314 -24.64 -11.52 15.12
C ALA D 314 -25.60 -10.36 15.34
N LYS D 315 -25.63 -9.40 14.42
CA LYS D 315 -26.55 -8.29 14.54
C LYS D 315 -28.00 -8.78 14.53
N ASN D 316 -28.32 -9.67 13.60
CA ASN D 316 -29.69 -10.18 13.51
C ASN D 316 -30.09 -10.88 14.80
N LEU D 317 -29.21 -11.75 15.31
CA LEU D 317 -29.56 -12.52 16.51
C LEU D 317 -29.60 -11.63 17.75
N ILE D 318 -28.74 -10.63 17.84
CA ILE D 318 -28.76 -9.72 18.98
C ILE D 318 -30.03 -8.88 18.94
N ASP D 319 -30.42 -8.41 17.76
CA ASP D 319 -31.69 -7.69 17.63
C ASP D 319 -32.85 -8.59 18.03
N ALA D 320 -32.76 -9.88 17.72
CA ALA D 320 -33.80 -10.81 18.15
C ALA D 320 -33.91 -10.87 19.66
N GLY D 321 -32.79 -10.71 20.37
CA GLY D 321 -32.81 -10.65 21.83
C GLY D 321 -32.08 -11.79 22.51
N VAL D 322 -31.03 -12.31 21.88
CA VAL D 322 -30.26 -13.38 22.50
C VAL D 322 -29.42 -12.83 23.64
N ASP D 323 -29.06 -13.72 24.57
CA ASP D 323 -28.24 -13.36 25.72
C ASP D 323 -26.77 -13.76 25.54
N ALA D 324 -26.45 -14.52 24.51
CA ALA D 324 -25.06 -14.88 24.19
C ALA D 324 -25.05 -15.46 22.78
N LEU D 325 -23.85 -15.52 22.21
CA LEU D 325 -23.68 -16.04 20.86
C LEU D 325 -22.73 -17.23 20.87
N ARG D 326 -22.97 -18.17 19.96
CA ARG D 326 -22.14 -19.35 19.77
C ARG D 326 -21.46 -19.22 18.41
N VAL D 327 -20.13 -19.13 18.40
CA VAL D 327 -19.38 -18.74 17.21
C VAL D 327 -18.55 -19.92 16.73
N GLY D 328 -18.77 -20.31 15.48
CA GLY D 328 -18.01 -21.37 14.85
C GLY D 328 -18.78 -22.08 13.74
N MET D 329 -18.13 -22.32 12.61
CA MET D 329 -18.74 -23.05 11.51
C MET D 329 -17.62 -23.57 10.61
N GLY D 330 -17.50 -24.89 10.52
CA GLY D 330 -16.49 -25.51 9.69
C GLY D 330 -15.22 -25.89 10.42
N SER D 331 -15.05 -25.45 11.66
CA SER D 331 -13.82 -25.68 12.42
C SER D 331 -13.88 -26.94 13.28
N GLY D 332 -15.02 -27.60 13.36
CA GLY D 332 -15.13 -28.76 14.23
C GLY D 332 -14.23 -29.90 13.77
N SER D 333 -13.75 -30.67 14.73
CA SER D 333 -12.88 -31.81 14.42
C SER D 333 -13.60 -32.83 13.56
N ILE D 334 -14.90 -32.98 13.74
CA ILE D 334 -15.70 -33.97 13.02
C ILE D 334 -16.59 -33.30 11.97
N CYS D 335 -16.21 -32.11 11.51
CA CYS D 335 -17.02 -31.30 10.61
C CYS D 335 -16.43 -31.30 9.21
N ILE D 336 -17.28 -31.50 8.21
CA ILE D 336 -16.87 -31.48 6.80
C ILE D 336 -17.77 -30.50 6.04
N THR D 337 -18.36 -29.55 6.75
CA THR D 337 -19.25 -28.60 6.12
C THR D 337 -18.53 -27.77 5.07
N GLN D 338 -17.27 -27.41 5.33
CA GLN D 338 -16.55 -26.53 4.41
C GLN D 338 -16.37 -27.18 3.05
N GLU D 339 -16.03 -28.47 3.01
CA GLU D 339 -15.78 -29.14 1.74
C GLU D 339 -17.06 -29.60 1.06
N VAL D 340 -18.18 -29.65 1.78
CA VAL D 340 -19.44 -30.11 1.20
C VAL D 340 -20.28 -28.94 0.70
N LEU D 341 -20.38 -27.87 1.48
CA LEU D 341 -21.21 -26.72 1.14
C LEU D 341 -20.42 -25.46 0.83
N ALA D 342 -19.09 -25.48 0.98
CA ALA D 342 -18.23 -24.35 0.69
C ALA D 342 -18.52 -23.14 1.57
N CYS D 343 -19.13 -23.35 2.74
CA CYS D 343 -19.52 -22.28 3.63
C CYS D 343 -18.83 -22.46 4.98
N GLY D 344 -18.26 -21.36 5.48
CA GLY D 344 -17.59 -21.41 6.77
C GLY D 344 -16.70 -20.19 6.95
N ARG D 345 -15.82 -20.26 7.95
CA ARG D 345 -14.87 -19.19 8.22
C ARG D 345 -13.77 -19.73 9.12
N PRO D 346 -12.54 -19.25 8.99
CA PRO D 346 -11.51 -19.60 9.96
C PRO D 346 -11.92 -19.19 11.36
N GLN D 347 -11.59 -20.04 12.33
CA GLN D 347 -12.17 -19.90 13.67
C GLN D 347 -11.70 -18.63 14.36
N ALA D 348 -10.39 -18.35 14.33
CA ALA D 348 -9.87 -17.21 15.08
C ALA D 348 -10.46 -15.90 14.57
N THR D 349 -10.50 -15.73 13.25
CA THR D 349 -11.04 -14.50 12.67
C THR D 349 -12.53 -14.35 13.00
N ALA D 350 -13.28 -15.45 12.91
CA ALA D 350 -14.70 -15.39 13.25
C ALA D 350 -14.90 -14.99 14.70
N VAL D 351 -14.13 -15.60 15.60
CA VAL D 351 -14.22 -15.26 17.01
C VAL D 351 -13.94 -13.78 17.21
N TYR D 352 -12.84 -13.28 16.64
CA TYR D 352 -12.49 -11.88 16.83
C TYR D 352 -13.59 -10.96 16.33
N LYS D 353 -14.05 -11.17 15.10
CA LYS D 353 -15.03 -10.26 14.51
C LYS D 353 -16.35 -10.29 15.28
N VAL D 354 -16.86 -11.49 15.56
CA VAL D 354 -18.15 -11.60 16.24
C VAL D 354 -18.05 -11.03 17.64
N SER D 355 -16.95 -11.30 18.35
CA SER D 355 -16.79 -10.76 19.69
C SER D 355 -16.70 -9.24 19.66
N GLU D 356 -15.99 -8.69 18.68
CA GLU D 356 -15.88 -7.24 18.59
C GLU D 356 -17.23 -6.60 18.37
N TYR D 357 -18.06 -7.19 17.49
CA TYR D 357 -19.39 -6.64 17.30
C TYR D 357 -20.25 -6.81 18.55
N ALA D 358 -20.23 -8.00 19.16
CA ALA D 358 -21.12 -8.28 20.28
C ALA D 358 -20.77 -7.45 21.50
N ARG D 359 -19.50 -7.12 21.69
CA ARG D 359 -19.10 -6.34 22.85
C ARG D 359 -19.79 -4.98 22.87
N ARG D 360 -20.17 -4.47 21.70
CA ARG D 360 -20.88 -3.19 21.65
C ARG D 360 -22.22 -3.24 22.36
N PHE D 361 -22.80 -4.42 22.51
CA PHE D 361 -24.11 -4.58 23.15
C PHE D 361 -24.05 -5.45 24.39
N GLY D 362 -22.86 -5.74 24.91
CA GLY D 362 -22.73 -6.54 26.12
C GLY D 362 -23.21 -7.97 25.96
N VAL D 363 -22.93 -8.59 24.83
CA VAL D 363 -23.34 -9.97 24.54
C VAL D 363 -22.10 -10.84 24.52
N PRO D 364 -21.98 -11.83 25.40
CA PRO D 364 -20.78 -12.67 25.41
C PRO D 364 -20.78 -13.69 24.29
N VAL D 365 -19.59 -14.27 24.06
CA VAL D 365 -19.33 -15.17 22.95
C VAL D 365 -18.77 -16.49 23.47
N ILE D 366 -19.23 -17.59 22.87
CA ILE D 366 -18.73 -18.93 23.13
C ILE D 366 -18.02 -19.39 21.86
N ALA D 367 -16.69 -19.47 21.93
CA ALA D 367 -15.92 -20.00 20.81
C ALA D 367 -16.08 -21.52 20.77
N ASP D 368 -16.66 -22.03 19.68
CA ASP D 368 -17.00 -23.44 19.56
C ASP D 368 -16.30 -24.02 18.34
N GLY D 369 -15.49 -25.04 18.56
CA GLY D 369 -14.85 -25.77 17.48
C GLY D 369 -13.40 -25.37 17.32
N GLY D 370 -12.58 -26.35 16.90
CA GLY D 370 -11.20 -26.09 16.59
C GLY D 370 -10.26 -26.08 17.77
N ILE D 371 -10.73 -26.41 18.96
CA ILE D 371 -9.89 -26.40 20.15
C ILE D 371 -9.19 -27.74 20.26
N GLN D 372 -7.85 -27.71 20.30
CA GLN D 372 -7.04 -28.92 20.44
C GLN D 372 -6.12 -28.90 21.65
N ASN D 373 -5.84 -27.75 22.23
CA ASN D 373 -4.93 -27.65 23.36
C ASN D 373 -5.24 -26.39 24.15
N VAL D 374 -4.55 -26.24 25.28
CA VAL D 374 -4.77 -25.08 26.15
C VAL D 374 -4.43 -23.79 25.42
N GLY D 375 -3.40 -23.82 24.58
CA GLY D 375 -3.03 -22.62 23.83
C GLY D 375 -4.16 -22.09 22.99
N HIS D 376 -4.93 -23.00 22.37
CA HIS D 376 -6.08 -22.57 21.59
C HIS D 376 -7.13 -21.90 22.47
N ILE D 377 -7.35 -22.44 23.67
CA ILE D 377 -8.30 -21.82 24.60
C ILE D 377 -7.86 -20.41 24.96
N ALA D 378 -6.57 -20.26 25.28
CA ALA D 378 -6.05 -18.94 25.64
C ALA D 378 -6.17 -17.97 24.48
N LYS D 379 -5.85 -18.42 23.26
CA LYS D 379 -5.97 -17.55 22.09
C LYS D 379 -7.41 -17.13 21.86
N ALA D 380 -8.35 -18.08 21.98
CA ALA D 380 -9.76 -17.74 21.79
C ALA D 380 -10.23 -16.72 22.81
N LEU D 381 -9.84 -16.90 24.07
CA LEU D 381 -10.23 -15.94 25.10
C LEU D 381 -9.59 -14.57 24.85
N ALA D 382 -8.34 -14.55 24.39
CA ALA D 382 -7.66 -13.29 24.17
C ALA D 382 -8.25 -12.51 23.00
N LEU D 383 -8.87 -13.20 22.04
CA LEU D 383 -9.42 -12.55 20.86
C LEU D 383 -10.82 -11.99 21.08
N GLY D 384 -11.41 -12.20 22.26
CA GLY D 384 -12.69 -11.60 22.57
C GLY D 384 -13.70 -12.56 23.15
N ALA D 385 -13.47 -13.86 22.98
CA ALA D 385 -14.42 -14.85 23.48
C ALA D 385 -14.48 -14.82 25.00
N SER D 386 -15.70 -14.96 25.53
CA SER D 386 -15.90 -15.05 26.97
C SER D 386 -15.87 -16.49 27.46
N THR D 387 -16.23 -17.45 26.62
CA THR D 387 -16.17 -18.86 26.99
C THR D 387 -15.74 -19.69 25.80
N VAL D 388 -15.30 -20.91 26.07
CA VAL D 388 -14.83 -21.84 25.05
C VAL D 388 -15.54 -23.17 25.25
N MET D 389 -16.07 -23.73 24.16
CA MET D 389 -16.78 -25.00 24.20
C MET D 389 -16.00 -26.03 23.39
N MET D 390 -15.81 -27.21 23.96
CA MET D 390 -14.97 -28.25 23.37
C MET D 390 -15.75 -29.55 23.29
N GLY D 391 -15.72 -30.18 22.11
CA GLY D 391 -16.29 -31.50 21.93
C GLY D 391 -15.26 -32.61 21.95
N SER D 392 -14.20 -32.46 21.14
CA SER D 392 -13.20 -33.51 21.01
C SER D 392 -12.28 -33.58 22.22
N LEU D 393 -11.88 -32.42 22.75
CA LEU D 393 -10.94 -32.41 23.87
C LEU D 393 -11.53 -33.12 25.08
N LEU D 394 -12.83 -32.98 25.31
CA LEU D 394 -13.50 -33.68 26.39
C LEU D 394 -14.00 -35.06 25.99
N ALA D 395 -13.90 -35.41 24.71
CA ALA D 395 -14.31 -36.74 24.27
C ALA D 395 -13.35 -37.78 24.82
N ALA D 396 -13.86 -39.01 24.98
CA ALA D 396 -13.14 -40.15 25.50
C ALA D 396 -12.82 -40.03 26.99
N THR D 397 -13.37 -39.02 27.66
CA THR D 397 -13.22 -38.93 29.10
C THR D 397 -14.15 -39.94 29.77
N THR D 398 -13.88 -40.21 31.05
CA THR D 398 -14.67 -41.20 31.78
C THR D 398 -16.13 -40.80 31.86
N GLU D 399 -16.39 -39.51 32.10
CA GLU D 399 -17.77 -39.02 32.24
C GLU D 399 -18.49 -38.92 30.91
N ALA D 400 -17.79 -39.04 29.79
CA ALA D 400 -18.45 -38.94 28.49
C ALA D 400 -19.34 -40.16 28.25
N PRO D 401 -20.40 -39.99 27.47
CA PRO D 401 -21.28 -41.14 27.18
C PRO D 401 -20.55 -42.21 26.38
N GLY D 402 -21.04 -43.44 26.52
CA GLY D 402 -20.50 -44.58 25.82
C GLY D 402 -19.49 -45.34 26.66
N GLU D 403 -19.07 -46.49 26.11
CA GLU D 403 -18.15 -47.38 26.77
C GLU D 403 -16.84 -47.47 25.99
N TYR D 404 -15.74 -47.63 26.72
CA TYR D 404 -14.45 -47.77 26.09
C TYR D 404 -14.34 -49.09 25.34
N PHE D 405 -13.52 -49.09 24.28
CA PHE D 405 -13.19 -50.30 23.56
C PHE D 405 -11.70 -50.26 23.23
N PHE D 406 -11.19 -51.35 22.67
CA PHE D 406 -9.77 -51.50 22.39
C PHE D 406 -9.56 -51.77 20.90
N SER D 407 -8.53 -51.12 20.34
CA SER D 407 -8.14 -51.33 18.95
C SER D 407 -6.63 -51.25 18.87
N ASP D 408 -6.01 -52.37 18.49
CA ASP D 408 -4.55 -52.44 18.36
C ASP D 408 -3.87 -52.00 19.65
N GLY D 409 -4.45 -52.39 20.78
CA GLY D 409 -3.89 -52.06 22.07
C GLY D 409 -4.15 -50.66 22.55
N ILE D 410 -4.94 -49.88 21.82
CA ILE D 410 -5.25 -48.49 22.17
C ILE D 410 -6.68 -48.43 22.68
N ARG D 411 -6.87 -47.79 23.84
CA ARG D 411 -8.19 -47.61 24.42
C ARG D 411 -8.84 -46.37 23.81
N LEU D 412 -10.03 -46.56 23.23
CA LEU D 412 -10.69 -45.50 22.49
C LEU D 412 -12.17 -45.46 22.87
N LYS D 413 -12.78 -44.30 22.62
CA LYS D 413 -14.21 -44.11 22.78
C LYS D 413 -14.76 -43.39 21.55
N LYS D 414 -16.01 -43.72 21.20
CA LYS D 414 -16.61 -43.18 19.99
C LYS D 414 -16.83 -41.68 20.11
N TYR D 415 -16.70 -40.99 18.98
CA TYR D 415 -16.95 -39.56 18.88
C TYR D 415 -17.39 -39.25 17.46
N ARG D 416 -18.57 -38.65 17.32
CA ARG D 416 -19.15 -38.43 16.01
C ARG D 416 -19.85 -37.07 15.97
N GLY D 417 -19.87 -36.48 14.78
CA GLY D 417 -20.63 -35.27 14.59
C GLY D 417 -22.12 -35.52 14.57
N MET D 418 -22.88 -34.56 15.08
CA MET D 418 -24.33 -34.69 15.13
C MET D 418 -24.94 -34.70 13.75
N GLY D 419 -24.23 -34.22 12.73
CA GLY D 419 -24.66 -34.27 11.36
C GLY D 419 -24.21 -35.47 10.57
N SER D 420 -23.50 -36.41 11.21
CA SER D 420 -23.04 -37.61 10.52
C SER D 420 -24.20 -38.58 10.34
N LEU D 421 -24.10 -39.41 9.30
CA LEU D 421 -25.18 -40.33 8.98
C LEU D 421 -25.53 -41.21 10.17
N ASP D 422 -24.52 -41.65 10.92
CA ASP D 422 -24.78 -42.49 12.09
C ASP D 422 -25.62 -41.74 13.12
N ALA D 423 -25.31 -40.46 13.35
CA ALA D 423 -26.05 -39.69 14.34
C ALA D 423 -27.52 -39.53 13.95
N MET D 424 -27.79 -39.26 12.67
CA MET D 424 -29.16 -39.06 12.21
C MET D 424 -29.88 -40.37 11.90
N ASP D 425 -29.19 -41.50 11.97
CA ASP D 425 -29.82 -42.80 11.73
C ASP D 425 -30.14 -43.49 13.06
N ILE D 441 -32.99 -37.39 0.13
CA ILE D 441 -31.55 -37.56 0.23
C ILE D 441 -31.03 -36.81 1.45
N LYS D 442 -30.05 -37.41 2.13
CA LYS D 442 -29.44 -36.82 3.32
C LYS D 442 -28.03 -36.38 2.99
N VAL D 443 -27.74 -35.11 3.21
CA VAL D 443 -26.42 -34.54 2.96
C VAL D 443 -25.67 -34.52 4.29
N ALA D 444 -24.72 -35.44 4.45
CA ALA D 444 -23.95 -35.52 5.68
C ALA D 444 -23.03 -34.31 5.82
N GLN D 445 -22.98 -33.76 7.03
CA GLN D 445 -22.12 -32.61 7.35
C GLN D 445 -21.07 -32.95 8.39
N GLY D 446 -20.94 -34.22 8.78
CA GLY D 446 -19.97 -34.62 9.77
C GLY D 446 -19.55 -36.06 9.59
N VAL D 447 -18.56 -36.47 10.37
CA VAL D 447 -18.00 -37.81 10.32
C VAL D 447 -18.08 -38.43 11.70
N SER D 448 -17.81 -39.73 11.76
CA SER D 448 -17.81 -40.50 13.00
C SER D 448 -16.49 -41.25 13.11
N GLY D 449 -15.96 -41.33 14.31
CA GLY D 449 -14.68 -41.98 14.55
C GLY D 449 -14.48 -42.25 16.02
N ALA D 450 -13.21 -42.31 16.43
CA ALA D 450 -12.86 -42.64 17.81
C ALA D 450 -11.77 -41.69 18.30
N VAL D 451 -11.73 -41.53 19.62
CA VAL D 451 -10.76 -40.66 20.28
C VAL D 451 -10.14 -41.43 21.44
N GLN D 452 -8.84 -41.23 21.65
CA GLN D 452 -8.12 -41.95 22.69
C GLN D 452 -8.54 -41.48 24.08
N ASP D 453 -8.41 -42.40 25.05
CA ASP D 453 -8.80 -42.10 26.42
C ASP D 453 -7.96 -40.97 26.98
N LYS D 454 -8.59 -40.10 27.77
CA LYS D 454 -7.93 -38.98 28.41
C LYS D 454 -8.03 -38.99 29.94
N GLY D 455 -8.81 -39.90 30.51
CA GLY D 455 -8.99 -39.96 31.95
C GLY D 455 -10.28 -39.30 32.39
N SER D 456 -10.27 -38.86 33.65
CA SER D 456 -11.43 -38.26 34.26
C SER D 456 -11.40 -36.75 34.08
N ILE D 457 -12.60 -36.15 34.03
CA ILE D 457 -12.72 -34.70 33.92
C ILE D 457 -12.11 -34.02 35.13
N HIS D 458 -12.28 -34.62 36.32
CA HIS D 458 -11.83 -33.99 37.55
C HIS D 458 -10.32 -33.81 37.60
N LYS D 459 -9.58 -34.52 36.75
CA LYS D 459 -8.14 -34.32 36.64
C LYS D 459 -7.74 -33.52 35.40
N PHE D 460 -8.49 -33.66 34.31
CA PHE D 460 -8.14 -32.95 33.09
C PHE D 460 -8.45 -31.46 33.20
N VAL D 461 -9.62 -31.11 33.73
CA VAL D 461 -10.01 -29.70 33.81
C VAL D 461 -9.04 -28.89 34.65
N PRO D 462 -8.60 -29.36 35.82
CA PRO D 462 -7.60 -28.58 36.56
C PRO D 462 -6.33 -28.29 35.76
N TYR D 463 -5.90 -29.23 34.92
CA TYR D 463 -4.73 -28.97 34.08
C TYR D 463 -5.01 -27.83 33.10
N LEU D 464 -6.20 -27.81 32.50
CA LEU D 464 -6.55 -26.71 31.61
C LEU D 464 -6.59 -25.40 32.36
N ILE D 465 -7.12 -25.40 33.59
CA ILE D 465 -7.18 -24.18 34.39
C ILE D 465 -5.77 -23.67 34.66
N ALA D 466 -4.88 -24.58 35.06
CA ALA D 466 -3.50 -24.18 35.36
C ALA D 466 -2.81 -23.64 34.11
N GLY D 467 -3.01 -24.28 32.96
CA GLY D 467 -2.42 -23.78 31.73
C GLY D 467 -2.91 -22.40 31.35
N ILE D 468 -4.23 -22.19 31.49
CA ILE D 468 -4.78 -20.86 31.19
C ILE D 468 -4.21 -19.81 32.13
N GLN D 469 -4.08 -20.15 33.42
CA GLN D 469 -3.51 -19.22 34.38
C GLN D 469 -2.07 -18.89 34.01
N HIS D 470 -1.29 -19.89 33.62
CA HIS D 470 0.11 -19.64 33.27
C HIS D 470 0.21 -18.80 32.01
N SER D 471 -0.66 -19.04 31.02
CA SER D 471 -0.68 -18.19 29.83
C SER D 471 -1.01 -16.75 30.19
N CYS D 472 -2.01 -16.55 31.04
CA CYS D 472 -2.35 -15.20 31.48
C CYS D 472 -1.17 -14.53 32.18
N GLN D 473 -0.48 -15.26 33.04
CA GLN D 473 0.69 -14.70 33.70
C GLN D 473 1.77 -14.33 32.69
N ASP D 474 2.01 -15.19 31.71
CA ASP D 474 3.04 -14.92 30.72
C ASP D 474 2.72 -13.65 29.94
N ILE D 475 1.45 -13.46 29.56
CA ILE D 475 1.07 -12.25 28.84
C ILE D 475 0.82 -11.07 29.76
N GLY D 476 0.99 -11.25 31.08
CA GLY D 476 0.94 -10.12 31.99
C GLY D 476 -0.44 -9.67 32.40
N ALA D 477 -1.40 -10.58 32.48
CA ALA D 477 -2.77 -10.26 32.86
C ALA D 477 -3.15 -11.07 34.09
N LYS D 478 -3.77 -10.40 35.07
CA LYS D 478 -4.25 -11.06 36.27
C LYS D 478 -5.66 -11.63 36.13
N SER D 479 -6.32 -11.39 35.00
CA SER D 479 -7.66 -11.91 34.78
C SER D 479 -7.94 -11.92 33.28
N LEU D 480 -8.89 -12.77 32.88
CA LEU D 480 -9.30 -12.82 31.48
C LEU D 480 -9.92 -11.51 31.04
N THR D 481 -10.70 -10.88 31.93
CA THR D 481 -11.24 -9.56 31.65
C THR D 481 -10.12 -8.58 31.32
N GLN D 482 -9.04 -8.62 32.10
CA GLN D 482 -7.89 -7.77 31.82
C GLN D 482 -7.25 -8.13 30.48
N VAL D 483 -7.20 -9.42 30.15
CA VAL D 483 -6.65 -9.82 28.86
C VAL D 483 -7.42 -9.17 27.72
N ARG D 484 -8.76 -9.26 27.78
CA ARG D 484 -9.57 -8.70 26.71
C ARG D 484 -9.50 -7.17 26.68
N ALA D 485 -9.45 -6.55 27.86
CA ALA D 485 -9.28 -5.10 27.92
C ALA D 485 -7.97 -4.67 27.27
N MET D 486 -6.88 -5.38 27.57
CA MET D 486 -5.60 -5.07 26.97
C MET D 486 -5.64 -5.26 25.46
N MET D 487 -6.28 -6.34 25.00
CA MET D 487 -6.34 -6.59 23.57
C MET D 487 -7.14 -5.50 22.84
N TYR D 488 -8.26 -5.07 23.43
CA TYR D 488 -9.05 -4.03 22.79
C TYR D 488 -8.37 -2.67 22.87
N SER D 489 -7.55 -2.46 23.89
CA SER D 489 -6.83 -1.20 24.04
C SER D 489 -5.55 -1.14 23.23
N GLY D 490 -5.13 -2.26 22.63
CA GLY D 490 -3.90 -2.31 21.87
C GLY D 490 -2.65 -2.62 22.67
N GLU D 491 -2.75 -2.71 24.00
CA GLU D 491 -1.58 -3.05 24.80
C GLU D 491 -1.08 -4.46 24.48
N LEU D 492 -1.99 -5.41 24.35
CA LEU D 492 -1.62 -6.77 24.00
C LEU D 492 -1.19 -6.84 22.55
N LYS D 493 -0.07 -7.50 22.28
CA LYS D 493 0.51 -7.57 20.95
C LYS D 493 0.55 -9.01 20.46
N PHE D 494 0.47 -9.16 19.13
CA PHE D 494 0.44 -10.45 18.48
C PHE D 494 1.47 -10.48 17.36
N GLU D 495 1.80 -11.69 16.91
CA GLU D 495 2.70 -11.86 15.78
C GLU D 495 2.26 -13.05 14.94
N LYS D 496 2.36 -12.89 13.62
CA LYS D 496 2.00 -13.99 12.71
C LYS D 496 3.04 -15.10 12.78
N ARG D 497 2.65 -16.27 12.27
CA ARG D 497 3.53 -17.44 12.21
C ARG D 497 3.54 -17.96 10.79
N THR D 498 4.75 -18.06 10.21
CA THR D 498 4.91 -18.77 8.96
C THR D 498 4.91 -20.28 9.20
N SER D 499 4.82 -21.04 8.11
CA SER D 499 4.85 -22.50 8.24
C SER D 499 6.14 -22.96 8.90
N SER D 500 7.28 -22.38 8.49
CA SER D 500 8.53 -22.67 9.16
C SER D 500 8.48 -22.26 10.63
N ALA D 501 7.80 -21.15 10.92
CA ALA D 501 7.63 -20.75 12.32
C ALA D 501 6.83 -21.77 13.09
N GLN D 502 5.78 -22.32 12.48
CA GLN D 502 5.01 -23.37 13.13
C GLN D 502 5.87 -24.60 13.39
N VAL D 503 6.68 -24.98 12.41
CA VAL D 503 7.57 -26.13 12.59
C VAL D 503 8.53 -25.89 13.75
N GLU D 504 9.12 -24.69 13.79
CA GLU D 504 10.05 -24.36 14.87
C GLU D 504 9.35 -24.37 16.22
N GLY D 505 8.11 -23.89 16.28
CA GLY D 505 7.39 -23.85 17.54
C GLY D 505 7.12 -25.22 18.11
N GLY D 506 6.87 -26.21 17.26
CA GLY D 506 6.65 -27.56 17.70
C GLY D 506 7.95 -28.30 17.97
N VAL D 507 7.79 -29.55 18.40
CA VAL D 507 8.94 -30.41 18.66
C VAL D 507 9.64 -30.74 17.36
N HIS D 508 10.96 -30.63 17.34
CA HIS D 508 11.74 -30.87 16.13
C HIS D 508 13.16 -31.30 16.52
N SER D 509 13.88 -31.83 15.53
CA SER D 509 15.29 -32.18 15.68
C SER D 509 15.52 -33.21 16.78
N LEU D 510 14.59 -34.15 16.94
CA LEU D 510 14.73 -35.24 17.90
C LEU D 510 14.51 -36.57 17.19
N HIS D 511 15.37 -37.54 17.51
CA HIS D 511 15.19 -38.89 16.98
C HIS D 511 13.90 -39.51 17.51
N SER D 512 13.61 -39.32 18.79
CA SER D 512 12.38 -39.80 19.40
C SER D 512 12.12 -38.98 20.65
N TYR D 513 10.88 -39.00 21.11
CA TYR D 513 10.52 -38.25 22.31
C TYR D 513 9.15 -38.71 22.80
N GLU D 514 8.86 -38.38 24.05
CA GLU D 514 7.56 -38.61 24.65
C GLU D 514 7.03 -37.31 25.23
N LYS D 515 5.75 -37.03 24.99
CA LYS D 515 5.11 -35.80 25.43
C LYS D 515 4.18 -36.10 26.59
N ARG D 516 4.49 -35.55 27.76
CA ARG D 516 3.65 -35.70 28.95
C ARG D 516 3.22 -34.31 29.39
N LEU D 517 1.96 -33.97 29.14
CA LEU D 517 1.46 -32.64 29.48
C LEU D 517 1.48 -32.41 30.98
N PHE D 518 1.06 -33.40 31.76
CA PHE D 518 0.99 -33.26 33.20
C PHE D 518 0.97 -34.63 33.89
N MET E 5 -21.23 -9.54 36.31
CA MET E 5 -22.04 -9.92 35.12
C MET E 5 -21.30 -9.56 33.84
N ALA E 6 -21.90 -9.90 32.69
CA ALA E 6 -21.23 -9.70 31.41
C ALA E 6 -20.94 -8.23 31.14
N ASP E 7 -21.77 -7.33 31.68
CA ASP E 7 -21.57 -5.90 31.41
C ASP E 7 -20.17 -5.44 31.80
N TYR E 8 -19.59 -6.02 32.86
CA TYR E 8 -18.25 -5.68 33.30
C TYR E 8 -17.21 -6.73 32.94
N LEU E 9 -17.61 -7.99 32.86
CA LEU E 9 -16.62 -9.06 32.71
C LEU E 9 -16.06 -9.13 31.30
N ILE E 10 -16.81 -8.67 30.28
CA ILE E 10 -16.36 -8.82 28.91
C ILE E 10 -15.08 -8.05 28.67
N SER E 11 -15.04 -6.77 29.07
CA SER E 11 -13.86 -5.94 28.83
C SER E 11 -13.56 -5.00 30.01
N GLY E 12 -14.12 -5.26 31.19
CA GLY E 12 -13.85 -4.46 32.35
C GLY E 12 -14.84 -3.35 32.63
N GLY E 13 -15.98 -3.34 31.94
CA GLY E 13 -16.99 -2.33 32.16
C GLY E 13 -16.76 -1.02 31.43
N THR E 14 -15.69 -0.91 30.67
CA THR E 14 -15.42 0.31 29.90
C THR E 14 -16.15 0.24 28.58
N SER E 15 -17.14 1.11 28.39
CA SER E 15 -17.90 1.12 27.15
C SER E 15 -16.96 1.33 25.97
N TYR E 16 -17.18 0.57 24.90
CA TYR E 16 -16.29 0.64 23.75
C TYR E 16 -16.40 2.01 23.08
N VAL E 17 -15.32 2.40 22.42
CA VAL E 17 -15.22 3.69 21.75
C VAL E 17 -15.10 3.44 20.26
N PRO E 18 -16.03 3.92 19.43
CA PRO E 18 -15.88 3.74 17.98
C PRO E 18 -14.57 4.33 17.48
N ASP E 19 -13.93 3.64 16.54
CA ASP E 19 -12.65 4.07 16.00
C ASP E 19 -12.89 5.12 14.92
N ASP E 20 -12.52 6.36 15.21
CA ASP E 20 -12.69 7.45 14.26
C ASP E 20 -11.52 8.41 14.42
N GLY E 21 -10.83 8.69 13.32
CA GLY E 21 -9.69 9.58 13.33
C GLY E 21 -8.38 8.81 13.36
N LEU E 22 -7.29 9.58 13.36
CA LEU E 22 -5.94 9.05 13.34
C LEU E 22 -5.21 9.42 14.62
N THR E 23 -4.33 8.52 15.07
CA THR E 23 -3.41 8.84 16.15
C THR E 23 -2.27 9.69 15.61
N ALA E 24 -1.54 10.32 16.54
CA ALA E 24 -0.39 11.13 16.15
C ALA E 24 0.64 10.29 15.42
N GLN E 25 0.89 9.07 15.91
CA GLN E 25 1.84 8.18 15.24
C GLN E 25 1.42 7.90 13.81
N GLN E 26 0.12 7.60 13.60
CA GLN E 26 -0.37 7.38 12.25
C GLN E 26 -0.27 8.65 11.41
N LEU E 27 -0.62 9.80 11.99
CA LEU E 27 -0.63 11.04 11.23
C LEU E 27 0.76 11.41 10.74
N PHE E 28 1.78 11.25 11.59
CA PHE E 28 3.13 11.66 11.25
C PHE E 28 3.97 10.52 10.67
N ASN E 29 3.37 9.36 10.43
CA ASN E 29 4.05 8.28 9.73
C ASN E 29 3.87 8.33 8.22
N CYS E 30 3.03 9.24 7.72
CA CYS E 30 2.80 9.36 6.29
C CYS E 30 3.93 10.09 5.57
N GLY E 31 4.82 10.76 6.30
CA GLY E 31 5.92 11.47 5.68
C GLY E 31 5.47 12.60 4.77
N ASP E 32 4.39 13.29 5.13
CA ASP E 32 3.85 14.39 4.33
C ASP E 32 4.49 15.72 4.67
N GLY E 33 5.27 15.81 5.74
CA GLY E 33 5.86 17.08 6.15
C GLY E 33 4.81 18.09 6.56
N LEU E 34 4.12 17.82 7.66
CA LEU E 34 3.00 18.63 8.09
C LEU E 34 3.45 19.76 9.02
N THR E 35 2.67 20.84 9.03
CA THR E 35 2.82 21.93 9.96
C THR E 35 1.53 22.06 10.78
N TYR E 36 1.47 23.12 11.60
CA TYR E 36 0.34 23.27 12.52
C TYR E 36 -0.98 23.38 11.77
N ASN E 37 -1.01 24.17 10.69
CA ASN E 37 -2.25 24.44 9.98
C ASN E 37 -2.75 23.25 9.17
N ASP E 38 -1.97 22.18 9.05
CA ASP E 38 -2.31 21.05 8.21
C ASP E 38 -3.17 20.00 8.90
N PHE E 39 -3.53 20.20 10.17
CA PHE E 39 -4.28 19.18 10.90
C PHE E 39 -5.08 19.82 12.02
N LEU E 40 -6.03 19.05 12.54
CA LEU E 40 -6.88 19.45 13.66
C LEU E 40 -6.95 18.31 14.67
N ILE E 41 -7.25 18.67 15.91
CA ILE E 41 -7.46 17.73 16.99
C ILE E 41 -8.96 17.49 17.12
N LEU E 42 -9.35 16.21 17.17
CA LEU E 42 -10.78 15.91 17.26
C LEU E 42 -11.27 16.06 18.70
N PRO E 43 -12.51 16.50 18.90
CA PRO E 43 -13.02 16.68 20.27
C PRO E 43 -13.25 15.35 20.98
N GLY E 44 -13.29 15.44 22.31
CA GLY E 44 -13.51 14.27 23.14
C GLY E 44 -14.74 14.37 24.02
N TYR E 45 -14.59 14.04 25.31
CA TYR E 45 -15.69 14.02 26.26
C TYR E 45 -15.40 15.02 27.37
N ILE E 46 -16.41 15.80 27.75
CA ILE E 46 -16.28 16.86 28.74
C ILE E 46 -17.04 16.43 29.99
N ASP E 47 -16.34 16.40 31.13
CA ASP E 47 -16.97 16.19 32.42
C ASP E 47 -16.36 17.10 33.48
N PHE E 48 -15.86 18.26 33.06
CA PHE E 48 -15.24 19.22 33.97
C PHE E 48 -15.32 20.60 33.34
N THR E 49 -15.10 21.62 34.16
CA THR E 49 -15.09 22.99 33.69
C THR E 49 -13.68 23.40 33.27
N ALA E 50 -13.61 24.42 32.41
CA ALA E 50 -12.34 24.83 31.85
C ALA E 50 -11.39 25.35 32.93
N ASP E 51 -11.92 26.05 33.94
CA ASP E 51 -11.08 26.66 34.95
C ASP E 51 -10.37 25.63 35.83
N GLN E 52 -10.76 24.37 35.79
CA GLN E 52 -10.07 23.32 36.53
C GLN E 52 -8.87 22.75 35.79
N VAL E 53 -8.62 23.20 34.55
CA VAL E 53 -7.52 22.65 33.78
C VAL E 53 -6.20 23.16 34.35
N ASP E 54 -5.27 22.24 34.57
CA ASP E 54 -3.96 22.55 35.13
C ASP E 54 -2.94 22.65 34.00
N LEU E 55 -2.23 23.79 33.93
CA LEU E 55 -1.26 24.05 32.88
C LEU E 55 0.18 23.93 33.39
N THR E 56 0.39 23.27 34.53
CA THR E 56 1.73 23.09 35.04
C THR E 56 2.60 22.39 33.99
N SER E 57 3.79 22.92 33.76
CA SER E 57 4.67 22.44 32.70
C SER E 57 6.11 22.39 33.21
N ALA E 58 6.88 21.48 32.63
CA ALA E 58 8.29 21.30 32.98
C ALA E 58 9.15 22.02 31.93
N LEU E 59 9.82 23.08 32.34
CA LEU E 59 10.76 23.75 31.45
C LEU E 59 12.00 22.91 31.23
N THR E 60 12.55 22.34 32.29
CA THR E 60 13.73 21.49 32.23
C THR E 60 13.49 20.29 33.13
N LYS E 61 14.54 19.48 33.32
CA LYS E 61 14.42 18.31 34.17
C LYS E 61 14.05 18.68 35.60
N LYS E 62 14.53 19.82 36.09
CA LYS E 62 14.34 20.22 37.47
C LYS E 62 13.54 21.49 37.66
N ILE E 63 13.22 22.22 36.59
CA ILE E 63 12.48 23.48 36.67
C ILE E 63 11.07 23.24 36.15
N THR E 64 10.08 23.62 36.96
CA THR E 64 8.67 23.46 36.62
C THR E 64 7.99 24.82 36.66
N LEU E 65 7.18 25.09 35.65
CA LEU E 65 6.42 26.33 35.54
C LEU E 65 4.93 26.06 35.63
N LYS E 66 4.18 27.06 36.08
CA LYS E 66 2.73 26.96 36.14
C LYS E 66 2.06 27.22 34.81
N THR E 67 2.78 27.75 33.83
CA THR E 67 2.28 27.93 32.47
C THR E 67 3.36 27.49 31.49
N PRO E 68 2.97 27.08 30.28
CA PRO E 68 3.95 26.59 29.31
C PRO E 68 4.55 27.68 28.43
N LEU E 69 4.39 28.94 28.80
CA LEU E 69 4.73 30.07 27.95
C LEU E 69 6.15 30.55 28.24
N VAL E 70 6.93 30.75 27.19
CA VAL E 70 8.31 31.22 27.28
C VAL E 70 8.52 32.31 26.24
N SER E 71 9.33 33.31 26.58
CA SER E 71 9.67 34.39 25.68
C SER E 71 11.03 34.15 25.05
N SER E 72 11.11 34.39 23.74
CA SER E 72 12.32 34.08 23.01
C SER E 72 13.46 35.03 23.40
N PRO E 73 14.71 34.54 23.39
CA PRO E 73 15.86 35.43 23.66
C PRO E 73 16.25 36.27 22.43
N MET E 74 15.47 37.32 22.20
CA MET E 74 15.66 38.20 21.05
C MET E 74 15.78 39.64 21.53
N ASP E 75 16.58 40.42 20.82
CA ASP E 75 16.83 41.80 21.21
C ASP E 75 15.60 42.69 21.08
N THR E 76 14.58 42.24 20.36
CA THR E 76 13.33 42.97 20.23
C THR E 76 12.17 42.31 20.99
N VAL E 77 12.47 41.33 21.83
CA VAL E 77 11.41 40.59 22.52
C VAL E 77 11.62 40.61 24.03
N THR E 78 12.77 40.11 24.49
CA THR E 78 12.96 39.80 25.91
C THR E 78 14.10 40.63 26.49
N GLU E 79 13.76 41.50 27.44
CA GLU E 79 14.72 42.13 28.32
C GLU E 79 14.24 41.97 29.75
N ALA E 80 14.85 42.69 30.70
CA ALA E 80 14.48 42.53 32.10
C ALA E 80 12.96 42.67 32.31
N GLY E 81 12.36 43.68 31.68
CA GLY E 81 10.93 43.90 31.88
C GLY E 81 10.09 42.74 31.38
N MET E 82 10.39 42.26 30.17
CA MET E 82 9.66 41.13 29.61
C MET E 82 9.83 39.90 30.48
N ALA E 83 11.05 39.63 30.94
CA ALA E 83 11.28 38.49 31.80
C ALA E 83 10.50 38.59 33.10
N ILE E 84 10.49 39.79 33.71
CA ILE E 84 9.75 39.98 34.95
C ILE E 84 8.26 39.72 34.72
N ALA E 85 7.70 40.29 33.64
CA ALA E 85 6.29 40.10 33.36
C ALA E 85 5.97 38.64 33.12
N MET E 86 6.80 37.94 32.33
CA MET E 86 6.54 36.54 32.05
C MET E 86 6.61 35.70 33.31
N ALA E 87 7.60 35.96 34.17
CA ALA E 87 7.70 35.22 35.42
C ALA E 87 6.48 35.48 36.31
N LEU E 88 6.02 36.74 36.37
CA LEU E 88 4.87 37.06 37.20
C LEU E 88 3.61 36.36 36.67
N THR E 89 3.45 36.30 35.36
CA THR E 89 2.25 35.71 34.76
C THR E 89 2.29 34.18 34.77
N GLY E 90 3.40 33.57 35.18
CA GLY E 90 3.50 32.12 35.28
C GLY E 90 4.45 31.47 34.30
N GLY E 91 5.09 32.25 33.43
CA GLY E 91 6.05 31.70 32.49
C GLY E 91 7.48 32.02 32.85
N ILE E 92 8.31 32.27 31.84
CA ILE E 92 9.71 32.62 32.06
C ILE E 92 10.23 33.28 30.79
N GLY E 93 11.28 34.07 30.93
CA GLY E 93 11.89 34.73 29.80
C GLY E 93 13.40 34.53 29.80
N PHE E 94 13.96 34.48 28.59
CA PHE E 94 15.39 34.30 28.39
C PHE E 94 15.97 35.61 27.86
N ILE E 95 16.94 36.16 28.59
CA ILE E 95 17.56 37.41 28.18
C ILE E 95 18.44 37.17 26.97
N HIS E 96 18.31 38.03 25.96
CA HIS E 96 19.11 37.92 24.76
C HIS E 96 20.56 38.27 25.05
N HIS E 97 21.46 37.86 24.14
CA HIS E 97 22.89 38.05 24.31
C HIS E 97 23.51 38.88 23.19
N ASN E 98 22.70 39.61 22.42
CA ASN E 98 23.22 40.56 21.44
C ASN E 98 23.55 41.89 22.14
N CYS E 99 24.47 41.80 23.08
CA CYS E 99 24.85 42.93 23.94
C CYS E 99 26.14 42.54 24.66
N THR E 100 26.66 43.47 25.45
CA THR E 100 27.83 43.17 26.25
C THR E 100 27.46 42.22 27.38
N PRO E 101 28.40 41.38 27.82
CA PRO E 101 28.08 40.48 28.95
C PRO E 101 27.62 41.23 30.19
N GLU E 102 28.22 42.39 30.46
CA GLU E 102 27.84 43.16 31.64
C GLU E 102 26.39 43.61 31.57
N PHE E 103 25.94 44.06 30.40
CA PHE E 103 24.55 44.49 30.24
C PHE E 103 23.59 43.33 30.49
N GLN E 104 23.88 42.15 29.94
CA GLN E 104 23.04 40.99 30.14
C GLN E 104 23.01 40.60 31.62
N ALA E 105 24.17 40.61 32.27
CA ALA E 105 24.22 40.29 33.70
C ALA E 105 23.42 41.29 34.52
N ASN E 106 23.48 42.58 34.14
CA ASN E 106 22.70 43.58 34.85
C ASN E 106 21.20 43.34 34.67
N GLU E 107 20.78 42.98 33.46
CA GLU E 107 19.36 42.65 33.26
C GLU E 107 18.95 41.45 34.10
N VAL E 108 19.79 40.42 34.16
CA VAL E 108 19.49 39.26 34.99
C VAL E 108 19.38 39.66 36.45
N ARG E 109 20.29 40.51 36.91
CA ARG E 109 20.22 40.99 38.29
C ARG E 109 18.93 41.75 38.55
N LYS E 110 18.54 42.61 37.61
CA LYS E 110 17.28 43.33 37.75
C LYS E 110 16.12 42.37 37.90
N VAL E 111 16.10 41.30 37.10
CA VAL E 111 15.03 40.32 37.21
C VAL E 111 15.07 39.65 38.58
N LYS E 112 16.27 39.28 39.05
CA LYS E 112 16.37 38.52 40.29
C LYS E 112 16.02 39.35 41.52
N LYS E 113 16.34 40.65 41.51
CA LYS E 113 16.11 41.51 42.65
C LYS E 113 14.75 42.21 42.62
N TYR E 114 13.89 41.87 41.66
CA TYR E 114 12.57 42.49 41.60
C TYR E 114 11.76 42.11 42.83
N GLU E 115 11.04 43.09 43.37
CA GLU E 115 10.19 42.88 44.54
C GLU E 115 8.89 43.67 44.42
N ASP E 236 -1.97 40.79 43.06
CA ASP E 236 -1.47 39.47 43.43
C ASP E 236 -1.10 38.67 42.18
N TYR E 237 -0.06 37.83 42.31
CA TYR E 237 0.43 37.00 41.21
C TYR E 237 0.57 35.58 41.72
N PRO E 238 -0.55 34.86 41.89
CA PRO E 238 -0.46 33.50 42.44
C PRO E 238 0.37 32.54 41.59
N LEU E 239 0.42 32.74 40.28
CA LEU E 239 1.13 31.85 39.38
C LEU E 239 2.59 32.21 39.22
N ALA E 240 3.09 33.21 39.96
CA ALA E 240 4.44 33.70 39.75
C ALA E 240 5.46 32.58 39.84
N SER E 241 6.41 32.59 38.91
CA SER E 241 7.48 31.60 38.86
C SER E 241 8.65 32.09 39.70
N LYS E 242 8.96 31.36 40.78
CA LYS E 242 9.97 31.77 41.73
C LYS E 242 10.88 30.59 42.05
N ASP E 243 12.09 30.92 42.51
CA ASP E 243 13.06 29.91 42.91
C ASP E 243 12.85 29.58 44.39
N ALA E 244 13.79 28.82 44.96
CA ALA E 244 13.67 28.43 46.37
C ALA E 244 13.74 29.62 47.31
N LYS E 245 14.33 30.73 46.89
CA LYS E 245 14.44 31.93 47.70
C LYS E 245 13.33 32.93 47.42
N LYS E 246 12.26 32.51 46.76
CA LYS E 246 11.14 33.38 46.42
C LYS E 246 11.57 34.52 45.49
N GLN E 247 12.61 34.29 44.71
CA GLN E 247 13.07 35.23 43.70
C GLN E 247 12.60 34.79 42.32
N LEU E 248 12.19 35.75 41.50
CA LEU E 248 11.66 35.43 40.19
C LEU E 248 12.69 34.65 39.36
N LEU E 249 12.21 33.61 38.68
CA LEU E 249 13.08 32.84 37.81
C LEU E 249 13.49 33.67 36.59
N CYS E 250 14.71 33.46 36.13
CA CYS E 250 15.23 34.16 34.96
C CYS E 250 16.13 33.22 34.16
N GLY E 251 16.02 33.31 32.83
CA GLY E 251 16.88 32.58 31.93
C GLY E 251 17.71 33.53 31.08
N ALA E 252 18.73 32.96 30.43
CA ALA E 252 19.62 33.74 29.58
C ALA E 252 20.15 32.85 28.47
N ALA E 253 20.60 33.49 27.40
CA ALA E 253 21.15 32.79 26.24
C ALA E 253 22.63 33.09 26.11
N ILE E 254 23.40 32.09 25.67
CA ILE E 254 24.81 32.25 25.38
C ILE E 254 25.13 31.51 24.08
N GLY E 255 26.25 31.89 23.47
CA GLY E 255 26.73 31.23 22.28
C GLY E 255 27.65 30.06 22.57
N THR E 256 28.20 29.48 21.51
CA THR E 256 29.09 28.34 21.60
C THR E 256 30.54 28.73 21.33
N HIS E 257 30.87 30.01 21.42
CA HIS E 257 32.21 30.50 21.17
C HIS E 257 32.99 30.65 22.47
N GLU E 258 34.30 30.86 22.33
CA GLU E 258 35.18 30.92 23.49
C GLU E 258 34.80 32.07 24.42
N ASP E 259 34.49 33.24 23.85
CA ASP E 259 34.17 34.39 24.68
C ASP E 259 32.94 34.14 25.54
N ASP E 260 31.97 33.38 25.02
CA ASP E 260 30.73 33.16 25.76
C ASP E 260 30.98 32.61 27.14
N LYS E 261 32.06 31.84 27.32
CA LYS E 261 32.38 31.30 28.63
C LYS E 261 32.43 32.43 29.67
N TYR E 262 33.21 33.48 29.38
CA TYR E 262 33.25 34.62 30.28
C TYR E 262 31.84 35.14 30.54
N ARG E 263 31.08 35.35 29.46
CA ARG E 263 29.69 35.78 29.61
C ARG E 263 28.96 34.88 30.59
N LEU E 264 29.05 33.57 30.39
CA LEU E 264 28.37 32.63 31.27
C LEU E 264 28.73 32.90 32.73
N ASP E 265 30.02 33.10 33.00
CA ASP E 265 30.45 33.35 34.38
C ASP E 265 29.65 34.49 34.97
N LEU E 266 29.57 35.62 34.26
CA LEU E 266 28.83 36.76 34.78
C LEU E 266 27.38 36.38 35.01
N LEU E 267 26.76 35.69 34.05
CA LEU E 267 25.39 35.26 34.23
C LEU E 267 25.26 34.35 35.45
N ALA E 268 26.27 33.51 35.70
CA ALA E 268 26.25 32.69 36.90
C ALA E 268 26.33 33.55 38.15
N GLN E 269 27.13 34.61 38.12
CA GLN E 269 27.26 35.48 39.28
C GLN E 269 26.02 36.32 39.53
N ALA E 270 25.20 36.54 38.50
CA ALA E 270 23.98 37.31 38.64
C ALA E 270 22.79 36.47 39.12
N GLY E 271 22.96 35.16 39.25
CA GLY E 271 21.91 34.31 39.76
C GLY E 271 20.99 33.71 38.71
N VAL E 272 21.42 33.63 37.46
CA VAL E 272 20.58 33.03 36.43
C VAL E 272 20.29 31.59 36.78
N ASP E 273 19.05 31.17 36.54
CA ASP E 273 18.59 29.83 36.91
C ASP E 273 18.74 28.81 35.78
N VAL E 274 18.76 29.26 34.53
CA VAL E 274 18.85 28.36 33.39
C VAL E 274 19.46 29.12 32.22
N VAL E 275 20.25 28.40 31.42
CA VAL E 275 20.93 28.99 30.27
C VAL E 275 20.60 28.14 29.04
N VAL E 276 20.34 28.81 27.92
CA VAL E 276 20.05 28.16 26.65
C VAL E 276 21.18 28.49 25.68
N LEU E 277 21.70 27.45 25.02
CA LEU E 277 22.74 27.63 24.02
C LEU E 277 22.06 28.00 22.70
N ASP E 278 22.29 29.23 22.25
CA ASP E 278 21.58 29.78 21.09
C ASP E 278 22.35 29.46 19.82
N SER E 279 21.69 28.74 18.91
CA SER E 279 22.29 28.39 17.62
C SER E 279 21.20 27.88 16.70
N SER E 280 21.30 28.24 15.42
CA SER E 280 20.35 27.73 14.43
C SER E 280 20.51 26.23 14.23
N GLN E 281 21.72 25.70 14.42
CA GLN E 281 22.02 24.28 14.24
C GLN E 281 22.84 23.84 15.45
N GLY E 282 22.16 23.26 16.45
CA GLY E 282 22.80 22.95 17.72
C GLY E 282 23.57 21.64 17.77
N ASN E 283 23.47 20.81 16.73
CA ASN E 283 24.18 19.53 16.70
C ASN E 283 25.58 19.77 16.16
N SER E 284 26.43 20.35 17.01
CA SER E 284 27.80 20.69 16.64
C SER E 284 28.74 20.28 17.77
N ILE E 285 30.00 20.03 17.40
CA ILE E 285 31.01 19.70 18.40
C ILE E 285 31.19 20.85 19.37
N PHE E 286 31.06 22.09 18.88
CA PHE E 286 31.21 23.24 19.76
C PHE E 286 30.16 23.25 20.85
N GLN E 287 28.90 22.99 20.49
CA GLN E 287 27.84 22.99 21.48
C GLN E 287 28.00 21.86 22.48
N ILE E 288 28.41 20.68 22.02
CA ILE E 288 28.63 19.56 22.93
C ILE E 288 29.75 19.88 23.91
N ASN E 289 30.84 20.47 23.41
CA ASN E 289 31.94 20.85 24.28
C ASN E 289 31.49 21.88 25.31
N MET E 290 30.69 22.87 24.88
CA MET E 290 30.20 23.87 25.82
C MET E 290 29.28 23.25 26.86
N ILE E 291 28.44 22.30 26.45
CA ILE E 291 27.56 21.62 27.40
C ILE E 291 28.38 20.89 28.45
N LYS E 292 29.41 20.15 28.01
CA LYS E 292 30.25 19.43 28.96
C LYS E 292 30.98 20.39 29.88
N TYR E 293 31.48 21.50 29.34
CA TYR E 293 32.16 22.50 30.16
C TYR E 293 31.23 23.08 31.21
N ILE E 294 30.00 23.41 30.83
CA ILE E 294 29.04 23.97 31.78
C ILE E 294 28.73 22.95 32.86
N LYS E 295 28.48 21.70 32.47
CA LYS E 295 28.13 20.68 33.45
C LYS E 295 29.29 20.42 34.40
N ASP E 296 30.54 20.52 33.93
CA ASP E 296 31.68 20.33 34.81
C ASP E 296 31.86 21.50 35.75
N LYS E 297 31.75 22.73 35.25
CA LYS E 297 31.99 23.91 36.08
C LYS E 297 30.76 24.32 36.88
N TYR E 298 29.56 24.11 36.35
CA TYR E 298 28.31 24.51 37.00
C TYR E 298 27.37 23.31 37.02
N PRO E 299 27.65 22.33 37.88
CA PRO E 299 26.82 21.11 37.88
C PRO E 299 25.34 21.38 38.16
N ASN E 300 25.03 22.40 38.96
CA ASN E 300 23.65 22.68 39.35
C ASN E 300 22.93 23.63 38.42
N LEU E 301 23.58 24.07 37.34
CA LEU E 301 22.96 24.99 36.39
C LEU E 301 22.28 24.20 35.28
N GLN E 302 20.98 24.44 35.11
CA GLN E 302 20.24 23.76 34.04
C GLN E 302 20.62 24.34 32.68
N VAL E 303 20.80 23.46 31.70
CA VAL E 303 21.28 23.83 30.38
C VAL E 303 20.27 23.33 29.35
N ILE E 304 19.91 24.20 28.40
CA ILE E 304 19.00 23.88 27.31
C ILE E 304 19.79 23.88 26.02
N GLY E 305 19.66 22.79 25.25
CA GLY E 305 20.34 22.66 23.98
C GLY E 305 19.42 22.86 22.80
N GLY E 306 20.01 23.22 21.67
CA GLY E 306 19.26 23.44 20.46
C GLY E 306 20.00 24.42 19.55
N ASN E 307 19.38 24.70 18.40
CA ASN E 307 18.09 24.13 17.99
C ASN E 307 18.28 22.82 17.22
N VAL E 308 17.31 21.92 17.33
CA VAL E 308 17.33 20.63 16.65
C VAL E 308 15.94 20.33 16.11
N VAL E 309 15.89 19.52 15.05
CA VAL E 309 14.63 19.14 14.43
C VAL E 309 14.56 17.64 14.16
N THR E 310 15.65 16.92 14.40
CA THR E 310 15.71 15.50 14.13
C THR E 310 16.07 14.73 15.39
N ALA E 311 15.82 13.42 15.36
CA ALA E 311 16.08 12.58 16.52
C ALA E 311 17.57 12.32 16.72
N ALA E 312 18.37 12.35 15.64
CA ALA E 312 19.80 12.14 15.79
C ALA E 312 20.46 13.30 16.54
N GLN E 313 20.10 14.53 16.18
CA GLN E 313 20.60 15.69 16.91
C GLN E 313 20.19 15.62 18.38
N ALA E 314 18.93 15.24 18.63
CA ALA E 314 18.45 15.11 20.00
C ALA E 314 19.24 14.05 20.75
N LYS E 315 19.54 12.93 20.11
CA LYS E 315 20.35 11.89 20.75
C LYS E 315 21.72 12.42 21.13
N ASN E 316 22.37 13.13 20.20
CA ASN E 316 23.69 13.66 20.49
C ASN E 316 23.66 14.61 21.68
N LEU E 317 22.70 15.54 21.67
CA LEU E 317 22.65 16.53 22.74
C LEU E 317 22.25 15.91 24.08
N ILE E 318 21.36 14.92 24.06
CA ILE E 318 20.96 14.25 25.29
C ILE E 318 22.13 13.46 25.86
N ASP E 319 22.89 12.78 24.99
CA ASP E 319 24.10 12.10 25.45
C ASP E 319 25.09 13.10 26.02
N ALA E 320 25.15 14.30 25.46
CA ALA E 320 26.02 15.32 26.02
C ALA E 320 25.61 15.70 27.44
N GLY E 321 24.31 15.63 27.75
CA GLY E 321 23.85 15.87 29.10
C GLY E 321 22.96 17.09 29.26
N VAL E 322 22.21 17.44 28.22
CA VAL E 322 21.32 18.59 28.32
C VAL E 322 20.12 18.24 29.20
N ASP E 323 19.49 19.28 29.75
CA ASP E 323 18.31 19.13 30.60
C ASP E 323 17.01 19.43 29.88
N ALA E 324 17.09 19.96 28.65
CA ALA E 324 15.91 20.21 27.83
C ALA E 324 16.38 20.49 26.41
N LEU E 325 15.46 20.40 25.46
CA LEU E 325 15.77 20.65 24.06
C LEU E 325 14.91 21.77 23.51
N ARG E 326 15.48 22.52 22.58
CA ARG E 326 14.80 23.61 21.88
C ARG E 326 14.62 23.19 20.43
N VAL E 327 13.38 23.07 19.99
CA VAL E 327 13.06 22.42 18.73
C VAL E 327 12.48 23.45 17.77
N GLY E 328 13.12 23.60 16.62
CA GLY E 328 12.66 24.48 15.57
C GLY E 328 13.78 24.98 14.67
N MET E 329 13.55 24.97 13.36
CA MET E 329 14.53 25.49 12.41
C MET E 329 13.79 25.79 11.10
N GLY E 330 13.76 27.06 10.71
CA GLY E 330 13.12 27.48 9.48
C GLY E 330 11.68 27.95 9.66
N SER E 331 11.10 27.74 10.83
CA SER E 331 9.70 28.09 11.06
C SER E 331 9.50 29.49 11.62
N GLY E 332 10.57 30.19 11.96
CA GLY E 332 10.41 31.51 12.56
C GLY E 332 9.77 32.50 11.61
N SER E 333 9.01 33.43 12.18
CA SER E 333 8.34 34.44 11.38
C SER E 333 9.35 35.31 10.63
N ILE E 334 10.52 35.54 11.21
CA ILE E 334 11.55 36.38 10.62
C ILE E 334 12.71 35.55 10.09
N CYS E 335 12.47 34.29 9.76
CA CYS E 335 13.50 33.35 9.37
C CYS E 335 13.42 33.05 7.88
N ILE E 336 14.58 33.08 7.21
CA ILE E 336 14.66 32.77 5.79
C ILE E 336 15.72 31.69 5.57
N THR E 337 16.01 30.91 6.62
CA THR E 337 17.03 29.88 6.53
C THR E 337 16.68 28.83 5.48
N GLN E 338 15.39 28.49 5.36
CA GLN E 338 14.99 27.43 4.45
C GLN E 338 15.31 27.80 3.00
N GLU E 339 15.04 29.03 2.60
CA GLU E 339 15.26 29.44 1.22
C GLU E 339 16.71 29.80 0.93
N VAL E 340 17.52 30.02 1.96
CA VAL E 340 18.92 30.40 1.76
C VAL E 340 19.84 29.19 1.81
N LEU E 341 19.63 28.29 2.78
CA LEU E 341 20.48 27.13 2.97
C LEU E 341 19.80 25.80 2.66
N ALA E 342 18.51 25.81 2.36
CA ALA E 342 17.76 24.61 2.02
C ALA E 342 17.69 23.62 3.17
N CYS E 343 17.87 24.08 4.40
CA CYS E 343 17.90 23.21 5.58
C CYS E 343 16.80 23.63 6.54
N GLY E 344 16.05 22.64 7.03
CA GLY E 344 14.99 22.92 7.97
C GLY E 344 14.05 21.72 8.08
N ARG E 345 12.90 21.97 8.70
CA ARG E 345 11.87 20.94 8.83
C ARG E 345 10.56 21.60 9.19
N PRO E 346 9.42 21.05 8.74
CA PRO E 346 8.13 21.56 9.21
C PRO E 346 8.03 21.45 10.73
N GLN E 347 7.43 22.46 11.34
CA GLN E 347 7.51 22.62 12.79
C GLN E 347 6.79 21.48 13.53
N ALA E 348 5.56 21.17 13.11
CA ALA E 348 4.77 20.18 13.84
C ALA E 348 5.46 18.81 13.83
N THR E 349 5.94 18.39 12.66
CA THR E 349 6.60 17.09 12.57
C THR E 349 7.88 17.06 13.39
N ALA E 350 8.66 18.13 13.36
CA ALA E 350 9.88 18.20 14.15
C ALA E 350 9.55 18.10 15.64
N VAL E 351 8.54 18.84 16.08
CA VAL E 351 8.15 18.79 17.48
C VAL E 351 7.77 17.38 17.86
N TYR E 352 6.91 16.74 17.06
CA TYR E 352 6.45 15.39 17.39
C TYR E 352 7.64 14.43 17.49
N LYS E 353 8.50 14.41 16.47
CA LYS E 353 9.58 13.43 16.44
C LYS E 353 10.56 13.65 17.58
N VAL E 354 11.00 14.90 17.77
CA VAL E 354 11.98 15.18 18.82
C VAL E 354 11.39 14.90 20.19
N SER E 355 10.13 15.28 20.41
CA SER E 355 9.50 15.00 21.70
C SER E 355 9.38 13.51 21.94
N GLU E 356 9.02 12.75 20.91
CA GLU E 356 8.89 11.30 21.07
C GLU E 356 10.22 10.67 21.45
N TYR E 357 11.31 11.12 20.81
CA TYR E 357 12.61 10.58 21.19
C TYR E 357 13.01 11.02 22.59
N ALA E 358 12.83 12.30 22.91
CA ALA E 358 13.29 12.83 24.19
C ALA E 358 12.52 12.25 25.36
N ARG E 359 11.25 11.93 25.17
CA ARG E 359 10.45 11.37 26.26
C ARG E 359 11.05 10.07 26.78
N ARG E 360 11.78 9.35 25.93
CA ARG E 360 12.42 8.11 26.37
C ARG E 360 13.44 8.34 27.48
N PHE E 361 13.99 9.56 27.58
CA PHE E 361 15.00 9.88 28.57
C PHE E 361 14.56 10.99 29.52
N GLY E 362 13.27 11.31 29.55
CA GLY E 362 12.77 12.33 30.46
C GLY E 362 13.32 13.72 30.20
N VAL E 363 13.46 14.11 28.93
CA VAL E 363 14.00 15.41 28.54
C VAL E 363 12.86 16.22 27.92
N PRO E 364 12.48 17.35 28.50
CA PRO E 364 11.39 18.15 27.93
C PRO E 364 11.80 18.92 26.69
N VAL E 365 10.79 19.39 25.98
CA VAL E 365 10.95 20.05 24.69
C VAL E 365 10.28 21.42 24.71
N ILE E 366 10.96 22.40 24.10
CA ILE E 366 10.45 23.74 23.91
C ILE E 366 10.23 23.92 22.42
N ALA E 367 8.96 23.98 22.00
CA ALA E 367 8.63 24.25 20.62
C ALA E 367 8.84 25.73 20.33
N ASP E 368 9.77 26.03 19.43
CA ASP E 368 10.19 27.40 19.15
C ASP E 368 9.95 27.70 17.67
N GLY E 369 9.16 28.73 17.41
CA GLY E 369 8.96 29.20 16.06
C GLY E 369 7.62 28.73 15.48
N GLY E 370 7.04 29.57 14.64
CA GLY E 370 5.83 29.22 13.93
C GLY E 370 4.54 29.41 14.70
N ILE E 371 4.60 29.97 15.90
CA ILE E 371 3.40 30.17 16.71
C ILE E 371 2.76 31.49 16.30
N GLN E 372 1.48 31.43 15.89
CA GLN E 372 0.72 32.60 15.51
C GLN E 372 -0.56 32.80 16.32
N ASN E 373 -1.06 31.77 16.99
CA ASN E 373 -2.30 31.87 17.74
C ASN E 373 -2.32 30.80 18.81
N VAL E 374 -3.36 30.85 19.65
CA VAL E 374 -3.48 29.90 20.75
C VAL E 374 -3.60 28.47 20.22
N GLY E 375 -4.29 28.30 19.10
CA GLY E 375 -4.42 26.97 18.52
C GLY E 375 -3.09 26.32 18.23
N HIS E 376 -2.13 27.11 17.74
CA HIS E 376 -0.79 26.58 17.50
C HIS E 376 -0.13 26.12 18.79
N ILE E 377 -0.31 26.90 19.87
CA ILE E 377 0.25 26.51 21.17
C ILE E 377 -0.34 25.19 21.62
N ALA E 378 -1.67 25.06 21.51
CA ALA E 378 -2.33 23.82 21.93
C ALA E 378 -1.85 22.65 21.09
N LYS E 379 -1.73 22.83 19.77
CA LYS E 379 -1.26 21.76 18.91
C LYS E 379 0.17 21.35 19.27
N ALA E 380 1.05 22.33 19.51
CA ALA E 380 2.42 22.01 19.87
C ALA E 380 2.48 21.23 21.18
N LEU E 381 1.69 21.65 22.17
CA LEU E 381 1.67 20.92 23.44
C LEU E 381 1.12 19.51 23.26
N ALA E 382 0.10 19.35 22.42
CA ALA E 382 -0.52 18.05 22.23
C ALA E 382 0.41 17.08 21.51
N LEU E 383 1.33 17.59 20.70
CA LEU E 383 2.23 16.73 19.94
C LEU E 383 3.45 16.28 20.72
N GLY E 384 3.62 16.73 21.96
CA GLY E 384 4.70 16.25 22.80
C GLY E 384 5.50 17.35 23.49
N ALA E 385 5.37 18.58 23.01
CA ALA E 385 6.14 19.68 23.58
C ALA E 385 5.69 19.95 25.01
N SER E 386 6.66 20.23 25.88
CA SER E 386 6.36 20.62 27.25
C SER E 386 6.21 22.11 27.41
N THR E 387 6.86 22.91 26.56
CA THR E 387 6.74 24.35 26.62
C THR E 387 6.76 24.91 25.21
N VAL E 388 6.31 26.15 25.07
CA VAL E 388 6.24 26.85 23.79
C VAL E 388 6.89 28.22 23.95
N MET E 389 7.77 28.57 23.01
CA MET E 389 8.47 29.84 23.04
C MET E 389 8.05 30.66 21.83
N MET E 390 7.71 31.92 22.06
CA MET E 390 7.16 32.79 21.02
C MET E 390 7.96 34.09 20.94
N GLY E 391 8.36 34.46 19.73
CA GLY E 391 9.00 35.74 19.51
C GLY E 391 8.06 36.79 18.95
N SER E 392 7.34 36.45 17.88
CA SER E 392 6.48 37.43 17.22
C SER E 392 5.20 37.69 18.00
N LEU E 393 4.60 36.65 18.57
CA LEU E 393 3.35 36.84 19.30
C LEU E 393 3.51 37.78 20.48
N LEU E 394 4.66 37.74 21.15
CA LEU E 394 4.95 38.66 22.24
C LEU E 394 5.61 39.95 21.76
N ALA E 395 5.95 40.04 20.48
CA ALA E 395 6.53 41.27 19.96
C ALA E 395 5.48 42.38 19.93
N ALA E 396 5.96 43.61 20.00
CA ALA E 396 5.13 44.82 20.02
C ALA E 396 4.33 44.97 21.30
N THR E 397 4.58 44.14 22.30
CA THR E 397 3.96 44.34 23.60
C THR E 397 4.63 45.49 24.33
N THR E 398 3.96 45.99 25.36
CA THR E 398 4.49 47.13 26.10
C THR E 398 5.82 46.80 26.75
N GLU E 399 5.94 45.61 27.32
CA GLU E 399 7.16 45.21 28.01
C GLU E 399 8.30 44.86 27.05
N ALA E 400 8.03 44.73 25.75
CA ALA E 400 9.07 44.41 24.81
C ALA E 400 10.03 45.58 24.65
N PRO E 401 11.30 45.31 24.31
CA PRO E 401 12.25 46.39 24.12
C PRO E 401 11.88 47.26 22.93
N GLY E 402 12.33 48.51 22.98
CA GLY E 402 12.10 49.47 21.93
C GLY E 402 10.90 50.36 22.21
N GLU E 403 10.73 51.35 21.34
CA GLU E 403 9.66 52.33 21.46
C GLU E 403 8.71 52.20 20.28
N TYR E 404 7.43 52.47 20.54
CA TYR E 404 6.42 52.44 19.50
C TYR E 404 6.63 53.59 18.51
N PHE E 405 6.22 53.35 17.27
CA PHE E 405 6.19 54.38 16.24
C PHE E 405 4.90 54.22 15.45
N PHE E 406 4.66 55.17 14.54
CA PHE E 406 3.42 55.21 13.78
C PHE E 406 3.73 55.18 12.29
N SER E 407 2.94 54.39 11.55
CA SER E 407 3.05 54.31 10.10
C SER E 407 1.64 54.17 9.52
N ASP E 408 1.22 55.16 8.74
CA ASP E 408 -0.10 55.15 8.12
C ASP E 408 -1.20 54.96 9.16
N GLY E 409 -1.01 55.58 10.32
CA GLY E 409 -1.99 55.50 11.39
C GLY E 409 -1.96 54.22 12.19
N ILE E 410 -0.98 53.33 11.95
CA ILE E 410 -0.87 52.06 12.64
C ILE E 410 0.30 52.15 13.61
N ARG E 411 0.07 51.76 14.85
CA ARG E 411 1.11 51.74 15.88
C ARG E 411 1.89 50.44 15.78
N LEU E 412 3.20 50.55 15.61
CA LEU E 412 4.05 49.38 15.37
C LEU E 412 5.31 49.46 16.22
N LYS E 413 5.91 48.30 16.43
CA LYS E 413 7.20 48.19 17.10
C LYS E 413 8.10 47.27 16.29
N LYS E 414 9.40 47.56 16.33
CA LYS E 414 10.36 46.82 15.53
C LYS E 414 10.48 45.37 16.01
N TYR E 415 10.72 44.47 15.06
CA TYR E 415 10.93 43.06 15.34
C TYR E 415 11.82 42.49 14.24
N ARG E 416 12.95 41.91 14.62
CA ARG E 416 13.93 41.46 13.66
C ARG E 416 14.55 40.15 14.12
N GLY E 417 14.96 39.34 13.15
CA GLY E 417 15.69 38.13 13.47
C GLY E 417 17.11 38.43 13.91
N MET E 418 17.62 37.62 14.83
CA MET E 418 18.97 37.80 15.34
C MET E 418 20.03 37.57 14.26
N GLY E 419 19.67 36.87 13.18
CA GLY E 419 20.55 36.66 12.06
C GLY E 419 20.42 37.67 10.94
N SER E 420 19.58 38.68 11.10
CA SER E 420 19.42 39.71 10.08
C SER E 420 20.61 40.66 10.11
N LEU E 421 20.89 41.27 8.95
CA LEU E 421 22.06 42.14 8.85
C LEU E 421 22.01 43.26 9.89
N ASP E 422 20.82 43.81 10.15
CA ASP E 422 20.69 44.86 11.15
C ASP E 422 21.11 44.35 12.53
N ALA E 423 20.70 43.14 12.89
CA ALA E 423 21.04 42.60 14.20
C ALA E 423 22.54 42.42 14.37
N MET E 424 23.21 41.92 13.34
CA MET E 424 24.65 41.68 13.42
C MET E 424 25.47 42.92 13.11
N ASP E 425 24.85 44.03 12.73
CA ASP E 425 25.57 45.27 12.47
C ASP E 425 25.45 46.22 13.66
N ILE E 441 32.28 37.79 3.93
CA ILE E 441 30.90 37.93 3.50
C ILE E 441 29.97 37.41 4.60
N LYS E 442 28.84 38.09 4.78
CA LYS E 442 27.84 37.74 5.78
C LYS E 442 26.62 37.20 5.08
N VAL E 443 26.22 35.98 5.44
CA VAL E 443 25.04 35.33 4.88
C VAL E 443 23.89 35.54 5.85
N ALA E 444 22.97 36.44 5.49
CA ALA E 444 21.84 36.74 6.35
C ALA E 444 20.89 35.55 6.41
N GLN E 445 20.41 35.25 7.61
CA GLN E 445 19.46 34.17 7.83
C GLN E 445 18.12 34.66 8.37
N GLY E 446 17.92 35.98 8.44
CA GLY E 446 16.68 36.53 8.94
C GLY E 446 16.41 37.89 8.35
N VAL E 447 15.21 38.40 8.65
CA VAL E 447 14.75 39.69 8.15
C VAL E 447 14.38 40.58 9.33
N SER E 448 14.17 41.86 9.03
CA SER E 448 13.77 42.85 10.02
C SER E 448 12.51 43.57 9.53
N GLY E 449 11.61 43.86 10.45
CA GLY E 449 10.35 44.50 10.10
C GLY E 449 9.67 45.05 11.34
N ALA E 450 8.34 45.15 11.27
CA ALA E 450 7.57 45.72 12.35
C ALA E 450 6.35 44.86 12.63
N VAL E 451 5.85 44.96 13.86
CA VAL E 451 4.68 44.21 14.31
C VAL E 451 3.73 45.17 15.01
N GLN E 452 2.44 44.97 14.81
CA GLN E 452 1.43 45.86 15.38
C GLN E 452 1.34 45.69 16.89
N ASP E 453 0.92 46.77 17.55
CA ASP E 453 0.82 46.75 19.01
C ASP E 453 -0.21 45.73 19.47
N LYS E 454 0.09 45.06 20.58
CA LYS E 454 -0.79 44.06 21.17
C LYS E 454 -1.20 44.38 22.60
N GLY E 455 -0.64 45.41 23.21
CA GLY E 455 -0.96 45.76 24.58
C GLY E 455 0.08 45.25 25.56
N SER E 456 -0.37 45.07 26.80
CA SER E 456 0.50 44.63 27.89
C SER E 456 0.48 43.11 28.00
N ILE E 457 1.61 42.57 28.47
CA ILE E 457 1.71 41.13 28.70
C ILE E 457 0.69 40.68 29.74
N HIS E 458 0.47 41.50 30.77
CA HIS E 458 -0.39 41.12 31.88
C HIS E 458 -1.83 40.89 31.45
N LYS E 459 -2.22 41.40 30.28
CA LYS E 459 -3.54 41.13 29.73
C LYS E 459 -3.52 40.09 28.62
N PHE E 460 -2.45 40.03 27.83
CA PHE E 460 -2.39 39.08 26.73
C PHE E 460 -2.19 37.66 27.23
N VAL E 461 -1.27 37.47 28.18
CA VAL E 461 -0.97 36.11 28.66
C VAL E 461 -2.21 35.45 29.27
N PRO E 462 -3.01 36.12 30.10
CA PRO E 462 -4.23 35.48 30.61
C PRO E 462 -5.15 34.99 29.50
N TYR E 463 -5.25 35.72 28.39
CA TYR E 463 -6.07 35.26 27.27
C TYR E 463 -5.52 33.97 26.70
N LEU E 464 -4.20 33.87 26.55
CA LEU E 464 -3.59 32.63 26.06
C LEU E 464 -3.86 31.48 27.03
N ILE E 465 -3.77 31.75 28.33
CA ILE E 465 -4.04 30.72 29.33
C ILE E 465 -5.47 30.22 29.21
N ALA E 466 -6.42 31.16 29.08
CA ALA E 466 -7.82 30.78 28.98
C ALA E 466 -8.08 29.98 27.70
N GLY E 467 -7.46 30.39 26.59
CA GLY E 467 -7.63 29.65 25.35
C GLY E 467 -7.08 28.24 25.44
N ILE E 468 -5.90 28.09 26.06
CA ILE E 468 -5.32 26.76 26.23
C ILE E 468 -6.23 25.89 27.10
N GLN E 469 -6.76 26.47 28.19
CA GLN E 469 -7.66 25.73 29.06
C GLN E 469 -8.90 25.28 28.30
N HIS E 470 -9.47 26.16 27.47
CA HIS E 470 -10.67 25.81 26.73
C HIS E 470 -10.37 24.72 25.69
N SER E 471 -9.21 24.79 25.04
CA SER E 471 -8.82 23.72 24.11
C SER E 471 -8.68 22.40 24.84
N CYS E 472 -8.05 22.41 26.01
CA CYS E 472 -7.91 21.18 26.79
C CYS E 472 -9.27 20.62 27.17
N GLN E 473 -10.19 21.49 27.59
CA GLN E 473 -11.54 21.02 27.91
C GLN E 473 -12.22 20.43 26.69
N ASP E 474 -12.09 21.08 25.54
CA ASP E 474 -12.73 20.57 24.33
C ASP E 474 -12.21 19.19 23.96
N ILE E 475 -10.89 18.98 24.08
CA ILE E 475 -10.33 17.65 23.79
C ILE E 475 -10.45 16.69 24.95
N GLY E 476 -11.06 17.11 26.07
CA GLY E 476 -11.36 16.20 27.15
C GLY E 476 -10.21 15.88 28.09
N ALA E 477 -9.30 16.82 28.30
CA ALA E 477 -8.16 16.62 29.18
C ALA E 477 -8.18 17.68 30.28
N LYS E 478 -7.95 17.23 31.52
CA LYS E 478 -7.89 18.13 32.66
C LYS E 478 -6.50 18.71 32.89
N SER E 479 -5.50 18.28 32.13
CA SER E 479 -4.15 18.79 32.26
C SER E 479 -3.38 18.52 30.98
N LEU E 480 -2.31 19.30 30.77
CA LEU E 480 -1.47 19.09 29.61
C LEU E 480 -0.76 17.73 29.68
N THR E 481 -0.36 17.33 30.88
CA THR E 481 0.21 15.99 31.07
C THR E 481 -0.78 14.93 30.57
N GLN E 482 -2.06 15.09 30.93
CA GLN E 482 -3.07 14.16 30.44
C GLN E 482 -3.21 14.22 28.93
N VAL E 483 -3.09 15.42 28.35
CA VAL E 483 -3.16 15.54 26.90
C VAL E 483 -2.07 14.70 26.24
N ARG E 484 -0.83 14.85 26.73
CA ARG E 484 0.28 14.11 26.13
C ARG E 484 0.15 12.62 26.38
N ALA E 485 -0.32 12.23 27.57
CA ALA E 485 -0.54 10.82 27.84
C ALA E 485 -1.57 10.22 26.89
N MET E 486 -2.67 10.95 26.67
CA MET E 486 -3.69 10.48 25.74
C MET E 486 -3.13 10.37 24.32
N MET E 487 -2.33 11.36 23.90
CA MET E 487 -1.78 11.32 22.55
C MET E 487 -0.83 10.14 22.38
N TYR E 488 0.02 9.87 23.37
CA TYR E 488 0.94 8.76 23.26
C TYR E 488 0.22 7.42 23.38
N SER E 489 -0.91 7.38 24.08
CA SER E 489 -1.67 6.15 24.23
C SER E 489 -2.61 5.89 23.06
N GLY E 490 -2.77 6.85 22.14
CA GLY E 490 -3.66 6.70 21.01
C GLY E 490 -5.09 7.13 21.27
N GLU E 491 -5.44 7.48 22.50
CA GLU E 491 -6.79 7.94 22.79
C GLU E 491 -7.11 9.23 22.05
N LEU E 492 -6.17 10.17 22.04
CA LEU E 492 -6.37 11.42 21.33
C LEU E 492 -6.27 11.19 19.82
N LYS E 493 -7.22 11.74 19.07
CA LYS E 493 -7.32 11.53 17.64
C LYS E 493 -7.12 12.84 16.89
N PHE E 494 -6.60 12.72 15.67
CA PHE E 494 -6.30 13.87 14.82
C PHE E 494 -6.88 13.64 13.44
N GLU E 495 -7.01 14.73 12.68
CA GLU E 495 -7.47 14.64 11.30
C GLU E 495 -6.73 15.65 10.43
N LYS E 496 -6.38 15.24 9.21
CA LYS E 496 -5.71 16.14 8.29
C LYS E 496 -6.66 17.21 7.78
N ARG E 497 -6.09 18.26 7.22
CA ARG E 497 -6.85 19.37 6.64
C ARG E 497 -6.37 19.60 5.21
N THR E 498 -7.29 19.55 4.26
CA THR E 498 -7.00 19.99 2.90
C THR E 498 -7.02 21.51 2.84
N SER E 499 -6.55 22.04 1.71
CA SER E 499 -6.57 23.50 1.53
C SER E 499 -7.99 24.03 1.60
N SER E 500 -8.93 23.34 0.97
CA SER E 500 -10.34 23.72 1.11
C SER E 500 -10.80 23.62 2.55
N ALA E 501 -10.31 22.60 3.28
CA ALA E 501 -10.64 22.49 4.69
C ALA E 501 -10.10 23.67 5.48
N GLN E 502 -8.88 24.12 5.16
CA GLN E 502 -8.35 25.32 5.82
C GLN E 502 -9.19 26.54 5.52
N VAL E 503 -9.61 26.70 4.26
CA VAL E 503 -10.47 27.83 3.90
C VAL E 503 -11.77 27.77 4.69
N GLU E 504 -12.38 26.59 4.77
CA GLU E 504 -13.63 26.44 5.51
C GLU E 504 -13.43 26.76 6.98
N GLY E 505 -12.30 26.33 7.56
CA GLY E 505 -12.05 26.57 8.96
C GLY E 505 -11.95 28.04 9.31
N GLY E 506 -11.39 28.85 8.41
CA GLY E 506 -11.28 30.26 8.63
C GLY E 506 -12.57 31.00 8.30
N VAL E 507 -12.52 32.32 8.50
CA VAL E 507 -13.66 33.16 8.18
C VAL E 507 -13.87 33.21 6.68
N HIS E 508 -15.11 33.05 6.24
CA HIS E 508 -15.42 33.02 4.81
C HIS E 508 -16.87 33.46 4.61
N SER E 509 -17.20 33.78 3.35
CA SER E 509 -18.56 34.09 2.94
C SER E 509 -19.12 35.32 3.67
N LEU E 510 -18.26 36.30 3.95
CA LEU E 510 -18.68 37.54 4.57
C LEU E 510 -18.19 38.72 3.73
N HIS E 511 -19.07 39.71 3.54
CA HIS E 511 -18.68 40.93 2.85
C HIS E 511 -17.61 41.68 3.65
N SER E 512 -17.79 41.75 4.96
CA SER E 512 -16.81 42.39 5.84
C SER E 512 -17.03 41.84 7.25
N TYR E 513 -16.02 42.00 8.09
CA TYR E 513 -16.11 41.52 9.46
C TYR E 513 -14.96 42.11 10.28
N GLU E 514 -15.13 42.04 11.60
CA GLU E 514 -14.10 42.43 12.55
C GLU E 514 -13.84 41.28 13.50
N LYS E 515 -12.57 41.01 13.78
CA LYS E 515 -12.15 39.91 14.63
C LYS E 515 -11.66 40.48 15.96
N ARG E 516 -12.36 40.15 17.04
CA ARG E 516 -11.98 40.56 18.39
C ARG E 516 -11.77 39.29 19.22
N LEU E 517 -10.50 38.96 19.47
CA LEU E 517 -10.20 37.74 20.22
C LEU E 517 -10.74 37.81 21.64
N PHE E 518 -10.56 38.95 22.31
CA PHE E 518 -11.00 39.10 23.69
C PHE E 518 -11.16 40.58 24.05
N MET F 5 -33.46 -17.82 -20.58
CA MET F 5 -32.22 -17.93 -21.40
C MET F 5 -31.04 -17.28 -20.67
N ALA F 6 -29.86 -17.36 -21.30
CA ALA F 6 -28.64 -16.87 -20.66
C ALA F 6 -28.72 -15.36 -20.38
N ASP F 7 -29.45 -14.62 -21.20
CA ASP F 7 -29.51 -13.17 -21.03
C ASP F 7 -29.98 -12.78 -19.63
N TYR F 8 -30.87 -13.59 -19.04
CA TYR F 8 -31.36 -13.33 -17.69
C TYR F 8 -30.75 -14.25 -16.64
N LEU F 9 -30.40 -15.48 -17.02
CA LEU F 9 -29.99 -16.47 -16.03
C LEU F 9 -28.60 -16.20 -15.48
N ILE F 10 -27.74 -15.54 -16.26
CA ILE F 10 -26.35 -15.37 -15.82
C ILE F 10 -26.28 -14.55 -14.55
N SER F 11 -26.96 -13.38 -14.53
CA SER F 11 -26.91 -12.51 -13.37
C SER F 11 -28.25 -11.87 -13.05
N GLY F 12 -29.34 -12.39 -13.59
CA GLY F 12 -30.67 -11.87 -13.31
C GLY F 12 -31.19 -10.86 -14.31
N GLY F 13 -30.54 -10.72 -15.46
CA GLY F 13 -31.01 -9.80 -16.48
C GLY F 13 -30.58 -8.36 -16.29
N THR F 14 -29.84 -8.05 -15.22
CA THR F 14 -29.38 -6.69 -14.97
C THR F 14 -28.07 -6.48 -15.72
N SER F 15 -28.11 -5.60 -16.73
CA SER F 15 -26.90 -5.32 -17.50
C SER F 15 -25.79 -4.83 -16.58
N TYR F 16 -24.57 -5.34 -16.81
CA TYR F 16 -23.47 -4.99 -15.93
C TYR F 16 -23.12 -3.51 -16.08
N VAL F 17 -22.56 -2.96 -15.01
CA VAL F 17 -22.20 -1.55 -14.92
C VAL F 17 -20.68 -1.46 -14.83
N PRO F 18 -19.99 -0.82 -15.77
CA PRO F 18 -18.54 -0.66 -15.64
C PRO F 18 -18.18 0.05 -14.35
N ASP F 19 -17.10 -0.41 -13.72
CA ASP F 19 -16.65 0.15 -12.45
C ASP F 19 -15.84 1.42 -12.72
N ASP F 20 -16.39 2.56 -12.36
CA ASP F 20 -15.73 3.85 -12.55
C ASP F 20 -16.08 4.75 -11.39
N GLY F 21 -15.07 5.29 -10.72
CA GLY F 21 -15.26 6.17 -9.59
C GLY F 21 -15.10 5.43 -8.27
N LEU F 22 -15.26 6.20 -7.19
CA LEU F 22 -15.11 5.70 -5.83
C LEU F 22 -16.44 5.79 -5.09
N THR F 23 -16.65 4.83 -4.20
CA THR F 23 -17.76 4.90 -3.26
C THR F 23 -17.42 5.87 -2.13
N ALA F 24 -18.46 6.29 -1.40
CA ALA F 24 -18.25 7.18 -0.27
C ALA F 24 -17.33 6.53 0.76
N GLN F 25 -17.54 5.25 1.03
CA GLN F 25 -16.68 4.54 1.98
C GLN F 25 -15.22 4.58 1.54
N GLN F 26 -14.97 4.33 0.25
CA GLN F 26 -13.61 4.41 -0.27
C GLN F 26 -13.07 5.84 -0.19
N LEU F 27 -13.91 6.82 -0.55
CA LEU F 27 -13.45 8.20 -0.58
C LEU F 27 -13.03 8.68 0.80
N PHE F 28 -13.81 8.36 1.83
CA PHE F 28 -13.56 8.84 3.18
C PHE F 28 -12.73 7.88 4.02
N ASN F 29 -12.23 6.80 3.43
CA ASN F 29 -11.31 5.91 4.11
C ASN F 29 -9.85 6.30 3.91
N CYS F 30 -9.57 7.28 3.05
CA CYS F 30 -8.21 7.73 2.81
C CYS F 30 -7.67 8.62 3.91
N GLY F 31 -8.52 9.12 4.80
CA GLY F 31 -8.05 9.97 5.88
C GLY F 31 -7.43 11.26 5.40
N ASP F 32 -7.95 11.83 4.32
CA ASP F 32 -7.43 13.08 3.77
C ASP F 32 -8.05 14.32 4.39
N GLY F 33 -9.11 14.17 5.19
CA GLY F 33 -9.79 15.31 5.76
C GLY F 33 -10.42 16.20 4.71
N LEU F 34 -11.44 15.67 4.04
CA LEU F 34 -12.06 16.36 2.91
C LEU F 34 -13.22 17.24 3.37
N THR F 35 -13.47 18.28 2.58
CA THR F 35 -14.64 19.15 2.73
C THR F 35 -15.47 19.07 1.45
N TYR F 36 -16.51 19.90 1.38
CA TYR F 36 -17.45 19.83 0.28
C TYR F 36 -16.77 20.09 -1.06
N ASN F 37 -15.90 21.10 -1.12
CA ASN F 37 -15.28 21.50 -2.38
C ASN F 37 -14.22 20.52 -2.87
N ASP F 38 -13.87 19.53 -2.08
CA ASP F 38 -12.79 18.61 -2.42
C ASP F 38 -13.23 17.42 -3.26
N PHE F 39 -14.52 17.31 -3.60
CA PHE F 39 -15.00 16.15 -4.33
C PHE F 39 -16.26 16.51 -5.11
N LEU F 40 -16.60 15.63 -6.05
CA LEU F 40 -17.78 15.74 -6.90
C LEU F 40 -18.51 14.41 -6.92
N ILE F 41 -19.80 14.48 -7.22
CA ILE F 41 -20.65 13.30 -7.41
C ILE F 41 -20.74 13.02 -8.90
N LEU F 42 -20.50 11.77 -9.28
CA LEU F 42 -20.54 11.42 -10.70
C LEU F 42 -21.99 11.24 -11.16
N PRO F 43 -22.29 11.60 -12.41
CA PRO F 43 -23.67 11.46 -12.90
C PRO F 43 -24.06 10.01 -13.10
N GLY F 44 -25.38 9.79 -13.13
CA GLY F 44 -25.93 8.46 -13.32
C GLY F 44 -26.82 8.34 -14.54
N TYR F 45 -27.99 7.73 -14.36
CA TYR F 45 -28.93 7.49 -15.44
C TYR F 45 -30.24 8.21 -15.16
N ILE F 46 -30.79 8.87 -16.17
CA ILE F 46 -32.00 9.67 -16.04
C ILE F 46 -33.13 8.97 -16.78
N ASP F 47 -34.22 8.69 -16.06
CA ASP F 47 -35.45 8.19 -16.67
C ASP F 47 -36.67 8.84 -16.04
N PHE F 48 -36.52 10.08 -15.57
CA PHE F 48 -37.62 10.80 -14.95
C PHE F 48 -37.31 12.29 -15.06
N THR F 49 -38.35 13.11 -14.84
CA THR F 49 -38.19 14.55 -14.85
C THR F 49 -37.86 15.07 -13.45
N ALA F 50 -37.25 16.25 -13.41
CA ALA F 50 -36.79 16.80 -12.13
C ALA F 50 -37.95 17.08 -11.18
N ASP F 51 -39.08 17.53 -11.71
CA ASP F 51 -40.21 17.89 -10.86
C ASP F 51 -40.82 16.71 -10.12
N GLN F 52 -40.49 15.47 -10.50
CA GLN F 52 -40.97 14.30 -9.79
C GLN F 52 -40.10 13.93 -8.60
N VAL F 53 -39.01 14.65 -8.37
CA VAL F 53 -38.11 14.31 -7.28
C VAL F 53 -38.77 14.68 -5.95
N ASP F 54 -38.76 13.76 -5.00
CA ASP F 54 -39.36 13.95 -3.69
C ASP F 54 -38.27 14.32 -2.69
N LEU F 55 -38.46 15.45 -2.01
CA LEU F 55 -37.49 15.96 -1.04
C LEU F 55 -37.93 15.74 0.40
N THR F 56 -38.88 14.86 0.64
CA THR F 56 -39.33 14.58 2.00
C THR F 56 -38.15 14.14 2.85
N SER F 57 -38.03 14.74 4.04
CA SER F 57 -36.88 14.52 4.91
C SER F 57 -37.34 14.37 6.34
N ALA F 58 -36.56 13.63 7.13
CA ALA F 58 -36.84 13.40 8.54
C ALA F 58 -35.98 14.34 9.37
N LEU F 59 -36.61 15.30 10.05
CA LEU F 59 -35.87 16.17 10.95
C LEU F 59 -35.46 15.42 12.22
N THR F 60 -36.37 14.63 12.78
CA THR F 60 -36.08 13.83 13.96
C THR F 60 -36.71 12.45 13.75
N LYS F 61 -36.69 11.64 14.81
CA LYS F 61 -37.26 10.30 14.72
C LYS F 61 -38.74 10.33 14.35
N LYS F 62 -39.47 11.34 14.84
CA LYS F 62 -40.91 11.41 14.67
C LYS F 62 -41.38 12.60 13.85
N ILE F 63 -40.52 13.54 13.51
CA ILE F 63 -40.88 14.74 12.76
C ILE F 63 -40.35 14.62 11.35
N THR F 64 -41.22 14.79 10.36
CA THR F 64 -40.87 14.68 8.96
C THR F 64 -41.23 15.99 8.25
N LEU F 65 -40.32 16.47 7.41
CA LEU F 65 -40.51 17.69 6.66
C LEU F 65 -40.54 17.39 5.17
N LYS F 66 -41.22 18.26 4.42
CA LYS F 66 -41.27 18.11 2.97
C LYS F 66 -40.03 18.66 2.27
N THR F 67 -39.19 19.41 2.97
CA THR F 67 -37.92 19.89 2.45
C THR F 67 -36.85 19.70 3.52
N PRO F 68 -35.58 19.56 3.11
CA PRO F 68 -34.52 19.32 4.09
C PRO F 68 -33.89 20.58 4.66
N LEU F 69 -34.55 21.73 4.48
CA LEU F 69 -33.97 23.03 4.80
C LEU F 69 -34.36 23.45 6.22
N VAL F 70 -33.36 23.90 6.99
CA VAL F 70 -33.54 24.35 8.36
C VAL F 70 -32.77 25.65 8.54
N SER F 71 -33.32 26.56 9.34
CA SER F 71 -32.69 27.83 9.65
C SER F 71 -32.00 27.75 11.01
N SER F 72 -30.77 28.27 11.08
CA SER F 72 -29.97 28.16 12.28
C SER F 72 -30.56 29.01 13.41
N PRO F 73 -30.43 28.56 14.67
CA PRO F 73 -30.87 29.38 15.82
C PRO F 73 -29.86 30.47 16.17
N MET F 74 -29.88 31.54 15.38
CA MET F 74 -28.97 32.66 15.54
C MET F 74 -29.76 33.96 15.65
N ASP F 75 -29.23 34.90 16.44
CA ASP F 75 -29.92 36.16 16.67
C ASP F 75 -30.00 37.03 15.43
N THR F 76 -29.22 36.74 14.40
CA THR F 76 -29.28 37.47 13.14
C THR F 76 -29.87 36.63 12.01
N VAL F 77 -30.48 35.49 12.32
CA VAL F 77 -30.99 34.60 11.29
C VAL F 77 -32.46 34.27 11.51
N THR F 78 -32.79 33.70 12.68
CA THR F 78 -34.09 33.08 12.90
C THR F 78 -34.83 33.78 14.03
N GLU F 79 -35.95 34.41 13.69
CA GLU F 79 -36.94 34.84 14.67
C GLU F 79 -38.31 34.35 14.20
N ALA F 80 -39.39 34.84 14.81
CA ALA F 80 -40.73 34.36 14.47
C ALA F 80 -40.98 34.44 12.96
N GLY F 81 -40.60 35.55 12.33
CA GLY F 81 -40.86 35.69 10.91
C GLY F 81 -40.12 34.67 10.08
N MET F 82 -38.82 34.48 10.37
CA MET F 82 -38.04 33.50 9.63
C MET F 82 -38.60 32.10 9.83
N ALA F 83 -38.98 31.76 11.06
CA ALA F 83 -39.55 30.45 11.32
C ALA F 83 -40.86 30.25 10.55
N ILE F 84 -41.72 31.27 10.53
CA ILE F 84 -42.98 31.16 9.81
C ILE F 84 -42.72 30.95 8.32
N ALA F 85 -41.79 31.73 7.75
CA ALA F 85 -41.50 31.59 6.33
C ALA F 85 -40.93 30.22 6.02
N MET F 86 -40.01 29.73 6.85
CA MET F 86 -39.40 28.43 6.61
C MET F 86 -40.45 27.32 6.69
N ALA F 87 -41.33 27.40 7.69
CA ALA F 87 -42.39 26.40 7.82
C ALA F 87 -43.32 26.43 6.62
N LEU F 88 -43.67 27.63 6.15
CA LEU F 88 -44.56 27.74 5.00
C LEU F 88 -43.91 27.17 3.74
N THR F 89 -42.62 27.40 3.56
CA THR F 89 -41.92 26.94 2.38
C THR F 89 -41.57 25.45 2.42
N GLY F 90 -41.82 24.78 3.55
CA GLY F 90 -41.60 23.35 3.66
C GLY F 90 -40.49 22.95 4.60
N GLY F 91 -39.80 23.91 5.23
CA GLY F 91 -38.75 23.60 6.17
C GLY F 91 -39.16 23.86 7.60
N ILE F 92 -38.22 24.34 8.42
CA ILE F 92 -38.49 24.66 9.82
C ILE F 92 -37.41 25.60 10.30
N GLY F 93 -37.71 26.35 11.35
CA GLY F 93 -36.74 27.25 11.94
C GLY F 93 -36.68 27.08 13.45
N PHE F 94 -35.49 27.30 13.99
CA PHE F 94 -35.24 27.20 15.42
C PHE F 94 -35.02 28.60 15.98
N ILE F 95 -35.84 28.99 16.95
CA ILE F 95 -35.71 30.32 17.55
C ILE F 95 -34.46 30.37 18.43
N HIS F 96 -33.69 31.43 18.26
CA HIS F 96 -32.47 31.59 19.05
C HIS F 96 -32.82 31.90 20.51
N HIS F 97 -31.83 31.71 21.38
CA HIS F 97 -32.02 31.88 22.81
C HIS F 97 -31.11 32.95 23.42
N ASN F 98 -30.54 33.83 22.58
CA ASN F 98 -29.80 34.98 23.08
C ASN F 98 -30.78 36.12 23.40
N CYS F 99 -31.66 35.84 24.35
CA CYS F 99 -32.74 36.74 24.72
C CYS F 99 -33.35 36.22 26.02
N THR F 100 -34.32 36.96 26.54
CA THR F 100 -35.01 36.51 27.73
C THR F 100 -35.90 35.32 27.38
N PRO F 101 -36.13 34.40 28.33
CA PRO F 101 -37.03 33.28 28.05
C PRO F 101 -38.41 33.71 27.61
N GLU F 102 -38.94 34.80 28.18
CA GLU F 102 -40.26 35.27 27.82
C GLU F 102 -40.32 35.71 26.36
N PHE F 103 -39.27 36.40 25.89
CA PHE F 103 -39.23 36.83 24.49
C PHE F 103 -39.24 35.64 23.55
N GLN F 104 -38.42 34.62 23.85
CA GLN F 104 -38.37 33.43 23.02
C GLN F 104 -39.72 32.71 23.02
N ALA F 105 -40.34 32.60 24.19
CA ALA F 105 -41.66 31.96 24.27
C ALA F 105 -42.69 32.74 23.47
N ASN F 106 -42.61 34.07 23.50
CA ASN F 106 -43.54 34.89 22.72
C ASN F 106 -43.33 34.68 21.23
N GLU F 107 -42.08 34.58 20.78
CA GLU F 107 -41.82 34.29 19.38
C GLU F 107 -42.37 32.93 18.99
N VAL F 108 -42.18 31.93 19.84
CA VAL F 108 -42.73 30.60 19.57
C VAL F 108 -44.26 30.66 19.46
N ARG F 109 -44.89 31.39 20.37
CA ARG F 109 -46.34 31.54 20.33
C ARG F 109 -46.77 32.21 19.03
N LYS F 110 -46.06 33.26 18.61
CA LYS F 110 -46.37 33.91 17.35
C LYS F 110 -46.32 32.92 16.19
N VAL F 111 -45.30 32.06 16.19
CA VAL F 111 -45.20 31.05 15.12
C VAL F 111 -46.38 30.09 15.19
N LYS F 112 -46.73 29.65 16.40
CA LYS F 112 -47.77 28.63 16.54
C LYS F 112 -49.16 29.16 16.19
N LYS F 113 -49.44 30.42 16.49
CA LYS F 113 -50.75 31.00 16.26
C LYS F 113 -50.89 31.68 14.91
N TYR F 114 -49.89 31.55 14.03
CA TYR F 114 -49.98 32.15 12.71
C TYR F 114 -51.11 31.50 11.91
N GLU F 115 -51.87 32.32 11.19
CA GLU F 115 -52.96 31.83 10.36
C GLU F 115 -53.04 32.61 9.06
N ASP F 236 -51.19 29.95 -1.79
CA ASP F 236 -51.25 28.59 -1.26
C ASP F 236 -49.84 28.10 -0.91
N TYR F 237 -49.77 27.27 0.14
CA TYR F 237 -48.50 26.72 0.63
C TYR F 237 -48.68 25.22 0.79
N PRO F 238 -48.69 24.46 -0.32
CA PRO F 238 -48.92 23.01 -0.21
C PRO F 238 -47.88 22.29 0.62
N LEU F 239 -46.63 22.78 0.65
CA LEU F 239 -45.55 22.12 1.35
C LEU F 239 -45.46 22.53 2.82
N ALA F 240 -46.41 23.34 3.30
CA ALA F 240 -46.29 23.89 4.64
C ALA F 240 -46.11 22.79 5.69
N SER F 241 -45.19 23.03 6.62
CA SER F 241 -44.91 22.08 7.70
C SER F 241 -45.83 22.39 8.87
N LYS F 242 -46.71 21.45 9.20
CA LYS F 242 -47.72 21.64 10.23
C LYS F 242 -47.76 20.44 11.16
N ASP F 243 -48.25 20.67 12.37
CA ASP F 243 -48.41 19.61 13.35
C ASP F 243 -49.78 18.95 13.17
N ALA F 244 -50.16 18.09 14.12
CA ALA F 244 -51.43 17.39 14.03
C ALA F 244 -52.62 18.33 14.09
N LYS F 245 -52.45 19.53 14.68
CA LYS F 245 -53.52 20.51 14.78
C LYS F 245 -53.49 21.53 13.66
N LYS F 246 -52.76 21.26 12.58
CA LYS F 246 -52.64 22.17 11.45
C LYS F 246 -51.99 23.49 11.85
N GLN F 247 -51.16 23.45 12.88
CA GLN F 247 -50.39 24.61 13.32
C GLN F 247 -48.96 24.48 12.83
N LEU F 248 -48.37 25.59 12.40
CA LEU F 248 -47.02 25.57 11.85
C LEU F 248 -46.04 25.02 12.87
N LEU F 249 -45.14 24.15 12.41
CA LEU F 249 -44.10 23.61 13.27
C LEU F 249 -43.10 24.71 13.65
N CYS F 250 -42.59 24.62 14.87
CA CYS F 250 -41.60 25.57 15.36
C CYS F 250 -40.60 24.85 16.26
N GLY F 251 -39.33 25.24 16.13
CA GLY F 251 -38.28 24.75 16.98
C GLY F 251 -37.65 25.88 17.79
N ALA F 252 -36.89 25.49 18.80
CA ALA F 252 -36.23 26.45 19.67
C ALA F 252 -34.94 25.83 20.20
N ALA F 253 -34.03 26.70 20.63
CA ALA F 253 -32.74 26.30 21.17
C ALA F 253 -32.66 26.64 22.64
N ILE F 254 -32.00 25.77 23.42
CA ILE F 254 -31.72 26.02 24.83
C ILE F 254 -30.30 25.60 25.13
N GLY F 255 -29.77 26.12 26.24
CA GLY F 255 -28.45 25.76 26.70
C GLY F 255 -28.48 24.56 27.65
N THR F 256 -27.29 24.24 28.17
CA THR F 256 -27.11 23.13 29.09
C THR F 256 -26.92 23.59 30.53
N HIS F 257 -27.30 24.82 30.84
CA HIS F 257 -27.14 25.38 32.19
C HIS F 257 -28.44 25.23 32.98
N GLU F 258 -28.33 25.50 34.28
CA GLU F 258 -29.47 25.30 35.17
C GLU F 258 -30.64 26.21 34.80
N ASP F 259 -30.35 27.46 34.47
CA ASP F 259 -31.43 28.40 34.14
C ASP F 259 -32.22 27.93 32.93
N ASP F 260 -31.56 27.30 31.96
CA ASP F 260 -32.24 26.91 30.73
C ASP F 260 -33.46 26.05 31.01
N LYS F 261 -33.44 25.29 32.10
CA LYS F 261 -34.60 24.47 32.44
C LYS F 261 -35.86 25.34 32.50
N TYR F 262 -35.81 26.43 33.26
CA TYR F 262 -36.94 27.34 33.30
C TYR F 262 -37.33 27.78 31.89
N ARG F 263 -36.34 28.20 31.11
CA ARG F 263 -36.59 28.57 29.72
C ARG F 263 -37.35 27.46 29.02
N LEU F 264 -36.86 26.22 29.12
CA LEU F 264 -37.52 25.10 28.47
C LEU F 264 -38.99 25.05 28.84
N ASP F 265 -39.28 25.20 30.14
CA ASP F 265 -40.67 25.14 30.58
C ASP F 265 -41.53 26.11 29.77
N LEU F 266 -41.08 27.36 29.68
CA LEU F 266 -41.86 28.34 28.93
C LEU F 266 -42.02 27.90 27.48
N LEU F 267 -40.93 27.44 26.86
CA LEU F 267 -41.02 26.96 25.49
C LEU F 267 -42.00 25.79 25.39
N ALA F 268 -42.05 24.94 26.42
CA ALA F 268 -43.02 23.86 26.43
C ALA F 268 -44.44 24.42 26.50
N GLN F 269 -44.65 25.48 27.30
CA GLN F 269 -45.97 26.05 27.44
C GLN F 269 -46.41 26.80 26.19
N ALA F 270 -45.47 27.23 25.35
CA ALA F 270 -45.80 27.93 24.13
C ALA F 270 -46.09 27.00 22.96
N GLY F 271 -45.92 25.69 23.15
CA GLY F 271 -46.24 24.73 22.10
C GLY F 271 -45.09 24.37 21.18
N VAL F 272 -43.84 24.57 21.60
CA VAL F 272 -42.72 24.22 20.75
C VAL F 272 -42.74 22.72 20.47
N ASP F 273 -42.42 22.36 19.23
CA ASP F 273 -42.49 20.97 18.80
C ASP F 273 -41.16 20.24 18.95
N VAL F 274 -40.04 20.96 18.93
CA VAL F 274 -38.72 20.33 19.02
C VAL F 274 -37.75 21.35 19.60
N VAL F 275 -36.79 20.85 20.39
CA VAL F 275 -35.79 21.68 21.05
C VAL F 275 -34.41 21.13 20.71
N VAL F 276 -33.48 22.03 20.43
CA VAL F 276 -32.09 21.68 20.13
C VAL F 276 -31.21 22.23 21.23
N LEU F 277 -30.33 21.39 21.76
CA LEU F 277 -29.38 21.80 22.79
C LEU F 277 -28.19 22.45 22.09
N ASP F 278 -28.03 23.76 22.29
CA ASP F 278 -27.04 24.54 21.57
C ASP F 278 -25.71 24.52 22.31
N SER F 279 -24.67 24.02 21.65
CA SER F 279 -23.34 23.99 22.23
C SER F 279 -22.33 23.67 21.13
N SER F 280 -21.16 24.32 21.21
CA SER F 280 -20.09 24.03 20.25
C SER F 280 -19.56 22.61 20.43
N GLN F 281 -19.61 22.07 21.64
CA GLN F 281 -19.12 20.74 21.95
C GLN F 281 -20.18 20.05 22.79
N GLY F 282 -21.03 19.25 22.15
CA GLY F 282 -22.18 18.66 22.81
C GLY F 282 -21.93 17.40 23.58
N ASN F 283 -20.73 16.82 23.49
CA ASN F 283 -20.41 15.58 24.21
C ASN F 283 -19.92 15.96 25.61
N SER F 284 -20.87 16.34 26.45
CA SER F 284 -20.57 16.77 27.80
C SER F 284 -21.56 16.13 28.77
N ILE F 285 -21.13 15.99 30.03
CA ILE F 285 -22.01 15.46 31.06
C ILE F 285 -23.22 16.37 31.24
N PHE F 286 -23.03 17.69 31.09
CA PHE F 286 -24.14 18.62 31.24
C PHE F 286 -25.23 18.36 30.20
N GLN F 287 -24.82 18.17 28.95
CA GLN F 287 -25.80 17.94 27.89
C GLN F 287 -26.51 16.61 28.09
N ILE F 288 -25.79 15.56 28.50
CA ILE F 288 -26.42 14.27 28.75
C ILE F 288 -27.44 14.38 29.88
N ASN F 289 -27.07 15.08 30.95
CA ASN F 289 -27.99 15.28 32.06
C ASN F 289 -29.23 16.04 31.61
N MET F 290 -29.05 17.08 30.80
CA MET F 290 -30.20 17.83 30.31
C MET F 290 -31.08 16.98 29.41
N ILE F 291 -30.48 16.13 28.58
CA ILE F 291 -31.26 15.25 27.72
C ILE F 291 -32.11 14.31 28.57
N LYS F 292 -31.50 13.71 29.59
CA LYS F 292 -32.25 12.80 30.46
C LYS F 292 -33.36 13.54 31.19
N TYR F 293 -33.07 14.76 31.67
CA TYR F 293 -34.09 15.55 32.36
C TYR F 293 -35.27 15.86 31.43
N ILE F 294 -34.98 16.25 30.19
CA ILE F 294 -36.03 16.57 29.24
C ILE F 294 -36.87 15.33 28.96
N LYS F 295 -36.20 14.20 28.71
CA LYS F 295 -36.94 12.97 28.39
C LYS F 295 -37.80 12.52 29.57
N ASP F 296 -37.33 12.75 30.80
CA ASP F 296 -38.13 12.38 31.96
C ASP F 296 -39.32 13.31 32.14
N LYS F 297 -39.10 14.62 32.01
CA LYS F 297 -40.17 15.57 32.25
C LYS F 297 -41.07 15.78 31.04
N TYR F 298 -40.52 15.69 29.83
CA TYR F 298 -41.26 15.90 28.59
C TYR F 298 -41.01 14.72 27.66
N PRO F 299 -41.63 13.57 27.95
CA PRO F 299 -41.37 12.38 27.13
C PRO F 299 -41.72 12.54 25.67
N ASN F 300 -42.71 13.36 25.34
CA ASN F 300 -43.18 13.51 23.97
C ASN F 300 -42.49 14.66 23.23
N LEU F 301 -41.54 15.33 23.86
CA LEU F 301 -40.83 16.44 23.22
C LEU F 301 -39.58 15.90 22.53
N GLN F 302 -39.47 16.15 21.23
CA GLN F 302 -38.30 15.73 20.48
C GLN F 302 -37.11 16.60 20.84
N VAL F 303 -35.95 15.97 21.01
CA VAL F 303 -34.73 16.64 21.46
C VAL F 303 -33.63 16.38 20.44
N ILE F 304 -32.91 17.43 20.06
CA ILE F 304 -31.79 17.34 19.14
C ILE F 304 -30.51 17.64 19.91
N GLY F 305 -29.52 16.76 19.78
CA GLY F 305 -28.24 16.93 20.45
C GLY F 305 -27.15 17.37 19.50
N GLY F 306 -26.13 18.00 20.07
CA GLY F 306 -25.01 18.48 19.30
C GLY F 306 -24.33 19.64 20.01
N ASN F 307 -23.29 20.16 19.37
CA ASN F 307 -22.77 19.68 18.08
C ASN F 307 -21.72 18.59 18.28
N VAL F 308 -21.64 17.67 17.31
CA VAL F 308 -20.68 16.57 17.35
C VAL F 308 -20.10 16.38 15.95
N VAL F 309 -18.88 15.83 15.90
CA VAL F 309 -18.21 15.59 14.63
C VAL F 309 -17.61 14.19 14.57
N THR F 310 -17.67 13.44 15.67
CA THR F 310 -17.09 12.12 15.74
C THR F 310 -18.14 11.09 16.14
N ALA F 311 -17.81 9.82 15.89
CA ALA F 311 -18.74 8.74 16.18
C ALA F 311 -18.87 8.46 17.68
N ALA F 312 -17.82 8.75 18.46
CA ALA F 312 -17.89 8.53 19.91
C ALA F 312 -18.88 9.50 20.56
N GLN F 313 -18.82 10.78 20.18
CA GLN F 313 -19.78 11.74 20.68
C GLN F 313 -21.20 11.34 20.28
N ALA F 314 -21.37 10.90 19.04
CA ALA F 314 -22.69 10.45 18.58
C ALA F 314 -23.17 9.26 19.40
N LYS F 315 -22.28 8.32 19.70
CA LYS F 315 -22.66 7.18 20.52
C LYS F 315 -23.14 7.62 21.89
N ASN F 316 -22.39 8.53 22.51
CA ASN F 316 -22.77 9.00 23.85
C ASN F 316 -24.14 9.67 23.81
N LEU F 317 -24.37 10.56 22.84
CA LEU F 317 -25.63 11.28 22.81
C LEU F 317 -26.79 10.37 22.42
N ILE F 318 -26.56 9.39 21.54
CA ILE F 318 -27.62 8.45 21.18
C ILE F 318 -27.98 7.57 22.37
N ASP F 319 -26.97 7.11 23.11
CA ASP F 319 -27.25 6.37 24.34
C ASP F 319 -28.02 7.22 25.34
N ALA F 320 -27.74 8.52 25.37
CA ALA F 320 -28.51 9.41 26.24
C ALA F 320 -29.98 9.45 25.85
N GLY F 321 -30.28 9.29 24.55
CA GLY F 321 -31.66 9.21 24.10
C GLY F 321 -32.10 10.34 23.20
N VAL F 322 -31.18 10.92 22.43
CA VAL F 322 -31.55 11.99 21.52
C VAL F 322 -32.34 11.44 20.34
N ASP F 323 -33.12 12.32 19.71
CA ASP F 323 -33.93 11.97 18.56
C ASP F 323 -33.29 12.41 17.24
N ALA F 324 -32.23 13.20 17.29
CA ALA F 324 -31.49 13.61 16.10
C ALA F 324 -30.18 14.22 16.55
N LEU F 325 -29.24 14.32 15.61
CA LEU F 325 -27.92 14.88 15.89
C LEU F 325 -27.66 16.09 15.01
N ARG F 326 -26.92 17.05 15.56
CA ARG F 326 -26.49 18.25 14.86
C ARG F 326 -24.98 18.17 14.67
N VAL F 327 -24.54 18.13 13.41
CA VAL F 327 -23.16 17.79 13.08
C VAL F 327 -22.47 18.99 12.48
N GLY F 328 -21.37 19.41 13.11
CA GLY F 328 -20.55 20.50 12.62
C GLY F 328 -19.78 21.20 13.72
N MET F 329 -18.50 21.48 13.47
CA MET F 329 -17.68 22.23 14.42
C MET F 329 -16.49 22.79 13.68
N GLY F 330 -16.39 24.12 13.63
CA GLY F 330 -15.31 24.80 12.95
C GLY F 330 -15.59 25.20 11.52
N SER F 331 -16.70 24.73 10.95
CA SER F 331 -17.02 24.99 9.54
C SER F 331 -17.88 26.21 9.34
N GLY F 332 -18.36 26.85 10.41
CA GLY F 332 -19.25 27.99 10.25
C GLY F 332 -18.55 29.15 9.58
N SER F 333 -19.33 29.92 8.82
CA SER F 333 -18.78 31.09 8.13
C SER F 333 -18.24 32.11 9.11
N ILE F 334 -18.84 32.21 10.28
CA ILE F 334 -18.44 33.19 11.30
C ILE F 334 -17.72 32.52 12.46
N CYS F 335 -17.12 31.36 12.23
CA CYS F 335 -16.51 30.55 13.28
C CYS F 335 -15.00 30.59 13.16
N ILE F 336 -14.33 30.78 14.31
CA ILE F 336 -12.88 30.80 14.38
C ILE F 336 -12.42 29.83 15.45
N THR F 337 -13.26 28.83 15.76
CA THR F 337 -12.92 27.87 16.80
C THR F 337 -11.67 27.08 16.43
N GLN F 338 -11.50 26.75 15.15
CA GLN F 338 -10.37 25.92 14.75
C GLN F 338 -9.03 26.60 15.05
N GLU F 339 -8.93 27.90 14.75
CA GLU F 339 -7.67 28.60 14.95
C GLU F 339 -7.45 29.04 16.40
N VAL F 340 -8.50 29.04 17.22
CA VAL F 340 -8.37 29.48 18.61
C VAL F 340 -8.14 28.29 19.54
N LEU F 341 -8.88 27.20 19.35
CA LEU F 341 -8.81 26.04 20.23
C LEU F 341 -8.20 24.81 19.56
N ALA F 342 -7.92 24.86 18.26
CA ALA F 342 -7.33 23.76 17.51
C ALA F 342 -8.22 22.52 17.47
N CYS F 343 -9.53 22.71 17.66
CA CYS F 343 -10.48 21.60 17.73
C CYS F 343 -11.52 21.77 16.63
N GLY F 344 -11.78 20.69 15.90
CA GLY F 344 -12.78 20.71 14.85
C GLY F 344 -12.63 19.53 13.94
N ARG F 345 -13.29 19.61 12.78
CA ARG F 345 -13.20 18.56 11.77
C ARG F 345 -13.72 19.10 10.45
N PRO F 346 -13.16 18.66 9.31
CA PRO F 346 -13.76 19.03 8.02
C PRO F 346 -15.21 18.56 7.95
N GLN F 347 -16.05 19.41 7.34
CA GLN F 347 -17.49 19.23 7.45
C GLN F 347 -17.96 17.96 6.75
N ALA F 348 -17.49 17.73 5.52
CA ALA F 348 -17.99 16.57 4.75
C ALA F 348 -17.67 15.27 5.46
N THR F 349 -16.43 15.12 5.93
CA THR F 349 -16.02 13.89 6.60
C THR F 349 -16.82 13.69 7.89
N ALA F 350 -17.01 14.76 8.66
CA ALA F 350 -17.79 14.66 9.88
C ALA F 350 -19.21 14.21 9.59
N VAL F 351 -19.82 14.82 8.57
CA VAL F 351 -21.19 14.46 8.20
C VAL F 351 -21.24 12.98 7.83
N TYR F 352 -20.32 12.54 6.97
CA TYR F 352 -20.35 11.15 6.55
C TYR F 352 -20.21 10.20 7.73
N LYS F 353 -19.20 10.43 8.58
CA LYS F 353 -18.94 9.49 9.68
C LYS F 353 -20.09 9.47 10.68
N VAL F 354 -20.56 10.64 11.09
CA VAL F 354 -21.62 10.70 12.09
C VAL F 354 -22.91 10.11 11.52
N SER F 355 -23.22 10.40 10.26
CA SER F 355 -24.42 9.83 9.65
C SER F 355 -24.32 8.31 9.55
N GLU F 356 -23.15 7.81 9.18
CA GLU F 356 -22.98 6.36 9.08
C GLU F 356 -23.19 5.68 10.42
N TYR F 357 -22.66 6.28 11.50
CA TYR F 357 -22.89 5.68 12.81
C TYR F 357 -24.35 5.80 13.23
N ALA F 358 -24.95 6.98 13.04
CA ALA F 358 -26.30 7.22 13.51
C ALA F 358 -27.33 6.37 12.77
N ARG F 359 -27.08 6.08 11.48
CA ARG F 359 -28.03 5.27 10.71
C ARG F 359 -28.23 3.90 11.32
N ARG F 360 -27.24 3.41 12.06
CA ARG F 360 -27.37 2.10 12.73
C ARG F 360 -28.49 2.10 13.76
N PHE F 361 -28.85 3.27 14.29
CA PHE F 361 -29.89 3.37 15.31
C PHE F 361 -31.07 4.22 14.87
N GLY F 362 -31.19 4.52 13.58
CA GLY F 362 -32.31 5.31 13.09
C GLY F 362 -32.36 6.72 13.61
N VAL F 363 -31.22 7.38 13.73
CA VAL F 363 -31.11 8.74 14.25
C VAL F 363 -30.72 9.66 13.09
N PRO F 364 -31.54 10.63 12.71
CA PRO F 364 -31.19 11.51 11.59
C PRO F 364 -30.14 12.55 11.98
N VAL F 365 -29.56 13.16 10.95
CA VAL F 365 -28.45 14.10 11.09
C VAL F 365 -28.80 15.42 10.41
N ILE F 366 -28.42 16.51 11.06
CA ILE F 366 -28.54 17.86 10.53
C ILE F 366 -27.13 18.37 10.28
N ALA F 367 -26.76 18.49 9.02
CA ALA F 367 -25.47 19.07 8.66
C ALA F 367 -25.52 20.58 8.85
N ASP F 368 -24.70 21.10 9.77
CA ASP F 368 -24.74 22.50 10.17
C ASP F 368 -23.38 23.12 9.91
N GLY F 369 -23.35 24.17 9.10
CA GLY F 369 -22.15 24.93 8.86
C GLY F 369 -21.50 24.58 7.54
N GLY F 370 -20.87 25.58 6.92
CA GLY F 370 -20.11 25.39 5.70
C GLY F 370 -20.93 25.38 4.44
N ILE F 371 -22.22 25.66 4.50
CA ILE F 371 -23.07 25.65 3.32
C ILE F 371 -22.98 27.02 2.64
N GLN F 372 -22.58 27.03 1.36
CA GLN F 372 -22.48 28.24 0.58
C GLN F 372 -23.32 28.24 -0.68
N ASN F 373 -23.75 27.07 -1.16
CA ASN F 373 -24.51 26.99 -2.40
C ASN F 373 -25.32 25.70 -2.38
N VAL F 374 -26.16 25.54 -3.41
CA VAL F 374 -27.02 24.36 -3.51
C VAL F 374 -26.18 23.09 -3.62
N GLY F 375 -25.05 23.17 -4.31
CA GLY F 375 -24.19 22.00 -4.45
C GLY F 375 -23.74 21.46 -3.11
N HIS F 376 -23.43 22.35 -2.16
CA HIS F 376 -23.06 21.91 -0.82
C HIS F 376 -24.22 21.19 -0.14
N ILE F 377 -25.44 21.69 -0.31
CA ILE F 377 -26.61 21.04 0.27
C ILE F 377 -26.77 19.63 -0.30
N ALA F 378 -26.65 19.51 -1.63
CA ALA F 378 -26.78 18.21 -2.26
C ALA F 378 -25.69 17.25 -1.80
N LYS F 379 -24.46 17.74 -1.69
CA LYS F 379 -23.36 16.89 -1.21
C LYS F 379 -23.60 16.43 0.21
N ALA F 380 -24.05 17.34 1.08
CA ALA F 380 -24.31 16.97 2.47
C ALA F 380 -25.40 15.91 2.56
N LEU F 381 -26.47 16.08 1.78
CA LEU F 381 -27.54 15.09 1.79
C LEU F 381 -27.05 13.75 1.25
N ALA F 382 -26.22 13.78 0.21
CA ALA F 382 -25.74 12.53 -0.39
C ALA F 382 -24.81 11.76 0.54
N LEU F 383 -24.13 12.46 1.45
CA LEU F 383 -23.17 11.81 2.34
C LEU F 383 -23.82 11.21 3.58
N GLY F 384 -25.14 11.38 3.76
CA GLY F 384 -25.83 10.74 4.86
C GLY F 384 -26.74 11.66 5.64
N ALA F 385 -26.54 12.96 5.51
CA ALA F 385 -27.35 13.92 6.27
C ALA F 385 -28.80 13.86 5.83
N SER F 386 -29.70 13.94 6.82
CA SER F 386 -31.13 13.99 6.53
C SER F 386 -31.63 15.41 6.37
N THR F 387 -30.98 16.39 7.00
CA THR F 387 -31.35 17.78 6.85
C THR F 387 -30.10 18.65 6.86
N VAL F 388 -30.26 19.88 6.39
CA VAL F 388 -29.17 20.85 6.29
C VAL F 388 -29.63 22.16 6.93
N MET F 389 -28.79 22.73 7.78
CA MET F 389 -29.09 23.97 8.48
C MET F 389 -28.10 25.03 8.03
N MET F 390 -28.62 26.21 7.68
CA MET F 390 -27.82 27.28 7.10
C MET F 390 -28.02 28.57 7.89
N GLY F 391 -26.92 29.21 8.26
CA GLY F 391 -26.98 30.52 8.89
C GLY F 391 -26.70 31.66 7.93
N SER F 392 -25.58 31.56 7.20
CA SER F 392 -25.16 32.64 6.32
C SER F 392 -26.00 32.71 5.05
N LEU F 393 -26.34 31.56 4.46
CA LEU F 393 -27.10 31.56 3.23
C LEU F 393 -28.46 32.21 3.39
N LEU F 394 -29.08 32.03 4.55
CA LEU F 394 -30.35 32.69 4.85
C LEU F 394 -30.18 34.06 5.48
N ALA F 395 -28.94 34.45 5.81
CA ALA F 395 -28.70 35.77 6.36
C ALA F 395 -28.94 36.84 5.30
N ALA F 396 -29.29 38.03 5.76
CA ALA F 396 -29.58 39.20 4.93
C ALA F 396 -30.87 39.04 4.14
N THR F 397 -31.66 38.00 4.42
CA THR F 397 -32.98 37.90 3.81
C THR F 397 -33.94 38.87 4.48
N THR F 398 -35.07 39.11 3.82
CA THR F 398 -36.04 40.06 4.34
C THR F 398 -36.58 39.61 5.69
N GLU F 399 -36.86 38.32 5.83
CA GLU F 399 -37.42 37.79 7.08
C GLU F 399 -36.40 37.68 8.20
N ALA F 400 -35.12 37.85 7.90
CA ALA F 400 -34.10 37.76 8.93
C ALA F 400 -34.20 38.95 9.89
N PRO F 401 -33.80 38.78 11.14
CA PRO F 401 -33.85 39.91 12.09
C PRO F 401 -32.89 41.02 11.69
N GLY F 402 -33.22 42.22 12.13
CA GLY F 402 -32.41 43.39 11.87
C GLY F 402 -32.90 44.17 10.66
N GLU F 403 -32.27 45.33 10.47
CA GLU F 403 -32.63 46.25 9.40
C GLU F 403 -31.47 46.38 8.42
N TYR F 404 -31.81 46.56 7.15
CA TYR F 404 -30.79 46.75 6.12
C TYR F 404 -30.08 48.09 6.31
N PHE F 405 -28.82 48.14 5.87
CA PHE F 405 -28.05 49.37 5.82
C PHE F 405 -27.26 49.38 4.51
N PHE F 406 -26.59 50.50 4.25
CA PHE F 406 -25.87 50.70 3.01
C PHE F 406 -24.41 51.00 3.29
N SER F 407 -23.53 50.40 2.50
CA SER F 407 -22.09 50.65 2.59
C SER F 407 -21.51 50.62 1.18
N ASP F 408 -20.98 51.76 0.73
CA ASP F 408 -20.39 51.87 -0.60
C ASP F 408 -21.38 51.43 -1.68
N GLY F 409 -22.64 51.78 -1.48
CA GLY F 409 -23.67 51.44 -2.43
C GLY F 409 -24.16 50.01 -2.39
N ILE F 410 -23.71 49.23 -1.41
CA ILE F 410 -24.11 47.83 -1.26
C ILE F 410 -25.06 47.71 -0.08
N ARG F 411 -26.18 47.05 -0.30
CA ARG F 411 -27.17 46.81 0.76
C ARG F 411 -26.76 45.58 1.55
N LEU F 412 -26.61 45.73 2.87
CA LEU F 412 -26.09 44.68 3.72
C LEU F 412 -26.93 44.58 4.99
N LYS F 413 -26.86 43.41 5.62
CA LYS F 413 -27.48 43.16 6.91
C LYS F 413 -26.48 42.47 7.81
N LYS F 414 -26.56 42.76 9.11
CA LYS F 414 -25.60 42.23 10.07
C LYS F 414 -25.74 40.71 10.21
N TYR F 415 -24.60 40.06 10.44
CA TYR F 415 -24.56 38.62 10.68
C TYR F 415 -23.35 38.33 11.55
N ARG F 416 -23.58 37.70 12.70
CA ARG F 416 -22.53 37.48 13.67
C ARG F 416 -22.67 36.12 14.32
N GLY F 417 -21.54 35.55 14.71
CA GLY F 417 -21.56 34.31 15.47
C GLY F 417 -22.05 34.52 16.89
N MET F 418 -22.75 33.53 17.41
CA MET F 418 -23.28 33.63 18.77
C MET F 418 -22.16 33.64 19.81
N GLY F 419 -20.96 33.21 19.44
CA GLY F 419 -19.81 33.26 20.32
C GLY F 419 -18.94 34.50 20.16
N SER F 420 -19.34 35.44 19.31
CA SER F 420 -18.58 36.67 19.13
C SER F 420 -18.81 37.61 20.30
N LEU F 421 -17.82 38.46 20.57
CA LEU F 421 -17.90 39.36 21.71
C LEU F 421 -19.16 40.20 21.67
N ASP F 422 -19.55 40.66 20.48
CA ASP F 422 -20.77 41.46 20.36
C ASP F 422 -22.00 40.67 20.80
N ALA F 423 -22.08 39.39 20.41
CA ALA F 423 -23.23 38.58 20.77
C ALA F 423 -23.33 38.39 22.28
N MET F 424 -22.21 38.13 22.94
CA MET F 424 -22.22 37.91 24.38
C MET F 424 -22.19 39.20 25.19
N ASP F 425 -22.07 40.35 24.55
CA ASP F 425 -22.09 41.63 25.25
C ASP F 425 -23.46 42.28 25.12
N ILE F 441 -12.01 36.38 31.92
CA ILE F 441 -11.63 36.58 30.53
C ILE F 441 -12.59 35.82 29.62
N LYS F 442 -12.93 36.44 28.49
CA LYS F 442 -13.84 35.85 27.51
C LYS F 442 -13.05 35.45 26.27
N VAL F 443 -13.13 34.18 25.90
CA VAL F 443 -12.46 33.66 24.72
C VAL F 443 -13.45 33.63 23.58
N ALA F 444 -13.32 34.58 22.65
CA ALA F 444 -14.24 34.65 21.52
C ALA F 444 -14.04 33.47 20.59
N GLN F 445 -15.16 32.89 20.13
CA GLN F 445 -15.13 31.77 19.20
C GLN F 445 -15.79 32.12 17.86
N GLY F 446 -16.15 33.38 17.65
CA GLY F 446 -16.79 33.79 16.40
C GLY F 446 -16.51 35.24 16.10
N VAL F 447 -16.94 35.66 14.91
CA VAL F 447 -16.75 37.02 14.43
C VAL F 447 -18.11 37.62 14.07
N SER F 448 -18.11 38.93 13.83
CA SER F 448 -19.29 39.66 13.43
C SER F 448 -19.00 40.45 12.16
N GLY F 449 -19.97 40.52 11.27
CA GLY F 449 -19.79 41.20 10.00
C GLY F 449 -21.12 41.44 9.33
N ALA F 450 -21.10 41.54 8.01
CA ALA F 450 -22.29 41.84 7.24
C ALA F 450 -22.37 40.93 6.03
N VAL F 451 -23.61 40.72 5.55
CA VAL F 451 -23.89 39.88 4.40
C VAL F 451 -24.80 40.64 3.46
N GLN F 452 -24.57 40.47 2.15
CA GLN F 452 -25.34 41.19 1.15
C GLN F 452 -26.77 40.69 1.07
N ASP F 453 -27.67 41.58 0.66
CA ASP F 453 -29.09 41.24 0.57
C ASP F 453 -29.32 40.13 -0.43
N LYS F 454 -30.24 39.23 -0.11
CA LYS F 454 -30.60 38.11 -0.97
C LYS F 454 -32.06 38.10 -1.37
N GLY F 455 -32.90 38.96 -0.81
CA GLY F 455 -34.31 38.99 -1.10
C GLY F 455 -35.14 38.29 -0.05
N SER F 456 -36.31 37.82 -0.47
CA SER F 456 -37.25 37.16 0.41
C SER F 456 -37.02 35.65 0.42
N ILE F 457 -37.35 35.04 1.55
CA ILE F 457 -37.24 33.58 1.66
C ILE F 457 -38.17 32.90 0.67
N HIS F 458 -39.36 33.46 0.47
CA HIS F 458 -40.36 32.82 -0.37
C HIS F 458 -39.90 32.69 -1.82
N LYS F 459 -38.89 33.43 -2.24
CA LYS F 459 -38.31 33.28 -3.56
C LYS F 459 -36.99 32.52 -3.55
N PHE F 460 -36.19 32.66 -2.48
CA PHE F 460 -34.90 31.98 -2.43
C PHE F 460 -35.07 30.48 -2.21
N VAL F 461 -35.94 30.08 -1.28
CA VAL F 461 -36.10 28.67 -0.96
C VAL F 461 -36.55 27.87 -2.17
N PRO F 462 -37.54 28.33 -2.96
CA PRO F 462 -37.89 27.56 -4.17
C PRO F 462 -36.71 27.33 -5.10
N TYR F 463 -35.81 28.29 -5.22
CA TYR F 463 -34.62 28.09 -6.05
C TYR F 463 -33.75 26.96 -5.51
N LEU F 464 -33.57 26.92 -4.18
CA LEU F 464 -32.81 25.83 -3.58
C LEU F 464 -33.49 24.49 -3.82
N ILE F 465 -34.82 24.46 -3.70
CA ILE F 465 -35.57 23.22 -3.95
C ILE F 465 -35.35 22.75 -5.38
N ALA F 466 -35.46 23.67 -6.33
CA ALA F 466 -35.27 23.31 -7.74
C ALA F 466 -33.86 22.80 -7.99
N GLY F 467 -32.86 23.47 -7.41
CA GLY F 467 -31.49 23.02 -7.59
C GLY F 467 -31.25 21.64 -7.01
N ILE F 468 -31.81 21.37 -5.83
CA ILE F 468 -31.66 20.05 -5.24
C ILE F 468 -32.34 18.99 -6.11
N GLN F 469 -33.52 19.31 -6.63
CA GLN F 469 -34.21 18.37 -7.52
C GLN F 469 -33.39 18.08 -8.76
N HIS F 470 -32.80 19.13 -9.35
CA HIS F 470 -31.99 18.93 -10.55
C HIS F 470 -30.74 18.11 -10.26
N SER F 471 -30.11 18.34 -9.11
CA SER F 471 -28.96 17.52 -8.73
C SER F 471 -29.37 16.06 -8.56
N CYS F 472 -30.50 15.82 -7.90
CA CYS F 472 -30.98 14.44 -7.74
C CYS F 472 -31.23 13.80 -9.10
N GLN F 473 -31.84 14.54 -10.02
CA GLN F 473 -32.08 14.00 -11.36
C GLN F 473 -30.76 13.67 -12.04
N ASP F 474 -29.77 14.57 -11.94
CA ASP F 474 -28.50 14.35 -12.60
C ASP F 474 -27.82 13.09 -12.06
N ILE F 475 -27.88 12.87 -10.74
CA ILE F 475 -27.29 11.66 -10.18
C ILE F 475 -28.21 10.46 -10.27
N GLY F 476 -29.39 10.60 -10.85
CA GLY F 476 -30.24 9.46 -11.14
C GLY F 476 -31.06 8.96 -9.97
N ALA F 477 -31.48 9.84 -9.07
CA ALA F 477 -32.28 9.47 -7.91
C ALA F 477 -33.59 10.24 -7.93
N LYS F 478 -34.69 9.54 -7.68
CA LYS F 478 -36.01 10.15 -7.60
C LYS F 478 -36.34 10.68 -6.22
N SER F 479 -35.49 10.44 -5.22
CA SER F 479 -35.72 10.94 -3.88
C SER F 479 -34.41 10.98 -3.13
N LEU F 480 -34.37 11.80 -2.08
CA LEU F 480 -33.18 11.87 -1.23
C LEU F 480 -32.93 10.54 -0.52
N THR F 481 -34.00 9.88 -0.09
CA THR F 481 -33.87 8.55 0.48
C THR F 481 -33.17 7.61 -0.49
N GLN F 482 -33.55 7.67 -1.77
CA GLN F 482 -32.89 6.86 -2.78
C GLN F 482 -31.43 7.26 -2.94
N VAL F 483 -31.13 8.55 -2.84
CA VAL F 483 -29.74 9.01 -2.93
C VAL F 483 -28.91 8.35 -1.84
N ARG F 484 -29.39 8.40 -0.60
CA ARG F 484 -28.63 7.83 0.50
C ARG F 484 -28.55 6.32 0.40
N ALA F 485 -29.62 5.66 -0.04
CA ALA F 485 -29.57 4.23 -0.24
C ALA F 485 -28.52 3.85 -1.28
N MET F 486 -28.47 4.59 -2.39
CA MET F 486 -27.48 4.33 -3.42
C MET F 486 -26.07 4.55 -2.88
N MET F 487 -25.88 5.62 -2.10
CA MET F 487 -24.55 5.90 -1.57
C MET F 487 -24.10 4.80 -0.61
N TYR F 488 -25.00 4.33 0.25
CA TYR F 488 -24.63 3.27 1.19
C TYR F 488 -24.44 1.94 0.49
N SER F 489 -25.13 1.71 -0.62
CA SER F 489 -25.00 0.47 -1.37
C SER F 489 -23.82 0.48 -2.33
N GLY F 490 -23.15 1.62 -2.51
CA GLY F 490 -22.03 1.72 -3.42
C GLY F 490 -22.39 2.05 -4.84
N GLU F 491 -23.68 2.12 -5.18
CA GLU F 491 -24.07 2.47 -6.54
C GLU F 491 -23.65 3.89 -6.88
N LEU F 492 -23.84 4.82 -5.95
CA LEU F 492 -23.43 6.21 -6.17
C LEU F 492 -21.91 6.32 -6.09
N LYS F 493 -21.32 7.02 -7.06
CA LYS F 493 -19.88 7.12 -7.17
C LYS F 493 -19.44 8.58 -7.01
N PHE F 494 -18.22 8.75 -6.50
CA PHE F 494 -17.65 10.05 -6.23
C PHE F 494 -16.25 10.14 -6.84
N GLU F 495 -15.76 11.36 -6.98
CA GLU F 495 -14.40 11.59 -7.45
C GLU F 495 -13.79 12.78 -6.74
N LYS F 496 -12.50 12.66 -6.41
CA LYS F 496 -11.80 13.75 -5.76
C LYS F 496 -11.55 14.89 -6.73
N ARG F 497 -11.23 16.06 -6.17
CA ARG F 497 -10.92 17.26 -6.95
C ARG F 497 -9.59 17.81 -6.49
N THR F 498 -8.66 17.96 -7.44
CA THR F 498 -7.44 18.70 -7.18
C THR F 498 -7.71 20.20 -7.22
N SER F 499 -6.74 20.99 -6.76
CA SER F 499 -6.88 22.44 -6.80
C SER F 499 -7.10 22.92 -8.23
N SER F 500 -6.33 22.38 -9.18
CA SER F 500 -6.56 22.70 -10.58
C SER F 500 -7.96 22.26 -11.02
N ALA F 501 -8.42 21.12 -10.50
CA ALA F 501 -9.77 20.68 -10.81
C ALA F 501 -10.80 21.67 -10.27
N GLN F 502 -10.58 22.20 -9.07
CA GLN F 502 -11.49 23.21 -8.53
C GLN F 502 -11.49 24.46 -9.40
N VAL F 503 -10.30 24.90 -9.85
CA VAL F 503 -10.22 26.06 -10.72
C VAL F 503 -10.99 25.81 -12.01
N GLU F 504 -10.81 24.64 -12.60
CA GLU F 504 -11.51 24.31 -13.84
C GLU F 504 -13.01 24.28 -13.62
N GLY F 505 -13.46 23.75 -12.48
CA GLY F 505 -14.88 23.67 -12.22
C GLY F 505 -15.56 25.03 -12.12
N GLY F 506 -14.86 26.02 -11.58
CA GLY F 506 -15.39 27.36 -11.49
C GLY F 506 -15.24 28.13 -12.79
N VAL F 507 -15.73 29.37 -12.75
CA VAL F 507 -15.63 30.24 -13.91
C VAL F 507 -14.17 30.63 -14.14
N HIS F 508 -13.73 30.55 -15.38
CA HIS F 508 -12.35 30.85 -15.72
C HIS F 508 -12.26 31.30 -17.17
N SER F 509 -11.11 31.89 -17.52
CA SER F 509 -10.79 32.27 -18.89
C SER F 509 -11.79 33.29 -19.45
N LEU F 510 -12.27 34.19 -18.60
CA LEU F 510 -13.16 35.26 -19.02
C LEU F 510 -12.61 36.60 -18.56
N HIS F 511 -12.65 37.59 -19.46
CA HIS F 511 -12.26 38.94 -19.09
C HIS F 511 -13.19 39.51 -18.02
N SER F 512 -14.49 39.28 -18.17
CA SER F 512 -15.48 39.72 -17.19
C SER F 512 -16.73 38.86 -17.38
N TYR F 513 -17.57 38.84 -16.36
CA TYR F 513 -18.80 38.06 -16.43
C TYR F 513 -19.72 38.47 -15.28
N GLU F 514 -20.99 38.11 -15.42
CA GLU F 514 -22.00 38.29 -14.38
C GLU F 514 -22.65 36.94 -14.10
N LYS F 515 -22.85 36.64 -12.82
CA LYS F 515 -23.43 35.37 -12.38
C LYS F 515 -24.84 35.64 -11.87
N ARG F 516 -25.83 35.07 -12.56
CA ARG F 516 -27.23 35.16 -12.16
C ARG F 516 -27.75 33.74 -11.93
N LEU F 517 -27.91 33.38 -10.65
CA LEU F 517 -28.36 32.04 -10.32
C LEU F 517 -29.76 31.77 -10.84
N PHE F 518 -30.66 32.73 -10.67
CA PHE F 518 -32.05 32.56 -11.09
C PHE F 518 -32.74 33.91 -11.26
N MET G 5 23.71 -13.16 -33.56
CA MET G 5 24.54 -13.06 -32.33
C MET G 5 23.71 -12.58 -31.14
N ALA G 6 24.34 -12.50 -29.98
CA ALA G 6 23.62 -12.14 -28.75
C ALA G 6 23.01 -10.75 -28.85
N ASP G 7 23.63 -9.84 -29.59
CA ASP G 7 23.13 -8.47 -29.66
C ASP G 7 21.68 -8.43 -30.12
N TYR G 8 21.27 -9.34 -30.99
CA TYR G 8 19.89 -9.41 -31.47
C TYR G 8 19.09 -10.54 -30.83
N LEU G 9 19.74 -11.64 -30.48
CA LEU G 9 19.01 -12.83 -30.04
C LEU G 9 18.43 -12.67 -28.64
N ILE G 10 19.04 -11.84 -27.79
CA ILE G 10 18.61 -11.75 -26.40
C ILE G 10 17.17 -11.24 -26.33
N SER G 11 16.88 -10.12 -27.02
CA SER G 11 15.55 -9.53 -26.95
C SER G 11 15.09 -8.99 -28.31
N GLY G 12 15.72 -9.40 -29.40
CA GLY G 12 15.30 -8.97 -30.72
C GLY G 12 16.05 -7.78 -31.28
N GLY G 13 17.14 -7.36 -30.65
CA GLY G 13 17.91 -6.24 -31.13
C GLY G 13 17.40 -4.87 -30.72
N THR G 14 16.31 -4.80 -29.97
CA THR G 14 15.76 -3.53 -29.52
C THR G 14 16.46 -3.13 -28.23
N SER G 15 17.24 -2.05 -28.27
CA SER G 15 17.95 -1.59 -27.09
C SER G 15 16.96 -1.31 -25.97
N TYR G 16 17.31 -1.73 -24.76
CA TYR G 16 16.39 -1.57 -23.64
C TYR G 16 16.20 -0.10 -23.32
N VAL G 17 15.03 0.21 -22.74
CA VAL G 17 14.64 1.56 -22.40
C VAL G 17 14.54 1.65 -20.88
N PRO G 18 15.33 2.50 -20.22
CA PRO G 18 15.18 2.64 -18.76
C PRO G 18 13.77 3.05 -18.39
N ASP G 19 13.27 2.48 -17.29
CA ASP G 19 11.91 2.73 -16.84
C ASP G 19 11.89 4.03 -16.04
N ASP G 20 11.27 5.07 -16.60
CA ASP G 20 11.18 6.37 -15.95
C ASP G 20 9.84 6.99 -16.29
N GLY G 21 9.09 7.38 -15.28
CA GLY G 21 7.77 7.96 -15.47
C GLY G 21 6.66 6.95 -15.29
N LEU G 22 5.43 7.46 -15.44
CA LEU G 22 4.23 6.67 -15.26
C LEU G 22 3.47 6.56 -16.57
N THR G 23 2.81 5.42 -16.76
CA THR G 23 1.87 5.26 -17.87
C THR G 23 0.56 5.96 -17.52
N ALA G 24 -0.26 6.18 -18.55
CA ALA G 24 -1.56 6.80 -18.33
C ALA G 24 -2.41 5.95 -17.39
N GLN G 25 -2.38 4.63 -17.57
CA GLN G 25 -3.14 3.74 -16.70
C GLN G 25 -2.70 3.91 -15.24
N GLN G 26 -1.38 3.95 -15.01
CA GLN G 26 -0.89 4.17 -13.66
C GLN G 26 -1.27 5.55 -13.14
N LEU G 27 -1.17 6.57 -13.99
CA LEU G 27 -1.44 7.93 -13.55
C LEU G 27 -2.89 8.10 -13.11
N PHE G 28 -3.82 7.53 -13.88
CA PHE G 28 -5.25 7.71 -13.61
C PHE G 28 -5.84 6.59 -12.76
N ASN G 29 -5.01 5.67 -12.26
CA ASN G 29 -5.47 4.66 -11.31
C ASN G 29 -5.34 5.12 -9.86
N CYS G 30 -4.72 6.27 -9.61
CA CYS G 30 -4.57 6.78 -8.26
C CYS G 30 -5.84 7.40 -7.70
N GLY G 31 -6.83 7.68 -8.55
CA GLY G 31 -8.07 8.27 -8.08
C GLY G 31 -7.89 9.65 -7.47
N ASP G 32 -6.97 10.44 -8.02
CA ASP G 32 -6.71 11.78 -7.52
C ASP G 32 -7.61 12.84 -8.15
N GLY G 33 -8.36 12.50 -9.20
CA GLY G 33 -9.19 13.47 -9.87
C GLY G 33 -8.37 14.56 -10.53
N LEU G 34 -7.61 14.20 -11.56
CA LEU G 34 -6.67 15.10 -12.20
C LEU G 34 -7.33 15.84 -13.35
N THR G 35 -6.81 17.03 -13.63
CA THR G 35 -7.15 17.83 -14.80
C THR G 35 -5.90 18.03 -15.66
N TYR G 36 -6.04 18.85 -16.71
CA TYR G 36 -4.95 19.01 -17.66
C TYR G 36 -3.70 19.57 -17.01
N ASN G 37 -3.87 20.58 -16.14
CA ASN G 37 -2.73 21.28 -15.55
C ASN G 37 -2.01 20.44 -14.49
N ASP G 38 -2.56 19.29 -14.11
CA ASP G 38 -1.99 18.49 -13.02
C ASP G 38 -0.91 17.52 -13.47
N PHE G 39 -0.58 17.48 -14.76
CA PHE G 39 0.39 16.51 -15.25
C PHE G 39 1.07 17.01 -16.51
N LEU G 40 2.18 16.36 -16.85
CA LEU G 40 2.95 16.65 -18.05
C LEU G 40 3.28 15.35 -18.77
N ILE G 41 3.53 15.46 -20.07
CA ILE G 41 3.97 14.34 -20.90
C ILE G 41 5.48 14.41 -21.01
N LEU G 42 6.14 13.28 -20.76
CA LEU G 42 7.60 13.27 -20.81
C LEU G 42 8.08 13.18 -22.26
N PRO G 43 9.20 13.79 -22.60
CA PRO G 43 9.69 13.76 -23.98
C PRO G 43 10.22 12.38 -24.37
N GLY G 44 10.28 12.16 -25.68
CA GLY G 44 10.76 10.90 -26.21
C GLY G 44 11.96 11.05 -27.12
N TYR G 45 11.92 10.40 -28.29
CA TYR G 45 13.02 10.39 -29.24
C TYR G 45 12.56 11.00 -30.55
N ILE G 46 13.40 11.88 -31.12
CA ILE G 46 13.07 12.61 -32.33
C ILE G 46 13.93 12.07 -33.47
N ASP G 47 13.28 11.63 -34.55
CA ASP G 47 13.97 11.26 -35.77
C ASP G 47 13.22 11.74 -36.99
N PHE G 48 12.47 12.83 -36.85
CA PHE G 48 11.69 13.39 -37.94
C PHE G 48 11.45 14.87 -37.66
N THR G 49 11.05 15.59 -38.69
CA THR G 49 10.73 17.01 -38.56
C THR G 49 9.25 17.19 -38.21
N ALA G 50 8.95 18.35 -37.62
CA ALA G 50 7.59 18.60 -37.15
C ALA G 50 6.59 18.64 -38.28
N ASP G 51 6.99 19.17 -39.44
CA ASP G 51 6.06 19.33 -40.55
C ASP G 51 5.60 18.00 -41.14
N GLN G 52 6.25 16.89 -40.81
CA GLN G 52 5.83 15.58 -41.27
C GLN G 52 4.76 14.95 -40.38
N VAL G 53 4.39 15.62 -39.28
CA VAL G 53 3.41 15.06 -38.37
C VAL G 53 2.02 15.11 -39.01
N ASP G 54 1.31 14.00 -38.98
CA ASP G 54 -0.02 13.88 -39.56
C ASP G 54 -1.06 14.02 -38.46
N LEU G 55 -1.99 14.96 -38.65
CA LEU G 55 -3.03 15.25 -37.67
C LEU G 55 -4.40 14.72 -38.09
N THR G 56 -4.43 13.79 -39.03
CA THR G 56 -5.70 13.20 -39.46
C THR G 56 -6.42 12.60 -38.26
N SER G 57 -7.71 12.91 -38.13
CA SER G 57 -8.48 12.51 -36.97
C SER G 57 -9.86 12.05 -37.40
N ALA G 58 -10.45 11.16 -36.61
CA ALA G 58 -11.77 10.61 -36.87
C ALA G 58 -12.78 11.34 -35.99
N LEU G 59 -13.66 12.11 -36.63
CA LEU G 59 -14.74 12.76 -35.89
C LEU G 59 -15.79 11.76 -35.44
N THR G 60 -16.18 10.85 -36.34
CA THR G 60 -17.14 9.81 -36.04
C THR G 60 -16.63 8.50 -36.64
N LYS G 61 -17.48 7.47 -36.60
CA LYS G 61 -17.10 6.17 -37.15
C LYS G 61 -16.77 6.28 -38.64
N LYS G 62 -17.48 7.14 -39.37
CA LYS G 62 -17.34 7.23 -40.82
C LYS G 62 -16.81 8.56 -41.32
N ILE G 63 -16.69 9.57 -40.46
CA ILE G 63 -16.24 10.90 -40.85
C ILE G 63 -14.82 11.10 -40.33
N THR G 64 -13.92 11.47 -41.23
CA THR G 64 -12.52 11.71 -40.90
C THR G 64 -12.13 13.13 -41.29
N LEU G 65 -11.41 13.79 -40.39
CA LEU G 65 -10.96 15.17 -40.60
C LEU G 65 -9.43 15.19 -40.65
N LYS G 66 -8.90 16.20 -41.34
CA LYS G 66 -7.46 16.40 -41.42
C LYS G 66 -6.90 17.11 -40.20
N THR G 67 -7.74 17.69 -39.35
CA THR G 67 -7.32 18.28 -38.09
C THR G 67 -8.31 17.87 -37.02
N PRO G 68 -7.87 17.85 -35.75
CA PRO G 68 -8.76 17.41 -34.67
C PRO G 68 -9.59 18.53 -34.06
N LEU G 69 -9.68 19.67 -34.72
CA LEU G 69 -10.29 20.87 -34.15
C LEU G 69 -11.76 20.95 -34.51
N VAL G 70 -12.59 21.23 -33.52
CA VAL G 70 -14.04 21.35 -33.68
C VAL G 70 -14.51 22.59 -32.92
N SER G 71 -15.49 23.28 -33.48
CA SER G 71 -16.08 24.46 -32.84
C SER G 71 -17.38 24.09 -32.15
N SER G 72 -17.55 24.60 -30.92
CA SER G 72 -18.69 24.23 -30.10
C SER G 72 -19.99 24.79 -30.69
N PRO G 73 -21.10 24.07 -30.53
CA PRO G 73 -22.41 24.61 -30.96
C PRO G 73 -22.99 25.61 -29.96
N MET G 74 -22.46 26.83 -30.00
CA MET G 74 -22.87 27.88 -29.10
C MET G 74 -23.27 29.11 -29.90
N ASP G 75 -24.25 29.86 -29.37
CA ASP G 75 -24.77 31.02 -30.08
C ASP G 75 -23.76 32.15 -30.19
N THR G 76 -22.68 32.11 -29.41
CA THR G 76 -21.61 33.11 -29.49
C THR G 76 -20.34 32.55 -30.09
N VAL G 77 -20.38 31.35 -30.68
CA VAL G 77 -19.18 30.71 -31.20
C VAL G 77 -19.35 30.32 -32.67
N THR G 78 -20.36 29.49 -32.97
CA THR G 78 -20.45 28.83 -34.26
C THR G 78 -21.71 29.24 -34.99
N GLU G 79 -21.54 29.91 -36.13
CA GLU G 79 -22.61 30.09 -37.11
C GLU G 79 -22.05 29.71 -38.48
N ALA G 80 -22.77 30.04 -39.55
CA ALA G 80 -22.34 29.63 -40.88
C ALA G 80 -20.90 30.03 -41.16
N GLY G 81 -20.52 31.26 -40.80
CA GLY G 81 -19.17 31.73 -41.08
C GLY G 81 -18.12 30.93 -40.34
N MET G 82 -18.35 30.70 -39.05
CA MET G 82 -17.41 29.92 -38.26
C MET G 82 -17.28 28.50 -38.81
N ALA G 83 -18.41 27.88 -39.17
CA ALA G 83 -18.37 26.53 -39.72
C ALA G 83 -17.60 26.50 -41.03
N ILE G 84 -17.82 27.49 -41.90
CA ILE G 84 -17.10 27.54 -43.17
C ILE G 84 -15.60 27.66 -42.92
N ALA G 85 -15.22 28.57 -42.03
CA ALA G 85 -13.80 28.76 -41.75
C ALA G 85 -13.17 27.50 -41.17
N MET G 86 -13.86 26.85 -40.22
CA MET G 86 -13.33 25.65 -39.62
C MET G 86 -13.17 24.54 -40.65
N ALA G 87 -14.17 24.37 -41.52
CA ALA G 87 -14.08 23.35 -42.56
C ALA G 87 -12.93 23.65 -43.51
N LEU G 88 -12.75 24.92 -43.88
CA LEU G 88 -11.66 25.27 -44.78
C LEU G 88 -10.30 25.00 -44.15
N THR G 89 -10.16 25.29 -42.86
CA THR G 89 -8.88 25.11 -42.17
C THR G 89 -8.60 23.67 -41.81
N GLY G 90 -9.55 22.74 -42.04
CA GLY G 90 -9.33 21.34 -41.79
C GLY G 90 -10.14 20.75 -40.66
N GLY G 91 -10.96 21.55 -39.98
CA GLY G 91 -11.80 21.05 -38.91
C GLY G 91 -13.26 20.97 -39.31
N ILE G 92 -14.15 21.27 -38.36
CA ILE G 92 -15.59 21.26 -38.62
C ILE G 92 -16.26 22.07 -37.54
N GLY G 93 -17.45 22.57 -37.83
CA GLY G 93 -18.23 23.32 -36.86
C GLY G 93 -19.65 22.82 -36.77
N PHE G 94 -20.22 22.93 -35.59
CA PHE G 94 -21.58 22.52 -35.31
C PHE G 94 -22.44 23.76 -35.09
N ILE G 95 -23.48 23.90 -35.90
CA ILE G 95 -24.37 25.05 -35.79
C ILE G 95 -25.22 24.92 -34.53
N HIS G 96 -25.28 26.00 -33.76
CA HIS G 96 -26.08 26.00 -32.53
C HIS G 96 -27.57 25.97 -32.86
N HIS G 97 -28.37 25.61 -31.86
CA HIS G 97 -29.81 25.44 -32.04
C HIS G 97 -30.62 26.36 -31.13
N ASN G 98 -30.00 27.40 -30.58
CA ASN G 98 -30.75 28.43 -29.85
C ASN G 98 -31.32 29.46 -30.83
N CYS G 99 -32.19 28.95 -31.70
CA CYS G 99 -32.78 29.73 -32.78
C CYS G 99 -33.92 28.92 -33.36
N THR G 100 -34.62 29.51 -34.32
CA THR G 100 -35.68 28.79 -35.01
C THR G 100 -35.08 27.69 -35.89
N PRO G 101 -35.80 26.59 -36.09
CA PRO G 101 -35.28 25.54 -36.98
C PRO G 101 -34.96 26.05 -38.37
N GLU G 102 -35.77 26.97 -38.90
CA GLU G 102 -35.53 27.50 -40.24
C GLU G 102 -34.22 28.25 -40.32
N PHE G 103 -33.91 29.05 -39.29
CA PHE G 103 -32.65 29.78 -39.27
C PHE G 103 -31.45 28.83 -39.27
N GLN G 104 -31.52 27.79 -38.45
CA GLN G 104 -30.43 26.81 -38.40
C GLN G 104 -30.28 26.09 -39.73
N ALA G 105 -31.41 25.70 -40.35
CA ALA G 105 -31.35 25.05 -41.65
C ALA G 105 -30.76 25.98 -42.70
N ASN G 106 -31.10 27.27 -42.64
CA ASN G 106 -30.53 28.23 -43.59
C ASN G 106 -29.03 28.36 -43.40
N GLU G 107 -28.56 28.39 -42.15
CA GLU G 107 -27.12 28.43 -41.91
C GLU G 107 -26.44 27.18 -42.46
N VAL G 108 -27.04 26.01 -42.24
CA VAL G 108 -26.47 24.78 -42.77
C VAL G 108 -26.41 24.85 -44.30
N ARG G 109 -27.47 25.34 -44.93
CA ARG G 109 -27.48 25.48 -46.39
C ARG G 109 -26.36 26.41 -46.84
N LYS G 110 -26.19 27.53 -46.14
CA LYS G 110 -25.11 28.46 -46.49
C LYS G 110 -23.76 27.75 -46.44
N VAL G 111 -23.54 26.93 -45.40
CA VAL G 111 -22.28 26.19 -45.31
C VAL G 111 -22.15 25.23 -46.48
N LYS G 112 -23.22 24.51 -46.82
CA LYS G 112 -23.14 23.47 -47.84
C LYS G 112 -22.94 24.05 -49.24
N LYS G 113 -23.52 25.21 -49.52
CA LYS G 113 -23.45 25.81 -50.85
C LYS G 113 -22.28 26.77 -51.01
N TYR G 114 -21.39 26.86 -50.03
CA TYR G 114 -20.24 27.74 -50.15
C TYR G 114 -19.32 27.27 -51.27
N GLU G 115 -18.82 28.21 -52.05
CA GLU G 115 -17.91 27.91 -53.16
C GLU G 115 -16.81 28.97 -53.25
N ASP G 236 -5.63 28.86 -51.54
CA ASP G 236 -5.83 27.42 -51.57
C ASP G 236 -6.06 26.88 -50.16
N TYR G 237 -6.88 25.84 -50.06
CA TYR G 237 -7.22 25.21 -48.78
C TYR G 237 -7.04 23.70 -48.93
N PRO G 238 -5.79 23.22 -48.96
CA PRO G 238 -5.57 21.78 -49.17
C PRO G 238 -6.20 20.90 -48.11
N LEU G 239 -6.32 21.39 -46.87
CA LEU G 239 -6.85 20.61 -45.77
C LEU G 239 -8.37 20.68 -45.65
N ALA G 240 -9.03 21.34 -46.60
CA ALA G 240 -10.46 21.58 -46.48
C ALA G 240 -11.22 20.27 -46.28
N SER G 241 -12.18 20.30 -45.35
CA SER G 241 -13.01 19.14 -45.04
C SER G 241 -14.23 19.16 -45.94
N LYS G 242 -14.35 18.16 -46.81
CA LYS G 242 -15.41 18.10 -47.80
C LYS G 242 -16.04 16.71 -47.81
N ASP G 243 -17.28 16.66 -48.30
CA ASP G 243 -18.00 15.41 -48.43
C ASP G 243 -17.69 14.78 -49.79
N ALA G 244 -18.43 13.72 -50.15
CA ALA G 244 -18.19 13.04 -51.41
C ALA G 244 -18.48 13.93 -52.61
N LYS G 245 -19.32 14.96 -52.45
CA LYS G 245 -19.65 15.88 -53.53
C LYS G 245 -18.79 17.13 -53.52
N LYS G 246 -17.67 17.12 -52.79
CA LYS G 246 -16.77 18.27 -52.72
C LYS G 246 -17.46 19.47 -52.07
N GLN G 247 -18.44 19.22 -51.22
CA GLN G 247 -19.12 20.26 -50.45
C GLN G 247 -18.60 20.26 -49.03
N LEU G 248 -18.43 21.45 -48.46
CA LEU G 248 -17.88 21.57 -47.13
C LEU G 248 -18.74 20.81 -46.12
N LEU G 249 -18.08 20.09 -45.22
CA LEU G 249 -18.78 19.38 -44.16
C LEU G 249 -19.38 20.37 -43.17
N CYS G 250 -20.55 20.02 -42.64
CA CYS G 250 -21.23 20.85 -41.66
C CYS G 250 -21.92 19.96 -40.63
N GLY G 251 -21.88 20.39 -39.37
CA GLY G 251 -22.58 19.72 -38.29
C GLY G 251 -23.62 20.65 -37.68
N ALA G 252 -24.51 20.05 -36.89
CA ALA G 252 -25.56 20.80 -36.22
C ALA G 252 -25.92 20.10 -34.92
N ALA G 253 -26.53 20.87 -34.02
CA ALA G 253 -26.94 20.36 -32.71
C ALA G 253 -28.46 20.37 -32.62
N ILE G 254 -29.01 19.36 -31.93
CA ILE G 254 -30.43 19.27 -31.65
C ILE G 254 -30.62 18.82 -30.21
N GLY G 255 -31.81 19.08 -29.68
CA GLY G 255 -32.17 18.64 -28.35
C GLY G 255 -32.81 17.27 -28.34
N THR G 256 -33.24 16.86 -27.15
CA THR G 256 -33.88 15.56 -26.94
C THR G 256 -35.39 15.68 -26.73
N HIS G 257 -35.97 16.81 -27.12
CA HIS G 257 -37.40 17.05 -26.96
C HIS G 257 -38.16 16.72 -28.23
N GLU G 258 -39.49 16.68 -28.11
CA GLU G 258 -40.33 16.27 -29.23
C GLU G 258 -40.18 17.21 -30.42
N ASP G 259 -40.14 18.53 -30.15
CA ASP G 259 -40.04 19.49 -31.23
C ASP G 259 -38.77 19.31 -32.05
N ASP G 260 -37.67 18.92 -31.39
CA ASP G 260 -36.39 18.80 -32.08
C ASP G 260 -36.49 17.89 -33.29
N LYS G 261 -37.38 16.89 -33.25
CA LYS G 261 -37.54 16.00 -34.40
C LYS G 261 -37.80 16.81 -35.65
N TYR G 262 -38.78 17.72 -35.61
CA TYR G 262 -39.04 18.57 -36.76
C TYR G 262 -37.77 19.31 -37.16
N ARG G 263 -37.09 19.92 -36.18
CA ARG G 263 -35.84 20.59 -36.47
C ARG G 263 -34.90 19.65 -37.24
N LEU G 264 -34.72 18.44 -36.71
CA LEU G 264 -33.84 17.48 -37.37
C LEU G 264 -34.21 17.33 -38.84
N ASP G 265 -35.50 17.17 -39.12
CA ASP G 265 -35.94 16.99 -40.50
C ASP G 265 -35.39 18.11 -41.38
N LEU G 266 -35.58 19.36 -40.95
CA LEU G 266 -35.08 20.47 -41.75
C LEU G 266 -33.56 20.36 -41.92
N LEU G 267 -32.85 20.07 -40.84
CA LEU G 267 -31.41 19.91 -40.94
C LEU G 267 -31.06 18.79 -41.91
N ALA G 268 -31.86 17.73 -41.94
CA ALA G 268 -31.63 16.66 -42.91
C ALA G 268 -31.85 17.16 -44.32
N GLN G 269 -32.87 18.00 -44.52
CA GLN G 269 -33.16 18.52 -45.86
C GLN G 269 -32.11 19.52 -46.32
N ALA G 270 -31.38 20.15 -45.40
CA ALA G 270 -30.35 21.11 -45.76
C ALA G 270 -29.01 20.46 -46.05
N GLY G 271 -28.88 19.15 -45.86
CA GLY G 271 -27.66 18.44 -46.18
C GLY G 271 -26.66 18.31 -45.05
N VAL G 272 -27.11 18.44 -43.79
CA VAL G 272 -26.19 18.30 -42.68
C VAL G 272 -25.57 16.90 -42.69
N ASP G 273 -24.27 16.83 -42.38
CA ASP G 273 -23.54 15.58 -42.43
C ASP G 273 -23.51 14.85 -41.10
N VAL G 274 -23.64 15.56 -39.99
CA VAL G 274 -23.57 14.96 -38.66
C VAL G 274 -24.36 15.82 -37.69
N VAL G 275 -25.01 15.18 -36.72
CA VAL G 275 -25.82 15.85 -35.72
C VAL G 275 -25.35 15.41 -34.34
N VAL G 276 -25.26 16.37 -33.43
CA VAL G 276 -24.87 16.11 -32.04
C VAL G 276 -26.07 16.40 -31.15
N LEU G 277 -26.38 15.48 -30.25
CA LEU G 277 -27.46 15.67 -29.29
C LEU G 277 -26.92 16.47 -28.11
N ASP G 278 -27.40 17.70 -27.96
CA ASP G 278 -26.86 18.64 -26.99
C ASP G 278 -27.57 18.47 -25.66
N SER G 279 -26.81 18.14 -24.62
CA SER G 279 -27.35 18.00 -23.27
C SER G 279 -26.20 17.97 -22.28
N SER G 280 -26.41 18.58 -21.12
CA SER G 280 -25.39 18.54 -20.06
C SER G 280 -25.24 17.13 -19.51
N GLN G 281 -26.30 16.32 -19.54
CA GLN G 281 -26.29 14.96 -19.02
C GLN G 281 -26.97 14.09 -20.07
N GLY G 282 -26.17 13.43 -20.92
CA GLY G 282 -26.69 12.70 -22.06
C GLY G 282 -27.16 11.30 -21.78
N ASN G 283 -26.92 10.77 -20.58
CA ASN G 283 -27.34 9.41 -20.23
C ASN G 283 -28.77 9.47 -19.73
N SER G 284 -29.70 9.64 -20.66
CA SER G 284 -31.11 9.75 -20.35
C SER G 284 -31.92 8.90 -21.32
N ILE G 285 -33.10 8.49 -20.87
CA ILE G 285 -34.00 7.72 -21.74
C ILE G 285 -34.39 8.55 -22.95
N PHE G 286 -34.54 9.86 -22.78
CA PHE G 286 -34.92 10.72 -23.89
C PHE G 286 -33.86 10.69 -24.98
N GLN G 287 -32.58 10.80 -24.60
CA GLN G 287 -31.52 10.79 -25.59
C GLN G 287 -31.41 9.44 -26.29
N ILE G 288 -31.58 8.35 -25.55
CA ILE G 288 -31.52 7.02 -26.16
C ILE G 288 -32.67 6.86 -27.16
N ASN G 289 -33.87 7.30 -26.78
CA ASN G 289 -35.00 7.23 -27.69
C ASN G 289 -34.76 8.05 -28.95
N MET G 290 -34.19 9.26 -28.79
CA MET G 290 -33.91 10.08 -29.95
C MET G 290 -32.84 9.44 -30.84
N ILE G 291 -31.83 8.81 -30.24
CA ILE G 291 -30.80 8.14 -31.02
C ILE G 291 -31.43 7.03 -31.86
N LYS G 292 -32.28 6.21 -31.22
CA LYS G 292 -32.93 5.12 -31.94
C LYS G 292 -33.82 5.66 -33.05
N TYR G 293 -34.56 6.74 -32.77
CA TYR G 293 -35.42 7.34 -33.79
C TYR G 293 -34.61 7.83 -34.98
N ILE G 294 -33.48 8.50 -34.71
CA ILE G 294 -32.64 9.01 -35.79
C ILE G 294 -32.08 7.86 -36.61
N LYS G 295 -31.58 6.82 -35.94
CA LYS G 295 -31.02 5.69 -36.66
C LYS G 295 -32.06 4.97 -37.50
N ASP G 296 -33.31 4.93 -37.02
CA ASP G 296 -34.36 4.28 -37.80
C ASP G 296 -34.77 5.13 -39.00
N LYS G 297 -34.93 6.45 -38.80
CA LYS G 297 -35.39 7.31 -39.88
C LYS G 297 -34.27 7.77 -40.79
N TYR G 298 -33.07 7.95 -40.25
CA TYR G 298 -31.92 8.44 -41.02
C TYR G 298 -30.74 7.51 -40.77
N PRO G 299 -30.77 6.31 -41.37
CA PRO G 299 -29.70 5.33 -41.10
C PRO G 299 -28.31 5.83 -41.48
N ASN G 300 -28.19 6.68 -42.49
CA ASN G 300 -26.90 7.14 -42.98
C ASN G 300 -26.43 8.43 -42.31
N LEU G 301 -27.18 8.95 -41.35
CA LEU G 301 -26.81 10.19 -40.66
C LEU G 301 -26.00 9.84 -39.42
N GLN G 302 -24.78 10.37 -39.34
CA GLN G 302 -23.94 10.15 -38.16
C GLN G 302 -24.48 10.94 -36.98
N VAL G 303 -24.48 10.30 -35.81
CA VAL G 303 -25.06 10.86 -34.60
C VAL G 303 -24.01 10.85 -33.50
N ILE G 304 -23.85 11.97 -32.81
CA ILE G 304 -22.93 12.12 -31.69
C ILE G 304 -23.73 12.26 -30.42
N GLY G 305 -23.39 11.43 -29.41
CA GLY G 305 -24.06 11.47 -28.14
C GLY G 305 -23.23 12.12 -27.06
N GLY G 306 -23.92 12.62 -26.04
CA GLY G 306 -23.26 13.28 -24.93
C GLY G 306 -24.21 14.25 -24.26
N ASN G 307 -23.70 14.92 -23.22
CA ASN G 307 -22.33 14.76 -22.72
C ASN G 307 -22.26 13.66 -21.66
N VAL G 308 -21.11 12.99 -21.58
CA VAL G 308 -20.88 11.92 -20.61
C VAL G 308 -19.47 12.06 -20.05
N VAL G 309 -19.28 11.55 -18.83
CA VAL G 309 -17.98 11.62 -18.18
C VAL G 309 -17.60 10.28 -17.55
N THR G 310 -18.50 9.31 -17.59
CA THR G 310 -18.27 8.00 -16.99
C THR G 310 -18.43 6.89 -18.03
N ALA G 311 -17.90 5.71 -17.69
CA ALA G 311 -17.95 4.58 -18.61
C ALA G 311 -19.35 3.98 -18.70
N ALA G 312 -20.16 4.09 -17.64
CA ALA G 312 -21.52 3.55 -17.70
C ALA G 312 -22.38 4.33 -18.69
N GLN G 313 -22.30 5.66 -18.64
CA GLN G 313 -23.02 6.48 -19.62
C GLN G 313 -22.56 6.15 -21.03
N ALA G 314 -21.25 6.00 -21.22
CA ALA G 314 -20.72 5.65 -22.53
C ALA G 314 -21.25 4.30 -22.99
N LYS G 315 -21.32 3.33 -22.08
CA LYS G 315 -21.86 2.03 -22.44
C LYS G 315 -23.30 2.16 -22.90
N ASN G 316 -24.11 2.90 -22.15
CA ASN G 316 -25.52 3.05 -22.51
C ASN G 316 -25.65 3.68 -23.90
N LEU G 317 -24.91 4.77 -24.14
CA LEU G 317 -25.05 5.46 -25.42
C LEU G 317 -24.49 4.65 -26.58
N ILE G 318 -23.41 3.89 -26.35
CA ILE G 318 -22.85 3.05 -27.41
C ILE G 318 -23.81 1.92 -27.74
N ASP G 319 -24.43 1.33 -26.71
CA ASP G 319 -25.45 0.31 -26.96
C ASP G 319 -26.62 0.90 -27.73
N ALA G 320 -26.95 2.18 -27.46
CA ALA G 320 -28.00 2.83 -28.22
C ALA G 320 -27.64 2.93 -29.70
N GLY G 321 -26.36 3.07 -30.02
CA GLY G 321 -25.91 3.07 -31.41
C GLY G 321 -25.31 4.37 -31.88
N VAL G 322 -24.67 5.12 -30.96
CA VAL G 322 -24.04 6.37 -31.36
C VAL G 322 -22.77 6.09 -32.16
N ASP G 323 -22.37 7.07 -32.97
CA ASP G 323 -21.17 6.98 -33.78
C ASP G 323 -19.98 7.72 -33.17
N ALA G 324 -20.19 8.50 -32.11
CA ALA G 324 -19.11 9.18 -31.41
C ALA G 324 -19.68 9.68 -30.09
N LEU G 325 -18.77 10.01 -29.17
CA LEU G 325 -19.16 10.51 -27.85
C LEU G 325 -18.58 11.89 -27.61
N ARG G 326 -19.32 12.71 -26.87
CA ARG G 326 -18.91 14.04 -26.48
C ARG G 326 -18.68 14.03 -24.97
N VAL G 327 -17.45 14.28 -24.54
CA VAL G 327 -17.03 14.04 -23.16
C VAL G 327 -16.72 15.37 -22.50
N GLY G 328 -17.40 15.64 -21.40
CA GLY G 328 -17.16 16.83 -20.60
C GLY G 328 -18.39 17.26 -19.82
N MET G 329 -18.20 17.61 -18.54
CA MET G 329 -19.28 18.13 -17.72
C MET G 329 -18.67 18.88 -16.54
N GLY G 330 -18.92 20.18 -16.46
CA GLY G 330 -18.40 21.01 -15.39
C GLY G 330 -17.10 21.72 -15.70
N SER G 331 -16.45 21.37 -16.81
CA SER G 331 -15.15 21.93 -17.16
C SER G 331 -15.24 23.18 -18.04
N GLY G 332 -16.43 23.54 -18.51
CA GLY G 332 -16.54 24.67 -19.40
C GLY G 332 -16.14 25.97 -18.72
N SER G 333 -15.59 26.88 -19.53
CA SER G 333 -15.17 28.17 -19.01
C SER G 333 -16.35 28.96 -18.45
N ILE G 334 -17.53 28.79 -19.05
CA ILE G 334 -18.73 29.51 -18.64
C ILE G 334 -19.71 28.60 -17.90
N CYS G 335 -19.21 27.54 -17.28
CA CYS G 335 -20.04 26.52 -16.66
C CYS G 335 -19.92 26.60 -15.14
N ILE G 336 -21.07 26.55 -14.47
CA ILE G 336 -21.13 26.56 -13.01
C ILE G 336 -21.94 25.38 -12.52
N THR G 337 -22.03 24.32 -13.35
CA THR G 337 -22.81 23.16 -12.98
C THR G 337 -22.27 22.49 -11.73
N GLN G 338 -20.94 22.46 -11.57
CA GLN G 338 -20.35 21.76 -10.43
C GLN G 338 -20.78 22.37 -9.11
N GLU G 339 -20.79 23.71 -9.02
CA GLU G 339 -21.12 24.36 -7.76
C GLU G 339 -22.62 24.47 -7.54
N VAL G 340 -23.44 24.27 -8.57
CA VAL G 340 -24.89 24.38 -8.43
C VAL G 340 -25.53 23.01 -8.17
N LEU G 341 -25.11 21.99 -8.90
CA LEU G 341 -25.69 20.66 -8.79
C LEU G 341 -24.75 19.62 -8.20
N ALA G 342 -23.49 19.97 -7.94
CA ALA G 342 -22.52 19.08 -7.34
C ALA G 342 -22.21 17.88 -8.22
N CYS G 343 -22.45 17.99 -9.52
CA CYS G 343 -22.27 16.88 -10.46
C CYS G 343 -21.26 17.27 -11.52
N GLY G 344 -20.31 16.38 -11.78
CA GLY G 344 -19.30 16.64 -12.79
C GLY G 344 -18.13 15.69 -12.64
N ARG G 345 -17.04 16.01 -13.32
CA ARG G 345 -15.81 15.23 -13.23
C ARG G 345 -14.66 16.05 -13.77
N PRO G 346 -13.45 15.88 -13.23
CA PRO G 346 -12.28 16.52 -13.85
C PRO G 346 -12.12 16.08 -15.30
N GLN G 347 -11.73 17.02 -16.15
CA GLN G 347 -11.81 16.80 -17.59
C GLN G 347 -10.85 15.71 -18.05
N ALA G 348 -9.58 15.77 -17.61
CA ALA G 348 -8.59 14.82 -18.10
C ALA G 348 -8.97 13.39 -17.75
N THR G 349 -9.38 13.16 -16.50
CA THR G 349 -9.76 11.81 -16.08
C THR G 349 -10.97 11.31 -16.85
N ALA G 350 -11.96 12.17 -17.04
CA ALA G 350 -13.15 11.79 -17.80
C ALA G 350 -12.77 11.41 -19.23
N VAL G 351 -11.93 12.23 -19.86
CA VAL G 351 -11.50 11.93 -21.22
C VAL G 351 -10.81 10.58 -21.27
N TYR G 352 -9.86 10.35 -20.35
CA TYR G 352 -9.13 9.09 -20.37
C TYR G 352 -10.07 7.90 -20.20
N LYS G 353 -10.93 7.94 -19.19
CA LYS G 353 -11.78 6.79 -18.91
C LYS G 353 -12.76 6.52 -20.05
N VAL G 354 -13.45 7.57 -20.51
CA VAL G 354 -14.44 7.39 -21.56
C VAL G 354 -13.77 6.92 -22.85
N SER G 355 -12.61 7.48 -23.18
CA SER G 355 -11.90 7.05 -24.39
C SER G 355 -11.46 5.60 -24.27
N GLU G 356 -10.97 5.20 -23.09
CA GLU G 356 -10.53 3.82 -22.91
C GLU G 356 -11.70 2.86 -23.10
N TYR G 357 -12.87 3.19 -22.56
CA TYR G 357 -14.02 2.31 -22.76
C TYR G 357 -14.47 2.32 -24.22
N ALA G 358 -14.55 3.50 -24.83
CA ALA G 358 -15.08 3.60 -26.19
C ALA G 358 -14.18 2.94 -27.22
N ARG G 359 -12.87 2.94 -26.98
CA ARG G 359 -11.95 2.33 -27.93
C ARG G 359 -12.23 0.84 -28.10
N ARG G 360 -12.83 0.20 -27.09
CA ARG G 360 -13.18 -1.21 -27.21
C ARG G 360 -14.19 -1.46 -28.32
N PHE G 361 -14.98 -0.46 -28.68
CA PHE G 361 -16.02 -0.60 -29.70
C PHE G 361 -15.79 0.31 -30.90
N GLY G 362 -14.60 0.90 -31.04
CA GLY G 362 -14.31 1.75 -32.18
C GLY G 362 -15.14 3.01 -32.24
N VAL G 363 -15.40 3.64 -31.10
CA VAL G 363 -16.21 4.85 -31.00
C VAL G 363 -15.28 6.01 -30.63
N PRO G 364 -15.15 7.04 -31.47
CA PRO G 364 -14.26 8.15 -31.14
C PRO G 364 -14.85 9.09 -30.10
N VAL G 365 -13.98 9.93 -29.54
CA VAL G 365 -14.31 10.82 -28.45
C VAL G 365 -13.95 12.25 -28.81
N ILE G 366 -14.83 13.19 -28.43
CA ILE G 366 -14.63 14.62 -28.58
C ILE G 366 -14.49 15.18 -27.18
N ALA G 367 -13.27 15.60 -26.82
CA ALA G 367 -13.04 16.26 -25.55
C ALA G 367 -13.58 17.68 -25.61
N ASP G 368 -14.57 18.00 -24.78
CA ASP G 368 -15.27 19.27 -24.83
C ASP G 368 -15.15 19.96 -23.48
N GLY G 369 -14.60 21.15 -23.48
CA GLY G 369 -14.53 21.97 -22.29
C GLY G 369 -13.15 21.94 -21.65
N GLY G 370 -12.77 23.06 -21.05
CA GLY G 370 -11.53 23.15 -20.30
C GLY G 370 -10.30 23.42 -21.13
N ILE G 371 -10.45 23.66 -22.43
CA ILE G 371 -9.30 23.92 -23.29
C ILE G 371 -8.95 25.40 -23.23
N GLN G 372 -7.71 25.70 -22.85
CA GLN G 372 -7.22 27.07 -22.78
C GLN G 372 -6.00 27.33 -23.64
N ASN G 373 -5.27 26.30 -24.06
CA ASN G 373 -4.06 26.48 -24.84
C ASN G 373 -3.78 25.22 -25.63
N VAL G 374 -2.76 25.29 -26.48
CA VAL G 374 -2.41 24.15 -27.34
C VAL G 374 -2.01 22.95 -26.49
N GLY G 375 -1.33 23.20 -25.37
CA GLY G 375 -0.93 22.11 -24.49
C GLY G 375 -2.10 21.27 -24.03
N HIS G 376 -3.22 21.94 -23.72
CA HIS G 376 -4.42 21.21 -23.32
C HIS G 376 -4.94 20.34 -24.45
N ILE G 377 -4.89 20.85 -25.69
CA ILE G 377 -5.33 20.05 -26.84
C ILE G 377 -4.46 18.81 -26.98
N ALA G 378 -3.13 19.00 -26.88
CA ALA G 378 -2.22 17.88 -27.01
C ALA G 378 -2.45 16.85 -25.90
N LYS G 379 -2.65 17.31 -24.67
CA LYS G 379 -2.90 16.40 -23.57
C LYS G 379 -4.20 15.62 -23.77
N ALA G 380 -5.26 16.32 -24.22
CA ALA G 380 -6.52 15.63 -24.45
C ALA G 380 -6.39 14.57 -25.53
N LEU G 381 -5.67 14.89 -26.62
CA LEU G 381 -5.48 13.90 -27.68
C LEU G 381 -4.64 12.73 -27.18
N ALA G 382 -3.62 13.00 -26.35
CA ALA G 382 -2.75 11.94 -25.88
C ALA G 382 -3.47 10.99 -24.93
N LEU G 383 -4.50 11.47 -24.25
CA LEU G 383 -5.22 10.65 -23.27
C LEU G 383 -6.29 9.78 -23.90
N GLY G 384 -6.53 9.88 -25.20
CA GLY G 384 -7.45 8.99 -25.87
C GLY G 384 -8.44 9.70 -26.78
N ALA G 385 -8.60 11.01 -26.60
CA ALA G 385 -9.56 11.75 -27.40
C ALA G 385 -9.14 11.77 -28.87
N SER G 386 -10.13 11.62 -29.75
CA SER G 386 -9.88 11.72 -31.19
C SER G 386 -10.05 13.14 -31.71
N THR G 387 -10.89 13.95 -31.06
CA THR G 387 -11.06 15.34 -31.45
C THR G 387 -11.25 16.20 -30.21
N VAL G 388 -11.06 17.50 -30.39
CA VAL G 388 -11.18 18.47 -29.31
C VAL G 388 -12.10 19.59 -29.77
N MET G 389 -13.06 19.97 -28.92
CA MET G 389 -14.01 21.02 -29.22
C MET G 389 -13.81 22.18 -28.25
N MET G 390 -13.74 23.40 -28.79
CA MET G 390 -13.41 24.58 -28.01
C MET G 390 -14.48 25.65 -28.22
N GLY G 391 -14.97 26.20 -27.12
CA GLY G 391 -15.88 27.34 -27.19
C GLY G 391 -15.19 28.67 -26.92
N SER G 392 -14.45 28.76 -25.82
CA SER G 392 -13.83 30.02 -25.42
C SER G 392 -12.63 30.36 -26.29
N LEU G 393 -11.80 29.35 -26.62
CA LEU G 393 -10.60 29.62 -27.39
C LEU G 393 -10.92 30.21 -28.76
N LEU G 394 -12.02 29.76 -29.37
CA LEU G 394 -12.47 30.32 -30.64
C LEU G 394 -13.39 31.52 -30.46
N ALA G 395 -13.79 31.83 -29.23
CA ALA G 395 -14.63 33.00 -28.99
C ALA G 395 -13.84 34.27 -29.26
N ALA G 396 -14.56 35.33 -29.62
CA ALA G 396 -14.01 36.64 -29.93
C ALA G 396 -13.22 36.66 -31.23
N THR G 397 -13.27 35.58 -32.00
CA THR G 397 -12.67 35.58 -33.33
C THR G 397 -13.56 36.36 -34.30
N THR G 398 -12.98 36.74 -35.43
CA THR G 398 -13.71 37.54 -36.41
C THR G 398 -14.93 36.78 -36.92
N GLU G 399 -14.78 35.48 -37.20
CA GLU G 399 -15.88 34.69 -37.73
C GLU G 399 -16.93 34.35 -36.69
N ALA G 400 -16.67 34.59 -35.41
CA ALA G 400 -17.65 34.28 -34.38
C ALA G 400 -18.85 35.23 -34.49
N PRO G 401 -20.02 34.77 -34.06
CA PRO G 401 -21.20 35.65 -34.11
C PRO G 401 -21.05 36.84 -33.16
N GLY G 402 -21.76 37.91 -33.51
CA GLY G 402 -21.76 39.12 -32.71
C GLY G 402 -20.76 40.15 -33.23
N GLU G 403 -20.83 41.33 -32.62
CA GLU G 403 -20.00 42.46 -32.99
C GLU G 403 -19.07 42.83 -31.85
N TYR G 404 -17.87 43.29 -32.21
CA TYR G 404 -16.91 43.72 -31.21
C TYR G 404 -17.38 44.99 -30.51
N PHE G 405 -16.96 45.15 -29.26
CA PHE G 405 -17.17 46.37 -28.51
C PHE G 405 -15.90 46.70 -27.73
N PHE G 406 -15.88 47.85 -27.09
CA PHE G 406 -14.70 48.34 -26.38
C PHE G 406 -15.04 48.59 -24.91
N SER G 407 -14.12 48.19 -24.05
CA SER G 407 -14.24 48.43 -22.61
C SER G 407 -12.86 48.73 -22.05
N ASP G 408 -12.68 49.95 -21.54
CA ASP G 408 -11.41 50.37 -20.96
C ASP G 408 -10.26 50.17 -21.95
N GLY G 409 -10.54 50.45 -23.23
CA GLY G 409 -9.55 50.32 -24.27
C GLY G 409 -9.29 48.92 -24.74
N ILE G 410 -10.05 47.94 -24.28
CA ILE G 410 -9.88 46.53 -24.64
C ILE G 410 -11.02 46.14 -25.57
N ARG G 411 -10.67 45.52 -26.70
CA ARG G 411 -11.65 45.04 -27.66
C ARG G 411 -12.14 43.66 -27.24
N LEU G 412 -13.45 43.53 -27.06
CA LEU G 412 -14.04 42.30 -26.53
C LEU G 412 -15.26 41.91 -27.35
N LYS G 413 -15.61 40.63 -27.25
CA LYS G 413 -16.83 40.10 -27.84
C LYS G 413 -17.53 39.22 -26.82
N LYS G 414 -18.87 39.21 -26.89
CA LYS G 414 -19.66 38.49 -25.91
C LYS G 414 -19.46 36.98 -26.04
N TYR G 415 -19.53 36.30 -24.89
CA TYR G 415 -19.42 34.85 -24.82
C TYR G 415 -20.20 34.39 -23.60
N ARG G 416 -21.17 33.51 -23.81
CA ARG G 416 -22.06 33.10 -22.72
C ARG G 416 -22.39 31.62 -22.86
N GLY G 417 -22.62 30.99 -21.71
CA GLY G 417 -23.08 29.61 -21.72
C GLY G 417 -24.51 29.50 -22.17
N MET G 418 -24.81 28.39 -22.86
CA MET G 418 -26.16 28.17 -23.37
C MET G 418 -27.17 27.97 -22.24
N GLY G 419 -26.70 27.65 -21.04
CA GLY G 419 -27.54 27.53 -19.87
C GLY G 419 -27.66 28.77 -19.03
N SER G 420 -27.05 29.87 -19.45
CA SER G 420 -27.14 31.12 -18.71
C SER G 420 -28.51 31.77 -18.93
N LEU G 421 -28.94 32.55 -17.95
CA LEU G 421 -30.26 33.17 -18.01
C LEU G 421 -30.43 33.98 -19.29
N ASP G 422 -29.38 34.69 -19.70
CA ASP G 422 -29.46 35.48 -20.93
C ASP G 422 -29.72 34.59 -22.13
N ALA G 423 -29.05 33.44 -22.21
CA ALA G 423 -29.23 32.54 -23.35
C ALA G 423 -30.66 32.02 -23.43
N MET G 424 -31.24 31.63 -22.29
CA MET G 424 -32.59 31.09 -22.27
C MET G 424 -33.67 32.16 -22.25
N ASP G 425 -33.29 33.43 -22.15
CA ASP G 425 -34.27 34.52 -22.18
C ASP G 425 -34.31 35.16 -23.56
N ILE G 441 -39.45 28.03 -11.94
CA ILE G 441 -38.15 28.56 -11.59
C ILE G 441 -37.10 28.00 -12.55
N LYS G 442 -36.14 28.86 -12.92
CA LYS G 442 -35.07 28.50 -13.84
C LYS G 442 -33.76 28.40 -13.06
N VAL G 443 -33.10 27.25 -13.13
CA VAL G 443 -31.83 27.01 -12.46
C VAL G 443 -30.74 27.23 -13.48
N ALA G 444 -30.04 28.36 -13.38
CA ALA G 444 -28.97 28.68 -14.31
C ALA G 444 -27.79 27.74 -14.10
N GLN G 445 -27.22 27.27 -15.22
CA GLN G 445 -26.06 26.39 -15.20
C GLN G 445 -24.85 27.02 -15.88
N GLY G 446 -24.92 28.29 -16.25
CA GLY G 446 -23.81 28.96 -16.91
C GLY G 446 -23.85 30.45 -16.66
N VAL G 447 -22.79 31.12 -17.11
CA VAL G 447 -22.62 32.55 -16.94
C VAL G 447 -22.43 33.20 -18.32
N SER G 448 -22.49 34.53 -18.33
CA SER G 448 -22.28 35.32 -19.54
C SER G 448 -21.22 36.38 -19.26
N GLY G 449 -20.38 36.63 -20.25
CA GLY G 449 -19.30 37.59 -20.10
C GLY G 449 -18.72 37.96 -21.45
N ALA G 450 -17.45 38.35 -21.44
CA ALA G 450 -16.78 38.80 -22.64
C ALA G 450 -15.39 38.18 -22.74
N VAL G 451 -14.89 38.08 -23.97
CA VAL G 451 -13.59 37.51 -24.26
C VAL G 451 -12.85 38.46 -25.19
N GLN G 452 -11.54 38.59 -24.99
CA GLN G 452 -10.73 39.51 -25.77
C GLN G 452 -10.57 39.01 -27.20
N ASP G 453 -10.38 39.97 -28.12
CA ASP G 453 -10.24 39.64 -29.53
C ASP G 453 -9.00 38.77 -29.75
N LYS G 454 -9.13 37.80 -30.67
CA LYS G 454 -8.04 36.92 -31.03
C LYS G 454 -7.66 36.96 -32.50
N GLY G 455 -8.41 37.68 -33.33
CA GLY G 455 -8.15 37.74 -34.74
C GLY G 455 -9.02 36.81 -35.55
N SER G 456 -8.52 36.44 -36.73
CA SER G 456 -9.24 35.58 -37.65
C SER G 456 -8.91 34.12 -37.41
N ILE G 457 -9.87 33.25 -37.70
CA ILE G 457 -9.65 31.81 -37.58
C ILE G 457 -8.54 31.36 -38.52
N HIS G 458 -8.48 31.94 -39.71
CA HIS G 458 -7.54 31.49 -40.72
C HIS G 458 -6.09 31.69 -40.28
N LYS G 459 -5.83 32.52 -39.28
CA LYS G 459 -4.50 32.69 -38.71
C LYS G 459 -4.33 31.97 -37.39
N PHE G 460 -5.39 31.87 -36.58
CA PHE G 460 -5.28 31.21 -35.29
C PHE G 460 -5.16 29.69 -35.43
N VAL G 461 -5.99 29.09 -36.29
CA VAL G 461 -5.98 27.64 -36.43
C VAL G 461 -4.62 27.13 -36.89
N PRO G 462 -3.96 27.73 -37.88
CA PRO G 462 -2.61 27.26 -38.24
C PRO G 462 -1.64 27.26 -37.08
N TYR G 463 -1.73 28.24 -36.18
CA TYR G 463 -0.86 28.25 -35.01
C TYR G 463 -1.13 27.03 -34.13
N LEU G 464 -2.41 26.70 -33.91
CA LEU G 464 -2.74 25.51 -33.14
C LEU G 464 -2.21 24.25 -33.81
N ILE G 465 -2.33 24.18 -35.13
CA ILE G 465 -1.82 23.02 -35.87
C ILE G 465 -0.32 22.88 -35.67
N ALA G 466 0.41 23.99 -35.80
CA ALA G 466 1.86 23.96 -35.64
C ALA G 466 2.23 23.55 -34.22
N GLY G 467 1.53 24.08 -33.23
CA GLY G 467 1.81 23.71 -31.85
C GLY G 467 1.58 22.23 -31.59
N ILE G 468 0.48 21.69 -32.12
CA ILE G 468 0.20 20.26 -31.96
C ILE G 468 1.28 19.44 -32.63
N GLN G 469 1.71 19.85 -33.83
CA GLN G 469 2.77 19.12 -34.52
C GLN G 469 4.06 19.13 -33.71
N HIS G 470 4.41 20.29 -33.13
CA HIS G 470 5.63 20.38 -32.35
C HIS G 470 5.54 19.53 -31.09
N SER G 471 4.38 19.51 -30.44
CA SER G 471 4.20 18.65 -29.28
C SER G 471 4.37 17.18 -29.66
N CYS G 472 3.77 16.77 -30.79
CA CYS G 472 3.91 15.40 -31.25
C CYS G 472 5.38 15.07 -31.51
N GLN G 473 6.11 15.98 -32.15
CA GLN G 473 7.53 15.76 -32.39
C GLN G 473 8.29 15.62 -31.08
N ASP G 474 7.99 16.49 -30.11
CA ASP G 474 8.70 16.42 -28.83
C ASP G 474 8.47 15.09 -28.14
N ILE G 475 7.23 14.58 -28.17
CA ILE G 475 6.96 13.28 -27.56
C ILE G 475 7.31 12.11 -28.46
N GLY G 476 7.84 12.38 -29.66
CA GLY G 476 8.36 11.32 -30.50
C GLY G 476 7.34 10.55 -31.30
N ALA G 477 6.24 11.20 -31.71
CA ALA G 477 5.20 10.57 -32.50
C ALA G 477 5.02 11.30 -33.81
N LYS G 478 4.92 10.54 -34.90
CA LYS G 478 4.70 11.11 -36.23
C LYS G 478 3.22 11.31 -36.54
N SER G 479 2.32 10.86 -35.67
CA SER G 479 0.89 11.04 -35.90
C SER G 479 0.17 10.91 -34.57
N LEU G 480 -1.04 11.49 -34.52
CA LEU G 480 -1.87 11.38 -33.32
C LEU G 480 -2.25 9.93 -33.04
N THR G 481 -2.53 9.18 -34.11
CA THR G 481 -2.79 7.75 -33.95
C THR G 481 -1.62 7.06 -33.26
N GLN G 482 -0.39 7.41 -33.66
CA GLN G 482 0.78 6.84 -33.00
C GLN G 482 0.86 7.29 -31.55
N VAL G 483 0.48 8.54 -31.27
CA VAL G 483 0.48 9.03 -29.89
C VAL G 483 -0.42 8.15 -29.02
N ARG G 484 -1.65 7.91 -29.50
CA ARG G 484 -2.59 7.12 -28.71
C ARG G 484 -2.14 5.66 -28.61
N ALA G 485 -1.57 5.12 -29.69
CA ALA G 485 -1.05 3.75 -29.62
C ALA G 485 0.06 3.65 -28.59
N MET G 486 0.97 4.61 -28.56
CA MET G 486 2.04 4.61 -27.58
C MET G 486 1.48 4.73 -26.16
N MET G 487 0.48 5.58 -25.97
CA MET G 487 -0.09 5.75 -24.63
C MET G 487 -0.76 4.48 -24.16
N TYR G 488 -1.51 3.81 -25.04
CA TYR G 488 -2.18 2.58 -24.64
C TYR G 488 -1.19 1.43 -24.46
N SER G 489 -0.06 1.47 -25.16
CA SER G 489 0.95 0.43 -25.03
C SER G 489 1.89 0.66 -23.86
N GLY G 490 1.82 1.82 -23.20
CA GLY G 490 2.69 2.14 -22.09
C GLY G 490 4.01 2.79 -22.48
N GLU G 491 4.30 2.90 -23.77
CA GLU G 491 5.54 3.56 -24.18
C GLU G 491 5.56 5.02 -23.78
N LEU G 492 4.44 5.72 -23.97
CA LEU G 492 4.35 7.12 -23.59
C LEU G 492 4.26 7.23 -22.07
N LYS G 493 5.05 8.14 -21.50
CA LYS G 493 5.15 8.29 -20.06
C LYS G 493 4.67 9.67 -19.63
N PHE G 494 4.15 9.74 -18.41
CA PHE G 494 3.59 10.96 -17.85
C PHE G 494 4.18 11.20 -16.46
N GLU G 495 4.05 12.44 -15.98
CA GLU G 495 4.49 12.78 -14.64
C GLU G 495 3.52 13.79 -14.01
N LYS G 496 3.23 13.61 -12.73
CA LYS G 496 2.36 14.53 -12.03
C LYS G 496 3.06 15.88 -11.81
N ARG G 497 2.25 16.89 -11.50
CA ARG G 497 2.75 18.23 -11.21
C ARG G 497 2.20 18.70 -9.87
N THR G 498 3.08 19.07 -8.96
CA THR G 498 2.68 19.74 -7.74
C THR G 498 2.37 21.21 -8.04
N SER G 499 1.76 21.88 -7.06
CA SER G 499 1.47 23.30 -7.23
C SER G 499 2.75 24.10 -7.47
N SER G 500 3.81 23.79 -6.71
CA SER G 500 5.10 24.41 -6.97
C SER G 500 5.60 24.07 -8.35
N ALA G 501 5.35 22.83 -8.81
CA ALA G 501 5.74 22.45 -10.16
C ALA G 501 4.98 23.29 -11.20
N GLN G 502 3.69 23.53 -10.96
CA GLN G 502 2.93 24.38 -11.87
C GLN G 502 3.49 25.79 -11.89
N VAL G 503 3.83 26.33 -10.72
CA VAL G 503 4.42 27.67 -10.66
C VAL G 503 5.72 27.71 -11.45
N GLU G 504 6.57 26.69 -11.26
CA GLU G 504 7.84 26.65 -11.98
C GLU G 504 7.62 26.55 -13.48
N GLY G 505 6.62 25.78 -13.91
CA GLY G 505 6.37 25.62 -15.32
C GLY G 505 5.96 26.91 -16.01
N GLY G 506 5.22 27.76 -15.31
CA GLY G 506 4.81 29.03 -15.86
C GLY G 506 5.91 30.08 -15.74
N VAL G 507 5.59 31.27 -16.23
CA VAL G 507 6.53 32.38 -16.16
C VAL G 507 6.67 32.83 -14.72
N HIS G 508 7.91 33.06 -14.28
CA HIS G 508 8.18 33.43 -12.91
C HIS G 508 9.49 34.21 -12.85
N SER G 509 9.71 34.87 -11.71
CA SER G 509 10.97 35.55 -11.42
C SER G 509 11.27 36.66 -12.43
N LEU G 510 10.24 37.34 -12.91
CA LEU G 510 10.39 38.47 -13.83
C LEU G 510 9.64 39.67 -13.28
N HIS G 511 10.29 40.84 -13.35
CA HIS G 511 9.63 42.08 -12.97
C HIS G 511 8.45 42.39 -13.88
N SER G 512 8.64 42.18 -15.19
CA SER G 512 7.58 42.36 -16.16
C SER G 512 7.94 41.56 -17.40
N TYR G 513 6.94 41.29 -18.24
CA TYR G 513 7.17 40.52 -19.45
C TYR G 513 5.95 40.65 -20.35
N GLU G 514 6.15 40.31 -21.63
CA GLU G 514 5.08 40.24 -22.61
C GLU G 514 5.11 38.86 -23.26
N LYS G 515 3.93 38.27 -23.43
CA LYS G 515 3.78 36.94 -24.00
C LYS G 515 3.20 37.06 -25.40
N ARG G 516 3.99 36.64 -26.40
CA ARG G 516 3.58 36.62 -27.79
C ARG G 516 3.66 35.18 -28.29
N LEU G 517 2.49 34.54 -28.43
CA LEU G 517 2.48 33.14 -28.85
C LEU G 517 3.02 32.99 -30.27
N PHE G 518 2.63 33.87 -31.17
CA PHE G 518 3.06 33.78 -32.57
C PHE G 518 2.91 35.12 -33.26
N MET H 5 35.93 -4.90 23.35
CA MET H 5 34.72 -5.07 24.21
C MET H 5 33.45 -4.88 23.38
N ALA H 6 32.29 -5.06 24.03
CA ALA H 6 31.02 -4.99 23.32
C ALA H 6 30.78 -3.62 22.70
N ASP H 7 31.32 -2.56 23.31
CA ASP H 7 31.08 -1.22 22.79
C ASP H 7 31.49 -1.09 21.33
N TYR H 8 32.54 -1.79 20.91
CA TYR H 8 33.01 -1.77 19.53
C TYR H 8 32.64 -3.02 18.75
N LEU H 9 32.54 -4.17 19.42
CA LEU H 9 32.38 -5.43 18.70
C LEU H 9 30.97 -5.61 18.14
N ILE H 10 29.97 -4.98 18.76
CA ILE H 10 28.59 -5.20 18.34
C ILE H 10 28.38 -4.74 16.91
N SER H 11 28.79 -3.51 16.60
CA SER H 11 28.59 -2.96 15.26
C SER H 11 29.78 -2.14 14.77
N GLY H 12 30.95 -2.28 15.38
CA GLY H 12 32.12 -1.57 14.96
C GLY H 12 32.40 -0.27 15.68
N GLY H 13 31.71 0.01 16.77
CA GLY H 13 31.93 1.22 17.53
C GLY H 13 31.22 2.45 17.00
N THR H 14 30.47 2.33 15.92
CA THR H 14 29.73 3.47 15.37
C THR H 14 28.39 3.57 16.08
N SER H 15 28.21 4.64 16.85
CA SER H 15 26.95 4.83 17.57
C SER H 15 25.79 4.85 16.59
N TYR H 16 24.70 4.17 16.96
CA TYR H 16 23.57 4.04 16.06
C TYR H 16 22.92 5.41 15.85
N VAL H 17 22.27 5.56 14.69
CA VAL H 17 21.63 6.80 14.29
C VAL H 17 20.13 6.53 14.21
N PRO H 18 19.30 7.23 15.00
CA PRO H 18 17.85 7.03 14.87
C PRO H 18 17.38 7.33 13.46
N ASP H 19 16.43 6.52 12.99
CA ASP H 19 15.91 6.65 11.63
C ASP H 19 14.84 7.74 11.61
N ASP H 20 15.15 8.86 10.97
CA ASP H 20 14.21 9.97 10.88
C ASP H 20 14.40 10.64 9.52
N GLY H 21 13.31 10.77 8.77
CA GLY H 21 13.35 11.38 7.46
C GLY H 21 13.39 10.33 6.35
N LEU H 22 13.40 10.83 5.12
CA LEU H 22 13.40 10.01 3.92
C LEU H 22 14.69 10.20 3.14
N THR H 23 15.13 9.12 2.50
CA THR H 23 16.22 9.21 1.55
C THR H 23 15.72 9.78 0.23
N ALA H 24 16.66 10.23 -0.60
CA ALA H 24 16.29 10.76 -1.91
C ALA H 24 15.56 9.71 -2.74
N GLN H 25 16.04 8.46 -2.69
CA GLN H 25 15.38 7.39 -3.42
C GLN H 25 13.93 7.22 -2.96
N GLN H 26 13.70 7.23 -1.65
CA GLN H 26 12.35 7.14 -1.14
C GLN H 26 11.52 8.37 -1.53
N LEU H 27 12.13 9.56 -1.44
CA LEU H 27 11.38 10.78 -1.73
C LEU H 27 10.90 10.82 -3.17
N PHE H 28 11.76 10.43 -4.11
CA PHE H 28 11.45 10.53 -5.54
C PHE H 28 10.87 9.23 -6.10
N ASN H 29 10.59 8.24 -5.26
CA ASN H 29 9.90 7.04 -5.68
C ASN H 29 8.38 7.15 -5.55
N CYS H 30 7.89 8.22 -4.94
CA CYS H 30 6.45 8.41 -4.76
C CYS H 30 5.76 8.88 -6.04
N GLY H 31 6.51 9.33 -7.04
CA GLY H 31 5.90 9.78 -8.28
C GLY H 31 5.00 10.99 -8.10
N ASP H 32 5.37 11.90 -7.20
CA ASP H 32 4.57 13.09 -6.95
C ASP H 32 4.94 14.25 -7.87
N GLY H 33 6.02 14.15 -8.62
CA GLY H 33 6.46 15.25 -9.48
C GLY H 33 6.86 16.46 -8.68
N LEU H 34 7.95 16.34 -7.93
CA LEU H 34 8.39 17.39 -7.02
C LEU H 34 9.33 18.36 -7.69
N THR H 35 9.34 19.59 -7.19
CA THR H 35 10.30 20.62 -7.56
C THR H 35 11.10 21.03 -6.33
N TYR H 36 11.94 22.06 -6.49
CA TYR H 36 12.84 22.45 -5.42
C TYR H 36 12.09 22.87 -4.17
N ASN H 37 11.02 23.66 -4.33
CA ASN H 37 10.30 24.20 -3.19
C ASN H 37 9.46 23.17 -2.45
N ASP H 38 9.35 21.96 -2.97
CA ASP H 38 8.47 20.94 -2.39
C ASP H 38 9.14 20.11 -1.31
N PHE H 39 10.42 20.36 -0.99
CA PHE H 39 11.11 19.54 -0.02
C PHE H 39 12.24 20.33 0.64
N LEU H 40 12.74 19.79 1.75
CA LEU H 40 13.85 20.35 2.50
C LEU H 40 14.84 19.24 2.83
N ILE H 41 16.09 19.65 3.07
CA ILE H 41 17.15 18.77 3.51
C ILE H 41 17.27 18.87 5.02
N LEU H 42 17.29 17.73 5.69
CA LEU H 42 17.36 17.74 7.15
C LEU H 42 18.80 17.99 7.61
N PRO H 43 18.99 18.69 8.72
CA PRO H 43 20.35 18.97 9.19
C PRO H 43 21.04 17.72 9.72
N GLY H 44 22.38 17.80 9.77
CA GLY H 44 23.19 16.70 10.26
C GLY H 44 24.05 17.06 11.45
N TYR H 45 25.32 16.70 11.39
CA TYR H 45 26.27 16.91 12.48
C TYR H 45 27.41 17.81 11.99
N ILE H 46 27.77 18.80 12.80
CA ILE H 46 28.79 19.79 12.46
C ILE H 46 30.03 19.53 13.31
N ASP H 47 31.17 19.32 12.65
CA ASP H 47 32.45 19.25 13.34
C ASP H 47 33.52 19.98 12.54
N PHE H 48 33.14 21.01 11.79
CA PHE H 48 34.06 21.80 10.99
C PHE H 48 33.45 23.17 10.74
N THR H 49 34.29 24.10 10.31
CA THR H 49 33.84 25.44 9.98
C THR H 49 33.44 25.52 8.51
N ALA H 50 32.59 26.50 8.20
CA ALA H 50 32.06 26.63 6.85
C ALA H 50 33.15 26.90 5.83
N ASP H 51 34.15 27.70 6.20
CA ASP H 51 35.20 28.08 5.26
C ASP H 51 36.06 26.92 4.81
N GLN H 52 36.00 25.77 5.48
CA GLN H 52 36.74 24.59 5.06
C GLN H 52 36.00 23.77 4.01
N VAL H 53 34.78 24.16 3.64
CA VAL H 53 34.00 23.39 2.68
C VAL H 53 34.60 23.58 1.29
N ASP H 54 34.82 22.47 0.59
CA ASP H 54 35.39 22.48 -0.74
C ASP H 54 34.28 22.35 -1.77
N LEU H 55 34.24 23.30 -2.71
CA LEU H 55 33.21 23.34 -3.74
C LEU H 55 33.72 22.90 -5.11
N THR H 56 34.85 22.19 -5.15
CA THR H 56 35.38 21.71 -6.42
C THR H 56 34.34 20.85 -7.11
N SER H 57 34.12 21.10 -8.40
CA SER H 57 33.07 20.44 -9.16
C SER H 57 33.59 20.06 -10.53
N ALA H 58 33.01 19.01 -11.10
CA ALA H 58 33.37 18.51 -12.43
C ALA H 58 32.34 19.02 -13.42
N LEU H 59 32.78 19.90 -14.33
CA LEU H 59 31.89 20.36 -15.40
C LEU H 59 31.68 19.26 -16.43
N THR H 60 32.75 18.57 -16.82
CA THR H 60 32.68 17.47 -17.77
C THR H 60 33.57 16.34 -17.26
N LYS H 61 33.75 15.32 -18.09
CA LYS H 61 34.59 14.19 -17.69
C LYS H 61 36.02 14.63 -17.39
N LYS H 62 36.53 15.62 -18.13
CA LYS H 62 37.92 16.03 -18.01
C LYS H 62 38.11 17.46 -17.51
N ILE H 63 37.05 18.25 -17.39
CA ILE H 63 37.13 19.64 -16.95
C ILE H 63 36.59 19.73 -15.53
N THR H 64 37.40 20.31 -14.64
CA THR H 64 37.04 20.48 -13.24
C THR H 64 37.10 21.96 -12.87
N LEU H 65 36.08 22.42 -12.15
CA LEU H 65 35.98 23.80 -11.71
C LEU H 65 36.04 23.87 -10.19
N LYS H 66 36.49 25.01 -9.68
CA LYS H 66 36.55 25.25 -8.24
C LYS H 66 35.20 25.67 -7.66
N THR H 67 34.24 26.02 -8.50
CA THR H 67 32.88 26.32 -8.08
C THR H 67 31.91 25.67 -9.04
N PRO H 68 30.69 25.37 -8.58
CA PRO H 68 29.72 24.68 -9.45
C PRO H 68 28.87 25.62 -10.28
N LEU H 69 29.26 26.88 -10.40
CA LEU H 69 28.42 27.91 -11.01
C LEU H 69 28.75 28.05 -12.50
N VAL H 70 27.70 28.09 -13.31
CA VAL H 70 27.81 28.23 -14.76
C VAL H 70 26.79 29.26 -15.24
N SER H 71 27.16 30.04 -16.24
CA SER H 71 26.27 31.03 -16.82
C SER H 71 25.65 30.49 -18.10
N SER H 72 24.35 30.72 -18.26
CA SER H 72 23.62 30.16 -19.38
C SER H 72 24.05 30.81 -20.69
N PRO H 73 24.04 30.06 -21.81
CA PRO H 73 24.33 30.66 -23.12
C PRO H 73 23.12 31.40 -23.70
N MET H 74 22.89 32.60 -23.19
CA MET H 74 21.76 33.43 -23.59
C MET H 74 22.26 34.80 -24.02
N ASP H 75 21.57 35.40 -24.99
CA ASP H 75 21.99 36.69 -25.54
C ASP H 75 21.85 37.83 -24.54
N THR H 76 21.12 37.63 -23.45
CA THR H 76 20.98 38.63 -22.41
C THR H 76 21.71 38.23 -21.12
N VAL H 77 22.55 37.20 -21.18
CA VAL H 77 23.21 36.71 -19.97
C VAL H 77 24.73 36.66 -20.16
N THR H 78 25.21 35.91 -21.15
CA THR H 78 26.61 35.55 -21.25
C THR H 78 27.22 36.09 -22.54
N GLU H 79 28.18 37.01 -22.39
CA GLU H 79 29.07 37.39 -23.46
C GLU H 79 30.50 37.33 -22.93
N ALA H 80 31.47 37.89 -23.68
CA ALA H 80 32.86 37.80 -23.26
C ALA H 80 33.05 38.28 -21.82
N GLY H 81 32.43 39.40 -21.46
CA GLY H 81 32.62 39.94 -20.12
C GLY H 81 32.09 39.01 -19.04
N MET H 82 30.88 38.48 -19.25
CA MET H 82 30.30 37.56 -18.28
C MET H 82 31.15 36.31 -18.16
N ALA H 83 31.62 35.77 -19.28
CA ALA H 83 32.47 34.58 -19.24
C ALA H 83 33.76 34.85 -18.48
N ILE H 84 34.38 36.01 -18.73
CA ILE H 84 35.62 36.35 -18.03
C ILE H 84 35.37 36.44 -16.53
N ALA H 85 34.30 37.13 -16.14
CA ALA H 85 34.00 37.27 -14.71
C ALA H 85 33.73 35.91 -14.06
N MET H 86 32.94 35.06 -14.74
CA MET H 86 32.63 33.76 -14.17
C MET H 86 33.88 32.90 -14.03
N ALA H 87 34.76 32.94 -15.04
CA ALA H 87 36.00 32.18 -14.95
C ALA H 87 36.88 32.70 -13.81
N LEU H 88 36.95 34.01 -13.66
CA LEU H 88 37.77 34.58 -12.59
C LEU H 88 37.22 34.20 -11.22
N THR H 89 35.90 34.18 -11.06
CA THR H 89 35.29 33.88 -9.78
C THR H 89 35.27 32.38 -9.46
N GLY H 90 35.69 31.54 -10.40
CA GLY H 90 35.77 30.10 -10.17
C GLY H 90 34.80 29.27 -10.96
N GLY H 91 33.94 29.88 -11.77
CA GLY H 91 33.00 29.14 -12.59
C GLY H 91 33.38 29.14 -14.06
N ILE H 92 32.39 29.20 -14.93
CA ILE H 92 32.63 29.23 -16.37
C ILE H 92 31.37 29.77 -17.04
N GLY H 93 31.54 30.30 -18.25
CA GLY H 93 30.41 30.81 -19.02
C GLY H 93 30.44 30.28 -20.43
N PHE H 94 29.23 30.11 -20.98
CA PHE H 94 29.04 29.62 -22.34
C PHE H 94 28.54 30.77 -23.21
N ILE H 95 29.29 31.08 -24.27
CA ILE H 95 28.90 32.17 -25.16
C ILE H 95 27.70 31.74 -25.98
N HIS H 96 26.70 32.62 -26.06
CA HIS H 96 25.51 32.33 -26.83
C HIS H 96 25.82 32.36 -28.33
N HIS H 97 24.91 31.76 -29.10
CA HIS H 97 25.10 31.61 -30.55
C HIS H 97 24.00 32.30 -31.36
N ASN H 98 23.23 33.20 -30.74
CA ASN H 98 22.28 34.03 -31.49
C ASN H 98 23.00 35.23 -32.09
N CYS H 99 23.95 34.93 -32.96
CA CYS H 99 24.82 35.93 -33.57
C CYS H 99 25.56 35.25 -34.72
N THR H 100 26.36 36.03 -35.43
CA THR H 100 27.17 35.47 -36.49
C THR H 100 28.28 34.61 -35.90
N PRO H 101 28.73 33.57 -36.62
CA PRO H 101 29.84 32.76 -36.09
C PRO H 101 31.08 33.57 -35.80
N GLU H 102 31.36 34.57 -36.63
CA GLU H 102 32.56 35.39 -36.42
C GLU H 102 32.48 36.17 -35.11
N PHE H 103 31.30 36.71 -34.79
CA PHE H 103 31.14 37.44 -33.54
C PHE H 103 31.37 36.53 -32.34
N GLN H 104 30.80 35.33 -32.37
CA GLN H 104 30.98 34.37 -31.28
C GLN H 104 32.45 33.98 -31.14
N ALA H 105 33.12 33.74 -32.26
CA ALA H 105 34.53 33.39 -32.22
C ALA H 105 35.36 34.54 -31.66
N ASN H 106 35.01 35.78 -32.01
CA ASN H 106 35.72 36.94 -31.46
C ASN H 106 35.52 37.04 -29.96
N GLU H 107 34.30 36.79 -29.48
CA GLU H 107 34.08 36.80 -28.03
C GLU H 107 34.90 35.72 -27.34
N VAL H 108 34.95 34.52 -27.93
CA VAL H 108 35.75 33.45 -27.37
C VAL H 108 37.22 33.85 -27.32
N ARG H 109 37.71 34.47 -28.40
CA ARG H 109 39.10 34.93 -28.42
C ARG H 109 39.35 35.95 -27.32
N LYS H 110 38.41 36.89 -27.16
CA LYS H 110 38.55 37.89 -26.09
C LYS H 110 38.67 37.21 -24.74
N VAL H 111 37.86 36.18 -24.49
CA VAL H 111 37.94 35.46 -23.23
C VAL H 111 39.31 34.78 -23.09
N LYS H 112 39.78 34.14 -24.17
CA LYS H 112 41.02 33.37 -24.08
C LYS H 112 42.25 34.24 -23.91
N LYS H 113 42.26 35.44 -24.51
CA LYS H 113 43.42 36.32 -24.47
C LYS H 113 43.37 37.31 -23.30
N TYR H 114 42.40 37.18 -22.40
CA TYR H 114 42.33 38.08 -21.26
C TYR H 114 43.55 37.89 -20.37
N GLU H 115 44.09 39.00 -19.88
CA GLU H 115 45.25 38.97 -18.98
C GLU H 115 45.13 40.03 -17.90
N ASP H 236 43.61 39.69 -6.69
CA ASP H 236 43.96 38.29 -6.88
C ASP H 236 42.71 37.44 -7.07
N TYR H 237 42.83 36.40 -7.89
CA TYR H 237 41.73 35.48 -8.20
C TYR H 237 42.22 34.06 -8.01
N PRO H 238 42.36 33.61 -6.76
CA PRO H 238 42.89 32.26 -6.52
C PRO H 238 42.05 31.16 -7.13
N LEU H 239 40.74 31.35 -7.23
CA LEU H 239 39.83 30.33 -7.74
C LEU H 239 39.69 30.36 -9.26
N ALA H 240 40.46 31.20 -9.95
CA ALA H 240 40.27 31.39 -11.38
C ALA H 240 40.36 30.06 -12.12
N SER H 241 39.43 29.86 -13.06
CA SER H 241 39.38 28.66 -13.87
C SER H 241 40.25 28.86 -15.11
N LYS H 242 41.31 28.07 -15.23
CA LYS H 242 42.28 28.23 -16.31
C LYS H 242 42.60 26.87 -16.92
N ASP H 243 43.07 26.92 -18.16
CA ASP H 243 43.48 25.71 -18.87
C ASP H 243 44.95 25.41 -18.57
N ALA H 244 45.53 24.46 -19.30
CA ALA H 244 46.91 24.08 -19.08
C ALA H 244 47.88 25.22 -19.39
N LYS H 245 47.47 26.17 -20.24
CA LYS H 245 48.30 27.30 -20.61
C LYS H 245 48.04 28.54 -19.76
N LYS H 246 47.35 28.38 -18.63
CA LYS H 246 47.01 29.49 -17.73
C LYS H 246 46.11 30.51 -18.42
N GLN H 247 45.33 30.05 -19.39
CA GLN H 247 44.35 30.88 -20.07
C GLN H 247 42.96 30.56 -19.53
N LEU H 248 42.14 31.60 -19.36
CA LEU H 248 40.81 31.43 -18.79
C LEU H 248 39.99 30.44 -19.63
N LEU H 249 39.29 29.55 -18.95
CA LEU H 249 38.41 28.61 -19.63
C LEU H 249 37.21 29.34 -20.22
N CYS H 250 36.76 28.86 -21.39
CA CYS H 250 35.61 29.44 -22.06
C CYS H 250 34.81 28.34 -22.73
N GLY H 251 33.48 28.46 -22.67
CA GLY H 251 32.58 27.56 -23.35
C GLY H 251 31.76 28.31 -24.40
N ALA H 252 31.11 27.53 -25.26
CA ALA H 252 30.28 28.10 -26.32
C ALA H 252 29.16 27.12 -26.64
N ALA H 253 28.10 27.65 -27.25
CA ALA H 253 26.94 26.87 -27.64
C ALA H 253 26.83 26.82 -29.15
N ILE H 254 26.38 25.68 -29.68
CA ILE H 254 26.11 25.51 -31.10
C ILE H 254 24.81 24.75 -31.26
N GLY H 255 24.22 24.86 -32.45
CA GLY H 255 23.01 24.13 -32.78
C GLY H 255 23.31 22.78 -33.41
N THR H 256 22.24 22.11 -33.81
CA THR H 256 22.33 20.78 -34.43
C THR H 256 22.08 20.84 -35.94
N HIS H 257 22.20 22.01 -36.55
CA HIS H 257 21.96 22.19 -37.97
C HIS H 257 23.28 22.13 -38.75
N GLU H 258 23.15 22.06 -40.07
CA GLU H 258 24.32 21.90 -40.92
C GLU H 258 25.26 23.09 -40.81
N ASP H 259 24.71 24.31 -40.77
CA ASP H 259 25.54 25.50 -40.70
C ASP H 259 26.40 25.52 -39.44
N ASP H 260 25.86 25.00 -38.33
CA ASP H 260 26.56 25.07 -37.06
C ASP H 260 27.95 24.45 -37.16
N LYS H 261 28.13 23.45 -38.03
CA LYS H 261 29.44 22.85 -38.21
C LYS H 261 30.49 23.92 -38.50
N TYR H 262 30.22 24.77 -39.49
CA TYR H 262 31.14 25.87 -39.78
C TYR H 262 31.39 26.70 -38.53
N ARG H 263 30.31 27.07 -37.84
CA ARG H 263 30.45 27.81 -36.58
C ARG H 263 31.41 27.09 -35.65
N LEU H 264 31.19 25.78 -35.46
CA LEU H 264 32.06 25.01 -34.57
C LEU H 264 33.51 25.19 -34.96
N ASP H 265 33.81 25.08 -36.25
CA ASP H 265 35.18 25.21 -36.71
C ASP H 265 35.79 26.51 -36.18
N LEU H 266 35.09 27.62 -36.38
CA LEU H 266 35.62 28.90 -35.89
C LEU H 266 35.83 28.86 -34.39
N LEU H 267 34.85 28.33 -33.65
CA LEU H 267 35.01 28.22 -32.21
C LEU H 267 36.21 27.35 -31.86
N ALA H 268 36.46 26.31 -32.66
CA ALA H 268 37.65 25.50 -32.43
C ALA H 268 38.92 26.30 -32.68
N GLN H 269 38.91 27.15 -33.71
CA GLN H 269 40.09 27.95 -34.02
C GLN H 269 40.33 29.04 -32.99
N ALA H 270 39.29 29.46 -32.26
CA ALA H 270 39.43 30.49 -31.24
C ALA H 270 39.89 29.94 -29.90
N GLY H 271 40.00 28.62 -29.75
CA GLY H 271 40.49 28.03 -28.52
C GLY H 271 39.42 27.66 -27.51
N VAL H 272 38.16 27.49 -27.94
CA VAL H 272 37.12 27.11 -27.00
C VAL H 272 37.45 25.77 -26.37
N ASP H 273 37.19 25.64 -25.07
CA ASP H 273 37.53 24.45 -24.33
C ASP H 273 36.40 23.44 -24.27
N VAL H 274 35.15 23.88 -24.39
CA VAL H 274 34.00 22.99 -24.29
C VAL H 274 32.85 23.61 -25.08
N VAL H 275 32.04 22.75 -25.70
CA VAL H 275 30.91 23.16 -26.51
C VAL H 275 29.66 22.43 -26.02
N VAL H 276 28.55 23.15 -25.93
CA VAL H 276 27.27 22.60 -25.51
C VAL H 276 26.32 22.67 -26.70
N LEU H 277 25.65 21.55 -26.99
CA LEU H 277 24.66 21.50 -28.05
C LEU H 277 23.34 22.03 -27.51
N ASP H 278 22.91 23.19 -28.00
CA ASP H 278 21.77 23.89 -27.46
C ASP H 278 20.49 23.42 -28.14
N SER H 279 19.56 22.87 -27.37
CA SER H 279 18.28 22.43 -27.88
C SER H 279 17.33 22.17 -26.72
N SER H 280 16.06 22.52 -26.91
CA SER H 280 15.05 22.25 -25.89
C SER H 280 14.83 20.76 -25.71
N GLN H 281 15.03 19.96 -26.76
CA GLN H 281 14.84 18.52 -26.73
C GLN H 281 16.05 17.90 -27.41
N GLY H 282 17.03 17.46 -26.62
CA GLY H 282 18.29 17.00 -27.15
C GLY H 282 18.34 15.56 -27.59
N ASN H 283 17.29 14.78 -27.34
CA ASN H 283 17.25 13.37 -27.73
C ASN H 283 16.73 13.29 -29.17
N SER H 284 17.59 13.65 -30.10
CA SER H 284 17.25 13.68 -31.51
C SER H 284 18.38 13.05 -32.32
N ILE H 285 18.02 12.53 -33.50
CA ILE H 285 19.03 11.97 -34.39
C ILE H 285 20.02 13.05 -34.82
N PHE H 286 19.54 14.28 -34.98
CA PHE H 286 20.44 15.37 -35.38
C PHE H 286 21.52 15.60 -34.33
N GLN H 287 21.14 15.63 -33.06
CA GLN H 287 22.12 15.87 -32.00
C GLN H 287 23.10 14.71 -31.90
N ILE H 288 22.63 13.48 -32.04
CA ILE H 288 23.52 12.33 -31.98
C ILE H 288 24.52 12.38 -33.13
N ASN H 289 24.04 12.70 -34.34
CA ASN H 289 24.93 12.82 -35.48
C ASN H 289 25.97 13.92 -35.26
N MET H 290 25.55 15.05 -34.72
CA MET H 290 26.50 16.13 -34.45
C MET H 290 27.52 15.72 -33.39
N ILE H 291 27.09 14.99 -32.37
CA ILE H 291 28.01 14.53 -31.34
C ILE H 291 29.07 13.61 -31.97
N LYS H 292 28.62 12.67 -32.80
CA LYS H 292 29.57 11.76 -33.45
C LYS H 292 30.52 12.53 -34.36
N TYR H 293 29.99 13.50 -35.11
CA TYR H 293 30.83 14.31 -35.99
C TYR H 293 31.89 15.07 -35.19
N ILE H 294 31.49 15.68 -34.07
CA ILE H 294 32.44 16.43 -33.25
C ILE H 294 33.51 15.50 -32.70
N LYS H 295 33.09 14.34 -32.18
CA LYS H 295 34.06 13.41 -31.60
C LYS H 295 35.02 12.89 -32.66
N ASP H 296 34.56 12.71 -33.90
CA ASP H 296 35.44 12.25 -34.96
C ASP H 296 36.42 13.34 -35.38
N LYS H 297 35.92 14.57 -35.56
CA LYS H 297 36.77 15.65 -36.05
C LYS H 297 37.58 16.32 -34.94
N TYR H 298 37.02 16.39 -33.73
CA TYR H 298 37.67 17.06 -32.60
C TYR H 298 37.65 16.11 -31.41
N PRO H 299 38.51 15.07 -31.43
CA PRO H 299 38.48 14.09 -30.35
C PRO H 299 38.74 14.67 -28.97
N ASN H 300 39.55 15.73 -28.88
CA ASN H 300 39.93 16.30 -27.60
C ASN H 300 39.00 17.41 -27.13
N LEU H 301 37.94 17.70 -27.88
CA LEU H 301 36.99 18.75 -27.50
C LEU H 301 35.86 18.14 -26.67
N GLN H 302 35.68 18.66 -25.47
CA GLN H 302 34.60 18.19 -24.61
C GLN H 302 33.26 18.68 -25.14
N VAL H 303 32.26 17.80 -25.12
CA VAL H 303 30.94 18.07 -25.68
C VAL H 303 29.90 17.81 -24.61
N ILE H 304 28.96 18.76 -24.46
CA ILE H 304 27.86 18.66 -23.51
C ILE H 304 26.57 18.49 -24.31
N GLY H 305 25.78 17.48 -23.95
CA GLY H 305 24.52 17.21 -24.60
C GLY H 305 23.34 17.62 -23.76
N GLY H 306 22.22 17.86 -24.43
CA GLY H 306 21.00 18.26 -23.77
C GLY H 306 20.12 19.04 -24.72
N ASN H 307 18.97 19.47 -24.20
CA ASN H 307 18.53 19.21 -22.82
C ASN H 307 17.74 17.90 -22.72
N VAL H 308 17.84 17.24 -21.56
CA VAL H 308 17.13 15.99 -21.31
C VAL H 308 16.57 16.02 -19.89
N VAL H 309 15.50 15.25 -19.68
CA VAL H 309 14.86 15.18 -18.37
C VAL H 309 14.57 13.75 -17.97
N THR H 310 14.81 12.78 -18.87
CA THR H 310 14.53 11.39 -18.60
C THR H 310 15.78 10.54 -18.77
N ALA H 311 15.73 9.32 -18.22
CA ALA H 311 16.88 8.43 -18.27
C ALA H 311 17.09 7.85 -19.66
N ALA H 312 16.02 7.71 -20.45
CA ALA H 312 16.18 7.17 -21.81
C ALA H 312 16.96 8.14 -22.70
N GLN H 313 16.62 9.43 -22.63
CA GLN H 313 17.37 10.44 -23.38
C GLN H 313 18.83 10.45 -22.93
N ALA H 314 19.06 10.36 -21.63
CA ALA H 314 20.42 10.33 -21.11
C ALA H 314 21.17 9.11 -21.63
N LYS H 315 20.50 7.96 -21.68
CA LYS H 315 21.14 6.75 -22.21
C LYS H 315 21.55 6.97 -23.66
N ASN H 316 20.63 7.51 -24.47
CA ASN H 316 20.94 7.71 -25.87
C ASN H 316 22.14 8.65 -26.04
N LEU H 317 22.15 9.77 -25.31
CA LEU H 317 23.23 10.73 -25.48
C LEU H 317 24.55 10.21 -24.93
N ILE H 318 24.51 9.44 -23.83
CA ILE H 318 25.73 8.86 -23.29
C ILE H 318 26.30 7.82 -24.24
N ASP H 319 25.44 6.99 -24.83
CA ASP H 319 25.89 6.06 -25.84
C ASP H 319 26.49 6.79 -27.03
N ALA H 320 25.94 7.95 -27.37
CA ALA H 320 26.52 8.76 -28.44
C ALA H 320 27.94 9.20 -28.11
N GLY H 321 28.25 9.42 -26.83
CA GLY H 321 29.59 9.74 -26.41
C GLY H 321 29.77 11.13 -25.81
N VAL H 322 28.71 11.66 -25.17
CA VAL H 322 28.83 12.97 -24.56
C VAL H 322 29.68 12.89 -23.29
N ASP H 323 30.25 14.04 -22.92
CA ASP H 323 31.07 14.16 -21.73
C ASP H 323 30.33 14.75 -20.54
N ALA H 324 29.12 15.26 -20.74
CA ALA H 324 28.29 15.78 -19.67
C ALA H 324 26.88 15.96 -20.21
N LEU H 325 25.92 16.09 -19.31
CA LEU H 325 24.52 16.28 -19.69
C LEU H 325 23.99 17.58 -19.11
N ARG H 326 23.08 18.19 -19.85
CA ARG H 326 22.39 19.42 -19.45
C ARG H 326 20.93 19.05 -19.20
N VAL H 327 20.47 19.23 -17.96
CA VAL H 327 19.19 18.68 -17.52
C VAL H 327 18.24 19.82 -17.21
N GLY H 328 17.09 19.84 -17.89
CA GLY H 328 16.05 20.82 -17.65
C GLY H 328 15.18 21.05 -18.86
N MET H 329 13.86 21.11 -18.66
CA MET H 329 12.93 21.41 -19.74
C MET H 329 11.62 21.88 -19.11
N GLY H 330 11.25 23.12 -19.37
CA GLY H 330 10.02 23.69 -18.85
C GLY H 330 10.18 24.47 -17.57
N SER H 331 11.35 24.40 -16.93
CA SER H 331 11.57 25.04 -15.64
C SER H 331 12.14 26.45 -15.75
N GLY H 332 12.51 26.89 -16.95
CA GLY H 332 13.12 28.20 -17.09
C GLY H 332 12.18 29.32 -16.70
N SER H 333 12.76 30.39 -16.16
CA SER H 333 11.96 31.54 -15.75
C SER H 333 11.23 32.16 -16.94
N ILE H 334 11.83 32.12 -18.12
CA ILE H 334 11.27 32.71 -19.32
C ILE H 334 10.73 31.64 -20.28
N CYS H 335 10.38 30.47 -19.75
CA CYS H 335 9.99 29.33 -20.56
C CYS H 335 8.49 29.07 -20.43
N ILE H 336 7.83 28.85 -21.57
CA ILE H 336 6.41 28.54 -21.61
C ILE H 336 6.20 27.25 -22.40
N THR H 337 7.24 26.42 -22.48
CA THR H 337 7.14 25.18 -23.26
C THR H 337 6.07 24.25 -22.69
N GLN H 338 5.94 24.21 -21.36
CA GLN H 338 5.01 23.28 -20.75
C GLN H 338 3.56 23.58 -21.16
N GLU H 339 3.18 24.85 -21.18
CA GLU H 339 1.81 25.21 -21.51
C GLU H 339 1.54 25.24 -23.00
N VAL H 340 2.58 25.25 -23.83
CA VAL H 340 2.40 25.31 -25.27
C VAL H 340 2.45 23.92 -25.90
N LEU H 341 3.40 23.09 -25.48
CA LEU H 341 3.59 21.76 -26.04
C LEU H 341 3.25 20.63 -25.08
N ALA H 342 2.94 20.94 -23.83
CA ALA H 342 2.57 19.93 -22.83
C ALA H 342 3.70 18.97 -22.52
N CYS H 343 4.94 19.37 -22.79
CA CYS H 343 6.11 18.51 -22.61
C CYS H 343 7.06 19.14 -21.61
N GLY H 344 7.53 18.35 -20.65
CA GLY H 344 8.47 18.84 -19.67
C GLY H 344 8.55 17.89 -18.48
N ARG H 345 9.15 18.38 -17.41
CA ARG H 345 9.25 17.61 -16.17
C ARG H 345 9.61 18.55 -15.03
N PRO H 346 9.14 18.28 -13.81
CA PRO H 346 9.61 19.06 -12.66
C PRO H 346 11.12 18.96 -12.52
N GLN H 347 11.74 20.08 -12.15
CA GLN H 347 13.20 20.18 -12.25
C GLN H 347 13.90 19.24 -11.28
N ALA H 348 13.47 19.22 -10.01
CA ALA H 348 14.18 18.41 -9.01
C ALA H 348 14.16 16.94 -9.38
N THR H 349 12.99 16.43 -9.76
CA THR H 349 12.87 15.02 -10.12
C THR H 349 13.72 14.69 -11.34
N ALA H 350 13.70 15.55 -12.35
CA ALA H 350 14.52 15.34 -13.54
C ALA H 350 15.99 15.29 -13.18
N VAL H 351 16.44 16.25 -12.35
CA VAL H 351 17.84 16.27 -11.94
C VAL H 351 18.20 14.97 -11.23
N TYR H 352 17.37 14.56 -10.27
CA TYR H 352 17.67 13.34 -9.52
C TYR H 352 17.77 12.14 -10.45
N LYS H 353 16.76 11.93 -11.30
CA LYS H 353 16.74 10.73 -12.14
C LYS H 353 17.89 10.72 -13.12
N VAL H 354 18.11 11.83 -13.84
CA VAL H 354 19.16 11.88 -14.83
C VAL H 354 20.53 11.72 -14.18
N SER H 355 20.74 12.36 -13.02
CA SER H 355 22.01 12.23 -12.34
C SER H 355 22.24 10.79 -11.88
N GLU H 356 21.18 10.15 -11.37
CA GLU H 356 21.33 8.77 -10.91
C GLU H 356 21.71 7.85 -12.07
N TYR H 357 21.10 8.04 -13.24
CA TYR H 357 21.48 7.22 -14.38
C TYR H 357 22.90 7.54 -14.85
N ALA H 358 23.22 8.83 -14.95
CA ALA H 358 24.51 9.24 -15.51
C ALA H 358 25.68 8.82 -14.61
N ARG H 359 25.46 8.79 -13.29
CA ARG H 359 26.54 8.42 -12.38
C ARG H 359 27.04 7.01 -12.65
N ARG H 360 26.19 6.15 -13.23
CA ARG H 360 26.62 4.80 -13.56
C ARG H 360 27.74 4.79 -14.58
N PHE H 361 27.86 5.85 -15.39
CA PHE H 361 28.87 5.92 -16.43
C PHE H 361 29.84 7.08 -16.25
N GLY H 362 29.86 7.69 -15.06
CA GLY H 362 30.77 8.79 -14.79
C GLY H 362 30.54 10.02 -15.65
N VAL H 363 29.29 10.38 -15.89
CA VAL H 363 28.91 11.52 -16.72
C VAL H 363 28.30 12.57 -15.80
N PRO H 364 28.88 13.76 -15.68
CA PRO H 364 28.32 14.79 -14.79
C PRO H 364 27.08 15.47 -15.39
N VAL H 365 26.37 16.17 -14.52
CA VAL H 365 25.09 16.79 -14.85
C VAL H 365 25.13 18.27 -14.51
N ILE H 366 24.54 19.07 -15.39
CA ILE H 366 24.36 20.50 -15.20
C ILE H 366 22.87 20.74 -15.05
N ALA H 367 22.45 21.08 -13.83
CA ALA H 367 21.05 21.44 -13.59
C ALA H 367 20.79 22.84 -14.14
N ASP H 368 19.91 22.93 -15.14
CA ASP H 368 19.65 24.18 -15.85
C ASP H 368 18.18 24.54 -15.71
N GLY H 369 17.91 25.72 -15.17
CA GLY H 369 16.57 26.24 -15.10
C GLY H 369 15.98 26.09 -13.70
N GLY H 370 15.13 27.05 -13.33
CA GLY H 370 14.40 26.99 -12.08
C GLY H 370 15.16 27.46 -10.86
N ILE H 371 16.37 27.98 -11.03
CA ILE H 371 17.17 28.44 -9.90
C ILE H 371 16.78 29.88 -9.57
N GLN H 372 16.35 30.10 -8.32
CA GLN H 372 15.98 31.42 -7.85
C GLN H 372 16.77 31.90 -6.64
N ASN H 373 17.42 30.99 -5.91
CA ASN H 373 18.16 31.37 -4.71
C ASN H 373 19.22 30.31 -4.44
N VAL H 374 20.04 30.59 -3.43
CA VAL H 374 21.13 29.68 -3.07
C VAL H 374 20.58 28.32 -2.65
N GLY H 375 19.44 28.32 -1.95
CA GLY H 375 18.85 27.06 -1.53
C GLY H 375 18.56 26.14 -2.68
N HIS H 376 18.10 26.69 -3.80
CA HIS H 376 17.86 25.87 -4.99
C HIS H 376 19.16 25.27 -5.51
N ILE H 377 20.24 26.05 -5.50
CA ILE H 377 21.54 25.53 -5.94
C ILE H 377 21.97 24.37 -5.05
N ALA H 378 21.85 24.55 -3.74
CA ALA H 378 22.23 23.50 -2.80
C ALA H 378 21.39 22.24 -3.01
N LYS H 379 20.08 22.42 -3.20
CA LYS H 379 19.20 21.27 -3.43
C LYS H 379 19.57 20.55 -4.72
N ALA H 380 19.84 21.30 -5.79
CA ALA H 380 20.20 20.68 -7.05
C ALA H 380 21.49 19.88 -6.91
N LEU H 381 22.49 20.45 -6.23
CA LEU H 381 23.75 19.73 -6.03
C LEU H 381 23.54 18.49 -5.18
N ALA H 382 22.68 18.59 -4.15
CA ALA H 382 22.47 17.45 -3.26
C ALA H 382 21.75 16.30 -3.96
N LEU H 383 20.96 16.60 -4.99
CA LEU H 383 20.19 15.58 -5.68
C LEU H 383 20.98 14.84 -6.75
N GLY H 384 22.23 15.24 -6.99
CA GLY H 384 23.08 14.51 -7.92
C GLY H 384 23.78 15.39 -8.94
N ALA H 385 23.32 16.62 -9.11
CA ALA H 385 23.92 17.51 -10.10
C ALA H 385 25.34 17.87 -9.70
N SER H 386 26.23 17.92 -10.68
CA SER H 386 27.61 18.34 -10.46
C SER H 386 27.79 19.83 -10.66
N THR H 387 26.97 20.46 -11.49
CA THR H 387 27.03 21.90 -11.68
C THR H 387 25.62 22.46 -11.86
N VAL H 388 25.51 23.77 -11.70
CA VAL H 388 24.23 24.48 -11.80
C VAL H 388 24.42 25.66 -12.74
N MET H 389 23.49 25.82 -13.70
CA MET H 389 23.55 26.89 -14.67
C MET H 389 22.34 27.80 -14.46
N MET H 390 22.59 29.11 -14.42
CA MET H 390 21.56 30.09 -14.09
C MET H 390 21.51 31.17 -15.16
N GLY H 391 20.31 31.46 -15.65
CA GLY H 391 20.11 32.56 -16.56
C GLY H 391 19.56 33.81 -15.90
N SER H 392 18.47 33.65 -15.14
CA SER H 392 17.81 34.80 -14.53
C SER H 392 18.59 35.34 -13.34
N LEU H 393 19.14 34.46 -12.51
CA LEU H 393 19.85 34.92 -11.32
C LEU H 393 21.04 35.78 -11.67
N LEU H 394 21.73 35.47 -12.77
CA LEU H 394 22.84 36.29 -13.24
C LEU H 394 22.39 37.41 -14.18
N ALA H 395 21.11 37.43 -14.56
CA ALA H 395 20.61 38.50 -15.41
C ALA H 395 20.59 39.82 -14.64
N ALA H 396 20.69 40.92 -15.37
CA ALA H 396 20.70 42.28 -14.85
C ALA H 396 21.98 42.59 -14.08
N THR H 397 22.97 41.71 -14.12
CA THR H 397 24.26 42.03 -13.54
C THR H 397 25.02 42.99 -14.45
N THR H 398 26.05 43.63 -13.89
CA THR H 398 26.82 44.61 -14.65
C THR H 398 27.47 43.98 -15.87
N GLU H 399 28.03 42.78 -15.72
CA GLU H 399 28.72 42.10 -16.80
C GLU H 399 27.77 41.52 -17.84
N ALA H 400 26.47 41.47 -17.56
CA ALA H 400 25.52 40.93 -18.51
C ALA H 400 25.40 41.85 -19.73
N PRO H 401 25.08 41.30 -20.90
CA PRO H 401 24.91 42.15 -22.08
C PRO H 401 23.73 43.10 -21.93
N GLY H 402 23.80 44.21 -22.65
CA GLY H 402 22.76 45.21 -22.66
C GLY H 402 23.04 46.34 -21.68
N GLU H 403 22.18 47.35 -21.75
CA GLU H 403 22.30 48.55 -20.94
C GLU H 403 21.11 48.66 -20.00
N TYR H 404 21.37 49.20 -18.81
CA TYR H 404 20.31 49.41 -17.84
C TYR H 404 19.34 50.48 -18.31
N PHE H 405 18.08 50.37 -17.87
CA PHE H 405 17.08 51.39 -18.09
C PHE H 405 16.27 51.54 -16.82
N PHE H 406 15.37 52.52 -16.80
CA PHE H 406 14.59 52.86 -15.62
C PHE H 406 13.10 52.76 -15.93
N SER H 407 12.35 52.19 -14.99
CA SER H 407 10.90 52.10 -15.10
C SER H 407 10.31 52.29 -13.71
N ASP H 408 9.53 53.36 -13.54
CA ASP H 408 8.89 53.66 -12.26
C ASP H 408 9.92 53.71 -11.13
N GLY H 409 11.09 54.25 -11.43
CA GLY H 409 12.14 54.38 -10.45
C GLY H 409 12.93 53.12 -10.18
N ILE H 410 12.68 52.04 -10.93
CA ILE H 410 13.36 50.77 -10.75
C ILE H 410 14.35 50.58 -11.89
N ARG H 411 15.59 50.23 -11.56
CA ARG H 411 16.62 49.98 -12.55
C ARG H 411 16.51 48.53 -13.01
N LEU H 412 16.36 48.33 -14.32
CA LEU H 412 16.10 47.02 -14.88
C LEU H 412 16.97 46.80 -16.11
N LYS H 413 17.17 45.53 -16.44
CA LYS H 413 17.85 45.12 -17.67
C LYS H 413 17.05 44.03 -18.35
N LYS H 414 17.10 44.02 -19.69
CA LYS H 414 16.30 43.09 -20.46
C LYS H 414 16.76 41.65 -20.24
N TYR H 415 15.80 40.73 -20.28
CA TYR H 415 16.07 39.30 -20.17
C TYR H 415 14.97 38.56 -20.92
N ARG H 416 15.36 37.74 -21.89
CA ARG H 416 14.40 37.08 -22.75
C ARG H 416 14.85 35.66 -23.06
N GLY H 417 13.87 34.79 -23.28
CA GLY H 417 14.18 33.44 -23.72
C GLY H 417 14.64 33.42 -25.16
N MET H 418 15.56 32.49 -25.46
CA MET H 418 16.08 32.37 -26.81
C MET H 418 15.02 31.90 -27.79
N GLY H 419 13.92 31.33 -27.31
CA GLY H 419 12.81 30.93 -28.13
C GLY H 419 11.70 31.95 -28.25
N SER H 420 11.86 33.13 -27.66
CA SER H 420 10.86 34.18 -27.76
C SER H 420 10.92 34.84 -29.12
N LEU H 421 9.77 35.37 -29.56
CA LEU H 421 9.70 35.97 -30.89
C LEU H 421 10.75 37.05 -31.08
N ASP H 422 11.00 37.85 -30.03
CA ASP H 422 12.02 38.89 -30.14
C ASP H 422 13.39 38.30 -30.42
N ALA H 423 13.73 37.20 -29.74
CA ALA H 423 15.04 36.59 -29.92
C ALA H 423 15.22 36.07 -31.34
N MET H 424 14.19 35.44 -31.90
CA MET H 424 14.29 34.88 -33.25
C MET H 424 14.01 35.90 -34.33
N ASP H 425 13.63 37.13 -33.98
CA ASP H 425 13.40 38.18 -34.96
C ASP H 425 14.59 39.11 -35.04
N ILE H 441 4.83 29.46 -39.94
CA ILE H 441 4.38 29.91 -38.62
C ILE H 441 5.46 29.62 -37.58
N LYS H 442 5.64 30.53 -36.64
CA LYS H 442 6.63 30.40 -35.57
C LYS H 442 5.90 30.16 -34.26
N VAL H 443 6.24 29.06 -33.59
CA VAL H 443 5.66 28.70 -32.32
C VAL H 443 6.61 29.16 -31.22
N ALA H 444 6.26 30.24 -30.54
CA ALA H 444 7.11 30.77 -29.49
C ALA H 444 7.15 29.83 -28.29
N GLN H 445 8.34 29.63 -27.75
CA GLN H 445 8.53 28.79 -26.57
C GLN H 445 9.07 29.57 -25.37
N GLY H 446 9.15 30.90 -25.47
CA GLY H 446 9.65 31.71 -24.38
C GLY H 446 9.06 33.10 -24.42
N VAL H 447 9.36 33.87 -23.38
CA VAL H 447 8.88 35.23 -23.23
C VAL H 447 10.07 36.18 -23.05
N SER H 448 9.78 37.47 -23.13
CA SER H 448 10.78 38.53 -22.95
C SER H 448 10.28 39.50 -21.90
N GLY H 449 11.20 39.99 -21.07
CA GLY H 449 10.85 40.89 -20.00
C GLY H 449 12.08 41.57 -19.45
N ALA H 450 12.00 41.97 -18.18
CA ALA H 450 13.08 42.69 -17.53
C ALA H 450 13.33 42.13 -16.14
N VAL H 451 14.55 42.31 -15.66
CA VAL H 451 14.98 41.85 -14.35
C VAL H 451 15.69 42.98 -13.64
N GLN H 452 15.47 43.08 -12.32
CA GLN H 452 16.04 44.17 -11.54
C GLN H 452 17.55 44.01 -11.39
N ASP H 453 18.22 45.15 -11.22
CA ASP H 453 19.68 45.15 -11.09
C ASP H 453 20.11 44.37 -9.85
N LYS H 454 21.21 43.64 -9.98
CA LYS H 454 21.78 42.87 -8.89
C LYS H 454 23.21 43.25 -8.54
N GLY H 455 23.84 44.13 -9.31
CA GLY H 455 25.21 44.51 -9.06
C GLY H 455 26.20 43.77 -9.95
N SER H 456 27.42 43.69 -9.45
CA SER H 456 28.51 43.05 -10.18
C SER H 456 28.61 41.58 -9.82
N ILE H 457 29.09 40.78 -10.78
CA ILE H 457 29.29 39.35 -10.55
C ILE H 457 30.31 39.14 -9.45
N HIS H 458 31.36 39.98 -9.41
CA HIS H 458 32.45 39.79 -8.47
C HIS H 458 32.00 39.90 -7.01
N LYS H 459 30.83 40.49 -6.77
CA LYS H 459 30.26 40.54 -5.43
C LYS H 459 29.14 39.53 -5.23
N PHE H 460 28.36 39.23 -6.27
CA PHE H 460 27.25 38.31 -6.13
C PHE H 460 27.73 36.87 -6.00
N VAL H 461 28.69 36.47 -6.83
CA VAL H 461 29.15 35.07 -6.81
C VAL H 461 29.74 34.71 -5.45
N PRO H 462 30.58 35.53 -4.82
CA PRO H 462 31.05 35.17 -3.47
C PRO H 462 29.93 34.91 -2.47
N TYR H 463 28.83 35.67 -2.57
CA TYR H 463 27.70 35.42 -1.68
C TYR H 463 27.11 34.03 -1.93
N LEU H 464 26.97 33.65 -3.19
CA LEU H 464 26.47 32.31 -3.50
C LEU H 464 27.42 31.25 -2.97
N ILE H 465 28.73 31.47 -3.11
CA ILE H 465 29.71 30.51 -2.60
C ILE H 465 29.57 30.36 -1.09
N ALA H 466 29.45 31.48 -0.38
CA ALA H 466 29.31 31.43 1.08
C ALA H 466 28.03 30.72 1.48
N GLY H 467 26.93 31.00 0.78
CA GLY H 467 25.68 30.32 1.09
C GLY H 467 25.75 28.83 0.88
N ILE H 468 26.38 28.41 -0.23
CA ILE H 468 26.54 26.97 -0.49
C ILE H 468 27.40 26.34 0.59
N GLN H 469 28.48 27.01 0.99
CA GLN H 469 29.32 26.47 2.06
C GLN H 469 28.55 26.32 3.36
N HIS H 470 27.73 27.32 3.70
CA HIS H 470 26.96 27.26 4.94
C HIS H 470 25.92 26.14 4.88
N SER H 471 25.28 25.95 3.72
CA SER H 471 24.35 24.85 3.57
C SER H 471 25.05 23.51 3.75
N CYS H 472 26.23 23.36 3.13
CA CYS H 472 27.00 22.12 3.29
C CYS H 472 27.35 21.88 4.76
N GLN H 473 27.77 22.93 5.47
CA GLN H 473 28.07 22.78 6.88
C GLN H 473 26.84 22.37 7.66
N ASP H 474 25.69 22.99 7.37
CA ASP H 474 24.46 22.65 8.10
C ASP H 474 24.09 21.19 7.89
N ILE H 475 24.22 20.68 6.66
CA ILE H 475 23.91 19.27 6.40
C ILE H 475 25.06 18.34 6.77
N GLY H 476 26.18 18.88 7.27
CA GLY H 476 27.25 18.05 7.79
C GLY H 476 28.18 17.47 6.76
N ALA H 477 28.43 18.17 5.66
CA ALA H 477 29.32 17.71 4.60
C ALA H 477 30.43 18.73 4.40
N LYS H 478 31.67 18.24 4.30
CA LYS H 478 32.82 19.08 4.05
C LYS H 478 33.07 19.33 2.56
N SER H 479 32.31 18.69 1.68
CA SER H 479 32.47 18.88 0.24
C SER H 479 31.20 18.46 -0.46
N LEU H 480 31.01 18.99 -1.67
CA LEU H 480 29.86 18.60 -2.47
C LEU H 480 29.91 17.12 -2.84
N THR H 481 31.11 16.61 -3.13
CA THR H 481 31.29 15.19 -3.37
C THR H 481 30.77 14.38 -2.18
N GLN H 482 31.10 14.83 -0.97
CA GLN H 482 30.60 14.15 0.23
C GLN H 482 29.09 14.26 0.33
N VAL H 483 28.52 15.41 -0.07
CA VAL H 483 27.07 15.56 -0.06
C VAL H 483 26.41 14.50 -0.93
N ARG H 484 26.92 14.36 -2.16
CA ARG H 484 26.32 13.40 -3.08
C ARG H 484 26.56 11.96 -2.63
N ALA H 485 27.73 11.68 -2.06
CA ALA H 485 27.99 10.35 -1.53
C ALA H 485 27.01 10.02 -0.41
N MET H 486 26.78 10.97 0.50
CA MET H 486 25.84 10.76 1.58
C MET H 486 24.43 10.55 1.05
N MET H 487 24.04 11.32 0.04
CA MET H 487 22.69 11.18 -0.51
C MET H 487 22.50 9.82 -1.17
N TYR H 488 23.50 9.36 -1.92
CA TYR H 488 23.39 8.06 -2.57
C TYR H 488 23.48 6.91 -1.57
N SER H 489 24.17 7.12 -0.45
CA SER H 489 24.29 6.10 0.58
C SER H 489 23.10 6.07 1.54
N GLY H 490 22.20 7.06 1.46
CA GLY H 490 21.06 7.12 2.34
C GLY H 490 21.30 7.86 3.65
N GLU H 491 22.55 8.27 3.92
CA GLU H 491 22.82 9.02 5.15
C GLU H 491 22.09 10.36 5.15
N LEU H 492 22.11 11.06 4.03
CA LEU H 492 21.40 12.34 3.93
C LEU H 492 19.91 12.10 3.87
N LYS H 493 19.15 12.86 4.64
CA LYS H 493 17.71 12.69 4.77
C LYS H 493 16.99 13.94 4.28
N PHE H 494 15.77 13.71 3.77
CA PHE H 494 14.94 14.77 3.21
C PHE H 494 13.55 14.70 3.82
N GLU H 495 12.80 15.79 3.68
CA GLU H 495 11.41 15.82 4.12
C GLU H 495 10.57 16.66 3.16
N LYS H 496 9.36 16.19 2.90
CA LYS H 496 8.45 16.92 2.03
C LYS H 496 7.94 18.18 2.71
N ARG H 497 7.41 19.10 1.90
CA ARG H 497 6.83 20.34 2.38
C ARG H 497 5.41 20.48 1.85
N THR H 498 4.45 20.65 2.74
CA THR H 498 3.10 21.02 2.34
C THR H 498 3.05 22.52 2.02
N SER H 499 1.94 22.94 1.42
CA SER H 499 1.79 24.36 1.11
C SER H 499 1.86 25.20 2.37
N SER H 500 1.20 24.75 3.44
CA SER H 500 1.32 25.44 4.72
C SER H 500 2.76 25.42 5.21
N ALA H 501 3.48 24.31 4.97
CA ALA H 501 4.88 24.26 5.34
C ALA H 501 5.69 25.29 4.56
N GLN H 502 5.39 25.46 3.27
CA GLN H 502 6.08 26.48 2.49
C GLN H 502 5.78 27.87 3.03
N VAL H 503 4.52 28.14 3.39
CA VAL H 503 4.17 29.43 3.96
C VAL H 503 4.94 29.67 5.25
N GLU H 504 5.00 28.65 6.12
CA GLU H 504 5.72 28.78 7.37
C GLU H 504 7.21 29.03 7.14
N GLY H 505 7.79 28.35 6.13
CA GLY H 505 9.20 28.51 5.87
C GLY H 505 9.57 29.92 5.43
N GLY H 506 8.69 30.58 4.69
CA GLY H 506 8.93 31.94 4.26
C GLY H 506 8.58 32.95 5.35
N VAL H 507 8.81 34.22 5.01
CA VAL H 507 8.50 35.30 5.93
C VAL H 507 6.98 35.41 6.09
N HIS H 508 6.53 35.54 7.34
CA HIS H 508 5.10 35.61 7.63
C HIS H 508 4.89 36.36 8.93
N SER H 509 3.64 36.76 9.16
CA SER H 509 3.20 37.38 10.41
C SER H 509 3.94 38.69 10.68
N LEU H 510 4.25 39.45 9.63
CA LEU H 510 4.88 40.75 9.77
C LEU H 510 4.07 41.79 9.02
N HIS H 511 3.89 42.95 9.65
CA HIS H 511 3.21 44.07 8.97
C HIS H 511 4.03 44.55 7.78
N SER H 512 5.34 44.64 7.96
CA SER H 512 6.25 45.03 6.88
C SER H 512 7.64 44.53 7.23
N TYR H 513 8.50 44.45 6.22
CA TYR H 513 9.86 43.98 6.43
C TYR H 513 10.70 44.29 5.20
N GLU H 514 12.02 44.24 5.40
CA GLU H 514 12.98 44.39 4.31
C GLU H 514 13.93 43.19 4.34
N LYS H 515 14.20 42.64 3.16
CA LYS H 515 15.06 41.46 3.03
C LYS H 515 16.39 41.89 2.43
N ARG H 516 17.46 41.72 3.21
CA ARG H 516 18.83 42.01 2.77
C ARG H 516 19.63 40.72 2.86
N LEU H 517 19.90 40.12 1.70
CA LEU H 517 20.63 38.85 1.69
C LEU H 517 22.05 39.02 2.21
N PHE H 518 22.74 40.08 1.80
CA PHE H 518 24.11 40.31 2.21
C PHE H 518 24.49 41.78 2.04
P IMP I . 17.97 -25.98 21.18
O1P IMP I . 18.09 -27.28 21.92
O2P IMP I . 19.16 -25.44 20.42
O3P IMP I . 16.82 -26.11 20.19
O5' IMP I . 17.56 -24.86 22.25
C5' IMP I . 17.39 -25.19 23.61
C4' IMP I . 16.96 -23.98 24.41
O4' IMP I . 15.54 -24.07 24.70
C3' IMP I . 17.62 -23.79 25.77
O3' IMP I . 18.89 -23.19 25.69
C2' IMP I . 16.59 -22.97 26.53
O2' IMP I . 16.68 -21.60 26.18
C1' IMP I . 15.28 -23.54 25.98
N9 IMP I . 14.74 -24.62 26.84
C8 IMP I . 15.45 -25.56 27.54
N7 IMP I . 14.58 -26.35 28.18
C5 IMP I . 13.32 -25.96 27.90
C6 IMP I . 12.08 -26.43 28.29
O6 IMP I . 11.99 -27.43 29.00
N1 IMP I . 10.94 -25.80 27.83
C2 IMP I . 11.04 -24.72 26.99
N3 IMP I . 12.28 -24.25 26.61
C4 IMP I . 13.41 -24.86 27.05
H5'1 IMP I . 18.33 -25.56 24.01
H5'2 IMP I . 16.65 -25.97 23.71
H4' IMP I . 17.15 -23.09 23.81
H3' IMP I . 17.70 -24.77 26.24
HO3' IMP I . 18.84 -22.28 26.02
H2' IMP I . 16.67 -23.13 27.60
HO2' IMP I . 15.91 -21.33 25.63
H1' IMP I . 14.55 -22.73 25.91
H8 IMP I . 16.52 -25.51 27.74
HN1 IMP I . 10.01 -26.24 28.00
H2 IMP I . 10.15 -24.16 26.72
C13 A1A7T J . 6.83 -19.95 38.45
C24 A1A7T J . 8.94 -23.92 34.23
C02 A1A7T J . 9.82 -15.64 43.23
C04 A1A7T J . 7.53 -16.16 43.77
C06 A1A7T J . 8.17 -16.71 41.64
C07 A1A7T J . 9.49 -16.21 41.91
C09 A1A7T J . 9.46 -16.94 39.79
C11 A1A7T J . 7.04 -17.79 39.51
C14 A1A7T J . 8.09 -20.99 38.15
C25 A1A7T J . 9.41 -25.08 35.24
C27 A1A7T J . 11.47 -26.26 35.76
C29 A1A7T J . 14.10 -26.03 36.15
C30 A1A7T J . 15.39 -25.52 35.83
C31 A1A7T J . 15.55 -24.65 34.74
C32 A1A7T J . 14.43 -24.23 33.91
C34 A1A7T J . 13.75 -23.26 31.49
C36 A1A7T J . 14.01 -22.22 30.33
C37 A1A7T J . 15.05 -21.34 30.17
C38 A1A7T J . 15.00 -20.49 28.94
C39 A1A7T J . 13.93 -20.71 28.12
C41 A1A7T J . 13.16 -24.79 34.30
C42 A1A7T J . 10.87 -25.57 37.07
C44 A1A7T J . 9.85 -24.47 36.57
C46 A1A7T J . 6.67 -18.76 37.40
C48 A1A7T J . 7.34 -17.47 38.02
N01 A1A7T J . 11.09 -15.12 43.61
N03 A1A7T J . 8.76 -15.65 44.14
N05 A1A7T J . 7.15 -16.69 42.58
N08 A1A7T J . 10.26 -16.38 40.72
N10 A1A7T J . 8.16 -17.17 40.30
N28 A1A7T J . 13.02 -25.67 35.39
N33 A1A7T J . 14.57 -23.31 32.75
O12 A1A7T J . 6.97 -19.22 39.68
O15 A1A7T J . 8.66 -20.83 36.93
O17 A1A7T J . 11.12 -20.81 38.00
O18 A1A7T J . 10.47 -18.98 36.35
O19 A1A7T J . 11.11 -21.43 35.49
O21 A1A7T J . 9.16 -20.88 33.81
O22 A1A7T J . 11.49 -21.30 32.89
O23 A1A7T J . 9.98 -23.36 33.60
O26 A1A7T J . 10.65 -25.85 34.75
O35 A1A7T J . 12.85 -24.07 31.41
O43 A1A7T J . 10.11 -26.51 37.75
O45 A1A7T J . 8.73 -24.23 37.35
O47 A1A7T J . 5.33 -18.45 37.20
O49 A1A7T J . 6.76 -16.24 37.67
P16 A1A7T J . 10.46 -20.40 36.74
P20 A1A7T J . 10.48 -21.56 33.94
S40 A1A7T J . 12.94 -21.99 28.88
K K K . 19.47 -27.49 -3.30
P IMP L . 20.99 -29.64 -11.29
O1P IMP L . 21.72 -30.94 -11.12
O2P IMP L . 20.25 -29.38 -12.59
O3P IMP L . 19.98 -29.50 -10.16
O5' IMP L . 22.05 -28.47 -11.14
C5' IMP L . 23.42 -28.75 -10.88
C4' IMP L . 24.23 -27.49 -10.71
O4' IMP L . 24.50 -27.26 -9.31
C3' IMP L . 25.60 -27.48 -11.37
O3' IMP L . 25.54 -27.17 -12.76
C2' IMP L . 26.36 -26.45 -10.55
O2' IMP L . 26.03 -25.12 -10.95
C1' IMP L . 25.79 -26.70 -9.15
N9 IMP L . 26.62 -27.63 -8.37
C8 IMP L . 27.32 -28.72 -8.84
N7 IMP L . 27.94 -29.31 -7.80
C5 IMP L . 27.65 -28.63 -6.68
C6 IMP L . 28.02 -28.81 -5.35
O6 IMP L . 28.71 -29.77 -5.03
N1 IMP L . 27.56 -27.94 -4.39
C2 IMP L . 26.73 -26.89 -4.75
N3 IMP L . 26.36 -26.72 -6.07
C4 IMP L . 26.81 -27.58 -7.01
H5'1 IMP L . 23.83 -29.34 -11.70
H5'2 IMP L . 23.50 -29.35 -9.98
H4' IMP L . 23.64 -26.66 -11.11
H3' IMP L . 26.06 -28.45 -11.23
HO3' IMP L . 25.89 -26.28 -12.91
H2' IMP L . 27.43 -26.63 -10.58
HO2' IMP L . 25.47 -24.69 -10.27
H1' IMP L . 25.71 -25.76 -8.62
H8 IMP L . 27.54 -28.91 -9.89
HN1 IMP L . 27.70 -28.15 -3.38
H2 IMP L . 26.46 -26.15 -4.00
C13 A1A7T M . 38.20 -21.41 -1.54
C24 A1A7T M . 33.95 -25.71 -2.77
C02 A1A7T M . 43.07 -17.93 -5.36
C04 A1A7T M . 43.57 -17.92 -3.00
C06 A1A7T M . 41.44 -18.58 -3.54
C07 A1A7T M . 41.73 -18.39 -4.93
C09 A1A7T M . 39.60 -19.09 -4.77
C11 A1A7T M . 39.28 -19.37 -2.23
C14 A1A7T M . 37.90 -22.71 -2.55
C25 A1A7T M . 34.95 -26.97 -2.95
C27 A1A7T M . 35.49 -28.57 -4.68
C29 A1A7T M . 35.92 -28.96 -7.29
C30 A1A7T M . 35.61 -28.75 -8.68
C31 A1A7T M . 34.53 -27.93 -9.04
C32 A1A7T M . 33.69 -27.26 -8.05
C34 A1A7T M . 31.28 -26.13 -7.65
C36 A1A7T M . 30.13 -25.18 -8.15
C37 A1A7T M . 30.00 -24.54 -9.36
C38 A1A7T M . 28.78 -23.69 -9.53
C39 A1A7T M . 27.95 -23.66 -8.45
C41 A1A7T M . 34.07 -27.52 -6.69
C42 A1A7T M . 36.80 -27.78 -4.24
C44 A1A7T M . 36.29 -26.47 -3.50
C46 A1A7T M . 37.16 -20.21 -1.68
C48 A1A7T M . 37.79 -19.10 -2.61
N01 A1A7T M . 43.47 -17.71 -6.70
N03 A1A7T M . 43.96 -17.71 -4.32
N05 A1A7T M . 42.36 -18.34 -2.53
N08 A1A7T M . 40.55 -18.72 -5.66
N10 A1A7T M . 40.09 -19.02 -3.45
N28 A1A7T M . 35.15 -28.34 -6.33
N33 A1A7T M . 32.55 -26.38 -8.42
O12 A1A7T M . 39.44 -20.74 -1.83
O15 A1A7T M . 36.68 -22.66 -3.16
O17 A1A7T M . 37.79 -23.21 -5.54
O18 A1A7T M . 36.15 -21.26 -5.35
O19 A1A7T M . 35.26 -23.80 -5.43
O21 A1A7T M . 33.57 -22.80 -3.67
O22 A1A7T M . 32.67 -23.73 -5.87
O23 A1A7T M . 33.34 -25.39 -3.91
O26 A1A7T M . 34.47 -27.98 -3.99
O35 A1A7T M . 31.18 -26.73 -6.59
O43 A1A7T M . 37.46 -28.54 -3.29
O45 A1A7T M . 37.06 -26.01 -2.45
O47 A1A7T M . 36.94 -19.60 -0.44
O49 A1A7T M . 37.46 -17.78 -2.33
P16 A1A7T M . 36.53 -22.66 -5.00
P20 A1A7T M . 33.71 -23.76 -4.81
S40 A1A7T M . 28.68 -24.69 -7.18
K K N . -3.47 -31.17 -12.83
P IMP O . -11.47 -33.52 -13.93
O1P IMP O . -11.31 -34.96 -14.34
O2P IMP O . -12.77 -33.09 -13.29
O3P IMP O . -10.36 -33.17 -12.96
O5' IMP O . -11.29 -32.62 -15.23
C5' IMP O . -11.02 -33.21 -16.49
C4' IMP O . -10.83 -32.17 -17.56
O4' IMP O . -9.41 -32.02 -17.86
C3' IMP O . -11.48 -32.45 -18.90
O3' IMP O . -12.86 -32.13 -18.94
C2' IMP O . -10.62 -31.64 -19.87
O2' IMP O . -11.01 -30.27 -19.86
C1' IMP O . -9.24 -31.76 -19.24
N9 IMP O . -8.46 -32.88 -19.82
C8 IMP O . -8.94 -34.09 -20.26
N7 IMP O . -7.90 -34.81 -20.72
C5 IMP O . -6.76 -34.10 -20.58
C6 IMP O . -5.44 -34.38 -20.88
O6 IMP O . -5.12 -35.48 -21.33
N1 IMP O . -4.47 -33.43 -20.62
C2 IMP O . -4.83 -32.22 -20.05
N3 IMP O . -6.15 -31.96 -19.75
C4 IMP O . -7.10 -32.88 -20.00
H5'1 IMP O . -11.85 -33.87 -16.77
H5'2 IMP O . -10.12 -33.83 -16.43
H4' IMP O . -11.22 -31.22 -17.18
H3' IMP O . -11.35 -33.51 -19.13
HO3' IMP O . -12.98 -31.34 -19.49
H2' IMP O . -10.64 -32.05 -20.87
HO2' IMP O . -10.33 -29.72 -19.40
H1' IMP O . -8.69 -30.84 -19.37
H8 IMP O . -9.99 -34.30 -20.46
HN1 IMP O . -3.46 -33.68 -20.69
H2 IMP O . -4.07 -31.45 -19.93
C13 A1A7T P . -1.41 -29.52 -32.40
C24 A1A7T P . -2.74 -32.74 -27.32
C02 A1A7T P . -5.12 -27.19 -38.00
C04 A1A7T P . -2.74 -27.33 -38.45
C06 A1A7T P . -3.32 -27.48 -36.23
C07 A1A7T P . -4.72 -27.34 -36.59
C09 A1A7T P . -4.58 -27.54 -34.35
C11 A1A7T P . -2.06 -27.77 -33.93
C14 A1A7T P . -2.43 -30.70 -31.84
C25 A1A7T P . -2.93 -34.17 -28.01
C27 A1A7T P . -4.68 -35.84 -28.19
C29 A1A7T P . -7.29 -36.29 -28.57
C30 A1A7T P . -8.67 -35.99 -28.34
C31 A1A7T P . -9.04 -34.94 -27.47
C32 A1A7T P . -8.06 -34.12 -26.79
C34 A1A7T P . -7.66 -32.48 -24.69
C36 A1A7T P . -8.16 -31.28 -23.80
C37 A1A7T P . -9.37 -30.62 -23.83
C38 A1A7T P . -9.53 -29.51 -22.84
C39 A1A7T P . -8.47 -29.30 -22.02
C41 A1A7T P . -6.68 -34.47 -27.08
C42 A1A7T P . -4.21 -35.37 -29.64
C44 A1A7T P . -3.45 -33.99 -29.43
C46 A1A7T P . -1.54 -28.10 -31.67
C48 A1A7T P . -2.44 -27.17 -32.55
N01 A1A7T P . -6.45 -27.04 -38.45
N03 A1A7T P . -4.07 -27.18 -38.90
N05 A1A7T P . -2.30 -27.47 -37.18
N08 A1A7T P . -5.46 -27.39 -35.37
N10 A1A7T P . -3.25 -27.60 -34.83
N28 A1A7T P . -6.33 -35.52 -27.93
N33 A1A7T P . -8.42 -33.00 -25.89
O12 A1A7T P . -1.68 -29.14 -33.78
O15 A1A7T P . -3.06 -30.37 -30.68
O17 A1A7T P . -5.44 -31.14 -31.66
O18 A1A7T P . -5.24 -28.86 -30.49
O19 A1A7T P . -5.36 -31.13 -29.07
O21 A1A7T P . -3.61 -29.80 -27.62
O22 A1A7T P . -5.83 -30.47 -26.56
O23 A1A7T P . -3.89 -32.28 -26.80
O26 A1A7T P . -3.99 -35.05 -27.32
O35 A1A7T P . -6.61 -33.04 -24.44
O43 A1A7T P . -3.25 -36.27 -30.10
O45 A1A7T P . -2.40 -33.72 -30.28
O47 A1A7T P . -0.30 -27.48 -31.58
O49 A1A7T P . -2.14 -25.80 -32.52
P16 A1A7T P . -4.91 -30.31 -30.55
P20 A1A7T P . -4.76 -30.75 -27.56
S40 A1A7T P . -7.21 -30.49 -22.47
K K Q . -13.29 -29.43 10.21
K K R . 9.67 -25.71 19.77
P IMP S . -14.51 -29.87 18.51
O1P IMP S . -14.94 -31.31 18.67
O2P IMP S . -13.89 -29.18 19.70
O3P IMP S . -13.53 -29.81 17.37
O5' IMP S . -15.80 -29.04 18.12
C5' IMP S . -17.07 -29.66 17.98
C4' IMP S . -18.11 -28.67 17.54
O4' IMP S . -18.40 -28.85 16.13
C3' IMP S . -19.48 -28.79 18.21
O3' IMP S . -19.52 -28.17 19.48
C2' IMP S . -20.42 -28.17 17.18
O2' IMP S . -20.39 -26.76 17.25
C1' IMP S . -19.77 -28.62 15.87
N9 IMP S . -20.36 -29.87 15.36
C8 IMP S . -20.83 -30.94 16.09
N7 IMP S . -21.28 -31.87 15.23
C5 IMP S . -21.12 -31.44 13.98
C6 IMP S . -21.41 -32.01 12.74
O6 IMP S . -21.87 -33.14 12.67
N1 IMP S . -21.12 -31.31 11.59
C2 IMP S . -20.54 -30.06 11.66
N3 IMP S . -20.25 -29.50 12.90
C4 IMP S . -20.53 -30.19 14.03
H5'1 IMP S . -17.37 -30.11 18.92
H5'2 IMP S . -17.00 -30.46 17.24
H4' IMP S . -17.74 -27.67 17.71
H3' IMP S . -19.72 -29.85 18.32
HO3' IMP S . -20.06 -27.36 19.42
H2' IMP S . -21.43 -28.57 17.28
HO2' IMP S . -19.92 -26.39 16.48
H1' IMP S . -19.89 -27.84 15.13
H8 IMP S . -21.04 -30.91 17.16
HN1 IMP S . -21.19 -31.78 10.66
H2 IMP S . -20.40 -29.47 10.77
C13 A1A7T T . -32.82 -28.06 7.56
C24 A1A7T T . -27.79 -30.94 9.65
C02 A1A7T T . -38.41 -24.89 10.56
C04 A1A7T T . -38.84 -25.55 8.28
C06 A1A7T T . -36.64 -25.59 8.90
C07 A1A7T T . -37.00 -25.14 10.22
C09 A1A7T T . -34.77 -25.39 10.17
C11 A1A7T T . -34.32 -26.19 7.76
C14 A1A7T T . -32.28 -28.99 8.82
C25 A1A7T T . -28.50 -32.30 10.15
C27 A1A7T T . -28.73 -33.52 12.23
C29 A1A7T T . -29.14 -33.36 14.86
C30 A1A7T T . -28.92 -32.77 16.15
C31 A1A7T T . -28.05 -31.67 16.28
C32 A1A7T T . -27.34 -31.10 15.15
C34 A1A7T T . -25.22 -29.62 14.42
C36 A1A7T T . -24.32 -28.34 14.65
C37 A1A7T T . -24.35 -27.42 15.67
C38 A1A7T T . -23.34 -26.32 15.60
C39 A1A7T T . -22.51 -26.36 14.52
C41 A1A7T T . -27.62 -31.75 13.89
C42 A1A7T T . -30.17 -33.16 11.65
C44 A1A7T T . -29.93 -31.98 10.60
C46 A1A7T T . -32.06 -26.66 7.37
C48 A1A7T T . -32.94 -25.53 8.02
N01 A1A7T T . -38.89 -24.44 11.82
N03 A1A7T T . -39.31 -25.11 9.52
N05 A1A7T T . -37.57 -25.80 7.90
N08 A1A7T T . -35.79 -25.03 10.97
N10 A1A7T T . -35.23 -25.74 8.88
N28 A1A7T T . -28.49 -32.84 13.77
N33 A1A7T T . -26.43 -29.94 15.26
O12 A1A7T T . -34.18 -27.61 7.70
O15 A1A7T T . -31.12 -28.53 9.38
O17 A1A7T T . -32.15 -28.73 11.86
O18 A1A7T T . -30.95 -26.57 11.16
O19 A1A7T T . -29.56 -28.77 11.82
O21 A1A7T T . -28.06 -27.88 9.83
O22 A1A7T T . -27.04 -28.05 12.15
O23 A1A7T T . -27.28 -30.24 10.67
O26 A1A7T T . -27.84 -32.92 11.39
O35 A1A7T T . -24.96 -30.41 13.52
O43 A1A7T T . -30.63 -34.24 10.91
O45 A1A7T T . -30.76 -31.96 9.49
O47 A1A7T T . -31.96 -26.34 6.02
O49 A1A7T T . -32.89 -24.27 7.43
P16 A1A7T T . -31.01 -28.06 11.17
P20 A1A7T T . -28.03 -28.56 11.16
S40 A1A7T T . -22.97 -27.80 13.57
P IMP U . 8.42 33.42 16.08
O1P IMP U . 8.83 34.88 16.09
O2P IMP U . 7.42 32.94 17.10
O3P IMP U . 7.89 33.09 14.71
O5' IMP U . 9.74 32.56 16.32
C5' IMP U . 11.00 33.19 16.48
C4' IMP U . 12.10 32.17 16.64
O4' IMP U . 12.85 32.07 15.40
C3' IMP U . 13.16 32.47 17.69
O3' IMP U . 12.75 32.11 19.00
C2' IMP U . 14.37 31.69 17.18
O2' IMP U . 14.27 30.31 17.51
C1' IMP U . 14.22 31.86 15.67
N9 IMP U . 15.00 33.00 15.16
C8 IMP U . 15.23 34.20 15.78
N7 IMP U . 15.97 34.97 14.96
C5 IMP U . 16.23 34.28 13.82
C6 IMP U . 16.93 34.60 12.67
O6 IMP U . 17.43 35.73 12.54
N1 IMP U . 17.02 33.69 11.65
C2 IMP U . 16.42 32.45 11.78
N3 IMP U . 15.71 32.14 12.93
C4 IMP U . 15.62 33.04 13.93
H5'1 IMP U . 10.98 33.82 17.37
H5'2 IMP U . 11.21 33.83 15.63
H4' IMP U . 11.65 31.20 16.87
H3' IMP U . 13.38 33.54 17.67
HO3' IMP U . 13.25 31.32 19.29
H2' IMP U . 15.30 32.13 17.54
HO2' IMP U . 14.07 29.79 16.71
H1' IMP U . 14.55 30.94 15.18
H8 IMP U . 15.06 34.40 16.84
HN1 IMP U . 17.42 33.98 10.74
H2 IMP U . 16.57 31.70 11.02
C13 A1A7T V . 29.28 30.11 12.54
C24 A1A7T V . 23.95 33.17 12.20
C02 A1A7T V . 33.41 27.78 17.82
C04 A1A7T V . 34.61 28.00 15.73
C06 A1A7T V . 32.33 28.08 15.56
C07 A1A7T V . 32.21 27.92 16.98
C09 A1A7T V . 30.14 28.08 16.13
C11 A1A7T V . 30.56 28.37 13.61
C14 A1A7T V . 28.38 31.25 13.34
C25 A1A7T V . 24.50 34.62 12.64
C27 A1A7T V . 24.05 36.24 14.39
C29 A1A7T V . 23.54 36.62 16.98
C30 A1A7T V . 22.88 36.28 18.21
C31 A1A7T V . 21.97 35.20 18.25
C32 A1A7T V . 21.68 34.39 17.08
C34 A1A7T V . 19.87 32.72 15.99
C36 A1A7T V . 18.90 31.49 16.14
C37 A1A7T V . 18.55 30.80 17.27
C38 A1A7T V . 17.59 29.66 17.08
C39 A1A7T V . 17.17 29.47 15.80
C41 A1A7T V . 22.38 34.79 15.88
C42 A1A7T V . 25.59 35.82 14.41
C44 A1A7T V . 25.67 34.45 13.59
C46 A1A7T V . 28.59 28.68 12.39
C48 A1A7T V . 29.15 27.73 13.51
N01 A1A7T V . 33.41 27.61 19.23
N03 A1A7T V . 34.62 27.83 17.12
N05 A1A7T V . 33.55 28.13 14.91
N08 A1A7T V . 30.82 27.92 17.29
N10 A1A7T V . 31.03 28.18 15.03
N28 A1A7T V . 23.27 35.87 15.85
N33 A1A7T V . 20.73 33.25 17.10
O12 A1A7T V . 30.51 29.75 13.23
O15 A1A7T V . 27.09 30.87 13.55
O17 A1A7T V . 27.22 31.59 16.13
O18 A1A7T V . 26.25 29.30 15.51
O19 A1A7T V . 24.80 31.54 15.22
O21 A1A7T V . 24.04 30.22 13.06
O22 A1A7T V . 22.30 30.81 14.82
O23 A1A7T V . 23.10 32.66 13.11
O26 A1A7T V . 23.48 35.45 13.43
O35 A1A7T V . 19.96 33.31 14.91
O43 A1A7T V . 26.30 36.75 13.67
O45 A1A7T V . 26.83 34.24 12.86
O47 A1A7T V . 28.93 28.09 11.17
O49 A1A7T V . 29.26 26.37 13.20
P16 A1A7T V . 26.36 30.76 15.25
P20 A1A7T V . 23.57 31.14 14.14
S40 A1A7T V . 17.97 30.71 14.79
K K W . -14.86 28.78 9.83
P IMP X . -23.13 29.03 8.28
O1P IMP X . -23.46 30.45 8.67
O2P IMP X . -24.03 28.32 7.30
O3P IMP X . -21.72 29.01 7.74
O5' IMP X . -23.15 28.16 9.63
C5' IMP X . -23.45 28.75 10.88
C4' IMP X . -23.34 27.74 11.99
O4' IMP X . -22.10 27.93 12.73
C3' IMP X . -24.43 27.81 13.06
O3' IMP X . -25.62 27.15 12.67
C2' IMP X . -23.75 27.18 14.27
O2' IMP X . -23.76 25.76 14.19
C1' IMP X . -22.31 27.68 14.10
N9 IMP X . -22.06 28.92 14.86
C8 IMP X . -22.93 29.95 15.07
N7 IMP X . -22.30 30.90 15.80
C5 IMP X . -21.04 30.49 16.04
C6 IMP X . -19.98 31.07 16.73
O6 IMP X . -20.10 32.20 17.22
N1 IMP X . -18.77 30.40 16.82
C2 IMP X . -18.63 29.17 16.23
N3 IMP X . -19.68 28.60 15.55
C4 IMP X . -20.87 29.25 15.45
H5'1 IMP X . -24.45 29.16 10.86
H5'2 IMP X . -22.75 29.57 11.06
H4' IMP X . -23.35 26.74 11.55
H3' IMP X . -24.64 28.86 13.27
HO3' IMP X . -25.72 26.32 13.18
H2' IMP X . -24.18 27.54 15.19
HO2' IMP X . -22.86 25.43 13.99
H1' IMP X . -21.62 26.91 14.44
H8 IMP X . -24.01 29.90 14.92
HN1 IMP X . -17.95 30.90 17.20
H2 IMP X . -17.71 28.60 16.38
C13 A1A7T Y . -18.68 26.90 29.13
C24 A1A7T Y . -19.11 29.89 23.76
C02 A1A7T Y . -23.26 23.50 33.37
C04 A1A7T Y . -21.26 24.21 34.53
C06 A1A7T Y . -21.13 24.30 32.25
C07 A1A7T Y . -22.49 23.80 32.16
C09 A1A7T Y . -21.71 24.13 30.07
C11 A1A7T Y . -19.32 24.98 30.45
C14 A1A7T Y . -19.73 27.82 28.22
C25 A1A7T Y . -19.86 31.21 24.30
C27 A1A7T Y . -21.93 32.39 23.86
C29 A1A7T Y . -24.54 32.15 23.37
C30 A1A7T Y . -25.68 31.55 22.73
C31 A1A7T Y . -25.49 30.47 21.84
C32 A1A7T Y . -24.16 29.94 21.55
C34 A1A7T Y . -22.74 28.54 19.74
C36 A1A7T Y . -22.63 27.28 18.78
C37 A1A7T Y . -23.58 26.35 18.47
C38 A1A7T Y . -23.15 25.28 17.51
C39 A1A7T Y . -21.87 25.37 17.08
C41 A1A7T Y . -23.08 30.60 22.22
C42 A1A7T Y . -21.83 31.99 25.40
C44 A1A7T Y . -20.74 30.84 25.48
C46 A1A7T Y . -18.23 25.53 28.45
C48 A1A7T Y . -19.10 24.37 29.04
N01 A1A7T Y . -24.59 23.02 33.39
N03 A1A7T Y . -22.58 23.73 34.56
N05 A1A7T Y . -20.49 24.50 33.46
N08 A1A7T Y . -22.80 23.72 30.77
N10 A1A7T Y . -20.66 24.49 30.94
N28 A1A7T Y . -23.29 31.68 23.11
N33 A1A7T Y . -23.94 28.81 20.60
O12 A1A7T Y . -19.27 26.41 30.36
O15 A1A7T Y . -19.87 27.38 26.95
O17 A1A7T Y . -22.55 27.51 27.10
O18 A1A7T Y . -21.43 25.39 26.15
O19 A1A7T Y . -21.67 27.62 24.66
O21 A1A7T Y . -19.28 26.82 23.89
O22 A1A7T Y . -21.15 26.97 22.17
O23 A1A7T Y . -19.89 29.18 22.93
O26 A1A7T Y . -20.83 31.82 23.28
O35 A1A7T Y . -21.83 29.35 19.80
O43 A1A7T Y . -21.32 33.07 26.10
O45 A1A7T Y . -19.96 30.81 26.64
O47 A1A7T Y . -16.91 25.24 28.78
O49 A1A7T Y . -18.48 23.11 29.16
P16 A1A7T Y . -21.51 26.88 26.25
P20 A1A7T Y . -20.54 27.46 23.43
S40 A1A7T Y . -21.14 26.82 17.85
K K Z . -16.26 25.60 -15.04
P IMP AA . -14.91 26.07 -23.33
O1P IMP AA . -15.61 27.36 -23.67
O2P IMP AA . -13.79 25.60 -24.22
O3P IMP AA . -14.36 26.19 -21.93
O5' IMP AA . -16.01 24.93 -23.31
C5' IMP AA . -17.37 25.21 -23.59
C4' IMP AA . -18.23 23.98 -23.47
O4' IMP AA . -18.98 24.02 -22.22
C3' IMP AA . -19.29 23.79 -24.53
O3' IMP AA . -18.78 23.22 -25.73
C2' IMP AA . -20.32 22.91 -23.83
O2' IMP AA . -19.92 21.54 -23.83
C1' IMP AA . -20.25 23.45 -22.40
N9 IMP AA . -21.27 24.50 -22.15
C8 IMP AA . -21.72 25.44 -23.03
N7 IMP AA . -22.64 26.20 -22.41
C5 IMP AA . -22.77 25.77 -21.14
C6 IMP AA . -23.56 26.19 -20.08
O6 IMP AA . -24.28 27.18 -20.20
N1 IMP AA . -23.48 25.55 -18.87
C2 IMP AA . -22.62 24.49 -18.71
N3 IMP AA . -21.84 24.07 -19.77
C4 IMP AA . -21.91 24.70 -20.96
H5'1 IMP AA . -17.46 25.61 -24.61
H5'2 IMP AA . -17.73 25.98 -22.91
H4' IMP AA . -17.58 23.11 -23.48
H3' IMP AA . -19.74 24.75 -24.76
HO3' IMP AA . -19.09 22.29 -25.82
H2' IMP AA . -21.31 23.04 -24.26
HO2' IMP AA . -19.64 21.28 -22.93
H1' IMP AA . -20.39 22.63 -21.70
H8 IMP AA . -21.57 25.41 -24.11
HN1 IMP AA . -23.95 25.95 -18.03
H2 IMP AA . -22.64 23.91 -17.78
C13 A1A7T BA . -34.68 19.34 -18.55
C24 A1A7T BA . -30.12 23.47 -19.10
C02 A1A7T BA . -38.08 15.01 -23.02
C04 A1A7T BA . -39.36 15.46 -21.02
C06 A1A7T BA . -37.15 16.07 -20.93
C07 A1A7T BA . -36.95 15.59 -22.28
C09 A1A7T BA . -34.99 16.39 -21.54
C11 A1A7T BA . -35.53 17.17 -19.14
C14 A1A7T BA . -34.01 20.43 -19.63
C25 A1A7T BA . -30.96 24.61 -19.85
C27 A1A7T BA . -30.82 25.83 -21.93
C29 A1A7T BA . -30.33 25.68 -24.56
C30 A1A7T BA . -29.58 25.22 -25.69
C31 A1A7T BA . -28.46 24.37 -25.50
C32 A1A7T BA . -28.04 23.95 -24.17
C34 A1A7T BA . -25.94 23.01 -22.76
C36 A1A7T BA . -24.73 22.00 -22.65
C37 A1A7T BA . -24.22 21.15 -23.60
C38 A1A7T BA . -23.04 20.33 -23.17
C39 A1A7T BA . -22.62 20.53 -21.89
C41 A1A7T BA . -28.84 24.45 -23.09
C42 A1A7T BA . -32.23 25.10 -21.82
C44 A1A7T BA . -32.04 23.99 -20.71
C46 A1A7T BA . -33.69 18.17 -18.09
C48 A1A7T BA . -34.02 16.89 -18.94
N01 A1A7T BA . -38.01 14.52 -24.35
N03 A1A7T BA . -39.28 14.97 -22.33
N05 A1A7T BA . -38.37 16.00 -20.28
N08 A1A7T BA . -35.58 15.82 -22.61
N10 A1A7T BA . -35.90 16.56 -20.47
N28 A1A7T BA . -29.95 25.30 -23.30
N33 A1A7T BA . -26.87 23.06 -23.95
O12 A1A7T BA . -35.77 18.58 -19.11
O15 A1A7T BA . -32.66 20.29 -19.78
O17 A1A7T BA . -32.88 20.34 -22.45
O18 A1A7T BA . -31.47 18.52 -21.33
O19 A1A7T BA . -30.52 21.01 -21.62
O21 A1A7T BA . -29.55 20.45 -19.22
O22 A1A7T BA . -27.93 20.95 -21.12
O23 A1A7T BA . -29.17 22.95 -19.88
O26 A1A7T BA . -30.12 25.43 -20.84
O35 A1A7T BA . -26.18 23.79 -21.87
O43 A1A7T BA . -33.15 26.00 -21.31
O45 A1A7T BA . -33.15 23.70 -19.91
O47 A1A7T BA . -33.94 17.83 -16.77
O49 A1A7T BA . -33.84 15.65 -18.31
P16 A1A7T BA . -31.90 19.93 -21.42
P20 A1A7T BA . -29.28 21.15 -20.50
S40 A1A7T BA . -23.70 21.78 -21.17
K K CA . 8.66 28.12 -16.76
K K DA . 10.06 31.29 8.11
P IMP EA . 16.64 30.47 -15.53
O1P IMP EA . 16.68 31.80 -16.25
O2P IMP EA . 17.64 30.22 -14.43
O3P IMP EA . 15.26 30.28 -14.96
O5' IMP EA . 16.89 29.33 -16.62
C5' IMP EA . 17.07 29.66 -17.99
C4' IMP EA . 17.22 28.41 -18.83
O4' IMP EA . 15.99 28.16 -19.55
C3' IMP EA . 18.30 28.46 -19.91
O3' IMP EA . 19.59 28.18 -19.41
C2' IMP EA . 17.79 27.43 -20.91
O2' IMP EA . 18.11 26.11 -20.50
C1' IMP EA . 16.28 27.64 -20.83
N9 IMP EA . 15.79 28.59 -21.85
C8 IMP EA . 16.43 29.69 -22.34
N7 IMP EA . 15.63 30.28 -23.25
C5 IMP EA . 14.49 29.57 -23.36
C6 IMP EA . 13.35 29.73 -24.14
O6 IMP EA . 13.24 30.72 -24.88
N1 IMP EA . 12.32 28.83 -24.03
C2 IMP EA . 12.42 27.77 -23.16
N3 IMP EA . 13.56 27.62 -22.39
C4 IMP EA . 14.57 28.50 -22.48
H5'1 IMP EA . 17.98 30.27 -18.10
H5'2 IMP EA . 16.23 30.25 -18.35
H4' IMP EA . 17.43 27.57 -18.17
H3' IMP EA . 18.29 29.44 -20.38
HO3' IMP EA . 19.88 27.30 -19.71
H2' IMP EA . 18.16 27.64 -21.92
HO2' IMP EA . 17.30 25.65 -20.21
H1' IMP EA . 15.78 26.68 -20.96
H8 IMP EA . 17.49 29.92 -22.20
HN1 IMP EA . 11.41 29.03 -24.50
H2 IMP EA . 11.65 27.00 -23.15
C13 A1A7T FA . 13.29 22.57 -35.15
C24 A1A7T FA . 12.94 26.77 -30.65
C02 A1A7T FA . 18.59 19.30 -38.58
C04 A1A7T FA . 16.52 19.27 -39.83
C06 A1A7T FA . 16.31 19.87 -37.63
C07 A1A7T FA . 17.73 19.72 -37.45
C09 A1A7T FA . 16.87 20.36 -35.47
C11 A1A7T FA . 14.36 20.57 -36.00
C14 A1A7T FA . 14.10 23.88 -34.51
C25 A1A7T FA . 13.40 28.05 -31.51
C27 A1A7T FA . 15.17 29.70 -31.42
C29 A1A7T FA . 17.75 30.15 -30.96
C30 A1A7T FA . 18.97 29.97 -30.23
C31 A1A7T FA . 18.99 29.12 -29.10
C32 A1A7T FA . 17.81 28.40 -28.64
C34 A1A7T FA . 16.67 27.21 -26.53
C36 A1A7T FA . 16.80 26.22 -25.29
C37 A1A7T FA . 17.92 25.61 -24.79
C38 A1A7T FA . 17.69 24.73 -23.60
C39 A1A7T FA . 16.41 24.64 -23.17
C41 A1A7T FA . 16.62 28.64 -29.44
C42 A1A7T FA . 15.19 28.95 -32.82
C44 A1A7T FA . 14.37 27.61 -32.60
C46 A1A7T FA . 13.12 21.32 -34.16
C48 A1A7T FA . 14.23 20.27 -34.47
N01 A1A7T FA . 19.99 19.13 -38.52
N03 A1A7T FA . 17.90 19.09 -39.77
N05 A1A7T FA . 15.68 19.64 -38.84
N08 A1A7T FA . 18.03 20.03 -36.10
N10 A1A7T FA . 15.78 20.27 -36.38
N28 A1A7T FA . 16.62 29.50 -30.56
N33 A1A7T FA . 17.81 27.51 -27.47
O12 A1A7T FA . 14.00 21.93 -36.25
O15 A1A7T FA . 14.29 23.80 -33.17
O17 A1A7T FA . 16.88 24.44 -33.43
O18 A1A7T FA . 16.22 22.43 -31.98
O19 A1A7T FA . 15.94 24.94 -31.06
O21 A1A7T FA . 13.75 23.86 -30.05
O22 A1A7T FA . 15.51 24.80 -28.47
O23 A1A7T FA . 13.83 26.45 -29.71
O26 A1A7T FA . 14.20 29.07 -30.69
O35 A1A7T FA . 15.61 27.77 -26.76
O43 A1A7T FA . 14.49 29.70 -33.74
O45 A1A7T FA . 13.65 27.13 -33.69
O47 A1A7T FA . 11.90 20.70 -34.37
O49 A1A7T FA . 13.90 18.93 -34.28
P16 A1A7T FA . 15.98 23.82 -32.42
P20 A1A7T FA . 14.85 24.84 -29.80
S40 A1A7T FA . 15.42 25.68 -24.24
#